data_8QYZ
#
_entry.id   8QYZ
#
_cell.length_a   97.355
_cell.length_b   105.572
_cell.length_c   170.400
_cell.angle_alpha   82.080
_cell.angle_beta   86.668
_cell.angle_gamma   76.668
#
_symmetry.space_group_name_H-M   'P 1'
#
loop_
_entity.id
_entity.type
_entity.pdbx_description
1 polymer 'GTP-binding nuclear protein GSP1/CNR1'
2 polymer Exportin-1
3 polymer hiNES2
4 non-polymer "GUANOSINE-5'-TRIPHOSPHATE"
5 non-polymer 'MAGNESIUM ION'
6 non-polymer 'ACETATE ION'
7 water water
#
loop_
_entity_poly.entity_id
_entity_poly.type
_entity_poly.pdbx_seq_one_letter_code
_entity_poly.pdbx_strand_id
1 'polypeptide(L)'
;MSAPAANGEVPTFKLVLVGDGGTGKTTFVKRHLTGEFEKKYIATIGVEVHPLSFYTNFGEIKFDVWDTAGLEKFGGLRDG
YYINAQCAIIMFDVTSRITYKNVPNWHRDLVRVCENIPIVLCGNKVDVKERKVKAKTITFHRKKNLQYYDISAKSNYNFE
KPFLWLARKLAGNPQLEFVASP
;
A,B,E,G
2 'polypeptide(L)'
;GMEGILDFSNDLDIALLDQVVSTFYQGSGVQQKQAQEILTKFQDNPDAWQKADQILQFSTNPQSKFIALSILDKLITRKW
KLLPNDHRIGIRNFVVGMIISMCQDDEVFKTQKNLINKSDLTLVQILKQEWPQNWPEFIPELIGSSSSSVNVCENNMIVL
KLLSEEVFDFSAEQMTQAKALHLKNSMSKEFEQIFKLCFQVLEQGSSSSLIVATLESLLRYLHWIPYRYIYETNILELLS
TKFMTSPDTRAITLKCLTEVSNLKIPQDNDLIKRQTVLFFQNTLQQIATSVMPVTADLKATYANANGNDQSFLQDLAMFL
TTYLARNRALLESDESLRELLLNAHQYLIQLSKIEERELFKTTLDYWHNLVADLFYEPLKKHIYEEICSQLRLVIIENMV
RPEEVLVVENDEGEIVREFVKESDTIQLYKSEREVLVYLTHLNVIDTEEIMISKLARQIDGSEWSWHNINTLSWAIGSIS
GTMSEDTEKRFVVTVIKDLLDLTVKKRGKDNKAVVASDIMYVVGQYPRFLKAHWNFLRTVILKLFEFMHETHEGVQDMAC
DTFIKIVQKCKYHFVIQQPRESEPFIQTIIRDIQKTTADLQPQQVHTFYKACGIIISEERSVAERNRLLSDLMQLPNMAW
DTIVEQSTANPTLLLDSETVKIIANIIKTNVAVCTSMGADFYPQLGHIYYNMLQLYRAVSSMISAQVAAEGLIATKTPKV
RGLRTIKKEILKLVETYISKARNLDDVVKVLVEPLLNAVLEDYMNNVPDARDAEVLNCMTTVVEKVGHMIPQGVILILQS
VFECTLDMINKDFTEYPEHRVEFYKLLKVINEKSFAAFLELPPAAFKLFVDAICWAFKHNNRDVEVNGLQIALDLVKNIE
RMGNVPFANEFHKNYFFIFVSETFFVLTDSDHKSGFSKQALLLMKLISLVYDNKISVPLYQEAEVPQGTSNQVYLSQYLA
NMLSNAFPHLTSEQIASFLSALTKQYKDLVVFKGTLRDFLVQIKEVGGDPTDYLFAEDKENALMEQNRLEREKAAKIGGL
LKPSELDD
;
C,D,F,H
3 'polypeptide(L)' GEVDDLCELMAQLSIN I,J,K,L
#
loop_
_chem_comp.id
_chem_comp.type
_chem_comp.name
_chem_comp.formula
ACT non-polymer 'ACETATE ION' 'C2 H3 O2 -1'
GTP non-polymer GUANOSINE-5'-TRIPHOSPHATE 'C10 H16 N5 O14 P3'
MG non-polymer 'MAGNESIUM ION' 'Mg 2'
#
# COMPACT_ATOMS: atom_id res chain seq x y z
N VAL A 10 21.70 -3.87 -78.15
CA VAL A 10 20.67 -4.50 -77.28
C VAL A 10 19.81 -3.40 -76.65
N PRO A 11 18.46 -3.50 -76.75
CA PRO A 11 17.57 -2.46 -76.24
C PRO A 11 17.36 -2.52 -74.73
N THR A 12 17.18 -1.34 -74.13
CA THR A 12 17.01 -1.18 -72.68
C THR A 12 15.70 -0.44 -72.42
N PHE A 13 14.84 -1.07 -71.60
CA PHE A 13 13.51 -0.56 -71.32
C PHE A 13 13.39 -0.31 -69.82
N LYS A 14 12.75 0.80 -69.45
CA LYS A 14 12.58 1.12 -68.05
C LYS A 14 11.34 0.42 -67.51
N LEU A 15 11.55 -0.31 -66.40
CA LEU A 15 10.48 -1.07 -65.76
C LEU A 15 10.33 -0.52 -64.36
N VAL A 16 9.15 0.05 -64.10
CA VAL A 16 8.84 0.55 -62.78
C VAL A 16 8.11 -0.57 -62.04
N LEU A 17 8.64 -0.85 -60.85
CA LEU A 17 8.07 -1.87 -60.00
C LEU A 17 7.46 -1.17 -58.79
N VAL A 18 6.14 -1.26 -58.68
CA VAL A 18 5.42 -0.63 -57.59
C VAL A 18 4.55 -1.66 -56.91
N GLY A 19 4.27 -1.37 -55.64
CA GLY A 19 3.43 -2.23 -54.83
C GLY A 19 3.59 -1.84 -53.38
N ASP A 20 2.76 -2.42 -52.52
CA ASP A 20 2.82 -2.14 -51.10
C ASP A 20 4.10 -2.71 -50.48
N GLY A 21 4.40 -2.25 -49.26
CA GLY A 21 5.56 -2.71 -48.53
C GLY A 21 5.49 -4.20 -48.22
N GLY A 22 6.59 -4.92 -48.49
CA GLY A 22 6.73 -6.33 -48.19
C GLY A 22 5.91 -7.24 -49.12
N THR A 23 5.57 -6.74 -50.32
CA THR A 23 4.85 -7.56 -51.28
C THR A 23 5.83 -8.47 -52.03
N GLY A 24 7.12 -8.17 -51.92
CA GLY A 24 8.14 -9.07 -52.43
C GLY A 24 8.73 -8.57 -53.73
N LYS A 25 8.89 -7.25 -53.83
CA LYS A 25 9.37 -6.65 -55.06
C LYS A 25 10.88 -6.76 -55.08
N THR A 26 11.52 -6.35 -53.98
CA THR A 26 12.97 -6.36 -53.88
C THR A 26 13.46 -7.80 -53.98
N THR A 27 12.79 -8.71 -53.26
CA THR A 27 13.22 -10.11 -53.26
C THR A 27 13.09 -10.68 -54.68
N PHE A 28 12.02 -10.29 -55.38
CA PHE A 28 11.77 -10.71 -56.74
C PHE A 28 12.93 -10.29 -57.65
N VAL A 29 13.32 -9.02 -57.57
CA VAL A 29 14.37 -8.50 -58.44
C VAL A 29 15.70 -9.15 -58.05
N LYS A 30 15.92 -9.33 -56.74
CA LYS A 30 17.19 -9.85 -56.25
C LYS A 30 17.35 -11.30 -56.74
N ARG A 31 16.26 -12.06 -56.74
CA ARG A 31 16.35 -13.45 -57.15
C ARG A 31 16.53 -13.55 -58.67
N HIS A 32 16.02 -12.56 -59.40
CA HIS A 32 16.23 -12.50 -60.83
C HIS A 32 17.69 -12.20 -61.15
N LEU A 33 18.35 -11.44 -60.27
CA LEU A 33 19.70 -10.97 -60.49
C LEU A 33 20.70 -12.05 -60.08
N THR A 34 20.51 -12.62 -58.88
CA THR A 34 21.50 -13.46 -58.25
C THR A 34 21.04 -14.92 -58.16
N GLY A 35 19.73 -15.15 -58.05
CA GLY A 35 19.21 -16.50 -57.89
C GLY A 35 18.93 -16.85 -56.43
N GLU A 36 19.24 -15.90 -55.53
CA GLU A 36 19.06 -16.07 -54.09
C GLU A 36 17.71 -15.49 -53.67
N PHE A 37 17.06 -16.19 -52.74
CA PHE A 37 15.83 -15.70 -52.14
C PHE A 37 16.13 -15.17 -50.73
N GLU A 38 15.92 -13.86 -50.53
CA GLU A 38 16.16 -13.25 -49.24
C GLU A 38 14.96 -13.48 -48.32
N LYS A 39 15.23 -13.99 -47.12
CA LYS A 39 14.20 -14.30 -46.15
C LYS A 39 13.81 -13.05 -45.36
N LYS A 40 14.80 -12.17 -45.12
CA LYS A 40 14.61 -10.96 -44.35
C LYS A 40 13.77 -9.97 -45.17
N TYR A 41 13.08 -9.07 -44.45
CA TYR A 41 12.42 -7.93 -45.04
C TYR A 41 13.24 -6.66 -44.73
N ILE A 42 14.11 -6.31 -45.68
CA ILE A 42 14.79 -5.03 -45.68
C ILE A 42 14.06 -4.10 -46.65
N ALA A 43 13.27 -3.19 -46.07
CA ALA A 43 12.42 -2.26 -46.82
C ALA A 43 13.29 -1.36 -47.68
N THR A 44 12.84 -1.17 -48.93
CA THR A 44 13.50 -0.26 -49.85
C THR A 44 13.30 1.17 -49.34
N ILE A 45 14.32 2.01 -49.57
CA ILE A 45 14.21 3.44 -49.31
C ILE A 45 14.32 4.17 -50.64
N GLY A 46 13.28 4.92 -51.00
CA GLY A 46 13.23 5.60 -52.29
C GLY A 46 13.08 4.62 -53.44
N VAL A 47 14.13 4.50 -54.26
CA VAL A 47 14.15 3.58 -55.38
C VAL A 47 15.56 3.01 -55.51
N GLU A 48 15.63 1.74 -55.96
CA GLU A 48 16.88 1.19 -56.42
C GLU A 48 16.74 0.79 -57.89
N VAL A 49 17.71 1.23 -58.70
CA VAL A 49 17.69 0.90 -60.11
C VAL A 49 18.63 -0.28 -60.33
N HIS A 50 18.07 -1.37 -60.86
CA HIS A 50 18.78 -2.62 -61.13
C HIS A 50 18.74 -2.93 -62.61
N PRO A 51 19.89 -2.87 -63.34
CA PRO A 51 19.97 -3.40 -64.70
C PRO A 51 19.83 -4.93 -64.67
N LEU A 52 18.72 -5.40 -65.23
CA LEU A 52 18.43 -6.82 -65.30
C LEU A 52 18.39 -7.25 -66.77
N SER A 53 19.19 -8.25 -67.14
CA SER A 53 19.24 -8.69 -68.53
C SER A 53 18.49 -10.00 -68.70
N PHE A 54 17.88 -10.19 -69.88
CA PHE A 54 17.34 -11.48 -70.25
C PHE A 54 17.85 -11.86 -71.64
N TYR A 55 18.04 -13.17 -71.84
CA TYR A 55 18.52 -13.70 -73.11
C TYR A 55 17.37 -14.37 -73.83
N THR A 56 17.22 -14.05 -75.11
CA THR A 56 16.10 -14.53 -75.90
C THR A 56 16.58 -14.98 -77.28
N ASN A 57 15.73 -15.71 -77.99
CA ASN A 57 16.04 -16.18 -79.32
C ASN A 57 16.19 -15.01 -80.30
N PHE A 58 15.78 -13.80 -79.88
CA PHE A 58 15.92 -12.63 -80.71
C PHE A 58 17.04 -11.70 -80.22
N GLY A 59 17.64 -12.03 -79.07
CA GLY A 59 18.81 -11.31 -78.57
C GLY A 59 18.69 -11.01 -77.08
N GLU A 60 19.53 -10.09 -76.61
CA GLU A 60 19.48 -9.65 -75.22
C GLU A 60 18.51 -8.47 -75.09
N ILE A 61 17.75 -8.48 -73.99
CA ILE A 61 16.88 -7.38 -73.63
C ILE A 61 17.21 -6.94 -72.20
N LYS A 62 17.38 -5.62 -72.01
CA LYS A 62 17.70 -5.08 -70.71
C LYS A 62 16.50 -4.33 -70.13
N PHE A 63 16.35 -4.46 -68.81
CA PHE A 63 15.34 -3.76 -68.04
C PHE A 63 16.05 -2.92 -66.98
N ASP A 64 15.84 -1.60 -67.03
CA ASP A 64 16.16 -0.78 -65.88
C ASP A 64 15.02 -0.91 -64.86
N VAL A 65 15.15 -1.90 -63.97
CA VAL A 65 14.11 -2.13 -63.00
C VAL A 65 14.24 -1.07 -61.91
N TRP A 66 13.24 -0.19 -61.84
CA TRP A 66 13.14 0.82 -60.81
C TRP A 66 12.31 0.26 -59.66
N ASP A 67 12.99 -0.47 -58.78
CA ASP A 67 12.36 -1.06 -57.62
C ASP A 67 12.04 0.07 -56.64
N THR A 68 10.75 0.36 -56.47
CA THR A 68 10.32 1.52 -55.69
C THR A 68 9.86 1.05 -54.30
N ALA A 69 10.02 1.92 -53.30
CA ALA A 69 9.61 1.64 -51.93
C ALA A 69 8.09 1.74 -51.82
N GLY A 70 7.46 0.72 -51.23
CA GLY A 70 6.02 0.70 -51.05
C GLY A 70 5.59 1.21 -49.67
N LEU A 71 6.56 1.67 -48.86
CA LEU A 71 6.22 2.20 -47.54
C LEU A 71 6.08 3.70 -47.67
N GLU A 72 5.11 4.26 -46.94
CA GLU A 72 4.79 5.67 -47.01
C GLU A 72 6.01 6.48 -46.53
N LYS A 73 6.68 6.00 -45.48
CA LYS A 73 7.74 6.79 -44.85
C LYS A 73 9.01 6.76 -45.70
N PHE A 74 9.08 5.80 -46.64
CA PHE A 74 10.24 5.66 -47.50
C PHE A 74 9.90 5.92 -48.95
N GLY A 75 8.75 6.57 -49.21
CA GLY A 75 8.23 6.80 -50.55
C GLY A 75 9.18 7.58 -51.46
N GLY A 76 9.91 8.54 -50.88
CA GLY A 76 10.84 9.36 -51.66
C GLY A 76 10.09 10.20 -52.70
N LEU A 77 10.46 10.00 -53.97
CA LEU A 77 9.95 10.82 -55.06
C LEU A 77 8.56 10.34 -55.50
N ARG A 78 8.14 9.18 -54.97
CA ARG A 78 6.87 8.56 -55.29
C ARG A 78 6.75 8.44 -56.81
N ASP A 79 5.67 9.00 -57.36
CA ASP A 79 5.35 8.94 -58.78
C ASP A 79 6.47 9.56 -59.62
N GLY A 80 7.35 10.33 -58.97
CA GLY A 80 8.51 10.89 -59.64
C GLY A 80 9.36 9.80 -60.27
N TYR A 81 9.33 8.60 -59.69
CA TYR A 81 10.16 7.50 -60.15
C TYR A 81 9.63 6.94 -61.46
N TYR A 82 8.39 7.31 -61.81
CA TYR A 82 7.67 6.60 -62.86
C TYR A 82 7.94 7.22 -64.23
N ILE A 83 8.59 8.39 -64.28
CA ILE A 83 8.69 9.14 -65.53
C ILE A 83 9.53 8.36 -66.52
N ASN A 84 9.04 8.30 -67.77
CA ASN A 84 9.75 7.69 -68.89
C ASN A 84 9.78 6.16 -68.75
N ALA A 85 8.94 5.62 -67.86
CA ALA A 85 8.83 4.18 -67.74
C ALA A 85 8.22 3.62 -69.04
N GLN A 86 8.72 2.46 -69.47
CA GLN A 86 8.21 1.84 -70.69
C GLN A 86 7.37 0.61 -70.34
N CYS A 87 7.41 0.19 -69.08
CA CYS A 87 6.62 -0.95 -68.63
C CYS A 87 6.64 -0.99 -67.10
N ALA A 88 5.72 -1.77 -66.54
CA ALA A 88 5.54 -1.72 -65.11
C ALA A 88 5.04 -3.05 -64.58
N ILE A 89 5.39 -3.28 -63.31
CA ILE A 89 4.83 -4.38 -62.55
C ILE A 89 4.21 -3.80 -61.29
N ILE A 90 2.90 -4.04 -61.13
CA ILE A 90 2.25 -3.76 -59.87
C ILE A 90 2.20 -5.09 -59.12
N MET A 91 2.83 -5.09 -57.94
CA MET A 91 2.87 -6.31 -57.16
C MET A 91 2.03 -6.15 -55.90
N PHE A 92 1.26 -7.19 -55.60
CA PHE A 92 0.64 -7.31 -54.30
C PHE A 92 1.00 -8.66 -53.68
N ASP A 93 0.55 -8.85 -52.43
CA ASP A 93 0.82 -10.04 -51.65
C ASP A 93 -0.48 -10.79 -51.44
N VAL A 94 -0.56 -12.06 -51.85
CA VAL A 94 -1.83 -12.78 -51.84
C VAL A 94 -2.18 -13.22 -50.43
N THR A 95 -1.29 -12.94 -49.47
CA THR A 95 -1.54 -13.36 -48.10
C THR A 95 -2.01 -12.17 -47.28
N SER A 96 -2.09 -11.01 -47.94
CA SER A 96 -2.47 -9.76 -47.31
C SER A 96 -3.53 -9.06 -48.17
N ARG A 97 -4.74 -8.95 -47.64
CA ARG A 97 -5.82 -8.36 -48.43
C ARG A 97 -5.50 -6.91 -48.76
N ILE A 98 -4.92 -6.20 -47.80
CA ILE A 98 -4.72 -4.76 -47.94
C ILE A 98 -3.76 -4.47 -49.09
N THR A 99 -2.92 -5.43 -49.47
CA THR A 99 -1.95 -5.13 -50.51
C THR A 99 -2.63 -5.15 -51.87
N TYR A 100 -3.72 -5.91 -51.98
CA TYR A 100 -4.52 -5.94 -53.18
C TYR A 100 -5.48 -4.75 -53.18
N LYS A 101 -5.97 -4.39 -51.99
CA LYS A 101 -6.82 -3.23 -51.81
C LYS A 101 -6.12 -2.01 -52.38
N ASN A 102 -4.78 -1.95 -52.23
CA ASN A 102 -4.04 -0.77 -52.63
C ASN A 102 -3.58 -0.86 -54.08
N VAL A 103 -3.98 -1.94 -54.77
CA VAL A 103 -3.52 -2.10 -56.15
C VAL A 103 -4.08 -0.97 -57.01
N PRO A 104 -5.40 -0.62 -56.90
CA PRO A 104 -5.95 0.51 -57.64
C PRO A 104 -5.18 1.80 -57.38
N ASN A 105 -4.72 2.02 -56.15
CA ASN A 105 -4.02 3.24 -55.81
C ASN A 105 -2.67 3.32 -56.53
N TRP A 106 -1.94 2.20 -56.59
CA TRP A 106 -0.69 2.15 -57.32
C TRP A 106 -0.95 2.34 -58.81
N HIS A 107 -1.95 1.63 -59.34
CA HIS A 107 -2.30 1.72 -60.75
C HIS A 107 -2.63 3.16 -61.13
N ARG A 108 -3.44 3.80 -60.28
CA ARG A 108 -3.83 5.18 -60.45
C ARG A 108 -2.59 6.06 -60.53
N ASP A 109 -1.67 5.94 -59.55
CA ASP A 109 -0.46 6.76 -59.52
C ASP A 109 0.36 6.53 -60.78
N LEU A 110 0.35 5.29 -61.27
CA LEU A 110 1.28 4.87 -62.30
C LEU A 110 0.83 5.37 -63.68
N VAL A 111 -0.44 5.11 -64.04
CA VAL A 111 -0.96 5.44 -65.37
C VAL A 111 -1.14 6.96 -65.53
N ARG A 112 -1.22 7.70 -64.41
CA ARG A 112 -1.28 9.16 -64.46
C ARG A 112 0.08 9.74 -64.87
N VAL A 113 1.11 8.89 -64.86
CA VAL A 113 2.43 9.32 -65.31
C VAL A 113 2.74 8.63 -66.63
N CYS A 114 2.31 7.37 -66.76
CA CYS A 114 2.64 6.56 -67.92
C CYS A 114 1.35 6.08 -68.58
N GLU A 115 1.03 6.70 -69.71
CA GLU A 115 -0.32 6.66 -70.23
C GLU A 115 -0.60 5.31 -70.89
N ASN A 116 0.31 4.90 -71.77
CA ASN A 116 0.03 3.71 -72.55
C ASN A 116 1.22 2.76 -72.52
N ILE A 117 1.45 2.15 -71.35
CA ILE A 117 2.55 1.22 -71.15
C ILE A 117 1.98 -0.15 -70.78
N PRO A 118 2.64 -1.27 -71.20
CA PRO A 118 2.26 -2.59 -70.71
C PRO A 118 2.53 -2.72 -69.21
N ILE A 119 1.55 -3.24 -68.46
CA ILE A 119 1.66 -3.42 -67.02
C ILE A 119 1.25 -4.84 -66.66
N VAL A 120 2.03 -5.45 -65.75
CA VAL A 120 1.73 -6.77 -65.21
C VAL A 120 1.37 -6.62 -63.74
N LEU A 121 0.18 -7.09 -63.37
CA LEU A 121 -0.18 -7.22 -61.98
C LEU A 121 0.23 -8.63 -61.52
N CYS A 122 1.02 -8.67 -60.44
CA CYS A 122 1.54 -9.92 -59.92
C CYS A 122 1.06 -10.14 -58.50
N GLY A 123 0.39 -11.27 -58.28
CA GLY A 123 0.09 -11.78 -56.96
C GLY A 123 1.24 -12.67 -56.45
N ASN A 124 2.06 -12.09 -55.57
CA ASN A 124 3.25 -12.77 -55.06
C ASN A 124 2.88 -13.58 -53.82
N LYS A 125 3.77 -14.50 -53.45
CA LYS A 125 3.71 -15.31 -52.23
C LYS A 125 2.59 -16.34 -52.35
N VAL A 126 2.38 -16.86 -53.56
CA VAL A 126 1.30 -17.80 -53.81
C VAL A 126 1.67 -19.14 -53.20
N ASP A 127 2.91 -19.27 -52.73
CA ASP A 127 3.39 -20.48 -52.10
C ASP A 127 2.74 -20.68 -50.71
N VAL A 128 2.55 -19.59 -49.95
CA VAL A 128 1.97 -19.68 -48.61
C VAL A 128 0.65 -20.47 -48.65
N LYS A 129 0.47 -21.36 -47.66
CA LYS A 129 -0.68 -22.24 -47.67
C LYS A 129 -1.95 -21.41 -47.54
N GLU A 130 -1.95 -20.54 -46.52
CA GLU A 130 -3.13 -19.74 -46.21
C GLU A 130 -3.13 -18.51 -47.11
N ARG A 131 -3.79 -18.64 -48.26
CA ARG A 131 -3.87 -17.59 -49.26
C ARG A 131 -5.11 -16.75 -48.99
N LYS A 132 -4.92 -15.45 -48.73
CA LYS A 132 -5.98 -14.57 -48.28
C LYS A 132 -6.69 -13.95 -49.48
N VAL A 133 -5.92 -13.49 -50.48
CA VAL A 133 -6.49 -12.93 -51.69
C VAL A 133 -6.64 -14.06 -52.71
N LYS A 134 -7.88 -14.55 -52.86
CA LYS A 134 -8.15 -15.72 -53.69
C LYS A 134 -8.08 -15.34 -55.16
N ALA A 135 -7.84 -16.34 -56.02
CA ALA A 135 -7.70 -16.13 -57.46
C ALA A 135 -8.94 -15.45 -58.03
N LYS A 136 -10.12 -15.97 -57.66
CA LYS A 136 -11.38 -15.48 -58.19
C LYS A 136 -11.59 -14.01 -57.80
N THR A 137 -10.92 -13.54 -56.75
CA THR A 137 -11.11 -12.18 -56.26
C THR A 137 -10.31 -11.17 -57.09
N ILE A 138 -9.23 -11.63 -57.72
CA ILE A 138 -8.33 -10.75 -58.44
C ILE A 138 -8.85 -10.54 -59.86
N THR A 139 -9.57 -9.42 -60.04
CA THR A 139 -10.21 -9.10 -61.31
C THR A 139 -9.93 -7.66 -61.71
N PHE A 140 -9.23 -6.90 -60.85
CA PHE A 140 -9.03 -5.48 -61.08
C PHE A 140 -8.34 -5.23 -62.43
N HIS A 141 -7.48 -6.16 -62.84
CA HIS A 141 -6.64 -5.95 -64.02
C HIS A 141 -7.49 -6.00 -65.29
N ARG A 142 -8.71 -6.55 -65.20
CA ARG A 142 -9.53 -6.78 -66.39
C ARG A 142 -9.82 -5.46 -67.10
N LYS A 143 -10.43 -4.50 -66.38
CA LYS A 143 -10.88 -3.23 -66.93
C LYS A 143 -9.70 -2.31 -67.24
N LYS A 144 -8.50 -2.62 -66.73
CA LYS A 144 -7.37 -1.75 -66.92
C LYS A 144 -6.39 -2.37 -67.91
N ASN A 145 -6.85 -3.41 -68.61
CA ASN A 145 -6.09 -4.12 -69.62
C ASN A 145 -4.66 -4.37 -69.13
N LEU A 146 -4.52 -4.87 -67.89
CA LEU A 146 -3.25 -5.32 -67.32
C LEU A 146 -3.13 -6.83 -67.45
N GLN A 147 -1.90 -7.31 -67.71
CA GLN A 147 -1.59 -8.73 -67.57
C GLN A 147 -1.59 -9.12 -66.10
N TYR A 148 -2.04 -10.35 -65.81
CA TYR A 148 -1.94 -10.85 -64.44
C TYR A 148 -1.21 -12.19 -64.38
N TYR A 149 -0.40 -12.36 -63.34
CA TYR A 149 0.26 -13.63 -63.06
C TYR A 149 0.31 -13.85 -61.57
N ASP A 150 -0.01 -15.11 -61.20
CA ASP A 150 0.34 -15.65 -59.90
C ASP A 150 1.84 -15.91 -59.90
N ILE A 151 2.57 -15.27 -58.97
CA ILE A 151 4.00 -15.53 -58.87
C ILE A 151 4.43 -15.88 -57.45
N SER A 152 5.62 -16.46 -57.34
CA SER A 152 6.25 -16.71 -56.06
C SER A 152 7.77 -16.55 -56.17
N ALA A 153 8.30 -15.57 -55.47
CA ALA A 153 9.73 -15.32 -55.43
C ALA A 153 10.43 -16.43 -54.64
N LYS A 154 9.69 -17.06 -53.71
CA LYS A 154 10.24 -18.14 -52.91
C LYS A 154 10.27 -19.44 -53.70
N SER A 155 9.21 -19.68 -54.50
CA SER A 155 8.96 -20.96 -55.12
C SER A 155 9.47 -21.00 -56.56
N ASN A 156 9.86 -19.84 -57.09
CA ASN A 156 10.15 -19.68 -58.51
C ASN A 156 8.93 -20.07 -59.35
N TYR A 157 7.73 -19.68 -58.91
CA TYR A 157 6.50 -20.02 -59.62
C TYR A 157 6.11 -18.87 -60.54
N ASN A 158 5.95 -19.17 -61.84
CA ASN A 158 5.71 -18.17 -62.88
C ASN A 158 6.74 -17.05 -62.73
N PHE A 159 7.99 -17.42 -62.48
CA PHE A 159 9.01 -16.46 -62.07
C PHE A 159 9.35 -15.53 -63.24
N GLU A 160 9.40 -16.08 -64.46
CA GLU A 160 9.88 -15.38 -65.62
C GLU A 160 8.73 -14.82 -66.44
N LYS A 161 7.49 -15.15 -66.07
CA LYS A 161 6.32 -14.87 -66.89
C LYS A 161 6.05 -13.37 -67.03
N PRO A 162 6.12 -12.56 -65.94
CA PRO A 162 5.94 -11.11 -66.06
C PRO A 162 6.91 -10.53 -67.07
N PHE A 163 8.20 -10.81 -66.92
CA PHE A 163 9.22 -10.30 -67.82
C PHE A 163 9.05 -10.86 -69.23
N LEU A 164 8.55 -12.10 -69.36
CA LEU A 164 8.39 -12.66 -70.68
C LEU A 164 7.30 -11.89 -71.42
N TRP A 165 6.20 -11.60 -70.70
CA TRP A 165 5.10 -10.86 -71.28
C TRP A 165 5.54 -9.45 -71.65
N LEU A 166 6.24 -8.77 -70.73
CA LEU A 166 6.69 -7.40 -70.97
C LEU A 166 7.66 -7.36 -72.15
N ALA A 167 8.53 -8.37 -72.26
CA ALA A 167 9.51 -8.43 -73.35
C ALA A 167 8.79 -8.63 -74.68
N ARG A 168 7.76 -9.49 -74.70
CA ARG A 168 7.00 -9.75 -75.91
C ARG A 168 6.26 -8.48 -76.35
N LYS A 169 5.71 -7.76 -75.37
CA LYS A 169 4.99 -6.53 -75.67
C LYS A 169 5.96 -5.48 -76.20
N LEU A 170 7.06 -5.24 -75.48
CA LEU A 170 7.98 -4.17 -75.81
C LEU A 170 8.71 -4.45 -77.12
N ALA A 171 8.91 -5.72 -77.46
CA ALA A 171 9.59 -6.08 -78.69
C ALA A 171 8.58 -6.18 -79.84
N GLY A 172 7.29 -6.29 -79.48
CA GLY A 172 6.22 -6.46 -80.44
C GLY A 172 6.29 -7.83 -81.13
N ASN A 173 6.92 -8.79 -80.44
CA ASN A 173 7.23 -10.10 -80.98
C ASN A 173 6.65 -11.15 -80.04
N PRO A 174 5.50 -11.79 -80.37
CA PRO A 174 4.92 -12.83 -79.52
C PRO A 174 5.73 -14.13 -79.54
N GLN A 175 6.63 -14.27 -80.54
CA GLN A 175 7.48 -15.44 -80.75
C GLN A 175 8.73 -15.40 -79.87
N LEU A 176 8.98 -14.26 -79.20
CA LEU A 176 10.10 -14.12 -78.29
C LEU A 176 10.02 -15.19 -77.20
N GLU A 177 11.09 -15.95 -77.04
CA GLU A 177 11.24 -16.89 -75.94
C GLU A 177 12.49 -16.53 -75.14
N PHE A 178 12.42 -16.73 -73.81
CA PHE A 178 13.59 -16.60 -72.97
C PHE A 178 14.45 -17.86 -73.08
N VAL A 179 15.77 -17.65 -73.16
CA VAL A 179 16.72 -18.74 -73.35
C VAL A 179 17.82 -18.58 -72.30
N ALA A 180 18.75 -19.54 -72.25
CA ALA A 180 19.89 -19.47 -71.35
C ALA A 180 20.95 -18.52 -71.92
N SER A 181 21.76 -17.95 -71.01
CA SER A 181 22.82 -17.01 -71.36
C SER A 181 23.34 -17.29 -72.77
N GLY B 4 30.21 20.22 -56.41
CA GLY B 4 29.05 19.75 -55.63
C GLY B 4 27.75 19.86 -56.41
N ILE B 5 26.87 18.87 -56.23
CA ILE B 5 25.54 18.87 -56.82
C ILE B 5 24.51 19.01 -55.72
N LEU B 6 24.92 19.66 -54.60
CA LEU B 6 24.02 19.85 -53.47
C LEU B 6 23.32 21.21 -53.59
N ASP B 7 21.98 21.19 -53.64
CA ASP B 7 21.16 22.38 -53.84
C ASP B 7 20.29 22.59 -52.62
N PHE B 8 20.83 22.33 -51.43
CA PHE B 8 20.10 22.51 -50.17
C PHE B 8 20.64 23.74 -49.45
N SER B 9 20.96 24.80 -50.22
CA SER B 9 21.48 26.03 -49.65
C SER B 9 20.42 27.12 -49.63
N ASN B 10 20.87 28.39 -49.66
CA ASN B 10 20.00 29.55 -49.47
C ASN B 10 19.56 30.12 -50.82
N ASP B 11 20.53 30.36 -51.74
CA ASP B 11 20.20 30.75 -53.11
C ASP B 11 20.07 29.47 -53.93
N LEU B 12 19.21 29.48 -54.97
CA LEU B 12 18.91 28.28 -55.73
C LEU B 12 19.47 28.40 -57.14
N ASP B 13 20.16 27.34 -57.61
CA ASP B 13 20.64 27.27 -58.97
C ASP B 13 19.68 26.37 -59.74
N ILE B 14 18.91 26.96 -60.66
CA ILE B 14 17.96 26.19 -61.43
C ILE B 14 18.71 25.26 -62.37
N ALA B 15 19.80 25.76 -62.99
CA ALA B 15 20.63 24.96 -63.87
C ALA B 15 21.18 23.73 -63.14
N LEU B 16 21.62 23.93 -61.88
CA LEU B 16 22.25 22.86 -61.13
C LEU B 16 21.20 21.82 -60.77
N LEU B 17 20.00 22.28 -60.40
CA LEU B 17 18.90 21.37 -60.09
C LEU B 17 18.58 20.53 -61.31
N ASP B 18 18.54 21.17 -62.48
CA ASP B 18 18.33 20.48 -63.75
C ASP B 18 19.42 19.44 -63.96
N GLN B 19 20.65 19.78 -63.54
CA GLN B 19 21.78 18.88 -63.71
C GLN B 19 21.54 17.65 -62.85
N VAL B 20 21.19 17.89 -61.57
CA VAL B 20 20.99 16.79 -60.64
C VAL B 20 19.88 15.90 -61.16
N VAL B 21 18.77 16.52 -61.60
CA VAL B 21 17.62 15.79 -62.10
C VAL B 21 18.01 14.95 -63.31
N SER B 22 18.76 15.56 -64.24
CA SER B 22 19.20 14.91 -65.45
C SER B 22 20.16 13.76 -65.13
N THR B 23 21.02 13.95 -64.12
CA THR B 23 21.91 12.90 -63.65
C THR B 23 21.11 11.72 -63.14
N PHE B 24 20.05 11.99 -62.38
CA PHE B 24 19.27 10.94 -61.76
C PHE B 24 18.45 10.18 -62.82
N TYR B 25 17.89 10.89 -63.81
CA TYR B 25 16.89 10.30 -64.68
C TYR B 25 17.55 9.63 -65.89
N GLN B 26 18.61 10.26 -66.41
CA GLN B 26 19.29 9.78 -67.61
C GLN B 26 20.65 9.16 -67.27
N GLY B 27 21.20 9.48 -66.09
CA GLY B 27 22.47 8.91 -65.65
C GLY B 27 22.31 7.46 -65.22
N SER B 28 23.39 6.91 -64.68
CA SER B 28 23.44 5.51 -64.25
C SER B 28 24.39 5.39 -63.06
N GLY B 29 24.13 4.40 -62.21
CA GLY B 29 25.12 3.93 -61.25
C GLY B 29 25.22 4.82 -60.01
N VAL B 30 26.46 5.02 -59.55
CA VAL B 30 26.69 5.64 -58.25
C VAL B 30 26.28 7.11 -58.31
N GLN B 31 26.56 7.75 -59.45
CA GLN B 31 26.16 9.14 -59.68
C GLN B 31 24.64 9.27 -59.54
N GLN B 32 23.91 8.44 -60.31
CA GLN B 32 22.46 8.37 -60.25
C GLN B 32 21.95 8.08 -58.84
N LYS B 33 22.71 7.27 -58.09
CA LYS B 33 22.36 6.96 -56.71
C LYS B 33 22.43 8.24 -55.88
N GLN B 34 23.58 8.94 -55.91
CA GLN B 34 23.76 10.17 -55.15
C GLN B 34 22.71 11.20 -55.57
N ALA B 35 22.53 11.35 -56.88
CA ALA B 35 21.53 12.26 -57.41
C ALA B 35 20.16 11.91 -56.83
N GLN B 36 19.87 10.61 -56.68
CA GLN B 36 18.58 10.17 -56.16
C GLN B 36 18.40 10.62 -54.71
N GLU B 37 19.44 10.43 -53.89
CA GLU B 37 19.36 10.76 -52.48
C GLU B 37 19.23 12.26 -52.30
N ILE B 38 19.99 13.01 -53.12
CA ILE B 38 19.94 14.45 -53.11
C ILE B 38 18.53 14.92 -53.43
N LEU B 39 18.01 14.50 -54.59
CA LEU B 39 16.70 14.93 -55.04
C LEU B 39 15.65 14.60 -54.00
N THR B 40 15.79 13.44 -53.35
CA THR B 40 14.84 13.04 -52.31
C THR B 40 14.92 13.98 -51.11
N LYS B 41 16.14 14.39 -50.74
CA LYS B 41 16.36 15.26 -49.60
C LYS B 41 15.79 16.64 -49.89
N PHE B 42 16.01 17.13 -51.11
CA PHE B 42 15.53 18.43 -51.56
C PHE B 42 14.01 18.43 -51.60
N GLN B 43 13.43 17.35 -52.13
CA GLN B 43 12.00 17.22 -52.30
C GLN B 43 11.31 17.14 -50.93
N ASP B 44 12.06 16.77 -49.89
CA ASP B 44 11.50 16.57 -48.55
C ASP B 44 11.72 17.79 -47.66
N ASN B 45 12.37 18.84 -48.21
CA ASN B 45 12.59 20.07 -47.47
C ASN B 45 11.24 20.74 -47.20
N PRO B 46 10.88 21.03 -45.93
CA PRO B 46 9.60 21.68 -45.63
C PRO B 46 9.36 22.97 -46.41
N ASP B 47 10.46 23.64 -46.82
CA ASP B 47 10.45 24.95 -47.44
C ASP B 47 10.64 24.84 -48.96
N ALA B 48 10.65 23.60 -49.48
CA ALA B 48 11.03 23.38 -50.87
C ALA B 48 9.97 23.99 -51.79
N TRP B 49 8.71 23.99 -51.34
CA TRP B 49 7.62 24.53 -52.13
C TRP B 49 7.89 25.98 -52.54
N GLN B 50 8.55 26.73 -51.65
CA GLN B 50 8.88 28.12 -51.90
C GLN B 50 9.68 28.26 -53.20
N LYS B 51 10.30 27.16 -53.64
CA LYS B 51 11.17 27.22 -54.80
C LYS B 51 10.45 26.70 -56.04
N ALA B 52 9.30 26.04 -55.84
CA ALA B 52 8.64 25.28 -56.89
C ALA B 52 8.33 26.18 -58.10
N ASP B 53 7.69 27.32 -57.80
CA ASP B 53 7.27 28.28 -58.83
C ASP B 53 8.47 28.72 -59.67
N GLN B 54 9.60 29.01 -59.00
CA GLN B 54 10.83 29.43 -59.65
C GLN B 54 11.23 28.36 -60.66
N ILE B 55 11.26 27.10 -60.21
CA ILE B 55 11.61 25.96 -61.05
C ILE B 55 10.66 25.94 -62.24
N LEU B 56 9.34 26.01 -61.98
CA LEU B 56 8.33 25.86 -63.03
C LEU B 56 8.52 26.92 -64.12
N GLN B 57 9.20 28.02 -63.79
CA GLN B 57 9.35 29.13 -64.72
C GLN B 57 10.72 29.12 -65.39
N PHE B 58 11.73 28.51 -64.75
CA PHE B 58 13.10 28.67 -65.22
C PHE B 58 13.68 27.34 -65.72
N SER B 59 13.18 26.22 -65.18
CA SER B 59 13.76 24.93 -65.50
C SER B 59 13.52 24.59 -66.98
N THR B 60 14.57 24.05 -67.61
CA THR B 60 14.55 23.58 -68.99
C THR B 60 14.34 22.06 -69.02
N ASN B 61 14.02 21.49 -67.85
CA ASN B 61 13.87 20.05 -67.72
C ASN B 61 12.43 19.73 -67.34
N PRO B 62 11.67 18.99 -68.17
CA PRO B 62 10.30 18.57 -67.82
C PRO B 62 10.20 17.80 -66.50
N GLN B 63 11.24 17.02 -66.19
CA GLN B 63 11.26 16.22 -64.98
C GLN B 63 11.43 17.13 -63.76
N SER B 64 12.26 18.18 -63.88
CA SER B 64 12.42 19.13 -62.80
C SER B 64 11.08 19.77 -62.46
N LYS B 65 10.29 20.12 -63.49
CA LYS B 65 8.96 20.69 -63.31
C LYS B 65 8.06 19.67 -62.60
N PHE B 66 8.22 18.40 -62.97
CA PHE B 66 7.43 17.33 -62.38
C PHE B 66 7.71 17.27 -60.88
N ILE B 67 8.99 17.40 -60.50
CA ILE B 67 9.39 17.28 -59.11
C ILE B 67 8.90 18.51 -58.35
N ALA B 68 8.90 19.67 -59.02
CA ALA B 68 8.40 20.89 -58.41
C ALA B 68 6.91 20.73 -58.12
N LEU B 69 6.17 20.14 -59.07
CA LEU B 69 4.75 19.90 -58.86
C LEU B 69 4.53 18.92 -57.71
N SER B 70 5.48 18.00 -57.52
CA SER B 70 5.38 17.04 -56.43
C SER B 70 5.48 17.76 -55.10
N ILE B 71 6.41 18.71 -55.03
CA ILE B 71 6.64 19.47 -53.81
C ILE B 71 5.41 20.34 -53.54
N LEU B 72 4.86 20.92 -54.60
CA LEU B 72 3.64 21.72 -54.48
C LEU B 72 2.51 20.83 -53.98
N ASP B 73 2.43 19.60 -54.50
CA ASP B 73 1.40 18.66 -54.10
C ASP B 73 1.47 18.46 -52.58
N LYS B 74 2.70 18.30 -52.07
CA LYS B 74 2.94 18.11 -50.63
C LYS B 74 2.41 19.32 -49.86
N LEU B 75 2.76 20.53 -50.31
CA LEU B 75 2.34 21.76 -49.63
C LEU B 75 0.82 21.83 -49.60
N ILE B 76 0.18 21.55 -50.73
CA ILE B 76 -1.26 21.71 -50.88
C ILE B 76 -1.99 20.72 -49.97
N THR B 77 -1.48 19.48 -49.94
CA THR B 77 -2.12 18.39 -49.22
C THR B 77 -1.95 18.57 -47.72
N ARG B 78 -0.84 19.17 -47.29
CA ARG B 78 -0.48 19.14 -45.87
C ARG B 78 -0.57 20.50 -45.21
N LYS B 79 -0.10 21.57 -45.85
CA LYS B 79 0.02 22.82 -45.11
C LYS B 79 -0.65 23.97 -45.87
N TRP B 80 -1.75 23.68 -46.58
CA TRP B 80 -2.31 24.67 -47.49
C TRP B 80 -2.88 25.86 -46.73
N LYS B 81 -3.52 25.55 -45.59
CA LYS B 81 -4.33 26.53 -44.87
C LYS B 81 -3.47 27.38 -43.94
N LEU B 82 -2.15 27.14 -43.91
CA LEU B 82 -1.24 28.00 -43.18
C LEU B 82 -1.03 29.30 -43.94
N LEU B 83 -1.08 29.20 -45.28
CA LEU B 83 -0.82 30.33 -46.15
C LEU B 83 -1.98 31.31 -46.05
N PRO B 84 -1.71 32.64 -46.09
CA PRO B 84 -2.79 33.64 -46.14
C PRO B 84 -3.59 33.46 -47.42
N ASN B 85 -4.84 33.92 -47.41
CA ASN B 85 -5.75 33.78 -48.52
C ASN B 85 -5.13 34.39 -49.79
N ASP B 86 -4.43 35.53 -49.63
CA ASP B 86 -3.78 36.23 -50.73
C ASP B 86 -2.78 35.32 -51.45
N HIS B 87 -1.88 34.72 -50.66
CA HIS B 87 -0.87 33.82 -51.19
C HIS B 87 -1.52 32.59 -51.83
N ARG B 88 -2.58 32.10 -51.19
CA ARG B 88 -3.30 30.93 -51.66
C ARG B 88 -3.78 31.20 -53.09
N ILE B 89 -4.53 32.30 -53.25
CA ILE B 89 -5.04 32.72 -54.55
C ILE B 89 -3.88 32.87 -55.53
N GLY B 90 -2.77 33.46 -55.06
CA GLY B 90 -1.56 33.67 -55.86
C GLY B 90 -1.05 32.36 -56.47
N ILE B 91 -0.86 31.35 -55.63
CA ILE B 91 -0.39 30.04 -56.07
C ILE B 91 -1.42 29.43 -57.02
N ARG B 92 -2.69 29.54 -56.64
CA ARG B 92 -3.77 28.96 -57.43
C ARG B 92 -3.75 29.53 -58.85
N ASN B 93 -3.64 30.85 -58.97
CA ASN B 93 -3.62 31.52 -60.27
C ASN B 93 -2.30 31.24 -60.98
N PHE B 94 -1.25 30.95 -60.19
CA PHE B 94 0.02 30.59 -60.77
C PHE B 94 -0.11 29.25 -61.51
N VAL B 95 -0.88 28.32 -60.94
CA VAL B 95 -0.99 26.97 -61.47
C VAL B 95 -1.92 26.97 -62.68
N VAL B 96 -3.04 27.70 -62.58
CA VAL B 96 -3.97 27.82 -63.68
C VAL B 96 -3.25 28.43 -64.88
N GLY B 97 -2.50 29.50 -64.62
CA GLY B 97 -1.75 30.21 -65.64
C GLY B 97 -0.70 29.31 -66.28
N MET B 98 0.02 28.56 -65.46
CA MET B 98 1.03 27.63 -65.95
C MET B 98 0.36 26.54 -66.80
N ILE B 99 -0.76 26.00 -66.31
CA ILE B 99 -1.50 25.00 -67.06
C ILE B 99 -1.87 25.54 -68.44
N ILE B 100 -2.43 26.76 -68.49
CA ILE B 100 -2.81 27.43 -69.73
C ILE B 100 -1.58 27.56 -70.64
N SER B 101 -0.45 28.04 -70.09
CA SER B 101 0.77 28.25 -70.85
C SER B 101 1.19 26.95 -71.54
N MET B 102 1.16 25.86 -70.76
CA MET B 102 1.57 24.56 -71.28
C MET B 102 0.60 24.10 -72.36
N CYS B 103 -0.69 24.38 -72.18
CA CYS B 103 -1.71 23.99 -73.14
C CYS B 103 -1.55 24.75 -74.44
N GLN B 104 -1.17 26.03 -74.36
CA GLN B 104 -0.97 26.88 -75.53
C GLN B 104 0.21 26.38 -76.36
N ASP B 105 1.12 25.61 -75.73
CA ASP B 105 2.27 24.98 -76.37
C ASP B 105 1.86 23.59 -76.86
N ASP B 106 1.69 23.50 -78.20
CA ASP B 106 1.11 22.31 -78.80
C ASP B 106 2.07 21.12 -78.65
N GLU B 107 3.36 21.37 -78.86
CA GLU B 107 4.37 20.33 -78.71
C GLU B 107 4.27 19.76 -77.29
N VAL B 108 4.39 20.65 -76.30
CA VAL B 108 4.39 20.27 -74.89
C VAL B 108 3.09 19.53 -74.57
N PHE B 109 1.97 20.03 -75.10
CA PHE B 109 0.67 19.44 -74.82
C PHE B 109 0.61 17.99 -75.32
N LYS B 110 1.25 17.71 -76.46
CA LYS B 110 1.09 16.41 -77.09
C LYS B 110 2.20 15.46 -76.66
N THR B 111 3.38 16.01 -76.31
CA THR B 111 4.58 15.22 -76.09
C THR B 111 4.89 15.08 -74.60
N GLN B 112 4.21 15.85 -73.75
CA GLN B 112 4.52 15.83 -72.33
C GLN B 112 3.23 15.66 -71.53
N LYS B 113 2.47 14.60 -71.85
CA LYS B 113 1.21 14.33 -71.19
C LYS B 113 1.44 14.14 -69.69
N ASN B 114 2.56 13.51 -69.32
CA ASN B 114 2.93 13.27 -67.94
C ASN B 114 3.00 14.56 -67.14
N LEU B 115 3.65 15.59 -67.68
CA LEU B 115 3.80 16.87 -67.00
C LEU B 115 2.44 17.59 -66.93
N ILE B 116 1.63 17.42 -67.99
CA ILE B 116 0.34 18.08 -68.00
C ILE B 116 -0.57 17.45 -66.96
N ASN B 117 -0.52 16.12 -66.86
CA ASN B 117 -1.35 15.39 -65.92
C ASN B 117 -0.95 15.76 -64.50
N LYS B 118 0.34 16.01 -64.29
CA LYS B 118 0.84 16.36 -62.97
C LYS B 118 0.29 17.74 -62.62
N SER B 119 0.36 18.66 -63.58
CA SER B 119 -0.15 20.00 -63.42
C SER B 119 -1.63 19.96 -63.06
N ASP B 120 -2.38 19.19 -63.84
CA ASP B 120 -3.82 19.13 -63.67
C ASP B 120 -4.15 18.58 -62.29
N LEU B 121 -3.41 17.54 -61.88
CA LEU B 121 -3.63 16.89 -60.60
C LEU B 121 -3.31 17.87 -59.49
N THR B 122 -2.25 18.68 -59.66
CA THR B 122 -1.90 19.72 -58.71
C THR B 122 -3.07 20.69 -58.57
N LEU B 123 -3.67 21.07 -59.71
CA LEU B 123 -4.83 21.95 -59.68
C LEU B 123 -5.95 21.28 -58.90
N VAL B 124 -6.22 20.00 -59.21
CA VAL B 124 -7.28 19.27 -58.54
C VAL B 124 -7.03 19.25 -57.03
N GLN B 125 -5.77 19.16 -56.61
CA GLN B 125 -5.42 19.25 -55.21
C GLN B 125 -5.85 20.58 -54.62
N ILE B 126 -5.61 21.65 -55.39
CA ILE B 126 -6.01 22.98 -54.97
C ILE B 126 -7.53 23.04 -54.92
N LEU B 127 -8.20 22.31 -55.81
CA LEU B 127 -9.66 22.30 -55.83
C LEU B 127 -10.22 21.68 -54.57
N LYS B 128 -9.67 20.53 -54.17
CA LYS B 128 -10.06 19.87 -52.93
C LYS B 128 -9.97 20.86 -51.76
N GLN B 129 -8.88 21.64 -51.75
CA GLN B 129 -8.57 22.51 -50.64
C GLN B 129 -9.38 23.81 -50.70
N GLU B 130 -9.86 24.19 -51.88
CA GLU B 130 -10.35 25.56 -52.06
C GLU B 130 -11.78 25.60 -52.56
N TRP B 131 -12.06 24.74 -53.55
CA TRP B 131 -13.33 24.75 -54.25
C TRP B 131 -14.36 23.91 -53.49
N PRO B 132 -15.67 24.29 -53.48
CA PRO B 132 -16.13 25.59 -53.99
C PRO B 132 -16.23 26.74 -52.99
N GLN B 133 -15.95 26.47 -51.71
CA GLN B 133 -16.16 27.45 -50.66
C GLN B 133 -15.38 28.73 -50.94
N ASN B 134 -14.15 28.61 -51.46
CA ASN B 134 -13.30 29.77 -51.65
C ASN B 134 -13.09 30.05 -53.13
N TRP B 135 -13.61 29.17 -53.99
CA TRP B 135 -13.46 29.34 -55.43
C TRP B 135 -14.77 28.93 -56.09
N PRO B 136 -15.83 29.74 -55.95
CA PRO B 136 -17.18 29.30 -56.28
C PRO B 136 -17.38 29.37 -57.78
N GLU B 137 -16.51 30.13 -58.45
CA GLU B 137 -16.67 30.44 -59.88
C GLU B 137 -15.85 29.48 -60.75
N PHE B 138 -15.30 28.41 -60.15
CA PHE B 138 -14.29 27.62 -60.83
C PHE B 138 -14.89 26.87 -62.02
N ILE B 139 -16.06 26.23 -61.83
CA ILE B 139 -16.63 25.41 -62.88
C ILE B 139 -17.12 26.29 -64.02
N PRO B 140 -17.86 27.40 -63.76
CA PRO B 140 -18.25 28.30 -64.84
C PRO B 140 -17.03 28.77 -65.65
N GLU B 141 -15.97 29.20 -64.96
CA GLU B 141 -14.79 29.75 -65.62
C GLU B 141 -14.13 28.69 -66.49
N LEU B 142 -14.10 27.46 -65.96
CA LEU B 142 -13.47 26.37 -66.67
C LEU B 142 -14.23 26.09 -67.97
N ILE B 143 -15.57 25.98 -67.86
CA ILE B 143 -16.39 25.74 -69.03
C ILE B 143 -16.24 26.89 -70.04
N GLY B 144 -16.22 28.14 -69.55
CA GLY B 144 -16.02 29.28 -70.42
C GLY B 144 -14.71 29.19 -71.21
N SER B 145 -13.63 28.84 -70.49
CA SER B 145 -12.31 28.84 -71.07
C SER B 145 -12.16 27.72 -72.09
N SER B 146 -13.08 26.75 -72.09
CA SER B 146 -13.05 25.62 -73.01
C SER B 146 -13.01 26.10 -74.45
N SER B 147 -13.67 27.22 -74.73
CA SER B 147 -13.71 27.70 -76.10
C SER B 147 -12.38 28.32 -76.54
N SER B 148 -11.51 28.68 -75.57
CA SER B 148 -10.34 29.52 -75.84
C SER B 148 -9.29 28.80 -76.68
N SER B 149 -9.15 27.48 -76.48
CA SER B 149 -8.19 26.66 -77.20
C SER B 149 -8.68 25.22 -77.22
N VAL B 150 -8.32 24.45 -78.26
CA VAL B 150 -8.74 23.06 -78.31
C VAL B 150 -8.00 22.29 -77.21
N ASN B 151 -6.72 22.63 -77.02
CA ASN B 151 -5.89 22.01 -75.99
C ASN B 151 -6.45 22.33 -74.61
N VAL B 152 -6.89 23.58 -74.39
CA VAL B 152 -7.45 23.97 -73.12
C VAL B 152 -8.77 23.23 -72.90
N CYS B 153 -9.51 22.99 -73.98
CA CYS B 153 -10.77 22.26 -73.88
C CYS B 153 -10.49 20.83 -73.43
N GLU B 154 -9.51 20.21 -74.08
CA GLU B 154 -9.12 18.85 -73.79
C GLU B 154 -8.59 18.78 -72.36
N ASN B 155 -7.72 19.73 -71.98
CA ASN B 155 -7.11 19.73 -70.67
C ASN B 155 -8.19 19.91 -69.59
N ASN B 156 -9.24 20.66 -69.92
CA ASN B 156 -10.37 20.87 -69.02
C ASN B 156 -11.06 19.53 -68.77
N MET B 157 -11.10 18.68 -69.81
CA MET B 157 -11.74 17.38 -69.70
C MET B 157 -10.87 16.47 -68.83
N ILE B 158 -9.54 16.65 -68.92
CA ILE B 158 -8.60 15.91 -68.09
C ILE B 158 -8.79 16.36 -66.64
N VAL B 159 -8.85 17.68 -66.40
CA VAL B 159 -8.99 18.24 -65.06
C VAL B 159 -10.29 17.74 -64.44
N LEU B 160 -11.36 17.67 -65.23
CA LEU B 160 -12.65 17.25 -64.71
C LEU B 160 -12.64 15.76 -64.39
N LYS B 161 -11.95 14.99 -65.25
CA LYS B 161 -11.79 13.56 -65.03
C LYS B 161 -11.06 13.35 -63.70
N LEU B 162 -9.96 14.09 -63.52
CA LEU B 162 -9.15 13.98 -62.32
C LEU B 162 -9.97 14.37 -61.10
N LEU B 163 -10.79 15.43 -61.22
CA LEU B 163 -11.55 15.87 -60.07
C LEU B 163 -12.58 14.80 -59.68
N SER B 164 -13.16 14.15 -60.69
CA SER B 164 -14.15 13.11 -60.44
C SER B 164 -13.50 11.92 -59.75
N GLU B 165 -12.28 11.57 -60.20
CA GLU B 165 -11.51 10.49 -59.61
C GLU B 165 -11.25 10.79 -58.14
N GLU B 166 -10.72 11.99 -57.87
CA GLU B 166 -10.31 12.35 -56.53
C GLU B 166 -11.49 12.46 -55.57
N VAL B 167 -12.68 12.78 -56.11
CA VAL B 167 -13.83 13.05 -55.26
C VAL B 167 -14.64 11.77 -55.05
N PHE B 168 -14.73 10.92 -56.08
CA PHE B 168 -15.65 9.79 -56.04
C PHE B 168 -14.91 8.45 -56.01
N ASP B 169 -13.70 8.41 -56.58
CA ASP B 169 -13.04 7.14 -56.80
C ASP B 169 -12.02 6.84 -55.71
N PHE B 170 -11.41 7.90 -55.16
CA PHE B 170 -10.26 7.77 -54.27
C PHE B 170 -10.42 8.72 -53.09
N SER B 171 -11.67 9.09 -52.77
CA SER B 171 -11.91 10.06 -51.71
C SER B 171 -11.86 9.38 -50.35
N ALA B 172 -12.35 8.15 -50.24
CA ALA B 172 -12.28 7.44 -48.97
C ALA B 172 -10.82 7.16 -48.65
N GLU B 173 -10.43 7.43 -47.40
CA GLU B 173 -9.07 7.22 -46.92
C GLU B 173 -8.10 8.28 -47.46
N GLN B 174 -8.63 9.27 -48.17
CA GLN B 174 -7.83 10.43 -48.51
C GLN B 174 -8.42 11.68 -47.88
N MET B 175 -9.74 11.64 -47.62
CA MET B 175 -10.44 12.78 -47.07
C MET B 175 -11.34 12.29 -45.95
N THR B 176 -11.64 13.22 -45.05
CA THR B 176 -12.55 13.00 -43.96
C THR B 176 -13.92 12.70 -44.58
N GLN B 177 -14.74 11.90 -43.90
CA GLN B 177 -16.03 11.53 -44.45
C GLN B 177 -16.85 12.78 -44.74
N ALA B 178 -16.73 13.77 -43.85
CA ALA B 178 -17.46 15.03 -43.98
C ALA B 178 -16.97 15.78 -45.22
N LYS B 179 -15.64 15.85 -45.40
CA LYS B 179 -15.12 16.61 -46.52
C LYS B 179 -15.37 15.86 -47.82
N ALA B 180 -15.34 14.52 -47.78
CA ALA B 180 -15.64 13.74 -48.97
C ALA B 180 -17.07 14.01 -49.41
N LEU B 181 -18.00 14.07 -48.45
CA LEU B 181 -19.41 14.32 -48.73
C LEU B 181 -19.57 15.72 -49.31
N HIS B 182 -18.88 16.69 -48.69
CA HIS B 182 -18.90 18.07 -49.11
C HIS B 182 -18.48 18.19 -50.59
N LEU B 183 -17.38 17.53 -50.95
CA LEU B 183 -16.88 17.59 -52.32
C LEU B 183 -17.80 16.84 -53.27
N LYS B 184 -18.37 15.71 -52.83
CA LYS B 184 -19.30 14.97 -53.66
C LYS B 184 -20.55 15.80 -53.93
N ASN B 185 -21.08 16.45 -52.89
CA ASN B 185 -22.25 17.32 -53.01
C ASN B 185 -21.91 18.52 -53.91
N SER B 186 -20.69 19.08 -53.73
CA SER B 186 -20.26 20.23 -54.50
C SER B 186 -20.21 19.88 -55.98
N MET B 187 -19.73 18.67 -56.26
CA MET B 187 -19.53 18.27 -57.64
C MET B 187 -20.85 17.85 -58.26
N SER B 188 -21.77 17.35 -57.43
CA SER B 188 -23.08 16.99 -57.93
C SER B 188 -23.93 18.23 -58.24
N LYS B 189 -23.74 19.28 -57.43
CA LYS B 189 -24.47 20.53 -57.58
C LYS B 189 -24.19 21.16 -58.93
N GLU B 190 -22.92 21.14 -59.36
CA GLU B 190 -22.54 21.84 -60.57
C GLU B 190 -22.36 20.86 -61.73
N PHE B 191 -23.06 19.73 -61.70
CA PHE B 191 -22.80 18.76 -62.75
C PHE B 191 -23.66 19.01 -63.98
N GLU B 192 -24.78 19.72 -63.82
CA GLU B 192 -25.59 20.03 -64.99
C GLU B 192 -24.72 20.73 -66.03
N GLN B 193 -24.00 21.77 -65.57
CA GLN B 193 -23.13 22.56 -66.41
C GLN B 193 -22.04 21.68 -67.00
N ILE B 194 -21.39 20.86 -66.15
CA ILE B 194 -20.32 20.00 -66.60
C ILE B 194 -20.83 19.02 -67.64
N PHE B 195 -22.02 18.44 -67.39
CA PHE B 195 -22.59 17.56 -68.38
C PHE B 195 -22.91 18.33 -69.67
N LYS B 196 -23.36 19.59 -69.56
CA LYS B 196 -23.64 20.35 -70.78
C LYS B 196 -22.39 20.42 -71.64
N LEU B 197 -21.29 20.90 -71.07
CA LEU B 197 -20.04 21.05 -71.80
C LEU B 197 -19.69 19.72 -72.44
N CYS B 198 -19.90 18.66 -71.67
CA CYS B 198 -19.54 17.34 -72.11
C CYS B 198 -20.37 16.97 -73.33
N PHE B 199 -21.68 17.11 -73.20
CA PHE B 199 -22.61 16.68 -74.24
C PHE B 199 -22.39 17.53 -75.50
N GLN B 200 -22.19 18.84 -75.32
CA GLN B 200 -21.98 19.74 -76.45
C GLN B 200 -20.77 19.28 -77.25
N VAL B 201 -19.68 18.92 -76.55
CA VAL B 201 -18.44 18.49 -77.17
C VAL B 201 -18.66 17.18 -77.90
N LEU B 202 -19.40 16.26 -77.27
CA LEU B 202 -19.65 14.96 -77.87
C LEU B 202 -20.58 15.07 -79.07
N GLU B 203 -21.59 15.93 -78.97
CA GLU B 203 -22.64 16.03 -79.98
C GLU B 203 -22.12 16.79 -81.19
N GLN B 204 -21.39 17.88 -80.97
CA GLN B 204 -20.92 18.71 -82.08
C GLN B 204 -19.57 18.21 -82.61
N GLY B 205 -18.72 17.70 -81.71
CA GLY B 205 -17.37 17.29 -82.05
C GLY B 205 -17.36 16.01 -82.88
N SER B 206 -16.30 15.82 -83.66
CA SER B 206 -16.02 14.58 -84.37
C SER B 206 -14.75 13.96 -83.80
N SER B 207 -14.56 12.65 -84.02
CA SER B 207 -13.47 11.85 -83.47
C SER B 207 -12.13 12.58 -83.55
N SER B 208 -11.51 12.74 -82.38
CA SER B 208 -10.27 13.48 -82.21
C SER B 208 -9.81 13.21 -80.79
N SER B 209 -8.63 13.73 -80.45
CA SER B 209 -8.09 13.68 -79.11
C SER B 209 -9.04 14.26 -78.07
N LEU B 210 -9.71 15.39 -78.42
CA LEU B 210 -10.61 16.08 -77.49
C LEU B 210 -11.84 15.20 -77.22
N ILE B 211 -12.34 14.53 -78.25
CA ILE B 211 -13.48 13.65 -78.07
C ILE B 211 -13.10 12.51 -77.13
N VAL B 212 -11.90 11.95 -77.35
CA VAL B 212 -11.45 10.82 -76.56
C VAL B 212 -11.32 11.25 -75.10
N ALA B 213 -10.70 12.42 -74.86
CA ALA B 213 -10.54 12.94 -73.51
C ALA B 213 -11.89 13.14 -72.84
N THR B 214 -12.87 13.61 -73.63
CA THR B 214 -14.22 13.86 -73.12
C THR B 214 -14.85 12.53 -72.69
N LEU B 215 -14.63 11.49 -73.50
CA LEU B 215 -15.19 10.20 -73.17
C LEU B 215 -14.46 9.60 -71.96
N GLU B 216 -13.15 9.88 -71.82
CA GLU B 216 -12.38 9.45 -70.67
C GLU B 216 -13.04 10.00 -69.40
N SER B 217 -13.38 11.30 -69.43
CA SER B 217 -14.02 11.97 -68.30
C SER B 217 -15.39 11.34 -68.05
N LEU B 218 -16.09 10.97 -69.13
CA LEU B 218 -17.45 10.44 -69.00
C LEU B 218 -17.42 9.08 -68.30
N LEU B 219 -16.36 8.31 -68.58
CA LEU B 219 -16.17 7.01 -67.94
C LEU B 219 -16.15 7.18 -66.42
N ARG B 220 -15.43 8.20 -65.94
CA ARG B 220 -15.29 8.44 -64.52
C ARG B 220 -16.56 9.03 -63.93
N TYR B 221 -17.31 9.80 -64.72
CA TYR B 221 -18.57 10.39 -64.29
C TYR B 221 -19.59 9.29 -64.06
N LEU B 222 -19.57 8.27 -64.92
CA LEU B 222 -20.58 7.23 -64.92
C LEU B 222 -20.61 6.46 -63.61
N HIS B 223 -19.54 6.57 -62.81
CA HIS B 223 -19.45 5.86 -61.55
C HIS B 223 -20.47 6.40 -60.55
N TRP B 224 -20.94 7.65 -60.75
CA TRP B 224 -21.70 8.32 -59.70
C TRP B 224 -22.90 9.11 -60.23
N ILE B 225 -22.85 9.55 -61.48
CA ILE B 225 -23.86 10.49 -61.97
C ILE B 225 -25.20 9.78 -62.00
N PRO B 226 -26.33 10.49 -61.74
CA PRO B 226 -27.67 9.92 -61.93
C PRO B 226 -27.91 9.46 -63.36
N TYR B 227 -28.71 8.40 -63.53
CA TYR B 227 -28.90 7.74 -64.82
C TYR B 227 -29.58 8.69 -65.82
N ARG B 228 -30.25 9.72 -65.28
CA ARG B 228 -31.03 10.64 -66.10
C ARG B 228 -30.12 11.36 -67.10
N TYR B 229 -28.85 11.55 -66.74
CA TYR B 229 -27.93 12.19 -67.67
C TYR B 229 -27.63 11.25 -68.84
N ILE B 230 -27.99 9.97 -68.71
CA ILE B 230 -27.60 9.00 -69.71
C ILE B 230 -28.81 8.60 -70.55
N TYR B 231 -29.93 8.35 -69.86
CA TYR B 231 -31.14 7.82 -70.45
C TYR B 231 -32.11 8.92 -70.89
N GLU B 232 -32.11 10.08 -70.19
CA GLU B 232 -33.03 11.15 -70.49
C GLU B 232 -32.39 12.18 -71.42
N THR B 233 -31.15 11.93 -71.84
CA THR B 233 -30.49 12.73 -72.87
C THR B 233 -30.19 11.83 -74.07
N ASN B 234 -29.58 12.39 -75.11
CA ASN B 234 -29.36 11.65 -76.34
C ASN B 234 -27.97 11.00 -76.37
N ILE B 235 -27.33 10.93 -75.21
CA ILE B 235 -25.95 10.48 -75.09
C ILE B 235 -25.84 8.98 -75.42
N LEU B 236 -26.88 8.22 -75.06
CA LEU B 236 -26.93 6.81 -75.38
C LEU B 236 -26.82 6.61 -76.89
N GLU B 237 -27.63 7.34 -77.66
CA GLU B 237 -27.59 7.24 -79.12
C GLU B 237 -26.18 7.56 -79.61
N LEU B 238 -25.57 8.60 -79.02
CA LEU B 238 -24.27 9.08 -79.46
C LEU B 238 -23.21 8.00 -79.26
N LEU B 239 -23.18 7.43 -78.06
CA LEU B 239 -22.19 6.42 -77.73
C LEU B 239 -22.42 5.19 -78.59
N SER B 240 -23.65 4.67 -78.60
CA SER B 240 -23.94 3.37 -79.18
C SER B 240 -23.85 3.37 -80.71
N THR B 241 -23.88 4.56 -81.34
CA THR B 241 -23.90 4.64 -82.80
C THR B 241 -22.68 5.41 -83.31
N LYS B 242 -22.60 6.70 -82.95
CA LYS B 242 -21.64 7.61 -83.54
C LYS B 242 -20.23 7.19 -83.16
N PHE B 243 -19.99 7.03 -81.85
CA PHE B 243 -18.62 6.85 -81.40
C PHE B 243 -18.18 5.40 -81.52
N MET B 244 -19.10 4.52 -81.94
CA MET B 244 -18.73 3.15 -82.23
C MET B 244 -18.31 3.02 -83.69
N THR B 245 -18.71 3.96 -84.55
CA THR B 245 -18.31 3.87 -85.95
C THR B 245 -16.88 4.38 -86.09
N SER B 246 -16.53 5.43 -85.34
CA SER B 246 -15.21 6.02 -85.45
C SER B 246 -14.18 5.16 -84.73
N PRO B 247 -13.14 4.68 -85.44
CA PRO B 247 -12.12 3.81 -84.85
C PRO B 247 -11.48 4.41 -83.60
N ASP B 248 -11.22 5.73 -83.63
CA ASP B 248 -10.43 6.35 -82.58
C ASP B 248 -11.20 6.43 -81.26
N THR B 249 -12.50 6.11 -81.27
CA THR B 249 -13.29 6.26 -80.05
C THR B 249 -13.95 4.94 -79.64
N ARG B 250 -13.76 3.88 -80.41
CA ARG B 250 -14.47 2.63 -80.18
C ARG B 250 -14.22 2.10 -78.77
N ALA B 251 -12.94 2.04 -78.38
CA ALA B 251 -12.55 1.37 -77.15
C ALA B 251 -13.12 2.12 -75.94
N ILE B 252 -12.93 3.44 -75.93
CA ILE B 252 -13.32 4.20 -74.76
C ILE B 252 -14.85 4.27 -74.68
N THR B 253 -15.50 4.25 -75.85
CA THR B 253 -16.96 4.25 -75.91
C THR B 253 -17.49 2.94 -75.32
N LEU B 254 -16.81 1.83 -75.64
CA LEU B 254 -17.21 0.54 -75.11
C LEU B 254 -17.09 0.57 -73.60
N LYS B 255 -15.99 1.16 -73.11
CA LYS B 255 -15.77 1.20 -71.68
C LYS B 255 -16.93 1.97 -71.04
N CYS B 256 -17.32 3.07 -71.70
CA CYS B 256 -18.40 3.91 -71.21
C CYS B 256 -19.72 3.14 -71.20
N LEU B 257 -19.94 2.37 -72.26
CA LEU B 257 -21.16 1.59 -72.38
C LEU B 257 -21.14 0.44 -71.39
N THR B 258 -19.94 -0.07 -71.05
CA THR B 258 -19.81 -1.08 -70.01
C THR B 258 -20.34 -0.51 -68.70
N GLU B 259 -19.96 0.73 -68.37
CA GLU B 259 -20.39 1.37 -67.13
C GLU B 259 -21.86 1.75 -67.20
N VAL B 260 -22.32 2.13 -68.39
CA VAL B 260 -23.73 2.41 -68.61
C VAL B 260 -24.53 1.17 -68.24
N SER B 261 -24.00 0.00 -68.60
CA SER B 261 -24.71 -1.25 -68.40
C SER B 261 -24.90 -1.51 -66.91
N ASN B 262 -24.10 -0.81 -66.09
CA ASN B 262 -24.01 -1.05 -64.66
C ASN B 262 -24.66 0.07 -63.85
N LEU B 263 -25.37 0.99 -64.52
CA LEU B 263 -25.96 2.13 -63.84
C LEU B 263 -27.12 1.68 -62.96
N LYS B 264 -27.40 2.48 -61.92
CA LYS B 264 -28.61 2.29 -61.13
C LYS B 264 -29.77 2.92 -61.90
N ILE B 265 -30.63 2.05 -62.43
CA ILE B 265 -31.75 2.44 -63.28
C ILE B 265 -33.04 1.88 -62.67
N PRO B 266 -34.22 2.51 -62.90
CA PRO B 266 -35.50 1.97 -62.45
C PRO B 266 -35.80 0.61 -63.06
N GLN B 267 -36.44 -0.27 -62.27
CA GLN B 267 -36.63 -1.66 -62.67
C GLN B 267 -38.03 -1.88 -63.24
N ASP B 268 -38.89 -0.86 -63.13
CA ASP B 268 -40.27 -0.94 -63.59
C ASP B 268 -40.56 0.21 -64.52
N ASN B 269 -39.61 0.53 -65.39
CA ASN B 269 -39.81 1.54 -66.41
C ASN B 269 -39.61 0.90 -67.77
N ASP B 270 -40.70 0.76 -68.52
CA ASP B 270 -40.69 0.05 -69.79
C ASP B 270 -39.91 0.82 -70.85
N LEU B 271 -39.98 2.16 -70.78
CA LEU B 271 -39.22 2.99 -71.70
C LEU B 271 -37.71 2.84 -71.45
N ILE B 272 -37.29 2.73 -70.19
CA ILE B 272 -35.89 2.57 -69.85
C ILE B 272 -35.41 1.19 -70.28
N LYS B 273 -36.29 0.19 -70.18
CA LYS B 273 -36.00 -1.17 -70.64
C LYS B 273 -35.71 -1.16 -72.15
N ARG B 274 -36.58 -0.50 -72.92
CA ARG B 274 -36.43 -0.41 -74.36
C ARG B 274 -35.16 0.34 -74.73
N GLN B 275 -34.79 1.32 -73.89
CA GLN B 275 -33.62 2.15 -74.12
C GLN B 275 -32.37 1.31 -73.86
N THR B 276 -32.46 0.49 -72.82
CA THR B 276 -31.38 -0.42 -72.46
C THR B 276 -31.14 -1.39 -73.61
N VAL B 277 -32.23 -1.95 -74.15
CA VAL B 277 -32.12 -2.88 -75.27
C VAL B 277 -31.56 -2.13 -76.47
N LEU B 278 -31.96 -0.87 -76.63
CA LEU B 278 -31.70 -0.16 -77.86
C LEU B 278 -30.22 0.18 -77.98
N PHE B 279 -29.61 0.73 -76.93
CA PHE B 279 -28.22 1.10 -77.04
C PHE B 279 -27.36 -0.14 -77.30
N PHE B 280 -27.76 -1.26 -76.68
CA PHE B 280 -27.05 -2.53 -76.85
C PHE B 280 -27.20 -3.00 -78.30
N GLN B 281 -28.42 -2.94 -78.83
CA GLN B 281 -28.67 -3.30 -80.22
C GLN B 281 -27.88 -2.40 -81.17
N ASN B 282 -27.75 -1.12 -80.81
CA ASN B 282 -27.02 -0.19 -81.64
C ASN B 282 -25.54 -0.54 -81.62
N THR B 283 -25.02 -0.78 -80.43
CA THR B 283 -23.60 -1.09 -80.27
C THR B 283 -23.26 -2.37 -81.02
N LEU B 284 -24.11 -3.38 -80.91
CA LEU B 284 -23.81 -4.65 -81.56
C LEU B 284 -23.87 -4.51 -83.08
N GLN B 285 -24.94 -3.87 -83.58
CA GLN B 285 -25.12 -3.63 -85.00
C GLN B 285 -23.95 -2.79 -85.53
N GLN B 286 -23.49 -1.85 -84.72
CA GLN B 286 -22.43 -0.96 -85.15
C GLN B 286 -21.11 -1.71 -85.23
N ILE B 287 -20.89 -2.64 -84.29
CA ILE B 287 -19.70 -3.48 -84.33
C ILE B 287 -19.79 -4.38 -85.56
N ALA B 288 -20.99 -4.93 -85.81
CA ALA B 288 -21.21 -5.78 -86.97
C ALA B 288 -20.89 -5.03 -88.27
N THR B 289 -21.36 -3.78 -88.38
CA THR B 289 -21.22 -2.98 -89.59
C THR B 289 -19.80 -2.47 -89.75
N SER B 290 -19.15 -2.04 -88.65
CA SER B 290 -17.97 -1.20 -88.74
C SER B 290 -16.70 -1.96 -88.35
N VAL B 291 -16.85 -2.91 -87.42
CA VAL B 291 -15.68 -3.57 -86.84
C VAL B 291 -15.49 -4.95 -87.48
N MET B 292 -16.44 -5.86 -87.25
CA MET B 292 -16.30 -7.24 -87.68
C MET B 292 -17.64 -7.96 -87.47
N PRO B 293 -17.99 -8.95 -88.32
CA PRO B 293 -19.17 -9.80 -88.06
C PRO B 293 -18.99 -10.88 -87.00
N VAL B 294 -20.11 -11.53 -86.65
CA VAL B 294 -20.14 -12.63 -85.69
C VAL B 294 -19.29 -13.79 -86.20
N THR B 295 -19.06 -13.81 -87.51
CA THR B 295 -18.38 -14.92 -88.17
C THR B 295 -16.86 -14.71 -88.13
N ALA B 296 -16.43 -13.50 -87.75
CA ALA B 296 -15.03 -13.13 -87.69
C ALA B 296 -14.28 -14.06 -86.74
N ASP B 297 -13.13 -14.56 -87.17
CA ASP B 297 -12.30 -15.44 -86.35
C ASP B 297 -11.46 -14.58 -85.41
N LEU B 298 -11.97 -14.39 -84.18
CA LEU B 298 -11.35 -13.47 -83.25
C LEU B 298 -10.06 -14.06 -82.68
N LYS B 299 -9.92 -15.39 -82.70
CA LYS B 299 -8.70 -16.03 -82.24
C LYS B 299 -7.53 -15.57 -83.12
N ALA B 300 -7.65 -15.78 -84.44
CA ALA B 300 -6.63 -15.38 -85.37
C ALA B 300 -6.40 -13.87 -85.29
N THR B 301 -7.48 -13.10 -85.18
CA THR B 301 -7.39 -11.65 -85.17
C THR B 301 -6.57 -11.21 -83.97
N TYR B 302 -6.92 -11.73 -82.79
CA TYR B 302 -6.24 -11.36 -81.56
C TYR B 302 -4.76 -11.73 -81.65
N ALA B 303 -4.49 -12.91 -82.23
CA ALA B 303 -3.12 -13.38 -82.33
C ALA B 303 -2.28 -12.40 -83.15
N ASN B 304 -2.86 -11.84 -84.21
CA ASN B 304 -2.13 -11.03 -85.17
C ASN B 304 -2.40 -9.55 -84.92
N ALA B 305 -3.02 -9.20 -83.79
CA ALA B 305 -3.52 -7.86 -83.55
C ALA B 305 -2.40 -6.95 -83.05
N ASN B 306 -2.74 -5.70 -82.75
CA ASN B 306 -1.75 -4.65 -82.53
C ASN B 306 -1.84 -4.10 -81.11
N GLY B 307 -2.68 -4.73 -80.28
CA GLY B 307 -2.70 -4.38 -78.87
C GLY B 307 -3.84 -3.43 -78.57
N ASN B 308 -3.99 -2.37 -79.38
CA ASN B 308 -5.19 -1.56 -79.34
C ASN B 308 -6.39 -2.43 -79.71
N ASP B 309 -6.26 -3.13 -80.84
CA ASP B 309 -7.27 -4.09 -81.25
C ASP B 309 -7.43 -5.14 -80.17
N GLN B 310 -6.33 -5.60 -79.56
CA GLN B 310 -6.44 -6.58 -78.47
C GLN B 310 -7.27 -6.01 -77.33
N SER B 311 -6.89 -4.80 -76.86
CA SER B 311 -7.58 -4.13 -75.78
C SER B 311 -9.07 -4.01 -76.11
N PHE B 312 -9.35 -3.63 -77.36
CA PHE B 312 -10.71 -3.50 -77.84
C PHE B 312 -11.45 -4.82 -77.65
N LEU B 313 -10.87 -5.91 -78.17
CA LEU B 313 -11.50 -7.21 -78.03
C LEU B 313 -11.73 -7.53 -76.56
N GLN B 314 -10.77 -7.18 -75.69
CA GLN B 314 -10.97 -7.42 -74.27
C GLN B 314 -12.18 -6.61 -73.79
N ASP B 315 -12.19 -5.33 -74.17
CA ASP B 315 -13.24 -4.41 -73.77
C ASP B 315 -14.58 -4.91 -74.28
N LEU B 316 -14.58 -5.53 -75.48
CA LEU B 316 -15.81 -6.04 -76.07
C LEU B 316 -16.40 -7.11 -75.16
N ALA B 317 -15.56 -8.05 -74.75
CA ALA B 317 -15.94 -9.14 -73.87
C ALA B 317 -16.45 -8.57 -72.55
N MET B 318 -15.74 -7.57 -72.01
CA MET B 318 -16.15 -6.93 -70.78
C MET B 318 -17.54 -6.31 -70.96
N PHE B 319 -17.76 -5.69 -72.12
CA PHE B 319 -19.04 -5.08 -72.43
C PHE B 319 -20.13 -6.14 -72.45
N LEU B 320 -20.00 -7.13 -73.36
CA LEU B 320 -21.01 -8.18 -73.48
C LEU B 320 -21.24 -8.85 -72.13
N THR B 321 -20.16 -9.30 -71.47
CA THR B 321 -20.31 -10.06 -70.24
C THR B 321 -21.02 -9.24 -69.18
N THR B 322 -20.79 -7.92 -69.17
CA THR B 322 -21.44 -7.08 -68.18
C THR B 322 -22.92 -6.95 -68.51
N TYR B 323 -23.21 -6.53 -69.75
CA TYR B 323 -24.57 -6.27 -70.18
C TYR B 323 -25.43 -7.54 -70.09
N LEU B 324 -24.90 -8.65 -70.59
CA LEU B 324 -25.67 -9.89 -70.59
C LEU B 324 -25.96 -10.33 -69.15
N ALA B 325 -24.95 -10.25 -68.29
CA ALA B 325 -25.09 -10.65 -66.90
C ALA B 325 -26.20 -9.84 -66.22
N ARG B 326 -26.43 -8.63 -66.72
CA ARG B 326 -27.45 -7.78 -66.12
C ARG B 326 -28.78 -7.93 -66.85
N ASN B 327 -28.75 -8.05 -68.19
CA ASN B 327 -29.94 -7.78 -68.99
C ASN B 327 -30.30 -8.93 -69.94
N ARG B 328 -29.81 -10.13 -69.66
CA ARG B 328 -30.12 -11.29 -70.47
C ARG B 328 -31.63 -11.52 -70.47
N ALA B 329 -32.26 -11.32 -69.30
CA ALA B 329 -33.69 -11.50 -69.12
C ALA B 329 -34.43 -10.57 -70.09
N LEU B 330 -33.96 -9.32 -70.18
CA LEU B 330 -34.58 -8.32 -71.03
C LEU B 330 -34.53 -8.80 -72.48
N LEU B 331 -33.39 -9.36 -72.88
CA LEU B 331 -33.19 -9.77 -74.26
C LEU B 331 -33.99 -11.04 -74.56
N GLU B 332 -34.41 -11.77 -73.51
CA GLU B 332 -35.01 -13.08 -73.67
C GLU B 332 -36.53 -12.99 -73.81
N SER B 333 -37.12 -11.99 -73.14
CA SER B 333 -38.56 -11.87 -72.95
C SER B 333 -39.28 -11.61 -74.28
N ASP B 334 -38.61 -10.90 -75.20
CA ASP B 334 -39.24 -10.48 -76.44
C ASP B 334 -38.58 -11.20 -77.62
N GLU B 335 -39.38 -11.99 -78.35
CA GLU B 335 -38.87 -12.92 -79.36
C GLU B 335 -38.32 -12.19 -80.59
N SER B 336 -38.64 -10.90 -80.76
CA SER B 336 -38.03 -10.16 -81.86
C SER B 336 -36.55 -9.95 -81.58
N LEU B 337 -36.19 -9.91 -80.29
CA LEU B 337 -34.84 -9.62 -79.85
C LEU B 337 -33.96 -10.87 -79.89
N ARG B 338 -34.55 -12.01 -80.28
CA ARG B 338 -33.89 -13.31 -80.30
C ARG B 338 -32.61 -13.20 -81.13
N GLU B 339 -32.75 -12.75 -82.38
CA GLU B 339 -31.61 -12.63 -83.28
C GLU B 339 -30.49 -11.82 -82.64
N LEU B 340 -30.84 -10.76 -81.89
CA LEU B 340 -29.82 -9.94 -81.24
C LEU B 340 -29.13 -10.73 -80.13
N LEU B 341 -29.94 -11.34 -79.26
CA LEU B 341 -29.46 -12.11 -78.12
C LEU B 341 -28.38 -13.09 -78.57
N LEU B 342 -28.76 -14.06 -79.42
CA LEU B 342 -27.85 -15.06 -79.95
C LEU B 342 -26.61 -14.42 -80.57
N ASN B 343 -26.79 -13.37 -81.38
CA ASN B 343 -25.66 -12.69 -81.99
C ASN B 343 -24.64 -12.25 -80.94
N ALA B 344 -25.10 -11.64 -79.85
CA ALA B 344 -24.22 -11.18 -78.80
C ALA B 344 -23.47 -12.35 -78.17
N HIS B 345 -24.21 -13.41 -77.81
CA HIS B 345 -23.60 -14.62 -77.30
C HIS B 345 -22.59 -15.17 -78.30
N GLN B 346 -22.95 -15.18 -79.58
CA GLN B 346 -22.03 -15.67 -80.60
C GLN B 346 -20.71 -14.92 -80.51
N TYR B 347 -20.76 -13.61 -80.27
CA TYR B 347 -19.55 -12.82 -80.16
C TYR B 347 -18.70 -13.38 -79.02
N LEU B 348 -19.33 -13.59 -77.86
CA LEU B 348 -18.60 -14.16 -76.74
C LEU B 348 -17.97 -15.48 -77.13
N ILE B 349 -18.73 -16.34 -77.81
CA ILE B 349 -18.18 -17.62 -78.27
C ILE B 349 -16.89 -17.36 -79.04
N GLN B 350 -16.93 -16.40 -79.96
CA GLN B 350 -15.76 -16.08 -80.76
C GLN B 350 -14.69 -15.49 -79.86
N LEU B 351 -15.09 -14.63 -78.91
CA LEU B 351 -14.15 -14.04 -77.96
C LEU B 351 -13.60 -15.10 -77.00
N SER B 352 -14.39 -16.16 -76.76
CA SER B 352 -13.98 -17.22 -75.86
C SER B 352 -12.89 -18.06 -76.51
N LYS B 353 -12.79 -17.99 -77.85
CA LYS B 353 -11.82 -18.79 -78.57
C LYS B 353 -10.47 -18.09 -78.58
N ILE B 354 -10.41 -16.85 -78.07
CA ILE B 354 -9.18 -16.08 -78.10
C ILE B 354 -8.23 -16.65 -77.05
N GLU B 355 -6.99 -16.94 -77.47
CA GLU B 355 -5.95 -17.42 -76.58
C GLU B 355 -5.39 -16.24 -75.79
N GLU B 356 -6.04 -15.92 -74.67
CA GLU B 356 -5.58 -14.92 -73.73
C GLU B 356 -6.30 -15.23 -72.41
N ARG B 357 -5.53 -15.65 -71.42
CA ARG B 357 -6.14 -16.31 -70.27
C ARG B 357 -7.14 -15.39 -69.57
N GLU B 358 -6.73 -14.13 -69.34
CA GLU B 358 -7.53 -13.22 -68.55
C GLU B 358 -8.85 -12.88 -69.24
N LEU B 359 -8.79 -12.72 -70.57
CA LEU B 359 -9.96 -12.49 -71.40
C LEU B 359 -10.88 -13.72 -71.33
N PHE B 360 -10.27 -14.91 -71.36
CA PHE B 360 -11.03 -16.14 -71.34
C PHE B 360 -11.74 -16.28 -70.00
N LYS B 361 -11.06 -15.85 -68.92
CA LYS B 361 -11.63 -15.95 -67.58
C LYS B 361 -12.83 -15.01 -67.46
N THR B 362 -12.69 -13.82 -68.07
CA THR B 362 -13.75 -12.83 -68.10
C THR B 362 -15.00 -13.41 -68.76
N THR B 363 -14.79 -14.06 -69.91
CA THR B 363 -15.87 -14.74 -70.62
C THR B 363 -16.41 -15.91 -69.81
N LEU B 364 -15.50 -16.63 -69.14
CA LEU B 364 -15.89 -17.85 -68.46
C LEU B 364 -16.78 -17.56 -67.26
N ASP B 365 -16.54 -16.45 -66.54
CA ASP B 365 -17.40 -16.08 -65.43
C ASP B 365 -18.84 -16.01 -65.91
N TYR B 366 -19.04 -15.29 -67.03
CA TYR B 366 -20.36 -15.12 -67.62
C TYR B 366 -20.88 -16.48 -68.07
N TRP B 367 -20.03 -17.27 -68.73
CA TRP B 367 -20.47 -18.57 -69.20
C TRP B 367 -21.04 -19.37 -68.04
N HIS B 368 -20.36 -19.29 -66.89
CA HIS B 368 -20.77 -20.03 -65.70
C HIS B 368 -22.15 -19.57 -65.26
N ASN B 369 -22.33 -18.25 -65.17
CA ASN B 369 -23.60 -17.61 -64.91
C ASN B 369 -24.70 -18.16 -65.83
N LEU B 370 -24.44 -18.22 -67.13
CA LEU B 370 -25.46 -18.59 -68.10
C LEU B 370 -25.85 -20.06 -67.95
N VAL B 371 -24.84 -20.93 -67.79
CA VAL B 371 -25.08 -22.37 -67.71
C VAL B 371 -25.72 -22.75 -66.37
N ALA B 372 -25.40 -22.03 -65.28
CA ALA B 372 -26.08 -22.20 -64.01
C ALA B 372 -27.57 -21.84 -64.14
N ASP B 373 -27.85 -20.70 -64.78
CA ASP B 373 -29.20 -20.22 -64.99
C ASP B 373 -29.98 -21.25 -65.81
N LEU B 374 -29.35 -21.78 -66.86
CA LEU B 374 -30.00 -22.74 -67.74
C LEU B 374 -30.27 -24.04 -67.01
N PHE B 375 -29.33 -24.44 -66.14
CA PHE B 375 -29.46 -25.66 -65.37
C PHE B 375 -30.69 -25.60 -64.46
N TYR B 376 -30.89 -24.43 -63.82
CA TYR B 376 -31.98 -24.22 -62.87
C TYR B 376 -33.25 -23.67 -63.52
N GLU B 377 -33.20 -23.32 -64.80
CA GLU B 377 -34.42 -22.89 -65.48
C GLU B 377 -34.42 -23.47 -66.89
N PRO B 378 -34.56 -24.83 -67.07
CA PRO B 378 -34.33 -25.50 -68.36
C PRO B 378 -35.37 -25.17 -69.42
N LEU B 379 -36.28 -24.26 -69.10
CA LEU B 379 -37.30 -23.83 -70.05
C LEU B 379 -36.65 -22.99 -71.16
N LYS B 380 -35.67 -22.15 -70.79
CA LYS B 380 -34.97 -21.26 -71.72
C LYS B 380 -33.82 -21.99 -72.42
N LYS B 381 -33.53 -23.21 -71.94
CA LYS B 381 -32.40 -23.99 -72.40
C LYS B 381 -32.35 -24.03 -73.93
N HIS B 382 -33.50 -24.30 -74.57
CA HIS B 382 -33.53 -24.53 -76.01
C HIS B 382 -32.98 -23.33 -76.77
N ILE B 383 -33.19 -22.12 -76.23
CA ILE B 383 -32.80 -20.88 -76.88
C ILE B 383 -31.30 -20.90 -77.13
N TYR B 384 -30.56 -21.44 -76.17
CA TYR B 384 -29.11 -21.38 -76.20
C TYR B 384 -28.50 -22.72 -76.58
N GLU B 385 -29.31 -23.66 -77.07
CA GLU B 385 -28.81 -24.98 -77.40
C GLU B 385 -27.56 -24.91 -78.24
N GLU B 386 -27.61 -24.12 -79.32
CA GLU B 386 -26.52 -24.03 -80.27
C GLU B 386 -25.30 -23.37 -79.63
N ILE B 387 -25.56 -22.32 -78.83
CA ILE B 387 -24.50 -21.60 -78.13
C ILE B 387 -23.79 -22.55 -77.19
N CYS B 388 -24.58 -23.32 -76.43
CA CYS B 388 -24.06 -24.27 -75.46
C CYS B 388 -23.18 -25.30 -76.15
N SER B 389 -23.65 -25.85 -77.28
CA SER B 389 -22.89 -26.86 -78.00
C SER B 389 -21.50 -26.34 -78.32
N GLN B 390 -21.41 -25.10 -78.83
CA GLN B 390 -20.13 -24.53 -79.17
C GLN B 390 -19.30 -24.29 -77.92
N LEU B 391 -19.95 -23.87 -76.83
CA LEU B 391 -19.25 -23.57 -75.60
C LEU B 391 -18.59 -24.83 -75.06
N ARG B 392 -19.31 -25.95 -75.16
CA ARG B 392 -18.79 -27.25 -74.78
C ARG B 392 -17.44 -27.48 -75.43
N LEU B 393 -17.41 -27.42 -76.77
CA LEU B 393 -16.17 -27.61 -77.52
C LEU B 393 -15.11 -26.65 -77.01
N VAL B 394 -15.46 -25.36 -76.84
CA VAL B 394 -14.51 -24.36 -76.38
C VAL B 394 -13.81 -24.84 -75.11
N ILE B 395 -14.61 -25.22 -74.10
CA ILE B 395 -14.13 -25.58 -72.78
C ILE B 395 -13.29 -26.85 -72.85
N ILE B 396 -13.81 -27.89 -73.54
CA ILE B 396 -13.09 -29.13 -73.77
C ILE B 396 -11.74 -28.83 -74.42
N GLU B 397 -11.66 -27.83 -75.31
CA GLU B 397 -10.42 -27.55 -76.02
C GLU B 397 -9.48 -26.69 -75.19
N ASN B 398 -9.97 -26.15 -74.07
CA ASN B 398 -9.17 -25.16 -73.36
C ASN B 398 -9.08 -25.51 -71.89
N MET B 399 -9.26 -26.80 -71.55
CA MET B 399 -9.02 -27.29 -70.21
C MET B 399 -7.56 -27.07 -69.84
N VAL B 400 -7.35 -26.53 -68.64
CA VAL B 400 -6.01 -26.29 -68.15
C VAL B 400 -5.65 -27.43 -67.20
N ARG B 401 -4.36 -27.52 -66.84
CA ARG B 401 -3.86 -28.59 -65.97
C ARG B 401 -4.58 -28.52 -64.62
N PRO B 402 -5.26 -29.62 -64.20
CA PRO B 402 -5.99 -29.65 -62.91
C PRO B 402 -5.14 -29.50 -61.64
N GLU B 403 -3.93 -30.06 -61.65
CA GLU B 403 -2.98 -29.86 -60.57
C GLU B 403 -1.61 -29.61 -61.19
N GLU B 404 -0.80 -28.79 -60.51
CA GLU B 404 0.54 -28.43 -60.92
C GLU B 404 1.54 -28.75 -59.81
N VAL B 405 2.81 -28.94 -60.22
CA VAL B 405 3.85 -29.30 -59.29
C VAL B 405 5.05 -28.38 -59.45
N LEU B 406 5.64 -28.00 -58.30
CA LEU B 406 6.88 -27.24 -58.29
C LEU B 406 8.02 -28.07 -57.70
N VAL B 407 9.22 -27.90 -58.24
CA VAL B 407 10.43 -28.47 -57.67
C VAL B 407 11.22 -27.34 -57.03
N VAL B 408 11.25 -27.30 -55.69
CA VAL B 408 11.88 -26.24 -54.93
C VAL B 408 13.09 -26.79 -54.19
N GLU B 409 14.01 -25.89 -53.83
CA GLU B 409 15.09 -26.23 -52.91
C GLU B 409 14.77 -25.61 -51.55
N ASN B 410 14.76 -26.41 -50.49
CA ASN B 410 14.53 -25.90 -49.14
C ASN B 410 15.83 -25.35 -48.55
N ASP B 411 15.78 -24.89 -47.29
CA ASP B 411 16.92 -24.26 -46.63
C ASP B 411 18.00 -25.30 -46.31
N GLU B 412 17.68 -26.58 -46.50
CA GLU B 412 18.65 -27.63 -46.23
C GLU B 412 19.31 -28.10 -47.51
N GLY B 413 18.85 -27.57 -48.66
CA GLY B 413 19.44 -27.89 -49.95
C GLY B 413 18.78 -29.09 -50.62
N GLU B 414 17.72 -29.62 -50.01
CA GLU B 414 16.99 -30.76 -50.57
C GLU B 414 16.14 -30.30 -51.74
N ILE B 415 16.03 -31.16 -52.76
CA ILE B 415 15.17 -30.89 -53.90
C ILE B 415 13.82 -31.56 -53.64
N VAL B 416 12.80 -30.76 -53.31
CA VAL B 416 11.51 -31.26 -52.84
C VAL B 416 10.44 -30.93 -53.88
N ARG B 417 9.64 -31.93 -54.22
CA ARG B 417 8.51 -31.79 -55.12
C ARG B 417 7.27 -31.45 -54.29
N GLU B 418 6.72 -30.26 -54.52
CA GLU B 418 5.52 -29.85 -53.82
C GLU B 418 4.40 -29.63 -54.84
N PHE B 419 3.19 -30.04 -54.47
CA PHE B 419 1.98 -29.74 -55.22
C PHE B 419 1.55 -28.32 -54.93
N VAL B 420 1.36 -27.54 -56.02
CA VAL B 420 0.82 -26.19 -55.92
C VAL B 420 -0.65 -26.28 -55.54
N LYS B 421 -1.09 -25.40 -54.63
CA LYS B 421 -2.48 -25.38 -54.19
C LYS B 421 -3.07 -23.98 -54.42
N GLU B 422 -4.31 -23.96 -54.92
CA GLU B 422 -5.15 -22.77 -54.98
C GLU B 422 -4.56 -21.69 -55.90
N SER B 423 -3.90 -22.10 -56.98
CA SER B 423 -3.24 -21.20 -57.91
C SER B 423 -4.26 -20.65 -58.90
N ASP B 424 -3.82 -19.69 -59.74
CA ASP B 424 -4.68 -19.16 -60.77
C ASP B 424 -5.10 -20.30 -61.70
N THR B 425 -4.15 -21.11 -62.12
CA THR B 425 -4.46 -22.20 -63.05
C THR B 425 -5.47 -23.15 -62.43
N ILE B 426 -5.36 -23.38 -61.12
CA ILE B 426 -6.22 -24.36 -60.47
C ILE B 426 -7.64 -23.80 -60.40
N GLN B 427 -7.76 -22.51 -60.05
CA GLN B 427 -9.06 -21.88 -60.01
C GLN B 427 -9.68 -21.86 -61.40
N LEU B 428 -8.86 -21.64 -62.44
CA LEU B 428 -9.36 -21.67 -63.80
C LEU B 428 -9.88 -23.07 -64.13
N TYR B 429 -9.13 -24.11 -63.73
CA TYR B 429 -9.55 -25.48 -63.94
C TYR B 429 -10.92 -25.70 -63.29
N LYS B 430 -11.06 -25.21 -62.06
CA LYS B 430 -12.26 -25.46 -61.26
C LYS B 430 -13.45 -24.76 -61.89
N SER B 431 -13.23 -23.53 -62.37
CA SER B 431 -14.26 -22.76 -63.05
C SER B 431 -14.71 -23.50 -64.30
N GLU B 432 -13.73 -23.95 -65.09
CA GLU B 432 -14.01 -24.65 -66.34
C GLU B 432 -14.77 -25.93 -66.06
N ARG B 433 -14.37 -26.60 -64.97
CA ARG B 433 -14.99 -27.86 -64.59
C ARG B 433 -16.47 -27.61 -64.31
N GLU B 434 -16.76 -26.56 -63.53
CA GLU B 434 -18.13 -26.28 -63.14
C GLU B 434 -18.96 -25.94 -64.37
N VAL B 435 -18.36 -25.19 -65.30
CA VAL B 435 -19.05 -24.80 -66.51
C VAL B 435 -19.33 -26.05 -67.34
N LEU B 436 -18.35 -26.95 -67.43
CA LEU B 436 -18.52 -28.10 -68.31
C LEU B 436 -19.41 -29.15 -67.65
N VAL B 437 -19.48 -29.13 -66.31
CA VAL B 437 -20.37 -30.04 -65.61
C VAL B 437 -21.81 -29.61 -65.87
N TYR B 438 -22.07 -28.32 -65.71
CA TYR B 438 -23.36 -27.74 -66.06
C TYR B 438 -23.72 -28.12 -67.48
N LEU B 439 -22.78 -27.89 -68.43
CA LEU B 439 -23.00 -28.17 -69.84
C LEU B 439 -23.32 -29.65 -70.06
N THR B 440 -22.65 -30.54 -69.31
CA THR B 440 -22.91 -31.97 -69.43
C THR B 440 -24.31 -32.30 -68.91
N HIS B 441 -24.67 -31.70 -67.76
CA HIS B 441 -26.01 -31.88 -67.24
C HIS B 441 -27.03 -31.42 -68.28
N LEU B 442 -26.77 -30.31 -68.97
CA LEU B 442 -27.72 -29.73 -69.90
C LEU B 442 -27.96 -30.65 -71.09
N ASN B 443 -26.88 -31.24 -71.61
CA ASN B 443 -27.01 -32.23 -72.66
C ASN B 443 -25.86 -33.24 -72.55
N VAL B 444 -26.16 -34.38 -71.92
CA VAL B 444 -25.15 -35.41 -71.74
C VAL B 444 -24.75 -35.96 -73.10
N ILE B 445 -25.74 -36.08 -73.99
CA ILE B 445 -25.53 -36.78 -75.25
C ILE B 445 -24.53 -36.00 -76.10
N ASP B 446 -24.66 -34.67 -76.07
CA ASP B 446 -23.83 -33.78 -76.88
C ASP B 446 -22.40 -33.78 -76.35
N THR B 447 -22.25 -33.70 -75.01
CA THR B 447 -20.93 -33.72 -74.38
C THR B 447 -20.20 -35.02 -74.70
N GLU B 448 -20.91 -36.14 -74.54
CA GLU B 448 -20.29 -37.43 -74.82
C GLU B 448 -19.88 -37.51 -76.28
N GLU B 449 -20.76 -37.08 -77.19
CA GLU B 449 -20.49 -37.18 -78.62
C GLU B 449 -19.25 -36.36 -78.97
N ILE B 450 -19.14 -35.17 -78.38
CA ILE B 450 -18.02 -34.28 -78.66
C ILE B 450 -16.73 -34.92 -78.15
N MET B 451 -16.79 -35.48 -76.95
CA MET B 451 -15.58 -36.04 -76.36
C MET B 451 -15.14 -37.29 -77.13
N ILE B 452 -16.10 -38.12 -77.56
CA ILE B 452 -15.77 -39.30 -78.35
C ILE B 452 -15.20 -38.88 -79.70
N SER B 453 -15.69 -37.75 -80.23
CA SER B 453 -15.20 -37.25 -81.50
C SER B 453 -13.75 -36.79 -81.37
N LYS B 454 -13.47 -35.98 -80.34
CA LYS B 454 -12.10 -35.52 -80.11
C LYS B 454 -11.19 -36.74 -79.97
N LEU B 455 -11.67 -37.77 -79.25
CA LEU B 455 -10.89 -38.96 -79.01
C LEU B 455 -10.61 -39.68 -80.33
N ALA B 456 -11.64 -39.80 -81.19
CA ALA B 456 -11.47 -40.47 -82.47
C ALA B 456 -10.47 -39.71 -83.34
N ARG B 457 -10.49 -38.37 -83.23
CA ARG B 457 -9.57 -37.50 -83.95
C ARG B 457 -8.17 -37.60 -83.35
N GLN B 458 -8.07 -38.06 -82.10
CA GLN B 458 -6.80 -38.37 -81.49
C GLN B 458 -6.26 -39.69 -82.03
N ILE B 459 -7.16 -40.67 -82.24
CA ILE B 459 -6.79 -42.01 -82.67
C ILE B 459 -6.24 -42.03 -84.10
N ASP B 460 -6.94 -41.37 -85.03
CA ASP B 460 -6.54 -41.35 -86.43
C ASP B 460 -5.32 -40.45 -86.64
N GLY B 461 -4.98 -39.63 -85.62
CA GLY B 461 -3.77 -38.82 -85.63
C GLY B 461 -3.97 -37.43 -86.24
N SER B 462 -5.21 -37.12 -86.62
CA SER B 462 -5.55 -35.87 -87.30
C SER B 462 -5.37 -34.70 -86.36
N GLU B 463 -5.73 -34.87 -85.07
CA GLU B 463 -5.59 -33.81 -84.09
C GLU B 463 -4.63 -34.23 -82.99
N TRP B 464 -3.74 -35.19 -83.29
CA TRP B 464 -2.82 -35.72 -82.30
C TRP B 464 -1.75 -34.68 -81.94
N SER B 465 -1.63 -34.40 -80.64
CA SER B 465 -0.51 -33.68 -80.06
C SER B 465 -0.54 -33.89 -78.55
N TRP B 466 0.62 -33.76 -77.89
CA TRP B 466 0.67 -33.98 -76.45
C TRP B 466 -0.33 -33.06 -75.77
N HIS B 467 -0.38 -31.81 -76.20
CA HIS B 467 -1.25 -30.83 -75.56
C HIS B 467 -2.71 -31.20 -75.80
N ASN B 468 -3.03 -31.69 -77.00
CA ASN B 468 -4.41 -31.99 -77.32
C ASN B 468 -4.89 -33.17 -76.48
N ILE B 469 -4.09 -34.22 -76.42
CA ILE B 469 -4.47 -35.41 -75.70
C ILE B 469 -4.55 -35.12 -74.20
N ASN B 470 -3.66 -34.26 -73.69
CA ASN B 470 -3.68 -33.89 -72.29
C ASN B 470 -4.96 -33.13 -71.98
N THR B 471 -5.27 -32.18 -72.86
CA THR B 471 -6.42 -31.32 -72.67
C THR B 471 -7.68 -32.18 -72.69
N LEU B 472 -7.77 -33.07 -73.68
CA LEU B 472 -8.94 -33.92 -73.84
C LEU B 472 -9.12 -34.78 -72.60
N SER B 473 -8.00 -35.30 -72.10
CA SER B 473 -8.03 -36.16 -70.93
C SER B 473 -8.53 -35.37 -69.72
N TRP B 474 -8.00 -34.14 -69.55
CA TRP B 474 -8.41 -33.33 -68.42
C TRP B 474 -9.91 -33.10 -68.45
N ALA B 475 -10.41 -32.84 -69.67
CA ALA B 475 -11.82 -32.59 -69.96
C ALA B 475 -12.65 -33.82 -69.60
N ILE B 476 -12.22 -34.99 -70.11
CA ILE B 476 -12.95 -36.21 -69.84
C ILE B 476 -13.00 -36.42 -68.32
N GLY B 477 -11.88 -36.14 -67.64
CA GLY B 477 -11.80 -36.31 -66.21
C GLY B 477 -12.64 -35.30 -65.44
N SER B 478 -12.86 -34.13 -66.03
CA SER B 478 -13.53 -33.03 -65.35
C SER B 478 -15.01 -33.34 -65.15
N ILE B 479 -15.61 -34.12 -66.06
CA ILE B 479 -17.05 -34.36 -66.01
C ILE B 479 -17.34 -35.63 -65.23
N SER B 480 -16.36 -36.05 -64.44
CA SER B 480 -16.58 -37.25 -63.65
C SER B 480 -17.71 -36.99 -62.67
N GLY B 481 -18.62 -37.96 -62.56
CA GLY B 481 -19.64 -37.96 -61.53
C GLY B 481 -20.89 -37.21 -62.00
N THR B 482 -21.00 -37.02 -63.32
CA THR B 482 -22.13 -36.29 -63.87
C THR B 482 -23.08 -37.26 -64.56
N MET B 483 -22.53 -38.28 -65.23
CA MET B 483 -23.36 -39.26 -65.91
C MET B 483 -23.88 -40.27 -64.88
N SER B 484 -24.88 -41.07 -65.28
CA SER B 484 -25.34 -42.19 -64.47
C SER B 484 -24.24 -43.24 -64.46
N GLU B 485 -24.21 -44.08 -63.41
CA GLU B 485 -23.11 -45.02 -63.29
C GLU B 485 -23.06 -45.94 -64.51
N ASP B 486 -24.22 -46.28 -65.08
CA ASP B 486 -24.27 -47.12 -66.27
C ASP B 486 -23.64 -46.42 -67.48
N THR B 487 -24.05 -45.17 -67.68
CA THR B 487 -23.54 -44.38 -68.78
C THR B 487 -22.05 -44.10 -68.57
N GLU B 488 -21.70 -43.83 -67.30
CA GLU B 488 -20.32 -43.56 -66.94
C GLU B 488 -19.48 -44.80 -67.21
N LYS B 489 -20.04 -45.97 -66.89
CA LYS B 489 -19.37 -47.25 -67.12
C LYS B 489 -19.01 -47.39 -68.60
N ARG B 490 -20.00 -47.21 -69.49
N ARG B 490 -19.99 -47.20 -69.48
CA ARG B 490 -19.81 -47.40 -70.91
CA ARG B 490 -19.78 -47.40 -70.90
C ARG B 490 -18.84 -46.34 -71.44
C ARG B 490 -18.83 -46.34 -71.45
N PHE B 491 -18.92 -45.12 -70.90
CA PHE B 491 -18.12 -44.03 -71.39
C PHE B 491 -16.65 -44.29 -71.07
N VAL B 492 -16.40 -44.64 -69.80
CA VAL B 492 -15.05 -44.84 -69.30
C VAL B 492 -14.42 -46.02 -70.01
N VAL B 493 -15.19 -47.11 -70.18
CA VAL B 493 -14.74 -48.29 -70.90
C VAL B 493 -14.24 -47.89 -72.29
N THR B 494 -15.04 -47.09 -73.01
CA THR B 494 -14.72 -46.66 -74.37
C THR B 494 -13.44 -45.83 -74.33
N VAL B 495 -13.39 -44.87 -73.41
CA VAL B 495 -12.27 -43.93 -73.39
C VAL B 495 -10.98 -44.68 -73.09
N ILE B 496 -11.02 -45.56 -72.10
CA ILE B 496 -9.81 -46.26 -71.70
C ILE B 496 -9.36 -47.20 -72.83
N LYS B 497 -10.31 -47.93 -73.42
CA LYS B 497 -10.01 -48.87 -74.49
C LYS B 497 -9.37 -48.13 -75.67
N ASP B 498 -9.94 -47.00 -76.05
CA ASP B 498 -9.43 -46.23 -77.18
C ASP B 498 -8.02 -45.76 -76.88
N LEU B 499 -7.81 -45.27 -75.65
CA LEU B 499 -6.52 -44.73 -75.24
C LEU B 499 -5.46 -45.82 -75.19
N LEU B 500 -5.84 -47.02 -74.79
CA LEU B 500 -4.91 -48.14 -74.81
C LEU B 500 -4.53 -48.49 -76.24
N ASP B 501 -5.52 -48.52 -77.16
CA ASP B 501 -5.25 -48.80 -78.55
C ASP B 501 -4.35 -47.72 -79.13
N LEU B 502 -4.60 -46.46 -78.73
CA LEU B 502 -3.79 -45.34 -79.16
C LEU B 502 -2.34 -45.55 -78.71
N THR B 503 -2.15 -45.98 -77.46
CA THR B 503 -0.81 -46.19 -76.94
C THR B 503 -0.08 -47.24 -77.77
N VAL B 504 -0.79 -48.31 -78.17
CA VAL B 504 -0.17 -49.35 -78.97
C VAL B 504 0.22 -48.77 -80.33
N LYS B 505 -0.66 -47.92 -80.89
CA LYS B 505 -0.47 -47.34 -82.22
C LYS B 505 0.63 -46.29 -82.22
N LYS B 506 0.72 -45.47 -81.15
CA LYS B 506 1.76 -44.45 -81.05
C LYS B 506 3.12 -45.12 -80.97
N ARG B 507 4.08 -44.51 -81.67
CA ARG B 507 5.47 -44.93 -81.65
C ARG B 507 6.27 -43.94 -80.81
N GLY B 508 7.38 -44.42 -80.24
CA GLY B 508 8.24 -43.61 -79.40
C GLY B 508 7.91 -43.82 -77.93
N LYS B 509 8.94 -43.80 -77.08
CA LYS B 509 8.72 -43.93 -75.65
C LYS B 509 8.05 -42.68 -75.11
N ASP B 510 8.38 -41.51 -75.72
CA ASP B 510 7.78 -40.24 -75.33
C ASP B 510 6.27 -40.30 -75.45
N ASN B 511 5.80 -40.61 -76.66
CA ASN B 511 4.38 -40.60 -76.98
C ASN B 511 3.64 -41.61 -76.10
N LYS B 512 4.20 -42.82 -75.97
CA LYS B 512 3.56 -43.85 -75.18
C LYS B 512 3.41 -43.38 -73.73
N ALA B 513 4.48 -42.75 -73.21
CA ALA B 513 4.46 -42.25 -71.84
C ALA B 513 3.34 -41.21 -71.66
N VAL B 514 3.21 -40.31 -72.63
CA VAL B 514 2.22 -39.25 -72.60
C VAL B 514 0.83 -39.86 -72.50
N VAL B 515 0.54 -40.80 -73.40
CA VAL B 515 -0.79 -41.40 -73.51
C VAL B 515 -1.03 -42.24 -72.26
N ALA B 516 -0.01 -42.99 -71.82
CA ALA B 516 -0.21 -43.79 -70.63
C ALA B 516 -0.53 -42.89 -69.44
N SER B 517 0.23 -41.79 -69.28
CA SER B 517 0.01 -40.90 -68.14
C SER B 517 -1.40 -40.35 -68.18
N ASP B 518 -1.92 -40.11 -69.40
CA ASP B 518 -3.28 -39.65 -69.62
C ASP B 518 -4.28 -40.71 -69.19
N ILE B 519 -4.00 -41.97 -69.54
CA ILE B 519 -4.83 -43.10 -69.15
C ILE B 519 -4.95 -43.15 -67.64
N MET B 520 -3.82 -42.97 -66.95
CA MET B 520 -3.82 -43.06 -65.51
C MET B 520 -4.58 -41.87 -64.92
N TYR B 521 -4.40 -40.68 -65.52
CA TYR B 521 -5.11 -39.52 -65.02
C TYR B 521 -6.61 -39.76 -65.14
N VAL B 522 -7.06 -40.25 -66.30
CA VAL B 522 -8.49 -40.51 -66.54
C VAL B 522 -9.00 -41.52 -65.52
N VAL B 523 -8.29 -42.64 -65.34
CA VAL B 523 -8.77 -43.65 -64.41
C VAL B 523 -8.82 -43.09 -63.00
N GLY B 524 -7.82 -42.29 -62.64
CA GLY B 524 -7.75 -41.66 -61.33
C GLY B 524 -8.90 -40.68 -61.11
N GLN B 525 -9.46 -40.22 -62.23
CA GLN B 525 -10.52 -39.23 -62.17
C GLN B 525 -11.89 -39.90 -62.02
N TYR B 526 -11.96 -41.22 -62.25
CA TYR B 526 -13.22 -41.94 -62.16
C TYR B 526 -13.17 -42.99 -61.07
N PRO B 527 -13.16 -42.59 -59.77
CA PRO B 527 -13.05 -43.56 -58.68
C PRO B 527 -14.26 -44.49 -58.61
N ARG B 528 -15.41 -44.02 -59.10
CA ARG B 528 -16.61 -44.84 -59.00
C ARG B 528 -16.46 -46.10 -59.84
N PHE B 529 -15.78 -45.97 -60.99
CA PHE B 529 -15.60 -47.09 -61.88
C PHE B 529 -14.64 -48.10 -61.25
N LEU B 530 -13.63 -47.59 -60.54
CA LEU B 530 -12.64 -48.43 -59.90
C LEU B 530 -13.29 -49.22 -58.77
N LYS B 531 -14.16 -48.56 -58.00
CA LYS B 531 -14.81 -49.18 -56.85
C LYS B 531 -15.76 -50.28 -57.29
N ALA B 532 -16.39 -50.11 -58.46
CA ALA B 532 -17.41 -51.02 -58.93
C ALA B 532 -16.77 -52.24 -59.60
N HIS B 533 -15.47 -52.17 -59.90
CA HIS B 533 -14.80 -53.23 -60.64
C HIS B 533 -13.41 -53.49 -60.07
N TRP B 534 -13.30 -54.44 -59.13
CA TRP B 534 -12.07 -54.67 -58.39
C TRP B 534 -10.95 -55.13 -59.31
N ASN B 535 -11.24 -56.10 -60.18
CA ASN B 535 -10.26 -56.63 -61.12
C ASN B 535 -9.55 -55.46 -61.81
N PHE B 536 -10.31 -54.47 -62.33
CA PHE B 536 -9.73 -53.32 -63.01
C PHE B 536 -8.82 -52.53 -62.07
N LEU B 537 -9.32 -52.28 -60.85
CA LEU B 537 -8.58 -51.51 -59.88
C LEU B 537 -7.24 -52.21 -59.61
N ARG B 538 -7.27 -53.53 -59.45
CA ARG B 538 -6.06 -54.28 -59.19
C ARG B 538 -5.10 -54.13 -60.38
N THR B 539 -5.63 -54.29 -61.61
CA THR B 539 -4.81 -54.25 -62.81
C THR B 539 -4.11 -52.90 -62.91
N VAL B 540 -4.85 -51.84 -62.57
CA VAL B 540 -4.32 -50.48 -62.61
C VAL B 540 -3.22 -50.34 -61.57
N ILE B 541 -3.50 -50.75 -60.33
CA ILE B 541 -2.53 -50.62 -59.25
C ILE B 541 -1.25 -51.38 -59.60
N LEU B 542 -1.40 -52.60 -60.13
CA LEU B 542 -0.21 -53.36 -60.49
C LEU B 542 0.53 -52.65 -61.61
N LYS B 543 -0.22 -52.16 -62.61
CA LYS B 543 0.40 -51.46 -63.72
C LYS B 543 1.18 -50.25 -63.21
N LEU B 544 0.63 -49.58 -62.18
CA LEU B 544 1.31 -48.44 -61.59
C LEU B 544 2.58 -48.93 -60.92
N PHE B 545 2.49 -50.05 -60.18
CA PHE B 545 3.67 -50.59 -59.55
C PHE B 545 4.72 -50.84 -60.63
N GLU B 546 4.30 -51.42 -61.75
CA GLU B 546 5.21 -51.73 -62.85
C GLU B 546 5.85 -50.45 -63.34
N PHE B 547 5.06 -49.36 -63.38
CA PHE B 547 5.55 -48.08 -63.88
C PHE B 547 6.56 -47.50 -62.92
N MET B 548 6.47 -47.92 -61.66
CA MET B 548 7.33 -47.36 -60.62
C MET B 548 8.79 -47.77 -60.84
N HIS B 549 9.04 -48.67 -61.81
CA HIS B 549 10.40 -49.05 -62.14
C HIS B 549 10.85 -48.43 -63.46
N GLU B 550 10.02 -47.54 -64.04
CA GLU B 550 10.32 -46.95 -65.33
C GLU B 550 11.14 -45.68 -65.14
N THR B 551 12.28 -45.61 -65.84
CA THR B 551 13.22 -44.53 -65.58
C THR B 551 12.87 -43.31 -66.43
N HIS B 552 11.94 -43.48 -67.39
CA HIS B 552 11.53 -42.41 -68.29
C HIS B 552 11.08 -41.20 -67.48
N GLU B 553 11.59 -40.03 -67.86
CA GLU B 553 11.50 -38.84 -67.03
C GLU B 553 10.03 -38.50 -66.78
N GLY B 554 9.61 -38.55 -65.51
CA GLY B 554 8.25 -38.13 -65.15
C GLY B 554 7.31 -39.30 -64.89
N VAL B 555 7.62 -40.47 -65.47
CA VAL B 555 6.73 -41.62 -65.37
C VAL B 555 6.57 -42.07 -63.92
N GLN B 556 7.67 -42.09 -63.15
CA GLN B 556 7.61 -42.59 -61.79
C GLN B 556 6.76 -41.66 -60.92
N ASP B 557 6.97 -40.36 -61.09
CA ASP B 557 6.15 -39.39 -60.36
C ASP B 557 4.68 -39.54 -60.73
N MET B 558 4.41 -39.85 -62.00
CA MET B 558 3.05 -40.01 -62.48
C MET B 558 2.43 -41.21 -61.78
N ALA B 559 3.19 -42.30 -61.71
CA ALA B 559 2.71 -43.54 -61.12
C ALA B 559 2.45 -43.34 -59.63
N CYS B 560 3.34 -42.62 -58.95
CA CYS B 560 3.16 -42.43 -57.51
C CYS B 560 1.95 -41.54 -57.26
N ASP B 561 1.84 -40.46 -58.04
CA ASP B 561 0.76 -39.50 -57.91
C ASP B 561 -0.58 -40.20 -58.13
N THR B 562 -0.66 -41.02 -59.19
CA THR B 562 -1.87 -41.76 -59.53
C THR B 562 -2.22 -42.72 -58.40
N PHE B 563 -1.20 -43.43 -57.89
CA PHE B 563 -1.37 -44.43 -56.85
C PHE B 563 -2.00 -43.78 -55.63
N ILE B 564 -1.39 -42.69 -55.16
CA ILE B 564 -1.84 -42.09 -53.92
C ILE B 564 -3.21 -41.45 -54.15
N LYS B 565 -3.41 -40.89 -55.35
CA LYS B 565 -4.69 -40.32 -55.72
C LYS B 565 -5.75 -41.42 -55.71
N ILE B 566 -5.46 -42.56 -56.33
CA ILE B 566 -6.45 -43.62 -56.41
C ILE B 566 -6.77 -44.13 -55.01
N VAL B 567 -5.77 -44.22 -54.13
CA VAL B 567 -6.04 -44.79 -52.82
C VAL B 567 -6.84 -43.80 -51.98
N GLN B 568 -6.61 -42.50 -52.17
N GLN B 568 -6.61 -42.50 -52.17
CA GLN B 568 -7.30 -41.49 -51.39
CA GLN B 568 -7.31 -41.49 -51.40
C GLN B 568 -8.81 -41.70 -51.54
C GLN B 568 -8.81 -41.70 -51.54
N LYS B 569 -9.23 -42.15 -52.73
CA LYS B 569 -10.64 -42.27 -53.05
C LYS B 569 -11.14 -43.71 -52.84
N CYS B 570 -10.24 -44.69 -52.99
CA CYS B 570 -10.66 -46.08 -53.10
C CYS B 570 -10.08 -46.92 -51.97
N LYS B 571 -9.76 -46.26 -50.84
CA LYS B 571 -9.02 -46.89 -49.75
C LYS B 571 -9.73 -48.15 -49.27
N TYR B 572 -11.07 -48.09 -49.24
CA TYR B 572 -11.85 -49.18 -48.65
C TYR B 572 -11.57 -50.48 -49.39
N HIS B 573 -11.22 -50.41 -50.68
CA HIS B 573 -11.17 -51.62 -51.46
C HIS B 573 -9.83 -52.31 -51.28
N PHE B 574 -8.93 -51.66 -50.51
CA PHE B 574 -7.63 -52.25 -50.27
C PHE B 574 -7.61 -52.97 -48.93
N VAL B 575 -8.42 -52.50 -47.97
CA VAL B 575 -8.39 -53.04 -46.62
C VAL B 575 -9.32 -54.24 -46.47
N ILE B 576 -10.29 -54.36 -47.37
CA ILE B 576 -11.29 -55.42 -47.29
C ILE B 576 -10.82 -56.56 -48.17
N GLN B 577 -11.22 -57.78 -47.81
CA GLN B 577 -10.87 -58.92 -48.65
C GLN B 577 -11.92 -59.00 -49.73
N GLN B 578 -11.51 -58.67 -50.96
CA GLN B 578 -12.43 -58.75 -52.08
C GLN B 578 -12.47 -60.22 -52.43
N PRO B 579 -13.62 -60.92 -52.31
CA PRO B 579 -13.68 -62.33 -52.70
C PRO B 579 -12.97 -62.36 -54.07
N ARG B 580 -12.22 -63.43 -54.35
CA ARG B 580 -11.36 -63.53 -55.52
C ARG B 580 -9.95 -63.18 -55.06
N GLU B 581 -9.85 -62.70 -53.82
CA GLU B 581 -8.58 -62.35 -53.21
C GLU B 581 -8.56 -63.01 -51.83
N SER B 582 -7.42 -63.58 -51.46
CA SER B 582 -7.28 -64.34 -50.23
C SER B 582 -6.83 -63.46 -49.07
N GLU B 583 -6.67 -62.15 -49.35
CA GLU B 583 -6.10 -61.27 -48.35
C GLU B 583 -6.38 -59.84 -48.76
N PRO B 584 -6.59 -58.92 -47.80
CA PRO B 584 -6.72 -57.51 -48.14
C PRO B 584 -5.54 -57.14 -49.05
N PHE B 585 -5.77 -56.38 -50.13
CA PHE B 585 -4.69 -56.09 -51.06
C PHE B 585 -3.59 -55.25 -50.40
N ILE B 586 -3.92 -54.60 -49.27
CA ILE B 586 -2.93 -53.84 -48.51
C ILE B 586 -1.81 -54.77 -48.05
N GLN B 587 -2.15 -56.00 -47.67
CA GLN B 587 -1.16 -56.97 -47.26
C GLN B 587 -0.26 -57.30 -48.46
N THR B 588 -0.85 -57.43 -49.65
CA THR B 588 -0.09 -57.74 -50.86
C THR B 588 0.88 -56.61 -51.18
N ILE B 589 0.42 -55.37 -51.00
CA ILE B 589 1.21 -54.18 -51.27
C ILE B 589 2.37 -54.13 -50.28
N ILE B 590 2.08 -54.38 -49.00
CA ILE B 590 3.08 -54.29 -47.94
C ILE B 590 4.12 -55.40 -48.11
N ARG B 591 3.67 -56.60 -48.51
CA ARG B 591 4.60 -57.69 -48.74
C ARG B 591 5.71 -57.26 -49.69
N ASP B 592 5.33 -56.72 -50.85
CA ASP B 592 6.31 -56.58 -51.91
C ASP B 592 6.88 -55.17 -51.95
N ILE B 593 6.68 -54.41 -50.87
CA ILE B 593 6.99 -52.98 -50.87
C ILE B 593 8.46 -52.74 -51.24
N GLN B 594 9.34 -53.67 -50.86
CA GLN B 594 10.76 -53.50 -51.13
C GLN B 594 10.96 -53.51 -52.65
N LYS B 595 10.35 -54.51 -53.29
CA LYS B 595 10.56 -54.78 -54.71
C LYS B 595 9.91 -53.65 -55.51
N THR B 596 8.68 -53.30 -55.12
CA THR B 596 7.88 -52.28 -55.76
C THR B 596 8.62 -50.94 -55.76
N THR B 597 9.17 -50.56 -54.60
CA THR B 597 9.66 -49.20 -54.44
C THR B 597 11.17 -49.13 -54.63
N ALA B 598 11.76 -50.21 -55.16
CA ALA B 598 13.21 -50.35 -55.22
C ALA B 598 13.82 -49.23 -56.07
N ASP B 599 13.15 -48.87 -57.17
CA ASP B 599 13.71 -47.97 -58.16
C ASP B 599 13.24 -46.53 -57.93
N LEU B 600 12.32 -46.33 -57.00
CA LEU B 600 11.78 -45.01 -56.74
C LEU B 600 12.84 -44.12 -56.09
N GLN B 601 12.71 -42.82 -56.31
CA GLN B 601 13.46 -41.80 -55.60
C GLN B 601 13.01 -41.78 -54.15
N PRO B 602 13.83 -41.26 -53.19
CA PRO B 602 13.46 -41.25 -51.78
C PRO B 602 12.07 -40.66 -51.55
N GLN B 603 11.80 -39.52 -52.21
CA GLN B 603 10.57 -38.80 -51.95
C GLN B 603 9.37 -39.58 -52.50
N GLN B 604 9.58 -40.26 -53.62
CA GLN B 604 8.57 -41.13 -54.19
C GLN B 604 8.31 -42.31 -53.25
N VAL B 605 9.37 -42.80 -52.60
CA VAL B 605 9.18 -43.88 -51.65
C VAL B 605 8.28 -43.36 -50.53
N HIS B 606 8.62 -42.17 -50.01
CA HIS B 606 7.83 -41.57 -48.95
C HIS B 606 6.37 -41.46 -49.36
N THR B 607 6.11 -41.07 -50.62
CA THR B 607 4.74 -40.97 -51.12
C THR B 607 4.06 -42.33 -51.12
N PHE B 608 4.82 -43.36 -51.49
CA PHE B 608 4.30 -44.71 -51.51
C PHE B 608 3.90 -45.12 -50.09
N TYR B 609 4.75 -44.81 -49.11
CA TYR B 609 4.41 -45.16 -47.74
C TYR B 609 3.19 -44.37 -47.27
N LYS B 610 3.12 -43.10 -47.68
CA LYS B 610 2.00 -42.24 -47.34
C LYS B 610 0.72 -42.88 -47.89
N ALA B 611 0.81 -43.42 -49.11
CA ALA B 611 -0.35 -44.05 -49.71
C ALA B 611 -0.76 -45.24 -48.86
N CYS B 612 0.24 -46.04 -48.46
CA CYS B 612 -0.06 -47.25 -47.72
C CYS B 612 -0.70 -46.89 -46.38
N GLY B 613 -0.24 -45.78 -45.80
CA GLY B 613 -0.82 -45.25 -44.57
C GLY B 613 -2.30 -44.86 -44.74
N ILE B 614 -2.60 -44.19 -45.85
CA ILE B 614 -3.98 -43.83 -46.17
C ILE B 614 -4.82 -45.10 -46.10
N ILE B 615 -4.32 -46.16 -46.75
CA ILE B 615 -5.03 -47.42 -46.87
C ILE B 615 -5.19 -48.02 -45.47
N ILE B 616 -4.09 -48.06 -44.70
CA ILE B 616 -4.09 -48.74 -43.42
C ILE B 616 -5.12 -48.10 -42.49
N SER B 617 -5.23 -46.76 -42.51
CA SER B 617 -6.13 -46.09 -41.58
C SER B 617 -7.58 -46.44 -41.84
N GLU B 618 -7.84 -47.16 -42.95
CA GLU B 618 -9.18 -47.61 -43.28
C GLU B 618 -9.57 -48.83 -42.46
N GLU B 619 -8.58 -49.67 -42.11
CA GLU B 619 -8.81 -50.82 -41.24
C GLU B 619 -9.17 -50.33 -39.84
N ARG B 620 -10.34 -50.74 -39.38
CA ARG B 620 -10.92 -50.17 -38.17
C ARG B 620 -10.57 -51.01 -36.93
N SER B 621 -10.24 -52.29 -37.13
CA SER B 621 -9.79 -53.13 -36.03
C SER B 621 -8.38 -52.70 -35.62
N VAL B 622 -8.24 -52.31 -34.34
CA VAL B 622 -6.99 -51.72 -33.90
C VAL B 622 -5.86 -52.73 -34.06
N ALA B 623 -6.17 -53.99 -33.76
CA ALA B 623 -5.17 -55.04 -33.80
C ALA B 623 -4.63 -55.18 -35.21
N GLU B 624 -5.55 -55.32 -36.17
CA GLU B 624 -5.14 -55.61 -37.53
C GLU B 624 -4.47 -54.38 -38.13
N ARG B 625 -4.91 -53.20 -37.67
CA ARG B 625 -4.39 -51.97 -38.23
C ARG B 625 -2.96 -51.80 -37.76
N ASN B 626 -2.76 -52.00 -36.45
CA ASN B 626 -1.44 -51.91 -35.86
C ASN B 626 -0.47 -52.88 -36.52
N ARG B 627 -0.96 -54.09 -36.84
CA ARG B 627 -0.10 -55.07 -37.49
C ARG B 627 0.30 -54.58 -38.88
N LEU B 628 -0.69 -54.07 -39.63
CA LEU B 628 -0.44 -53.54 -40.97
C LEU B 628 0.58 -52.40 -40.91
N LEU B 629 0.39 -51.50 -39.94
CA LEU B 629 1.31 -50.40 -39.72
C LEU B 629 2.72 -50.92 -39.41
N SER B 630 2.81 -51.90 -38.49
CA SER B 630 4.07 -52.53 -38.13
C SER B 630 4.73 -53.16 -39.36
N ASP B 631 3.96 -53.95 -40.13
CA ASP B 631 4.50 -54.60 -41.31
C ASP B 631 5.08 -53.57 -42.28
N LEU B 632 4.32 -52.49 -42.49
CA LEU B 632 4.69 -51.42 -43.41
C LEU B 632 5.98 -50.77 -42.95
N MET B 633 6.07 -50.51 -41.64
CA MET B 633 7.19 -49.77 -41.10
C MET B 633 8.40 -50.66 -40.84
N GLN B 634 8.31 -51.95 -41.18
CA GLN B 634 9.38 -52.91 -40.84
C GLN B 634 10.75 -52.45 -41.35
N LEU B 635 10.89 -52.22 -42.66
CA LEU B 635 12.20 -51.86 -43.20
C LEU B 635 12.78 -50.65 -42.47
N PRO B 636 12.12 -49.46 -42.44
CA PRO B 636 12.66 -48.32 -41.72
C PRO B 636 12.85 -48.62 -40.23
N ASN B 637 11.95 -49.42 -39.66
CA ASN B 637 12.06 -49.78 -38.25
C ASN B 637 13.36 -50.53 -37.99
N MET B 638 13.70 -51.45 -38.90
CA MET B 638 14.85 -52.30 -38.75
C MET B 638 16.11 -51.47 -38.92
N ALA B 639 16.15 -50.61 -39.95
CA ALA B 639 17.33 -49.78 -40.13
C ALA B 639 17.45 -48.82 -38.95
N TRP B 640 16.31 -48.44 -38.35
CA TRP B 640 16.29 -47.52 -37.22
C TRP B 640 16.88 -48.19 -35.99
N ASP B 641 16.51 -49.47 -35.79
CA ASP B 641 17.01 -50.24 -34.67
C ASP B 641 18.53 -50.35 -34.76
N THR B 642 19.04 -50.78 -35.92
CA THR B 642 20.47 -50.99 -36.08
C THR B 642 21.20 -49.66 -35.94
N ILE B 643 20.50 -48.55 -36.18
CA ILE B 643 21.19 -47.26 -36.19
C ILE B 643 21.19 -46.66 -34.78
N VAL B 644 20.12 -46.92 -34.03
CA VAL B 644 20.03 -46.40 -32.68
C VAL B 644 21.06 -47.12 -31.83
N GLU B 645 21.26 -48.39 -32.12
CA GLU B 645 22.23 -49.17 -31.36
C GLU B 645 23.62 -48.61 -31.60
N GLN B 646 23.93 -48.33 -32.86
CA GLN B 646 25.28 -47.88 -33.19
C GLN B 646 25.50 -46.46 -32.68
N SER B 647 24.45 -45.62 -32.72
CA SER B 647 24.57 -44.24 -32.29
C SER B 647 24.76 -44.15 -30.79
N THR B 648 23.92 -44.87 -30.04
CA THR B 648 24.02 -44.87 -28.58
C THR B 648 25.45 -45.22 -28.20
N ALA B 649 25.98 -46.26 -28.85
CA ALA B 649 27.31 -46.80 -28.58
C ALA B 649 28.40 -45.89 -29.14
N ASN B 650 28.30 -45.55 -30.43
CA ASN B 650 29.27 -44.72 -31.10
C ASN B 650 28.62 -43.39 -31.52
N PRO B 651 28.86 -42.25 -30.81
CA PRO B 651 28.31 -40.97 -31.20
C PRO B 651 28.81 -40.49 -32.56
N THR B 652 30.03 -40.91 -32.91
CA THR B 652 30.70 -40.52 -34.15
C THR B 652 29.93 -40.91 -35.41
N LEU B 653 28.97 -41.84 -35.31
CA LEU B 653 28.21 -42.25 -36.47
C LEU B 653 27.50 -41.06 -37.09
N LEU B 654 27.11 -40.07 -36.27
CA LEU B 654 26.41 -38.92 -36.81
C LEU B 654 27.34 -38.01 -37.61
N LEU B 655 28.63 -38.36 -37.68
CA LEU B 655 29.52 -37.61 -38.53
C LEU B 655 29.52 -38.18 -39.95
N ASP B 656 29.06 -39.43 -40.08
CA ASP B 656 29.00 -40.16 -41.32
C ASP B 656 27.82 -39.66 -42.13
N SER B 657 28.11 -39.12 -43.33
CA SER B 657 27.05 -38.50 -44.12
C SER B 657 26.06 -39.57 -44.58
N GLU B 658 26.54 -40.79 -44.79
CA GLU B 658 25.68 -41.87 -45.24
C GLU B 658 24.66 -42.23 -44.15
N THR B 659 25.07 -42.11 -42.89
CA THR B 659 24.20 -42.45 -41.78
C THR B 659 23.14 -41.36 -41.66
N VAL B 660 23.58 -40.10 -41.79
CA VAL B 660 22.69 -38.96 -41.66
C VAL B 660 21.61 -39.08 -42.71
N LYS B 661 21.99 -39.47 -43.93
CA LYS B 661 21.06 -39.70 -45.01
C LYS B 661 20.01 -40.72 -44.57
N ILE B 662 20.50 -41.90 -44.15
CA ILE B 662 19.61 -42.99 -43.80
C ILE B 662 18.63 -42.55 -42.70
N ILE B 663 19.15 -41.80 -41.72
CA ILE B 663 18.35 -41.35 -40.60
C ILE B 663 17.26 -40.39 -41.09
N ALA B 664 17.66 -39.42 -41.92
CA ALA B 664 16.73 -38.49 -42.52
C ALA B 664 15.61 -39.28 -43.21
N ASN B 665 15.96 -40.26 -44.06
CA ASN B 665 14.95 -41.00 -44.81
C ASN B 665 14.02 -41.76 -43.86
N ILE B 666 14.57 -42.24 -42.75
CA ILE B 666 13.75 -42.99 -41.81
C ILE B 666 12.69 -42.07 -41.23
N ILE B 667 13.12 -40.91 -40.73
CA ILE B 667 12.21 -39.97 -40.10
C ILE B 667 11.23 -39.43 -41.14
N LYS B 668 11.70 -39.22 -42.37
CA LYS B 668 10.83 -38.74 -43.43
C LYS B 668 9.72 -39.77 -43.70
N THR B 669 10.07 -41.06 -43.71
CA THR B 669 9.10 -42.11 -43.92
C THR B 669 8.09 -42.09 -42.77
N ASN B 670 8.57 -41.79 -41.56
CA ASN B 670 7.66 -41.74 -40.42
C ASN B 670 6.70 -40.58 -40.61
N VAL B 671 7.24 -39.44 -41.06
CA VAL B 671 6.46 -38.24 -41.31
C VAL B 671 5.37 -38.55 -42.33
N ALA B 672 5.74 -39.23 -43.43
CA ALA B 672 4.80 -39.56 -44.49
C ALA B 672 3.64 -40.37 -43.93
N VAL B 673 3.96 -41.46 -43.23
CA VAL B 673 2.95 -42.38 -42.74
C VAL B 673 2.10 -41.69 -41.68
N CYS B 674 2.74 -40.82 -40.88
CA CYS B 674 2.02 -40.12 -39.83
C CYS B 674 1.03 -39.14 -40.44
N THR B 675 1.46 -38.48 -41.54
CA THR B 675 0.57 -37.59 -42.28
C THR B 675 -0.73 -38.32 -42.63
N SER B 676 -0.62 -39.50 -43.24
CA SER B 676 -1.78 -40.24 -43.73
C SER B 676 -2.60 -40.81 -42.58
N MET B 677 -1.96 -41.13 -41.45
CA MET B 677 -2.54 -42.04 -40.47
C MET B 677 -2.97 -41.32 -39.20
N GLY B 678 -2.36 -40.15 -38.94
CA GLY B 678 -2.91 -39.28 -37.91
C GLY B 678 -2.86 -39.93 -36.54
N ALA B 679 -4.00 -39.96 -35.81
CA ALA B 679 -4.00 -40.48 -34.46
C ALA B 679 -3.58 -41.95 -34.47
N ASP B 680 -3.93 -42.64 -35.57
CA ASP B 680 -3.69 -44.07 -35.71
C ASP B 680 -2.19 -44.38 -35.74
N PHE B 681 -1.35 -43.35 -35.90
CA PHE B 681 0.07 -43.57 -36.08
C PHE B 681 0.77 -43.76 -34.74
N TYR B 682 0.05 -43.56 -33.64
CA TYR B 682 0.66 -43.46 -32.32
C TYR B 682 1.58 -44.65 -32.00
N PRO B 683 1.14 -45.92 -32.22
CA PRO B 683 2.02 -47.08 -32.05
C PRO B 683 3.41 -46.90 -32.66
N GLN B 684 3.47 -46.49 -33.93
CA GLN B 684 4.75 -46.28 -34.59
C GLN B 684 5.52 -45.18 -33.88
N LEU B 685 4.84 -44.07 -33.57
CA LEU B 685 5.55 -42.99 -32.91
C LEU B 685 6.18 -43.52 -31.62
N GLY B 686 5.40 -44.30 -30.86
CA GLY B 686 5.87 -44.85 -29.59
C GLY B 686 7.03 -45.82 -29.80
N HIS B 687 7.04 -46.47 -30.96
CA HIS B 687 8.09 -47.41 -31.31
C HIS B 687 9.44 -46.71 -31.47
N ILE B 688 9.45 -45.44 -31.91
CA ILE B 688 10.71 -44.77 -32.20
C ILE B 688 10.91 -43.53 -31.34
N TYR B 689 10.02 -43.26 -30.37
CA TYR B 689 9.89 -41.92 -29.82
C TYR B 689 11.10 -41.47 -28.99
N TYR B 690 11.36 -42.17 -27.89
CA TYR B 690 12.37 -41.75 -26.93
C TYR B 690 13.75 -41.75 -27.57
N ASN B 691 14.01 -42.76 -28.42
CA ASN B 691 15.27 -42.84 -29.15
C ASN B 691 15.41 -41.68 -30.12
N MET B 692 14.29 -41.35 -30.79
CA MET B 692 14.29 -40.26 -31.74
C MET B 692 14.60 -38.96 -31.01
N LEU B 693 13.99 -38.75 -29.84
CA LEU B 693 14.27 -37.54 -29.08
C LEU B 693 15.75 -37.47 -28.70
N GLN B 694 16.34 -38.61 -28.33
CA GLN B 694 17.76 -38.64 -28.00
C GLN B 694 18.59 -38.24 -29.21
N LEU B 695 18.27 -38.82 -30.37
CA LEU B 695 18.96 -38.50 -31.60
C LEU B 695 18.85 -37.01 -31.91
N TYR B 696 17.65 -36.46 -31.66
CA TYR B 696 17.43 -35.03 -31.79
C TYR B 696 18.46 -34.27 -30.96
N ARG B 697 18.55 -34.60 -29.66
CA ARG B 697 19.44 -33.90 -28.74
C ARG B 697 20.86 -33.92 -29.28
N ALA B 698 21.23 -35.05 -29.90
CA ALA B 698 22.59 -35.25 -30.37
C ALA B 698 22.83 -34.35 -31.58
N VAL B 699 21.92 -34.42 -32.56
CA VAL B 699 22.12 -33.70 -33.80
C VAL B 699 22.07 -32.20 -33.52
N SER B 700 21.17 -31.79 -32.61
CA SER B 700 21.09 -30.39 -32.25
C SER B 700 22.38 -29.93 -31.56
N SER B 701 22.92 -30.73 -30.63
CA SER B 701 24.16 -30.38 -29.94
C SER B 701 25.29 -30.19 -30.92
N MET B 702 25.36 -31.09 -31.90
CA MET B 702 26.40 -31.05 -32.92
C MET B 702 26.24 -29.79 -33.77
N ILE B 703 25.01 -29.50 -34.21
CA ILE B 703 24.78 -28.29 -35.00
C ILE B 703 25.25 -27.07 -34.22
N SER B 704 24.78 -26.95 -32.96
CA SER B 704 25.06 -25.80 -32.13
C SER B 704 26.58 -25.65 -31.88
N ALA B 705 27.25 -26.76 -31.57
CA ALA B 705 28.69 -26.73 -31.35
C ALA B 705 29.40 -26.16 -32.59
N GLN B 706 29.05 -26.70 -33.77
CA GLN B 706 29.80 -26.37 -34.98
C GLN B 706 29.55 -24.92 -35.37
N VAL B 707 28.32 -24.47 -35.16
CA VAL B 707 27.92 -23.10 -35.46
C VAL B 707 28.60 -22.13 -34.49
N ALA B 708 28.69 -22.53 -33.22
CA ALA B 708 29.37 -21.71 -32.23
C ALA B 708 30.84 -21.56 -32.65
N ALA B 709 31.42 -22.66 -33.13
CA ALA B 709 32.84 -22.69 -33.40
C ALA B 709 33.14 -21.93 -34.70
N GLU B 710 32.27 -22.09 -35.70
CA GLU B 710 32.66 -21.66 -37.04
C GLU B 710 31.94 -20.38 -37.46
N GLY B 711 30.78 -20.11 -36.84
CA GLY B 711 30.01 -18.92 -37.21
C GLY B 711 28.81 -19.30 -38.08
N LEU B 712 28.14 -18.28 -38.64
CA LEU B 712 26.90 -18.49 -39.37
C LEU B 712 27.13 -19.35 -40.62
N ILE B 713 28.32 -19.22 -41.23
CA ILE B 713 28.64 -19.90 -42.48
C ILE B 713 28.44 -21.41 -42.32
N ALA B 714 28.72 -21.91 -41.12
CA ALA B 714 28.60 -23.32 -40.78
C ALA B 714 27.19 -23.84 -41.08
N THR B 715 26.18 -22.96 -40.94
CA THR B 715 24.78 -23.34 -41.14
C THR B 715 24.54 -23.73 -42.60
N LYS B 716 25.47 -23.36 -43.50
CA LYS B 716 25.29 -23.61 -44.92
C LYS B 716 26.06 -24.85 -45.36
N THR B 717 26.91 -25.38 -44.47
CA THR B 717 27.75 -26.53 -44.82
C THR B 717 26.88 -27.78 -45.01
N PRO B 718 27.20 -28.66 -45.99
CA PRO B 718 26.42 -29.89 -46.22
C PRO B 718 26.14 -30.70 -44.98
N LYS B 719 27.15 -30.82 -44.10
CA LYS B 719 27.10 -31.54 -42.84
C LYS B 719 25.97 -31.02 -41.94
N VAL B 720 26.01 -29.70 -41.67
CA VAL B 720 25.00 -29.05 -40.83
C VAL B 720 23.65 -29.10 -41.54
N ARG B 721 23.65 -28.99 -42.87
CA ARG B 721 22.40 -29.05 -43.61
C ARG B 721 21.71 -30.40 -43.37
N GLY B 722 22.48 -31.49 -43.51
CA GLY B 722 21.96 -32.83 -43.28
C GLY B 722 21.46 -33.03 -41.85
N LEU B 723 22.20 -32.48 -40.90
CA LEU B 723 21.86 -32.62 -39.50
C LEU B 723 20.57 -31.86 -39.21
N ARG B 724 20.44 -30.67 -39.82
CA ARG B 724 19.27 -29.82 -39.62
C ARG B 724 18.05 -30.50 -40.20
N THR B 725 18.23 -31.19 -41.34
CA THR B 725 17.16 -31.98 -41.93
C THR B 725 16.61 -32.95 -40.89
N ILE B 726 17.51 -33.68 -40.23
CA ILE B 726 17.13 -34.69 -39.24
C ILE B 726 16.34 -34.01 -38.12
N LYS B 727 16.90 -32.92 -37.60
CA LYS B 727 16.27 -32.13 -36.57
C LYS B 727 14.86 -31.71 -37.00
N LYS B 728 14.73 -31.13 -38.20
CA LYS B 728 13.44 -30.60 -38.66
C LYS B 728 12.44 -31.72 -38.88
N GLU B 729 12.91 -32.84 -39.46
CA GLU B 729 12.01 -33.97 -39.71
C GLU B 729 11.47 -34.51 -38.38
N ILE B 730 12.32 -34.63 -37.36
CA ILE B 730 11.89 -35.10 -36.05
C ILE B 730 10.81 -34.17 -35.51
N LEU B 731 11.06 -32.85 -35.57
CA LEU B 731 10.11 -31.86 -35.10
C LEU B 731 8.81 -31.98 -35.91
N LYS B 732 8.96 -32.23 -37.21
CA LYS B 732 7.83 -32.32 -38.13
C LYS B 732 6.98 -33.54 -37.76
N LEU B 733 7.64 -34.65 -37.43
CA LEU B 733 6.89 -35.84 -37.07
C LEU B 733 6.07 -35.56 -35.82
N VAL B 734 6.70 -34.91 -34.84
CA VAL B 734 6.03 -34.77 -33.55
C VAL B 734 4.83 -33.87 -33.75
N GLU B 735 5.04 -32.74 -34.44
CA GLU B 735 4.01 -31.77 -34.70
C GLU B 735 2.87 -32.43 -35.49
N THR B 736 3.23 -33.20 -36.52
CA THR B 736 2.25 -33.90 -37.32
C THR B 736 1.38 -34.80 -36.45
N TYR B 737 1.99 -35.66 -35.63
CA TYR B 737 1.17 -36.55 -34.81
C TYR B 737 0.31 -35.73 -33.84
N ILE B 738 0.94 -34.79 -33.12
CA ILE B 738 0.19 -34.11 -32.07
C ILE B 738 -0.95 -33.30 -32.68
N SER B 739 -0.73 -32.72 -33.86
CA SER B 739 -1.80 -31.94 -34.46
C SER B 739 -2.99 -32.84 -34.76
N LYS B 740 -2.75 -34.07 -35.24
CA LYS B 740 -3.81 -34.97 -35.67
C LYS B 740 -4.29 -35.89 -34.54
N ALA B 741 -3.74 -35.72 -33.34
CA ALA B 741 -3.92 -36.72 -32.30
C ALA B 741 -5.35 -36.70 -31.80
N ARG B 742 -5.87 -37.87 -31.42
CA ARG B 742 -7.19 -38.04 -30.84
C ARG B 742 -7.09 -38.28 -29.34
N ASN B 743 -6.18 -39.19 -28.93
CA ASN B 743 -5.98 -39.58 -27.54
C ASN B 743 -5.05 -38.57 -26.89
N LEU B 744 -5.64 -37.61 -26.17
CA LEU B 744 -4.87 -36.47 -25.70
C LEU B 744 -4.20 -36.82 -24.38
N ASP B 745 -4.76 -37.80 -23.64
CA ASP B 745 -4.11 -38.23 -22.43
C ASP B 745 -2.70 -38.71 -22.73
N ASP B 746 -2.59 -39.56 -23.76
CA ASP B 746 -1.32 -40.17 -24.10
C ASP B 746 -0.33 -39.08 -24.48
N VAL B 747 -0.84 -38.04 -25.17
CA VAL B 747 0.01 -36.95 -25.59
C VAL B 747 0.59 -36.29 -24.34
N VAL B 748 -0.29 -35.96 -23.38
CA VAL B 748 0.09 -35.19 -22.21
C VAL B 748 1.05 -35.99 -21.35
N LYS B 749 0.75 -37.29 -21.15
CA LYS B 749 1.40 -38.08 -20.11
C LYS B 749 2.60 -38.85 -20.66
N VAL B 750 2.68 -39.01 -21.99
CA VAL B 750 3.71 -39.84 -22.60
C VAL B 750 4.63 -39.02 -23.51
N LEU B 751 4.05 -38.09 -24.27
CA LEU B 751 4.80 -37.44 -25.33
C LEU B 751 5.33 -36.08 -24.91
N VAL B 752 4.55 -35.35 -24.08
CA VAL B 752 4.81 -33.94 -23.83
C VAL B 752 6.11 -33.79 -23.07
N GLU B 753 6.26 -34.54 -21.98
CA GLU B 753 7.32 -34.31 -21.02
C GLU B 753 8.69 -34.64 -21.65
N PRO B 754 8.84 -35.82 -22.28
CA PRO B 754 10.09 -36.14 -23.00
C PRO B 754 10.43 -35.08 -24.01
N LEU B 755 9.43 -34.65 -24.80
CA LEU B 755 9.62 -33.71 -25.90
C LEU B 755 10.12 -32.40 -25.34
N LEU B 756 9.44 -31.89 -24.31
CA LEU B 756 9.80 -30.60 -23.73
C LEU B 756 11.23 -30.67 -23.18
N ASN B 757 11.53 -31.76 -22.48
CA ASN B 757 12.86 -31.92 -21.89
C ASN B 757 13.90 -31.91 -23.00
N ALA B 758 13.62 -32.63 -24.09
CA ALA B 758 14.58 -32.74 -25.18
C ALA B 758 14.83 -31.39 -25.84
N VAL B 759 13.78 -30.64 -26.19
CA VAL B 759 13.91 -29.56 -27.16
C VAL B 759 14.02 -28.18 -26.49
N LEU B 760 13.36 -27.98 -25.34
CA LEU B 760 13.32 -26.69 -24.68
C LEU B 760 14.70 -26.28 -24.18
N GLU B 761 15.35 -27.18 -23.43
CA GLU B 761 16.64 -26.85 -22.85
C GLU B 761 17.68 -26.68 -23.95
N ASP B 762 17.60 -27.56 -24.95
CA ASP B 762 18.45 -27.50 -26.13
C ASP B 762 18.30 -26.13 -26.80
N TYR B 763 17.05 -25.69 -27.01
CA TYR B 763 16.77 -24.43 -27.65
C TYR B 763 17.34 -23.27 -26.83
N MET B 764 17.14 -23.29 -25.51
CA MET B 764 17.70 -22.24 -24.69
C MET B 764 19.20 -22.18 -24.89
N ASN B 765 19.84 -23.36 -24.92
CA ASN B 765 21.28 -23.45 -24.79
C ASN B 765 21.94 -23.38 -26.16
N ASN B 766 21.15 -23.55 -27.23
CA ASN B 766 21.67 -23.35 -28.56
C ASN B 766 22.16 -21.91 -28.70
N VAL B 767 23.16 -21.73 -29.56
CA VAL B 767 23.55 -20.39 -29.95
C VAL B 767 22.46 -19.84 -30.85
N PRO B 768 22.25 -18.51 -30.88
CA PRO B 768 21.15 -17.95 -31.68
C PRO B 768 21.13 -18.49 -33.11
N ASP B 769 22.30 -18.57 -33.74
CA ASP B 769 22.38 -18.94 -35.14
C ASP B 769 22.11 -20.43 -35.37
N ALA B 770 21.80 -21.16 -34.29
CA ALA B 770 21.57 -22.59 -34.39
C ALA B 770 20.14 -22.94 -34.00
N ARG B 771 19.46 -22.00 -33.32
CA ARG B 771 18.08 -22.20 -32.92
C ARG B 771 17.21 -22.27 -34.16
N ASP B 772 16.31 -23.27 -34.20
CA ASP B 772 15.41 -23.44 -35.33
C ASP B 772 14.04 -22.94 -34.89
N ALA B 773 13.40 -22.16 -35.76
CA ALA B 773 12.08 -21.67 -35.40
C ALA B 773 11.10 -22.83 -35.33
N GLU B 774 11.39 -23.91 -36.06
CA GLU B 774 10.48 -25.04 -36.06
C GLU B 774 10.22 -25.51 -34.63
N VAL B 775 11.18 -25.23 -33.75
CA VAL B 775 10.99 -25.59 -32.35
C VAL B 775 9.80 -24.81 -31.79
N LEU B 776 9.79 -23.50 -32.06
CA LEU B 776 8.69 -22.65 -31.64
C LEU B 776 7.39 -23.12 -32.27
N ASN B 777 7.46 -23.55 -33.53
CA ASN B 777 6.27 -23.99 -34.24
C ASN B 777 5.72 -25.24 -33.56
N CYS B 778 6.62 -26.19 -33.28
CA CYS B 778 6.26 -27.42 -32.60
C CYS B 778 5.59 -27.07 -31.27
N MET B 779 6.18 -26.13 -30.54
CA MET B 779 5.63 -25.74 -29.25
C MET B 779 4.25 -25.11 -29.43
N THR B 780 4.09 -24.29 -30.48
CA THR B 780 2.80 -23.68 -30.80
C THR B 780 1.77 -24.80 -30.98
N THR B 781 2.08 -25.83 -31.77
CA THR B 781 1.16 -26.92 -32.02
C THR B 781 0.87 -27.69 -30.74
N VAL B 782 1.89 -27.90 -29.89
CA VAL B 782 1.68 -28.60 -28.63
C VAL B 782 0.69 -27.83 -27.78
N VAL B 783 0.93 -26.52 -27.66
CA VAL B 783 0.09 -25.66 -26.84
C VAL B 783 -1.32 -25.63 -27.41
N GLU B 784 -1.44 -25.54 -28.74
CA GLU B 784 -2.75 -25.46 -29.38
C GLU B 784 -3.57 -26.70 -29.00
N LYS B 785 -2.91 -27.86 -29.03
CA LYS B 785 -3.60 -29.13 -28.90
C LYS B 785 -3.91 -29.46 -27.46
N VAL B 786 -2.93 -29.28 -26.55
CA VAL B 786 -3.12 -29.82 -25.21
C VAL B 786 -2.70 -28.82 -24.14
N GLY B 787 -2.48 -27.56 -24.53
CA GLY B 787 -2.04 -26.54 -23.59
C GLY B 787 -2.99 -26.35 -22.41
N HIS B 788 -4.27 -26.69 -22.61
CA HIS B 788 -5.25 -26.52 -21.54
C HIS B 788 -4.99 -27.57 -20.46
N MET B 789 -4.21 -28.61 -20.82
CA MET B 789 -4.01 -29.75 -19.96
C MET B 789 -2.63 -29.74 -19.31
N ILE B 790 -1.74 -28.86 -19.79
CA ILE B 790 -0.35 -28.89 -19.33
C ILE B 790 0.06 -27.49 -18.86
N PRO B 791 -0.52 -26.95 -17.75
CA PRO B 791 -0.15 -25.62 -17.27
C PRO B 791 1.35 -25.51 -16.99
N GLN B 792 1.91 -26.53 -16.33
CA GLN B 792 3.32 -26.51 -15.96
C GLN B 792 4.20 -26.66 -17.20
N GLY B 793 3.71 -27.44 -18.18
CA GLY B 793 4.40 -27.58 -19.45
C GLY B 793 4.48 -26.24 -20.17
N VAL B 794 3.36 -25.51 -20.19
CA VAL B 794 3.30 -24.22 -20.84
C VAL B 794 4.28 -23.28 -20.14
N ILE B 795 4.28 -23.30 -18.80
CA ILE B 795 5.17 -22.43 -18.05
C ILE B 795 6.61 -22.74 -18.43
N LEU B 796 6.91 -24.03 -18.66
CA LEU B 796 8.25 -24.44 -19.01
C LEU B 796 8.61 -23.94 -20.40
N ILE B 797 7.61 -23.93 -21.30
CA ILE B 797 7.82 -23.46 -22.64
C ILE B 797 8.18 -21.97 -22.59
N LEU B 798 7.43 -21.18 -21.83
CA LEU B 798 7.73 -19.77 -21.67
C LEU B 798 9.13 -19.60 -21.11
N GLN B 799 9.43 -20.28 -19.99
CA GLN B 799 10.71 -20.12 -19.33
C GLN B 799 11.85 -20.48 -20.27
N SER B 800 11.59 -21.34 -21.26
CA SER B 800 12.69 -21.80 -22.11
C SER B 800 12.88 -20.90 -23.33
N VAL B 801 11.77 -20.38 -23.89
CA VAL B 801 11.86 -19.77 -25.22
C VAL B 801 11.68 -18.26 -25.15
N PHE B 802 10.95 -17.75 -24.15
CA PHE B 802 10.50 -16.38 -24.16
C PHE B 802 11.67 -15.41 -24.19
N GLU B 803 12.45 -15.39 -23.10
CA GLU B 803 13.50 -14.39 -22.95
C GLU B 803 14.56 -14.47 -24.05
N CYS B 804 14.94 -15.70 -24.44
CA CYS B 804 16.04 -15.85 -25.38
C CYS B 804 15.60 -15.53 -26.81
N THR B 805 14.36 -15.89 -27.17
CA THR B 805 13.88 -15.56 -28.50
C THR B 805 13.67 -14.05 -28.61
N LEU B 806 13.08 -13.46 -27.56
CA LEU B 806 12.88 -12.02 -27.48
C LEU B 806 14.23 -11.34 -27.73
N ASP B 807 15.27 -11.75 -26.98
CA ASP B 807 16.58 -11.15 -27.05
C ASP B 807 17.20 -11.31 -28.44
N MET B 808 16.76 -12.33 -29.19
CA MET B 808 17.20 -12.53 -30.56
C MET B 808 16.59 -11.46 -31.46
N ILE B 809 15.31 -11.14 -31.23
CA ILE B 809 14.51 -10.41 -32.20
C ILE B 809 14.24 -8.97 -31.75
N ASN B 810 14.84 -8.53 -30.63
CA ASN B 810 14.50 -7.22 -30.12
C ASN B 810 15.62 -6.22 -30.43
N LYS B 811 16.51 -6.57 -31.39
CA LYS B 811 17.59 -5.67 -31.75
C LYS B 811 17.15 -4.77 -32.91
N ASP B 812 16.28 -5.30 -33.78
CA ASP B 812 15.78 -4.61 -34.96
C ASP B 812 14.54 -5.34 -35.42
N PHE B 813 14.12 -5.08 -36.67
CA PHE B 813 12.89 -5.68 -37.19
C PHE B 813 13.20 -6.70 -38.28
N THR B 814 14.50 -6.97 -38.49
CA THR B 814 14.99 -7.65 -39.68
C THR B 814 15.55 -9.05 -39.37
N GLU B 815 16.29 -9.16 -38.25
CA GLU B 815 16.99 -10.38 -37.89
C GLU B 815 16.02 -11.49 -37.48
N TYR B 816 16.29 -12.72 -37.93
CA TYR B 816 15.56 -13.93 -37.52
C TYR B 816 14.06 -13.74 -37.76
N PRO B 817 13.61 -13.62 -39.03
CA PRO B 817 12.20 -13.31 -39.30
C PRO B 817 11.27 -14.45 -38.92
N GLU B 818 11.69 -15.69 -39.21
CA GLU B 818 10.90 -16.87 -38.95
C GLU B 818 10.66 -16.97 -37.43
N HIS B 819 11.71 -16.60 -36.68
CA HIS B 819 11.65 -16.61 -35.22
C HIS B 819 10.59 -15.62 -34.72
N ARG B 820 10.60 -14.41 -35.31
CA ARG B 820 9.63 -13.38 -34.96
C ARG B 820 8.20 -13.90 -35.18
N VAL B 821 7.96 -14.49 -36.35
CA VAL B 821 6.62 -14.93 -36.71
C VAL B 821 6.14 -15.96 -35.69
N GLU B 822 6.99 -16.98 -35.45
CA GLU B 822 6.60 -18.15 -34.67
C GLU B 822 6.57 -17.82 -33.19
N PHE B 823 7.41 -16.86 -32.75
CA PHE B 823 7.44 -16.42 -31.37
C PHE B 823 6.10 -15.85 -30.95
N TYR B 824 5.53 -14.99 -31.79
CA TYR B 824 4.28 -14.31 -31.46
C TYR B 824 3.09 -15.24 -31.72
N LYS B 825 3.25 -16.20 -32.62
CA LYS B 825 2.22 -17.20 -32.81
C LYS B 825 2.14 -18.04 -31.54
N LEU B 826 3.29 -18.34 -30.92
CA LEU B 826 3.33 -19.15 -29.72
C LEU B 826 2.83 -18.34 -28.53
N LEU B 827 3.30 -17.09 -28.41
CA LEU B 827 2.82 -16.24 -27.35
C LEU B 827 1.30 -16.15 -27.42
N LYS B 828 0.76 -16.04 -28.64
CA LYS B 828 -0.66 -15.89 -28.86
C LYS B 828 -1.40 -17.12 -28.36
N VAL B 829 -0.96 -18.29 -28.82
CA VAL B 829 -1.68 -19.52 -28.48
C VAL B 829 -1.57 -19.79 -26.99
N ILE B 830 -0.43 -19.42 -26.38
CA ILE B 830 -0.29 -19.64 -24.95
C ILE B 830 -1.32 -18.75 -24.24
N ASN B 831 -1.44 -17.50 -24.73
CA ASN B 831 -2.32 -16.52 -24.13
C ASN B 831 -3.77 -16.98 -24.27
N GLU B 832 -4.09 -17.72 -25.35
CA GLU B 832 -5.43 -18.26 -25.56
C GLU B 832 -5.65 -19.44 -24.60
N LYS B 833 -4.72 -20.41 -24.63
CA LYS B 833 -5.00 -21.71 -24.07
C LYS B 833 -4.63 -21.80 -22.59
N SER B 834 -3.54 -21.12 -22.21
CA SER B 834 -3.01 -21.33 -20.87
C SER B 834 -2.57 -19.99 -20.31
N PHE B 835 -3.50 -19.03 -20.28
CA PHE B 835 -3.20 -17.66 -19.89
C PHE B 835 -2.67 -17.63 -18.46
N ALA B 836 -3.07 -18.63 -17.67
CA ALA B 836 -2.62 -18.83 -16.31
C ALA B 836 -1.10 -18.67 -16.23
N ALA B 837 -0.37 -19.09 -17.28
CA ALA B 837 1.08 -19.03 -17.30
C ALA B 837 1.55 -17.59 -17.12
N PHE B 838 0.91 -16.67 -17.87
CA PHE B 838 1.27 -15.27 -17.82
C PHE B 838 0.92 -14.68 -16.45
N LEU B 839 -0.12 -15.23 -15.81
CA LEU B 839 -0.52 -14.76 -14.49
C LEU B 839 0.61 -15.01 -13.50
N GLU B 840 1.30 -16.15 -13.64
CA GLU B 840 2.24 -16.59 -12.62
C GLU B 840 3.61 -15.95 -12.80
N LEU B 841 3.84 -15.28 -13.94
CA LEU B 841 5.16 -14.70 -14.21
C LEU B 841 5.46 -13.63 -13.17
N PRO B 842 6.74 -13.48 -12.74
CA PRO B 842 7.10 -12.36 -11.86
C PRO B 842 6.82 -11.03 -12.56
N PRO B 843 6.58 -9.95 -11.79
CA PRO B 843 6.24 -8.64 -12.37
C PRO B 843 7.13 -8.19 -13.52
N ALA B 844 8.44 -8.43 -13.40
CA ALA B 844 9.42 -8.08 -14.41
C ALA B 844 9.20 -8.88 -15.68
N ALA B 845 8.80 -10.16 -15.54
CA ALA B 845 8.57 -11.03 -16.68
C ALA B 845 7.33 -10.58 -17.45
N PHE B 846 6.30 -10.15 -16.70
CA PHE B 846 5.06 -9.71 -17.30
C PHE B 846 5.29 -8.40 -18.04
N LYS B 847 6.08 -7.49 -17.44
CA LYS B 847 6.51 -6.28 -18.10
C LYS B 847 7.15 -6.60 -19.45
N LEU B 848 8.06 -7.59 -19.46
CA LEU B 848 8.74 -8.00 -20.68
C LEU B 848 7.72 -8.50 -21.71
N PHE B 849 6.68 -9.17 -21.20
CA PHE B 849 5.63 -9.68 -22.06
C PHE B 849 4.95 -8.51 -22.78
N VAL B 850 4.59 -7.47 -22.02
CA VAL B 850 3.89 -6.33 -22.56
C VAL B 850 4.79 -5.64 -23.58
N ASP B 851 6.07 -5.48 -23.22
CA ASP B 851 7.05 -4.89 -24.12
C ASP B 851 7.12 -5.69 -25.42
N ALA B 852 6.90 -7.01 -25.31
CA ALA B 852 7.06 -7.88 -26.46
C ALA B 852 5.85 -7.72 -27.37
N ILE B 853 4.67 -7.53 -26.77
CA ILE B 853 3.45 -7.29 -27.51
C ILE B 853 3.56 -5.98 -28.28
N CYS B 854 3.99 -4.92 -27.59
CA CYS B 854 4.12 -3.61 -28.19
C CYS B 854 5.26 -3.61 -29.22
N TRP B 855 6.25 -4.49 -29.03
CA TRP B 855 7.31 -4.64 -30.01
C TRP B 855 6.71 -5.17 -31.32
N ALA B 856 5.75 -6.09 -31.19
CA ALA B 856 5.12 -6.70 -32.35
C ALA B 856 4.28 -5.65 -33.05
N PHE B 857 3.75 -4.71 -32.26
CA PHE B 857 2.95 -3.63 -32.80
C PHE B 857 3.76 -2.86 -33.85
N LYS B 858 5.01 -2.54 -33.50
CA LYS B 858 5.81 -1.57 -34.25
C LYS B 858 6.41 -2.23 -35.49
N HIS B 859 6.17 -3.54 -35.66
CA HIS B 859 6.78 -4.28 -36.75
C HIS B 859 6.13 -3.91 -38.08
N ASN B 860 6.97 -3.60 -39.09
CA ASN B 860 6.49 -3.41 -40.45
C ASN B 860 6.48 -4.77 -41.15
N ASN B 861 5.77 -5.70 -40.50
CA ASN B 861 5.68 -7.07 -40.96
C ASN B 861 4.29 -7.56 -40.56
N ARG B 862 3.50 -7.95 -41.55
CA ARG B 862 2.08 -8.21 -41.32
C ARG B 862 1.90 -9.40 -40.39
N ASP B 863 2.73 -10.42 -40.62
CA ASP B 863 2.69 -11.67 -39.87
C ASP B 863 2.88 -11.42 -38.40
N VAL B 864 3.86 -10.59 -38.06
CA VAL B 864 4.16 -10.27 -36.67
C VAL B 864 3.09 -9.33 -36.10
N GLU B 865 2.70 -8.33 -36.90
CA GLU B 865 1.88 -7.23 -36.45
C GLU B 865 0.50 -7.76 -36.04
N VAL B 866 -0.09 -8.61 -36.89
CA VAL B 866 -1.45 -9.06 -36.67
C VAL B 866 -1.49 -9.89 -35.39
N ASN B 867 -0.45 -10.72 -35.21
CA ASN B 867 -0.36 -11.56 -34.04
C ASN B 867 -0.17 -10.70 -32.79
N GLY B 868 0.64 -9.64 -32.91
CA GLY B 868 0.88 -8.75 -31.79
C GLY B 868 -0.41 -8.08 -31.32
N LEU B 869 -1.18 -7.59 -32.29
CA LEU B 869 -2.44 -6.92 -31.99
C LEU B 869 -3.44 -7.90 -31.38
N GLN B 870 -3.49 -9.12 -31.95
CA GLN B 870 -4.36 -10.16 -31.45
C GLN B 870 -3.99 -10.49 -29.99
N ILE B 871 -2.67 -10.58 -29.72
CA ILE B 871 -2.23 -10.89 -28.36
C ILE B 871 -2.73 -9.79 -27.42
N ALA B 872 -2.56 -8.52 -27.83
CA ALA B 872 -2.99 -7.42 -26.99
C ALA B 872 -4.48 -7.53 -26.71
N LEU B 873 -5.29 -7.78 -27.75
CA LEU B 873 -6.73 -7.92 -27.57
C LEU B 873 -7.05 -9.04 -26.59
N ASP B 874 -6.46 -10.20 -26.86
CA ASP B 874 -6.74 -11.41 -26.10
C ASP B 874 -6.32 -11.20 -24.64
N LEU B 875 -5.18 -10.50 -24.44
CA LEU B 875 -4.67 -10.26 -23.10
C LEU B 875 -5.68 -9.42 -22.34
N VAL B 876 -6.19 -8.40 -23.02
CA VAL B 876 -7.11 -7.48 -22.39
C VAL B 876 -8.42 -8.22 -22.07
N LYS B 877 -8.86 -9.11 -22.98
CA LYS B 877 -10.04 -9.93 -22.76
C LYS B 877 -9.83 -10.84 -21.55
N ASN B 878 -8.62 -11.42 -21.45
CA ASN B 878 -8.27 -12.34 -20.39
C ASN B 878 -8.34 -11.64 -19.04
N ILE B 879 -7.80 -10.43 -19.00
CA ILE B 879 -7.74 -9.71 -17.75
C ILE B 879 -9.12 -9.17 -17.38
N GLU B 880 -9.93 -8.87 -18.42
CA GLU B 880 -11.31 -8.48 -18.23
C GLU B 880 -12.09 -9.59 -17.56
N ARG B 881 -11.78 -10.86 -17.89
CA ARG B 881 -12.47 -12.02 -17.34
C ARG B 881 -12.33 -12.06 -15.82
N MET B 882 -11.16 -11.68 -15.32
CA MET B 882 -10.96 -11.51 -13.88
C MET B 882 -11.62 -10.20 -13.45
N GLY B 883 -12.34 -10.24 -12.32
CA GLY B 883 -13.14 -9.09 -11.93
C GLY B 883 -12.33 -7.97 -11.29
N ASN B 884 -12.89 -7.39 -10.23
CA ASN B 884 -12.19 -6.45 -9.39
C ASN B 884 -11.21 -7.23 -8.52
N VAL B 885 -10.21 -7.80 -9.20
CA VAL B 885 -9.17 -8.58 -8.58
C VAL B 885 -7.89 -7.76 -8.64
N PRO B 886 -7.04 -7.75 -7.58
CA PRO B 886 -5.84 -6.95 -7.56
C PRO B 886 -4.96 -7.10 -8.80
N PHE B 887 -4.91 -8.30 -9.39
CA PHE B 887 -4.05 -8.45 -10.57
C PHE B 887 -4.55 -7.58 -11.71
N ALA B 888 -5.87 -7.62 -11.98
CA ALA B 888 -6.46 -6.87 -13.07
C ALA B 888 -6.28 -5.39 -12.82
N ASN B 889 -6.60 -4.95 -11.60
CA ASN B 889 -6.47 -3.56 -11.20
C ASN B 889 -5.02 -3.10 -11.43
N GLU B 890 -4.06 -3.90 -10.95
CA GLU B 890 -2.65 -3.55 -11.06
C GLU B 890 -2.24 -3.53 -12.53
N PHE B 891 -2.78 -4.46 -13.31
CA PHE B 891 -2.44 -4.54 -14.72
C PHE B 891 -2.88 -3.26 -15.42
N HIS B 892 -4.11 -2.82 -15.13
CA HIS B 892 -4.62 -1.59 -15.67
C HIS B 892 -3.74 -0.43 -15.25
N LYS B 893 -3.49 -0.30 -13.94
CA LYS B 893 -2.67 0.79 -13.42
C LYS B 893 -1.32 0.80 -14.14
N ASN B 894 -0.83 -0.38 -14.55
CA ASN B 894 0.52 -0.45 -15.07
C ASN B 894 0.54 -0.32 -16.60
N TYR B 895 -0.53 -0.77 -17.27
CA TYR B 895 -0.38 -1.00 -18.69
C TYR B 895 -1.52 -0.44 -19.52
N PHE B 896 -2.58 0.05 -18.89
CA PHE B 896 -3.74 0.51 -19.65
C PHE B 896 -3.32 1.62 -20.59
N PHE B 897 -2.60 2.61 -20.04
CA PHE B 897 -2.20 3.77 -20.81
C PHE B 897 -1.10 3.41 -21.80
N ILE B 898 -0.28 2.42 -21.42
CA ILE B 898 0.76 1.94 -22.32
C ILE B 898 0.10 1.39 -23.58
N PHE B 899 -0.98 0.63 -23.39
CA PHE B 899 -1.65 0.00 -24.51
C PHE B 899 -2.38 1.03 -25.34
N VAL B 900 -3.00 2.01 -24.67
CA VAL B 900 -3.72 3.06 -25.39
C VAL B 900 -2.73 3.83 -26.25
N SER B 901 -1.62 4.23 -25.65
CA SER B 901 -0.63 5.05 -26.35
C SER B 901 0.03 4.28 -27.50
N GLU B 902 0.32 2.98 -27.29
CA GLU B 902 0.97 2.16 -28.29
C GLU B 902 0.04 1.94 -29.47
N THR B 903 -1.25 1.73 -29.18
CA THR B 903 -2.27 1.56 -30.21
C THR B 903 -2.37 2.83 -31.04
N PHE B 904 -2.41 3.98 -30.35
CA PHE B 904 -2.50 5.23 -31.09
C PHE B 904 -1.25 5.43 -31.92
N PHE B 905 -0.09 5.07 -31.36
CA PHE B 905 1.16 5.27 -32.07
C PHE B 905 1.11 4.51 -33.39
N VAL B 906 0.56 3.29 -33.39
CA VAL B 906 0.58 2.49 -34.60
C VAL B 906 -0.59 2.85 -35.50
N LEU B 907 -1.66 3.41 -34.94
CA LEU B 907 -2.74 3.93 -35.76
C LEU B 907 -2.23 5.09 -36.61
N THR B 908 -1.56 6.04 -35.95
CA THR B 908 -1.16 7.32 -36.49
C THR B 908 0.17 7.22 -37.23
N ASP B 909 0.86 6.07 -37.09
CA ASP B 909 2.06 5.81 -37.88
C ASP B 909 1.65 5.63 -39.34
N SER B 910 2.53 6.10 -40.23
CA SER B 910 2.34 6.11 -41.66
C SER B 910 2.12 4.69 -42.21
N ASP B 911 2.78 3.68 -41.61
CA ASP B 911 2.98 2.41 -42.28
C ASP B 911 2.55 1.22 -41.44
N HIS B 912 1.35 1.31 -40.85
CA HIS B 912 0.85 0.20 -40.05
C HIS B 912 -0.61 -0.04 -40.36
N LYS B 913 -0.95 0.13 -41.64
CA LYS B 913 -2.36 0.19 -42.03
C LYS B 913 -2.97 -1.21 -41.98
N SER B 914 -2.12 -2.23 -42.12
CA SER B 914 -2.58 -3.61 -42.15
C SER B 914 -3.28 -3.95 -40.83
N GLY B 915 -2.79 -3.36 -39.74
CA GLY B 915 -3.31 -3.68 -38.43
C GLY B 915 -4.50 -2.81 -38.04
N PHE B 916 -4.88 -1.87 -38.92
CA PHE B 916 -5.92 -0.91 -38.62
C PHE B 916 -7.15 -1.62 -38.03
N SER B 917 -7.67 -2.60 -38.79
CA SER B 917 -8.89 -3.27 -38.39
C SER B 917 -8.81 -3.75 -36.94
N LYS B 918 -7.67 -4.38 -36.59
CA LYS B 918 -7.39 -4.88 -35.25
C LYS B 918 -7.14 -3.73 -34.27
N GLN B 919 -6.28 -2.78 -34.66
CA GLN B 919 -5.94 -1.63 -33.83
C GLN B 919 -7.22 -0.96 -33.31
N ALA B 920 -8.17 -0.71 -34.22
CA ALA B 920 -9.42 -0.05 -33.88
C ALA B 920 -10.15 -0.82 -32.77
N LEU B 921 -10.32 -2.13 -33.00
CA LEU B 921 -10.96 -3.02 -32.03
C LEU B 921 -10.34 -2.82 -30.65
N LEU B 922 -9.00 -2.91 -30.57
CA LEU B 922 -8.29 -2.79 -29.32
C LEU B 922 -8.60 -1.45 -28.67
N LEU B 923 -8.52 -0.39 -29.47
CA LEU B 923 -8.79 0.95 -29.00
C LEU B 923 -10.21 1.05 -28.46
N MET B 924 -11.19 0.53 -29.20
CA MET B 924 -12.57 0.50 -28.74
C MET B 924 -12.62 -0.17 -27.37
N LYS B 925 -12.08 -1.39 -27.26
CA LYS B 925 -12.10 -2.15 -26.02
C LYS B 925 -11.55 -1.32 -24.88
N LEU B 926 -10.36 -0.72 -25.09
CA LEU B 926 -9.74 0.07 -24.05
C LEU B 926 -10.65 1.21 -23.63
N ILE B 927 -11.18 1.95 -24.60
CA ILE B 927 -12.09 3.05 -24.32
C ILE B 927 -13.32 2.52 -23.60
N SER B 928 -13.86 1.40 -24.08
CA SER B 928 -15.01 0.76 -23.45
C SER B 928 -14.71 0.54 -21.96
N LEU B 929 -13.54 0.00 -21.63
CA LEU B 929 -13.21 -0.31 -20.25
C LEU B 929 -13.34 0.93 -19.37
N VAL B 930 -13.14 2.12 -19.93
CA VAL B 930 -13.26 3.33 -19.12
C VAL B 930 -14.68 3.89 -19.20
N TYR B 931 -15.27 3.86 -20.40
CA TYR B 931 -16.54 4.54 -20.62
C TYR B 931 -17.73 3.64 -20.31
N ASP B 932 -17.47 2.37 -20.01
CA ASP B 932 -18.49 1.45 -19.52
C ASP B 932 -18.34 1.30 -18.01
N ASN B 933 -17.38 2.02 -17.43
CA ASN B 933 -17.01 1.94 -16.02
C ASN B 933 -16.71 0.51 -15.60
N LYS B 934 -15.85 -0.19 -16.36
CA LYS B 934 -15.54 -1.57 -16.10
C LYS B 934 -14.18 -1.68 -15.39
N ILE B 935 -13.49 -0.55 -15.21
CA ILE B 935 -12.25 -0.51 -14.43
C ILE B 935 -12.56 0.14 -13.08
N SER B 936 -12.34 -0.64 -12.01
CA SER B 936 -12.95 -0.32 -10.72
C SER B 936 -11.97 0.45 -9.83
N VAL B 937 -10.82 0.82 -10.40
CA VAL B 937 -9.81 1.54 -9.64
C VAL B 937 -9.38 2.77 -10.45
N PRO B 938 -9.06 3.92 -9.80
CA PRO B 938 -8.51 5.08 -10.54
C PRO B 938 -7.23 4.72 -11.28
N LEU B 939 -7.13 5.19 -12.53
CA LEU B 939 -6.02 4.89 -13.42
C LEU B 939 -4.95 6.00 -13.32
N TYR B 940 -5.24 7.06 -12.55
CA TYR B 940 -4.29 8.16 -12.34
C TYR B 940 -3.50 7.91 -11.06
N GLN B 941 -2.79 8.93 -10.55
CA GLN B 941 -1.92 8.71 -9.41
C GLN B 941 -1.72 10.02 -8.66
N GLU B 942 -1.15 9.92 -7.46
CA GLU B 942 -0.66 11.04 -6.68
C GLU B 942 -1.77 12.03 -6.31
N ALA B 943 -3.03 11.70 -6.62
CA ALA B 943 -4.12 12.67 -6.66
C ALA B 943 -3.83 13.80 -7.65
N GLU B 944 -3.00 13.50 -8.66
CA GLU B 944 -2.64 14.43 -9.73
C GLU B 944 -3.89 15.08 -10.34
N VAL B 945 -4.96 14.28 -10.50
CA VAL B 945 -6.30 14.83 -10.71
C VAL B 945 -7.11 14.72 -9.41
N PRO B 946 -7.92 15.75 -9.06
CA PRO B 946 -8.56 15.81 -7.74
C PRO B 946 -9.28 14.52 -7.38
N GLN B 947 -9.25 14.16 -6.10
CA GLN B 947 -9.75 12.88 -5.60
C GLN B 947 -11.18 12.65 -6.09
N GLY B 948 -11.42 11.44 -6.58
CA GLY B 948 -12.73 11.05 -7.08
C GLY B 948 -12.97 11.48 -8.53
N THR B 949 -11.92 11.99 -9.19
CA THR B 949 -11.96 12.27 -10.63
C THR B 949 -12.36 11.00 -11.38
N SER B 950 -13.32 11.09 -12.31
CA SER B 950 -13.76 9.89 -13.00
C SER B 950 -12.67 9.47 -13.98
N ASN B 951 -12.54 8.17 -14.25
CA ASN B 951 -11.53 7.70 -15.17
C ASN B 951 -11.80 8.21 -16.59
N GLN B 952 -13.08 8.51 -16.89
CA GLN B 952 -13.46 9.10 -18.16
C GLN B 952 -12.74 10.42 -18.37
N VAL B 953 -12.82 11.33 -17.39
CA VAL B 953 -12.25 12.67 -17.53
C VAL B 953 -10.73 12.57 -17.64
N TYR B 954 -10.15 11.61 -16.90
CA TYR B 954 -8.71 11.45 -16.87
C TYR B 954 -8.21 10.86 -18.20
N LEU B 955 -8.95 9.89 -18.72
CA LEU B 955 -8.63 9.34 -20.03
C LEU B 955 -8.67 10.43 -21.08
N SER B 956 -9.68 11.30 -20.99
CA SER B 956 -9.86 12.38 -21.95
C SER B 956 -8.68 13.34 -21.89
N GLN B 957 -8.30 13.71 -20.66
CA GLN B 957 -7.18 14.61 -20.44
C GLN B 957 -5.89 14.00 -20.99
N TYR B 958 -5.66 12.70 -20.72
CA TYR B 958 -4.44 12.04 -21.12
C TYR B 958 -4.36 12.00 -22.65
N LEU B 959 -5.51 11.69 -23.29
CA LEU B 959 -5.57 11.55 -24.74
C LEU B 959 -5.37 12.91 -25.40
N ALA B 960 -6.01 13.96 -24.85
CA ALA B 960 -5.90 15.30 -25.38
C ALA B 960 -4.45 15.78 -25.33
N ASN B 961 -3.81 15.59 -24.17
CA ASN B 961 -2.42 15.99 -23.96
C ASN B 961 -1.51 15.21 -24.91
N MET B 962 -1.72 13.89 -25.00
CA MET B 962 -0.84 13.05 -25.80
C MET B 962 -0.95 13.43 -27.28
N LEU B 963 -2.18 13.69 -27.74
CA LEU B 963 -2.43 14.02 -29.15
C LEU B 963 -1.94 15.42 -29.46
N SER B 964 -2.03 16.34 -28.49
CA SER B 964 -1.50 17.69 -28.66
C SER B 964 0.02 17.63 -28.78
N ASN B 965 0.66 16.77 -27.99
CA ASN B 965 2.10 16.59 -28.03
C ASN B 965 2.53 15.98 -29.36
N ALA B 966 1.83 14.93 -29.78
CA ALA B 966 2.17 14.19 -30.99
C ALA B 966 1.87 15.04 -32.23
N PHE B 967 0.79 15.82 -32.17
CA PHE B 967 0.29 16.52 -33.35
C PHE B 967 -0.03 17.96 -32.98
N PRO B 968 0.98 18.83 -32.76
CA PRO B 968 0.73 20.18 -32.25
C PRO B 968 -0.04 21.05 -33.24
N HIS B 969 -0.10 20.61 -34.50
CA HIS B 969 -0.75 21.38 -35.55
C HIS B 969 -2.26 21.23 -35.52
N LEU B 970 -2.78 20.25 -34.76
CA LEU B 970 -4.22 20.13 -34.54
C LEU B 970 -4.63 21.18 -33.51
N THR B 971 -5.84 21.72 -33.65
CA THR B 971 -6.33 22.71 -32.71
C THR B 971 -6.92 21.99 -31.51
N SER B 972 -7.17 22.75 -30.43
CA SER B 972 -7.86 22.21 -29.27
C SER B 972 -9.22 21.64 -29.71
N GLU B 973 -9.90 22.37 -30.61
CA GLU B 973 -11.24 22.02 -31.06
C GLU B 973 -11.23 20.73 -31.86
N GLN B 974 -10.19 20.54 -32.68
CA GLN B 974 -10.04 19.32 -33.47
C GLN B 974 -9.94 18.11 -32.54
N ILE B 975 -9.02 18.21 -31.58
CA ILE B 975 -8.74 17.13 -30.64
C ILE B 975 -9.98 16.84 -29.79
N ALA B 976 -10.56 17.92 -29.24
CA ALA B 976 -11.72 17.78 -28.36
C ALA B 976 -12.83 17.04 -29.10
N SER B 977 -13.10 17.47 -30.33
CA SER B 977 -14.22 16.92 -31.10
C SER B 977 -13.95 15.46 -31.46
N PHE B 978 -12.70 15.16 -31.83
CA PHE B 978 -12.36 13.79 -32.20
C PHE B 978 -12.54 12.86 -31.00
N LEU B 979 -12.08 13.31 -29.83
CA LEU B 979 -12.15 12.49 -28.63
C LEU B 979 -13.60 12.32 -28.19
N SER B 980 -14.39 13.39 -28.31
CA SER B 980 -15.82 13.31 -28.03
C SER B 980 -16.49 12.27 -28.93
N ALA B 981 -16.15 12.28 -30.22
CA ALA B 981 -16.70 11.33 -31.19
C ALA B 981 -16.30 9.90 -30.83
N LEU B 982 -15.02 9.70 -30.48
CA LEU B 982 -14.53 8.39 -30.13
C LEU B 982 -15.31 7.88 -28.91
N THR B 983 -15.46 8.74 -27.90
CA THR B 983 -16.04 8.31 -26.63
C THR B 983 -17.54 8.11 -26.77
N LYS B 984 -18.12 8.56 -27.88
CA LYS B 984 -19.55 8.38 -28.09
C LYS B 984 -19.81 7.21 -29.04
N GLN B 985 -18.76 6.63 -29.62
CA GLN B 985 -18.93 5.71 -30.73
C GLN B 985 -18.17 4.40 -30.51
N TYR B 986 -17.90 4.04 -29.26
CA TYR B 986 -17.02 2.90 -28.99
C TYR B 986 -17.80 1.57 -29.02
N LYS B 987 -19.11 1.64 -29.26
CA LYS B 987 -19.94 0.45 -29.34
C LYS B 987 -20.23 0.10 -30.81
N ASP B 988 -19.97 1.07 -31.70
CA ASP B 988 -20.19 0.88 -33.12
C ASP B 988 -18.83 0.77 -33.81
N LEU B 989 -18.56 -0.41 -34.37
CA LEU B 989 -17.28 -0.68 -35.00
C LEU B 989 -17.09 0.16 -36.27
N VAL B 990 -18.09 0.22 -37.14
CA VAL B 990 -17.92 0.86 -38.44
C VAL B 990 -17.81 2.37 -38.26
N VAL B 991 -18.59 2.92 -37.32
CA VAL B 991 -18.58 4.35 -37.08
C VAL B 991 -17.26 4.75 -36.42
N PHE B 992 -16.81 3.92 -35.47
CA PHE B 992 -15.56 4.14 -34.78
C PHE B 992 -14.41 4.13 -35.80
N LYS B 993 -14.41 3.16 -36.71
CA LYS B 993 -13.40 3.08 -37.74
C LYS B 993 -13.44 4.33 -38.62
N GLY B 994 -14.66 4.77 -38.93
CA GLY B 994 -14.82 6.01 -39.69
C GLY B 994 -14.14 7.18 -38.99
N THR B 995 -14.43 7.33 -37.69
CA THR B 995 -13.91 8.43 -36.90
C THR B 995 -12.38 8.38 -36.86
N LEU B 996 -11.84 7.16 -36.74
CA LEU B 996 -10.40 7.01 -36.71
C LEU B 996 -9.80 7.42 -38.05
N ARG B 997 -10.44 7.00 -39.15
CA ARG B 997 -9.93 7.32 -40.47
C ARG B 997 -9.96 8.83 -40.69
N ASP B 998 -11.01 9.48 -40.18
CA ASP B 998 -11.13 10.93 -40.26
C ASP B 998 -9.96 11.59 -39.53
N PHE B 999 -9.66 11.06 -38.34
CA PHE B 999 -8.56 11.57 -37.55
C PHE B 999 -7.22 11.37 -38.28
N LEU B 1000 -7.07 10.21 -38.94
CA LEU B 1000 -5.84 9.87 -39.63
C LEU B 1000 -5.64 10.76 -40.84
N VAL B 1001 -6.74 11.24 -41.42
CA VAL B 1001 -6.69 12.16 -42.54
C VAL B 1001 -6.28 13.53 -42.03
N GLN B 1002 -6.84 13.90 -40.87
CA GLN B 1002 -6.70 15.24 -40.33
C GLN B 1002 -5.31 15.47 -39.74
N ILE B 1003 -4.63 14.40 -39.31
CA ILE B 1003 -3.33 14.58 -38.69
C ILE B 1003 -2.27 14.79 -39.77
N LYS B 1004 -2.59 14.41 -41.02
CA LYS B 1004 -1.66 14.57 -42.12
C LYS B 1004 -1.72 15.99 -42.66
N GLU B 1005 -2.76 16.75 -42.30
CA GLU B 1005 -2.99 18.09 -42.83
C GLU B 1005 -3.17 19.11 -41.70
N VAL B 1006 -3.12 20.39 -42.07
CA VAL B 1006 -3.24 21.51 -41.15
C VAL B 1006 -4.51 22.28 -41.50
N GLY B 1007 -5.28 22.61 -40.44
CA GLY B 1007 -6.51 23.37 -40.56
C GLY B 1007 -7.71 22.49 -40.90
N GLY B 1008 -7.77 21.31 -40.28
CA GLY B 1008 -8.90 20.42 -40.52
C GLY B 1008 -10.13 20.95 -39.80
N ASP B 1009 -11.31 20.50 -40.23
CA ASP B 1009 -12.55 21.01 -39.69
C ASP B 1009 -12.95 20.17 -38.49
N PRO B 1010 -12.99 20.74 -37.25
CA PRO B 1010 -13.44 19.97 -36.08
C PRO B 1010 -14.86 19.41 -36.18
N THR B 1011 -15.68 20.00 -37.05
CA THR B 1011 -17.05 19.55 -37.21
C THR B 1011 -17.09 18.15 -37.82
N ASP B 1012 -16.01 17.76 -38.53
CA ASP B 1012 -16.03 16.56 -39.35
C ASP B 1012 -16.37 15.34 -38.52
N TYR B 1013 -16.02 15.39 -37.23
CA TYR B 1013 -16.20 14.27 -36.32
C TYR B 1013 -17.67 14.13 -35.92
N LEU B 1014 -18.49 15.09 -36.33
CA LEU B 1014 -19.92 14.99 -36.10
C LEU B 1014 -20.60 14.31 -37.29
N PHE B 1015 -19.81 13.91 -38.30
CA PHE B 1015 -20.30 13.35 -39.55
C PHE B 1015 -21.34 12.25 -39.29
N ALA B 1016 -20.95 11.25 -38.49
CA ALA B 1016 -21.80 10.12 -38.18
C ALA B 1016 -23.05 10.60 -37.44
N GLU B 1017 -22.87 11.56 -36.52
CA GLU B 1017 -23.96 12.08 -35.73
C GLU B 1017 -24.92 12.88 -36.62
N ASP B 1018 -24.41 13.36 -37.77
CA ASP B 1018 -25.20 14.18 -38.69
C ASP B 1018 -26.14 13.34 -39.56
N LYS B 1019 -25.64 12.18 -40.03
CA LYS B 1019 -26.42 11.25 -40.82
C LYS B 1019 -27.11 10.26 -39.89
N VAL C 10 -22.84 -17.65 -50.36
CA VAL C 10 -23.87 -17.48 -49.28
C VAL C 10 -24.17 -18.85 -48.66
N PRO C 11 -24.13 -18.95 -47.31
CA PRO C 11 -24.46 -20.21 -46.63
C PRO C 11 -25.97 -20.44 -46.52
N THR C 12 -26.36 -21.72 -46.56
CA THR C 12 -27.74 -22.17 -46.36
C THR C 12 -27.78 -23.16 -45.18
N PHE C 13 -28.66 -22.87 -44.21
CA PHE C 13 -28.83 -23.70 -43.04
C PHE C 13 -30.26 -24.23 -43.00
N LYS C 14 -30.42 -25.50 -42.60
CA LYS C 14 -31.74 -26.10 -42.51
C LYS C 14 -32.39 -25.76 -41.19
N LEU C 15 -33.61 -25.24 -41.28
CA LEU C 15 -34.38 -24.84 -40.11
C LEU C 15 -35.66 -25.66 -40.08
N VAL C 16 -35.78 -26.50 -39.04
CA VAL C 16 -36.96 -27.31 -38.87
C VAL C 16 -37.90 -26.54 -37.95
N LEU C 17 -39.13 -26.37 -38.44
CA LEU C 17 -40.15 -25.66 -37.72
C LEU C 17 -41.21 -26.68 -37.30
N VAL C 18 -41.32 -26.87 -35.98
CA VAL C 18 -42.22 -27.83 -35.42
C VAL C 18 -43.07 -27.13 -34.37
N GLY C 19 -44.25 -27.71 -34.17
CA GLY C 19 -45.19 -27.19 -33.21
C GLY C 19 -46.56 -27.81 -33.48
N ASP C 20 -47.51 -27.56 -32.57
CA ASP C 20 -48.84 -28.09 -32.71
C ASP C 20 -49.58 -27.42 -33.86
N GLY C 21 -50.69 -28.04 -34.28
CA GLY C 21 -51.49 -27.54 -35.40
C GLY C 21 -52.11 -26.19 -35.08
N GLY C 22 -51.98 -25.24 -36.00
CA GLY C 22 -52.58 -23.92 -35.88
C GLY C 22 -51.87 -23.02 -34.87
N THR C 23 -50.61 -23.31 -34.58
CA THR C 23 -49.84 -22.46 -33.69
C THR C 23 -49.31 -21.24 -34.44
N GLY C 24 -49.36 -21.30 -35.79
CA GLY C 24 -49.01 -20.15 -36.59
C GLY C 24 -47.63 -20.30 -37.21
N LYS C 25 -47.30 -21.53 -37.63
CA LYS C 25 -45.98 -21.78 -38.16
C LYS C 25 -45.98 -21.39 -39.64
N THR C 26 -46.99 -21.89 -40.36
CA THR C 26 -47.12 -21.61 -41.79
C THR C 26 -47.27 -20.11 -42.00
N THR C 27 -48.14 -19.48 -41.18
CA THR C 27 -48.41 -18.07 -41.34
C THR C 27 -47.13 -17.28 -41.07
N PHE C 28 -46.37 -17.72 -40.06
CA PHE C 28 -45.10 -17.10 -39.71
C PHE C 28 -44.14 -17.10 -40.90
N VAL C 29 -43.98 -18.27 -41.53
CA VAL C 29 -43.05 -18.40 -42.64
C VAL C 29 -43.56 -17.58 -43.83
N LYS C 30 -44.89 -17.62 -44.05
CA LYS C 30 -45.48 -16.97 -45.20
C LYS C 30 -45.28 -15.47 -45.08
N ARG C 31 -45.42 -14.94 -43.85
CA ARG C 31 -45.30 -13.50 -43.68
C ARG C 31 -43.84 -13.08 -43.79
N HIS C 32 -42.92 -13.98 -43.44
CA HIS C 32 -41.51 -13.71 -43.62
C HIS C 32 -41.14 -13.65 -45.10
N LEU C 33 -41.85 -14.44 -45.91
CA LEU C 33 -41.56 -14.57 -47.33
C LEU C 33 -42.18 -13.41 -48.10
N THR C 34 -43.47 -13.16 -47.85
CA THR C 34 -44.29 -12.30 -48.70
C THR C 34 -44.68 -11.01 -47.98
N GLY C 35 -44.83 -11.06 -46.66
CA GLY C 35 -45.28 -9.90 -45.90
C GLY C 35 -46.78 -9.94 -45.61
N GLU C 36 -47.44 -10.99 -46.11
CA GLU C 36 -48.88 -11.17 -45.97
C GLU C 36 -49.17 -12.05 -44.75
N PHE C 37 -50.23 -11.69 -44.03
CA PHE C 37 -50.70 -12.49 -42.92
C PHE C 37 -51.98 -13.21 -43.35
N GLU C 38 -51.93 -14.54 -43.42
CA GLU C 38 -53.10 -15.33 -43.82
C GLU C 38 -53.99 -15.54 -42.59
N LYS C 39 -55.27 -15.21 -42.74
CA LYS C 39 -56.23 -15.30 -41.65
C LYS C 39 -56.80 -16.72 -41.56
N LYS C 40 -56.94 -17.38 -42.71
CA LYS C 40 -57.49 -18.72 -42.78
C LYS C 40 -56.48 -19.72 -42.20
N TYR C 41 -56.99 -20.86 -41.72
CA TYR C 41 -56.16 -21.96 -41.28
C TYR C 41 -56.19 -23.08 -42.32
N ILE C 42 -55.19 -23.06 -43.21
CA ILE C 42 -54.88 -24.15 -44.12
C ILE C 42 -53.74 -24.95 -43.51
N ALA C 43 -54.10 -26.13 -42.97
CA ALA C 43 -53.16 -27.02 -42.31
C ALA C 43 -52.15 -27.53 -43.34
N THR C 44 -50.89 -27.55 -42.91
CA THR C 44 -49.82 -28.14 -43.69
C THR C 44 -50.05 -29.65 -43.74
N ILE C 45 -49.69 -30.26 -44.88
CA ILE C 45 -49.67 -31.70 -45.03
C ILE C 45 -48.23 -32.13 -45.24
N GLY C 46 -47.71 -32.97 -44.34
CA GLY C 46 -46.32 -33.37 -44.38
C GLY C 46 -45.38 -32.22 -44.03
N VAL C 47 -44.60 -31.75 -44.99
CA VAL C 47 -43.68 -30.64 -44.82
C VAL C 47 -43.68 -29.79 -46.09
N GLU C 48 -43.48 -28.49 -45.93
CA GLU C 48 -43.16 -27.62 -47.06
C GLU C 48 -41.81 -26.97 -46.80
N VAL C 49 -40.94 -27.03 -47.81
CA VAL C 49 -39.61 -26.47 -47.70
C VAL C 49 -39.60 -25.12 -48.40
N HIS C 50 -39.30 -24.07 -47.63
CA HIS C 50 -39.27 -22.68 -48.08
C HIS C 50 -37.87 -22.08 -47.94
N PRO C 51 -37.15 -21.80 -49.06
CA PRO C 51 -35.90 -21.04 -49.00
C PRO C 51 -36.20 -19.60 -48.59
N LEU C 52 -35.75 -19.22 -47.39
CA LEU C 52 -35.97 -17.88 -46.86
C LEU C 52 -34.62 -17.21 -46.65
N SER C 53 -34.43 -16.03 -47.27
CA SER C 53 -33.15 -15.35 -47.18
C SER C 53 -33.23 -14.16 -46.22
N PHE C 54 -32.11 -13.87 -45.56
CA PHE C 54 -31.99 -12.66 -44.75
C PHE C 54 -30.70 -11.94 -45.14
N TYR C 55 -30.73 -10.60 -45.06
CA TYR C 55 -29.60 -9.76 -45.40
C TYR C 55 -29.02 -9.21 -44.11
N THR C 56 -27.69 -9.30 -43.99
CA THR C 56 -27.02 -8.86 -42.79
C THR C 56 -25.78 -8.05 -43.15
N ASN C 57 -25.22 -7.36 -42.16
CA ASN C 57 -24.00 -6.57 -42.34
C ASN C 57 -22.81 -7.47 -42.68
N PHE C 58 -22.96 -8.80 -42.52
CA PHE C 58 -21.91 -9.73 -42.85
C PHE C 58 -22.20 -10.48 -44.16
N GLY C 59 -23.43 -10.34 -44.67
CA GLY C 59 -23.80 -10.93 -45.94
C GLY C 59 -25.18 -11.58 -45.91
N GLU C 60 -25.48 -12.37 -46.94
CA GLU C 60 -26.76 -13.04 -47.04
C GLU C 60 -26.67 -14.41 -46.35
N ILE C 61 -27.75 -14.77 -45.65
CA ILE C 61 -27.89 -16.07 -45.01
C ILE C 61 -29.20 -16.69 -45.44
N LYS C 62 -29.17 -17.97 -45.84
CA LYS C 62 -30.37 -18.65 -46.29
C LYS C 62 -30.78 -19.72 -45.26
N PHE C 63 -32.09 -19.88 -45.10
CA PHE C 63 -32.70 -20.90 -44.26
C PHE C 63 -33.58 -21.77 -45.14
N ASP C 64 -33.28 -23.07 -45.18
CA ASP C 64 -34.24 -24.03 -45.69
C ASP C 64 -35.27 -24.31 -44.60
N VAL C 65 -36.34 -23.52 -44.58
CA VAL C 65 -37.34 -23.67 -43.54
C VAL C 65 -38.20 -24.88 -43.88
N TRP C 66 -38.08 -25.93 -43.06
CA TRP C 66 -38.91 -27.11 -43.18
C TRP C 66 -40.13 -26.94 -42.30
N ASP C 67 -41.15 -26.28 -42.85
CA ASP C 67 -42.40 -26.08 -42.15
C ASP C 67 -43.13 -27.42 -42.08
N THR C 68 -43.22 -27.99 -40.86
CA THR C 68 -43.77 -29.32 -40.68
C THR C 68 -45.20 -29.21 -40.18
N ALA C 69 -46.02 -30.22 -40.52
CA ALA C 69 -47.42 -30.29 -40.10
C ALA C 69 -47.47 -30.70 -38.62
N GLY C 70 -48.22 -29.94 -37.82
CA GLY C 70 -48.39 -30.23 -36.41
C GLY C 70 -49.65 -31.06 -36.11
N LEU C 71 -50.36 -31.48 -37.16
CA LEU C 71 -51.54 -32.32 -36.96
C LEU C 71 -51.10 -33.77 -37.08
N GLU C 72 -51.69 -34.62 -36.23
CA GLU C 72 -51.32 -36.03 -36.16
C GLU C 72 -51.65 -36.68 -37.50
N LYS C 73 -52.78 -36.31 -38.10
CA LYS C 73 -53.31 -36.95 -39.28
C LYS C 73 -52.49 -36.55 -40.52
N PHE C 74 -51.73 -35.45 -40.42
CA PHE C 74 -50.96 -34.95 -41.54
C PHE C 74 -49.47 -34.97 -41.23
N GLY C 75 -49.09 -35.75 -40.19
CA GLY C 75 -47.72 -35.84 -39.70
C GLY C 75 -46.70 -36.26 -40.77
N GLY C 76 -47.11 -37.16 -41.67
CA GLY C 76 -46.21 -37.62 -42.72
C GLY C 76 -45.00 -38.36 -42.15
N LEU C 77 -43.80 -37.84 -42.45
CA LEU C 77 -42.56 -38.52 -42.10
C LEU C 77 -42.18 -38.24 -40.64
N ARG C 78 -42.92 -37.31 -40.01
CA ARG C 78 -42.69 -36.90 -38.63
C ARG C 78 -41.22 -36.51 -38.47
N ASP C 79 -40.55 -37.17 -37.51
CA ASP C 79 -39.17 -36.87 -37.16
C ASP C 79 -38.24 -37.09 -38.36
N GLY C 80 -38.74 -37.78 -39.39
CA GLY C 80 -38.00 -37.96 -40.62
C GLY C 80 -37.60 -36.61 -41.22
N TYR C 81 -38.41 -35.59 -40.98
CA TYR C 81 -38.20 -34.27 -41.56
C TYR C 81 -37.01 -33.58 -40.89
N TYR C 82 -36.57 -34.11 -39.75
CA TYR C 82 -35.68 -33.36 -38.89
C TYR C 82 -34.21 -33.60 -39.24
N ILE C 83 -33.94 -34.60 -40.09
CA ILE C 83 -32.57 -35.05 -40.31
C ILE C 83 -31.75 -33.94 -40.94
N ASN C 84 -30.55 -33.73 -40.40
CA ASN C 84 -29.58 -32.77 -40.94
C ASN C 84 -30.02 -31.33 -40.69
N ALA C 85 -30.99 -31.15 -39.79
CA ALA C 85 -31.39 -29.81 -39.41
C ALA C 85 -30.22 -29.12 -38.69
N GLN C 86 -30.03 -27.83 -38.97
CA GLN C 86 -28.95 -27.08 -38.35
C GLN C 86 -29.50 -26.13 -37.29
N CYS C 87 -30.82 -25.95 -37.27
CA CYS C 87 -31.48 -25.10 -36.29
C CYS C 87 -32.98 -25.38 -36.33
N ALA C 88 -33.67 -24.92 -35.29
CA ALA C 88 -35.07 -25.28 -35.17
C ALA C 88 -35.85 -24.18 -34.47
N ILE C 89 -37.14 -24.13 -34.79
CA ILE C 89 -38.10 -23.33 -34.07
C ILE C 89 -39.20 -24.25 -33.58
N ILE C 90 -39.37 -24.31 -32.25
CA ILE C 90 -40.52 -24.96 -31.67
C ILE C 90 -41.52 -23.87 -31.36
N MET C 91 -42.69 -23.98 -31.98
CA MET C 91 -43.67 -22.93 -31.82
C MET C 91 -44.88 -23.48 -31.09
N PHE C 92 -45.36 -22.68 -30.14
CA PHE C 92 -46.64 -22.95 -29.52
C PHE C 92 -47.51 -21.69 -29.62
N ASP C 93 -48.77 -21.82 -29.16
CA ASP C 93 -49.77 -20.78 -29.22
C ASP C 93 -50.09 -20.36 -27.79
N VAL C 94 -49.92 -19.07 -27.47
CA VAL C 94 -50.06 -18.62 -26.09
C VAL C 94 -51.53 -18.55 -25.69
N THR C 95 -52.43 -18.82 -26.64
CA THR C 95 -53.85 -18.72 -26.35
C THR C 95 -54.42 -20.11 -26.15
N SER C 96 -53.55 -21.12 -26.26
CA SER C 96 -53.91 -22.52 -26.10
C SER C 96 -52.91 -23.22 -25.19
N ARG C 97 -53.38 -23.66 -24.02
CA ARG C 97 -52.46 -24.29 -23.07
C ARG C 97 -51.87 -25.56 -23.66
N ILE C 98 -52.70 -26.33 -24.39
CA ILE C 98 -52.29 -27.65 -24.86
C ILE C 98 -51.11 -27.52 -25.84
N THR C 99 -50.94 -26.35 -26.46
CA THR C 99 -49.89 -26.24 -27.47
C THR C 99 -48.55 -26.11 -26.78
N TYR C 100 -48.57 -25.57 -25.55
CA TYR C 100 -47.36 -25.47 -24.74
C TYR C 100 -47.12 -26.80 -24.03
N LYS C 101 -48.21 -27.45 -23.65
CA LYS C 101 -48.14 -28.78 -23.04
C LYS C 101 -47.36 -29.72 -23.97
N ASN C 102 -47.53 -29.55 -25.28
CA ASN C 102 -46.94 -30.47 -26.23
C ASN C 102 -45.54 -30.00 -26.64
N VAL C 103 -45.06 -28.91 -26.04
CA VAL C 103 -43.74 -28.42 -26.43
C VAL C 103 -42.67 -29.45 -26.08
N PRO C 104 -42.69 -30.05 -24.86
CA PRO C 104 -41.73 -31.10 -24.52
C PRO C 104 -41.77 -32.25 -25.51
N ASN C 105 -42.95 -32.61 -26.03
CA ASN C 105 -43.06 -33.73 -26.96
C ASN C 105 -42.36 -33.42 -28.28
N TRP C 106 -42.53 -32.18 -28.80
CA TRP C 106 -41.83 -31.76 -29.99
C TRP C 106 -40.33 -31.72 -29.73
N HIS C 107 -39.93 -31.12 -28.61
CA HIS C 107 -38.52 -31.00 -28.26
C HIS C 107 -37.88 -32.37 -28.18
N ARG C 108 -38.57 -33.31 -27.52
CA ARG C 108 -38.15 -34.68 -27.39
C ARG C 108 -37.90 -35.29 -28.77
N ASP C 109 -38.89 -35.19 -29.67
CA ASP C 109 -38.78 -35.75 -31.01
C ASP C 109 -37.59 -35.14 -31.75
N LEU C 110 -37.36 -33.85 -31.51
CA LEU C 110 -36.45 -33.05 -32.31
C LEU C 110 -35.00 -33.36 -31.92
N VAL C 111 -34.66 -33.28 -30.62
CA VAL C 111 -33.30 -33.44 -30.15
C VAL C 111 -32.83 -34.90 -30.26
N ARG C 112 -33.77 -35.84 -30.36
CA ARG C 112 -33.45 -37.24 -30.58
C ARG C 112 -32.97 -37.45 -32.02
N VAL C 113 -33.14 -36.43 -32.86
CA VAL C 113 -32.64 -36.50 -34.23
C VAL C 113 -31.48 -35.51 -34.37
N CYS C 114 -31.58 -34.38 -33.68
CA CYS C 114 -30.65 -33.27 -33.85
C CYS C 114 -30.09 -32.93 -32.47
N GLU C 115 -28.82 -33.29 -32.25
CA GLU C 115 -28.27 -33.39 -30.91
C GLU C 115 -27.97 -32.01 -30.32
N ASN C 116 -27.10 -31.24 -30.98
CA ASN C 116 -26.68 -29.97 -30.42
C ASN C 116 -26.84 -28.87 -31.48
N ILE C 117 -28.10 -28.47 -31.66
CA ILE C 117 -28.46 -27.43 -32.62
C ILE C 117 -29.11 -26.29 -31.84
N PRO C 118 -28.92 -25.02 -32.28
CA PRO C 118 -29.67 -23.90 -31.69
C PRO C 118 -31.16 -24.06 -31.98
N ILE C 119 -31.99 -23.90 -30.93
CA ILE C 119 -33.44 -24.01 -31.05
C ILE C 119 -34.05 -22.79 -30.37
N VAL C 120 -35.08 -22.23 -31.02
CA VAL C 120 -35.86 -21.13 -30.48
C VAL C 120 -37.27 -21.63 -30.19
N LEU C 121 -37.68 -21.49 -28.94
CA LEU C 121 -39.07 -21.71 -28.58
C LEU C 121 -39.81 -20.36 -28.73
N CYS C 122 -40.90 -20.38 -29.50
CA CYS C 122 -41.63 -19.17 -29.78
C CYS C 122 -43.07 -19.33 -29.30
N GLY C 123 -43.49 -18.41 -28.43
CA GLY C 123 -44.88 -18.23 -28.07
C GLY C 123 -45.58 -17.26 -29.03
N ASN C 124 -46.34 -17.83 -29.97
CA ASN C 124 -46.99 -17.04 -31.01
C ASN C 124 -48.36 -16.57 -30.53
N LYS C 125 -48.92 -15.58 -31.25
CA LYS C 125 -50.27 -15.04 -31.06
C LYS C 125 -50.35 -14.26 -29.75
N VAL C 126 -49.25 -13.56 -29.41
CA VAL C 126 -49.16 -12.84 -28.15
C VAL C 126 -50.05 -11.62 -28.20
N ASP C 127 -50.56 -11.31 -29.40
CA ASP C 127 -51.40 -10.15 -29.61
C ASP C 127 -52.79 -10.36 -28.99
N VAL C 128 -53.33 -11.59 -29.07
CA VAL C 128 -54.66 -11.90 -28.55
C VAL C 128 -54.78 -11.42 -27.10
N LYS C 129 -55.91 -10.79 -26.76
CA LYS C 129 -56.04 -10.16 -25.46
C LYS C 129 -55.98 -11.23 -24.38
N GLU C 130 -56.80 -12.27 -24.53
CA GLU C 130 -56.94 -13.24 -23.46
C GLU C 130 -55.91 -14.33 -23.68
N ARG C 131 -54.72 -14.13 -23.08
CA ARG C 131 -53.57 -15.01 -23.25
C ARG C 131 -53.63 -16.10 -22.17
N LYS C 132 -53.65 -17.36 -22.62
CA LYS C 132 -53.83 -18.50 -21.75
C LYS C 132 -52.50 -18.97 -21.16
N VAL C 133 -51.45 -19.04 -21.98
CA VAL C 133 -50.14 -19.43 -21.50
C VAL C 133 -49.37 -18.17 -21.10
N LYS C 134 -49.29 -17.93 -19.79
CA LYS C 134 -48.72 -16.69 -19.26
C LYS C 134 -47.20 -16.75 -19.39
N ALA C 135 -46.56 -15.57 -19.40
CA ALA C 135 -45.11 -15.46 -19.53
C ALA C 135 -44.41 -16.24 -18.43
N LYS C 136 -44.87 -16.05 -17.18
CA LYS C 136 -44.26 -16.69 -16.04
C LYS C 136 -44.34 -18.21 -16.12
N THR C 137 -45.26 -18.75 -16.92
CA THR C 137 -45.45 -20.19 -17.04
C THR C 137 -44.42 -20.81 -17.98
N ILE C 138 -43.90 -20.00 -18.93
CA ILE C 138 -43.05 -20.53 -19.98
C ILE C 138 -41.60 -20.56 -19.49
N THR C 139 -41.18 -21.73 -19.00
CA THR C 139 -39.86 -21.91 -18.41
C THR C 139 -39.20 -23.17 -18.97
N PHE C 140 -39.91 -23.93 -19.80
CA PHE C 140 -39.40 -25.22 -20.28
C PHE C 140 -38.05 -25.07 -20.97
N HIS C 141 -37.84 -23.92 -21.62
CA HIS C 141 -36.66 -23.73 -22.46
C HIS C 141 -35.40 -23.60 -21.60
N ARG C 142 -35.57 -23.32 -20.30
CA ARG C 142 -34.44 -23.05 -19.42
C ARG C 142 -33.47 -24.24 -19.40
N LYS C 143 -33.98 -25.42 -19.00
CA LYS C 143 -33.16 -26.61 -18.82
C LYS C 143 -32.70 -27.20 -20.15
N LYS C 144 -33.30 -26.77 -21.27
CA LYS C 144 -32.95 -27.34 -22.55
C LYS C 144 -32.13 -26.36 -23.36
N ASN C 145 -31.65 -25.30 -22.69
CA ASN C 145 -30.82 -24.26 -23.26
C ASN C 145 -31.38 -23.85 -24.62
N LEU C 146 -32.70 -23.61 -24.68
CA LEU C 146 -33.38 -23.05 -25.85
C LEU C 146 -33.55 -21.55 -25.67
N GLN C 147 -33.43 -20.80 -26.78
CA GLN C 147 -33.85 -19.41 -26.82
C GLN C 147 -35.37 -19.33 -26.76
N TYR C 148 -35.89 -18.30 -26.09
CA TYR C 148 -37.33 -18.07 -26.13
C TYR C 148 -37.66 -16.65 -26.57
N TYR C 149 -38.73 -16.55 -27.36
CA TYR C 149 -39.26 -15.26 -27.76
C TYR C 149 -40.78 -15.30 -27.79
N ASP C 150 -41.37 -14.24 -27.24
CA ASP C 150 -42.76 -13.89 -27.48
C ASP C 150 -42.84 -13.35 -28.91
N ILE C 151 -43.64 -13.99 -29.77
CA ILE C 151 -43.80 -13.49 -31.13
C ILE C 151 -45.28 -13.34 -31.50
N SER C 152 -45.53 -12.57 -32.56
CA SER C 152 -46.85 -12.46 -33.15
C SER C 152 -46.74 -12.28 -34.65
N ALA C 153 -47.23 -13.28 -35.40
CA ALA C 153 -47.22 -13.23 -36.86
C ALA C 153 -48.23 -12.19 -37.35
N LYS C 154 -49.26 -11.91 -36.54
CA LYS C 154 -50.25 -10.92 -36.91
C LYS C 154 -49.72 -9.50 -36.64
N SER C 155 -48.99 -9.33 -35.53
CA SER C 155 -48.61 -8.03 -35.04
C SER C 155 -47.21 -7.62 -35.49
N ASN C 156 -46.46 -8.56 -36.07
CA ASN C 156 -45.02 -8.37 -36.31
C ASN C 156 -44.29 -8.07 -35.00
N TYR C 157 -44.65 -8.77 -33.92
CA TYR C 157 -44.00 -8.56 -32.63
C TYR C 157 -42.84 -9.54 -32.45
N ASN C 158 -41.62 -9.03 -32.21
CA ASN C 158 -40.39 -9.80 -32.16
C ASN C 158 -40.32 -10.71 -33.39
N PHE C 159 -40.68 -10.16 -34.56
CA PHE C 159 -40.90 -10.95 -35.75
C PHE C 159 -39.59 -11.56 -36.25
N GLU C 160 -38.50 -10.79 -36.16
CA GLU C 160 -37.23 -11.15 -36.78
C GLU C 160 -36.30 -11.79 -35.76
N LYS C 161 -36.68 -11.77 -34.48
CA LYS C 161 -35.80 -12.13 -33.38
C LYS C 161 -35.40 -13.62 -33.42
N PRO C 162 -36.32 -14.57 -33.66
CA PRO C 162 -35.94 -15.98 -33.75
C PRO C 162 -34.85 -16.19 -34.79
N PHE C 163 -35.07 -15.70 -36.02
CA PHE C 163 -34.12 -15.83 -37.10
C PHE C 163 -32.84 -15.06 -36.81
N LEU C 164 -32.94 -13.93 -36.10
CA LEU C 164 -31.75 -13.15 -35.78
C LEU C 164 -30.86 -13.96 -34.86
N TRP C 165 -31.47 -14.59 -33.84
CA TRP C 165 -30.74 -15.39 -32.89
C TRP C 165 -30.12 -16.59 -33.57
N LEU C 166 -30.90 -17.30 -34.40
CA LEU C 166 -30.40 -18.48 -35.08
C LEU C 166 -29.26 -18.12 -36.02
N ALA C 167 -29.37 -16.97 -36.69
CA ALA C 167 -28.36 -16.53 -37.63
C ALA C 167 -27.07 -16.21 -36.87
N ARG C 168 -27.19 -15.54 -35.72
CA ARG C 168 -26.03 -15.20 -34.91
C ARG C 168 -25.34 -16.46 -34.41
N LYS C 169 -26.13 -17.45 -34.00
CA LYS C 169 -25.58 -18.70 -33.51
C LYS C 169 -24.86 -19.43 -34.65
N LEU C 170 -25.54 -19.61 -35.77
CA LEU C 170 -25.02 -20.43 -36.86
C LEU C 170 -23.81 -19.77 -37.51
N ALA C 171 -23.76 -18.43 -37.48
CA ALA C 171 -22.64 -17.72 -38.08
C ALA C 171 -21.53 -17.55 -37.06
N GLY C 172 -21.85 -17.73 -35.78
CA GLY C 172 -20.90 -17.56 -34.69
C GLY C 172 -20.50 -16.10 -34.50
N ASN C 173 -21.39 -15.21 -34.93
CA ASN C 173 -21.14 -13.78 -34.93
C ASN C 173 -22.25 -13.07 -34.15
N PRO C 174 -22.01 -12.64 -32.89
CA PRO C 174 -23.03 -11.92 -32.11
C PRO C 174 -23.31 -10.51 -32.66
N GLN C 175 -22.40 -9.99 -33.50
CA GLN C 175 -22.48 -8.66 -34.11
C GLN C 175 -23.37 -8.65 -35.35
N LEU C 176 -23.75 -9.83 -35.83
CA LEU C 176 -24.59 -9.96 -37.01
C LEU C 176 -25.91 -9.22 -36.78
N GLU C 177 -26.24 -8.31 -37.70
CA GLU C 177 -27.47 -7.54 -37.62
C GLU C 177 -28.22 -7.66 -38.94
N PHE C 178 -29.57 -7.67 -38.89
CA PHE C 178 -30.39 -7.78 -40.08
C PHE C 178 -30.52 -6.42 -40.77
N VAL C 179 -30.39 -6.42 -42.10
CA VAL C 179 -30.49 -5.20 -42.90
C VAL C 179 -31.68 -5.29 -43.85
N ALA C 180 -32.04 -4.13 -44.41
CA ALA C 180 -33.17 -3.95 -45.31
C ALA C 180 -33.02 -4.81 -46.56
N SER C 181 -31.84 -4.78 -47.19
CA SER C 181 -31.57 -5.49 -48.44
C SER C 181 -30.23 -5.04 -49.04
N GLY D 4 -38.35 -42.88 -62.37
CA GLY D 4 -39.43 -43.81 -62.00
C GLY D 4 -40.13 -43.35 -60.72
N ILE D 5 -39.33 -43.18 -59.66
CA ILE D 5 -39.78 -42.61 -58.40
C ILE D 5 -41.11 -43.27 -57.96
N LEU D 6 -41.24 -44.59 -58.19
CA LEU D 6 -42.39 -45.34 -57.68
C LEU D 6 -41.95 -46.65 -57.01
N ASP D 7 -42.06 -46.71 -55.67
CA ASP D 7 -41.57 -47.82 -54.89
C ASP D 7 -42.70 -48.78 -54.50
N PHE D 8 -43.94 -48.39 -54.76
CA PHE D 8 -45.12 -49.15 -54.37
C PHE D 8 -45.40 -50.23 -55.42
N SER D 9 -44.84 -51.43 -55.24
CA SER D 9 -44.91 -52.45 -56.27
C SER D 9 -44.65 -53.84 -55.68
N ASN D 10 -44.19 -54.76 -56.54
CA ASN D 10 -43.93 -56.14 -56.19
C ASN D 10 -42.53 -56.32 -55.59
N ASP D 11 -41.46 -55.99 -56.34
CA ASP D 11 -40.10 -56.21 -55.87
C ASP D 11 -39.50 -54.86 -55.51
N LEU D 12 -38.66 -54.81 -54.46
CA LEU D 12 -38.16 -53.52 -53.98
C LEU D 12 -36.79 -53.23 -54.57
N ASP D 13 -36.63 -52.00 -55.10
CA ASP D 13 -35.32 -51.58 -55.60
C ASP D 13 -34.71 -50.65 -54.57
N ILE D 14 -33.62 -51.12 -53.96
CA ILE D 14 -33.00 -50.37 -52.87
C ILE D 14 -32.36 -49.11 -53.45
N ALA D 15 -31.72 -49.24 -54.62
CA ALA D 15 -31.05 -48.11 -55.25
C ALA D 15 -32.04 -46.97 -55.52
N LEU D 16 -33.24 -47.34 -56.01
CA LEU D 16 -34.22 -46.35 -56.41
C LEU D 16 -34.76 -45.64 -55.16
N LEU D 17 -34.97 -46.41 -54.09
CA LEU D 17 -35.42 -45.86 -52.83
C LEU D 17 -34.41 -44.84 -52.32
N ASP D 18 -33.12 -45.21 -52.41
CA ASP D 18 -32.03 -44.33 -52.03
C ASP D 18 -32.08 -43.06 -52.88
N GLN D 19 -32.45 -43.21 -54.16
CA GLN D 19 -32.51 -42.09 -55.08
C GLN D 19 -33.62 -41.14 -54.60
N VAL D 20 -34.80 -41.72 -54.32
CA VAL D 20 -35.94 -40.91 -53.93
C VAL D 20 -35.60 -40.17 -52.64
N VAL D 21 -35.01 -40.90 -51.68
CA VAL D 21 -34.65 -40.33 -50.38
C VAL D 21 -33.65 -39.19 -50.57
N SER D 22 -32.64 -39.42 -51.41
CA SER D 22 -31.60 -38.45 -51.68
C SER D 22 -32.17 -37.23 -52.39
N THR D 23 -33.14 -37.45 -53.29
CA THR D 23 -33.83 -36.36 -53.96
C THR D 23 -34.57 -35.50 -52.94
N PHE D 24 -35.24 -36.15 -51.98
CA PHE D 24 -36.05 -35.43 -51.02
C PHE D 24 -35.17 -34.65 -50.03
N TYR D 25 -34.04 -35.23 -49.61
CA TYR D 25 -33.27 -34.67 -48.51
C TYR D 25 -32.25 -33.65 -48.99
N GLN D 26 -31.66 -33.89 -50.17
CA GLN D 26 -30.61 -33.03 -50.70
C GLN D 26 -31.12 -32.23 -51.90
N GLY D 27 -32.22 -32.67 -52.53
CA GLY D 27 -32.77 -31.99 -53.69
C GLY D 27 -33.48 -30.70 -53.32
N SER D 28 -34.18 -30.11 -54.29
CA SER D 28 -34.88 -28.85 -54.09
C SER D 28 -36.13 -28.80 -54.98
N GLY D 29 -37.14 -28.08 -54.51
CA GLY D 29 -38.21 -27.60 -55.37
C GLY D 29 -39.26 -28.68 -55.63
N VAL D 30 -39.76 -28.70 -56.87
CA VAL D 30 -40.94 -29.48 -57.20
C VAL D 30 -40.57 -30.97 -57.15
N GLN D 31 -39.35 -31.29 -57.59
CA GLN D 31 -38.88 -32.67 -57.54
C GLN D 31 -38.84 -33.15 -56.08
N GLN D 32 -38.22 -32.37 -55.19
CA GLN D 32 -38.18 -32.63 -53.76
C GLN D 32 -39.59 -32.74 -53.17
N LYS D 33 -40.53 -31.96 -53.71
CA LYS D 33 -41.92 -32.04 -53.29
C LYS D 33 -42.48 -33.42 -53.65
N GLN D 34 -42.35 -33.83 -54.93
CA GLN D 34 -42.84 -35.12 -55.37
C GLN D 34 -42.17 -36.24 -54.58
N ALA D 35 -40.84 -36.13 -54.41
CA ALA D 35 -40.10 -37.10 -53.61
C ALA D 35 -40.70 -37.18 -52.21
N GLN D 36 -41.12 -36.04 -51.65
CA GLN D 36 -41.69 -36.01 -50.30
C GLN D 36 -43.01 -36.78 -50.26
N GLU D 37 -43.87 -36.56 -51.26
CA GLU D 37 -45.18 -37.19 -51.27
C GLU D 37 -45.02 -38.70 -51.48
N ILE D 38 -44.08 -39.07 -52.35
CA ILE D 38 -43.76 -40.46 -52.62
C ILE D 38 -43.32 -41.13 -51.32
N LEU D 39 -42.29 -40.58 -50.69
CA LEU D 39 -41.74 -41.18 -49.48
C LEU D 39 -42.81 -41.32 -48.40
N THR D 40 -43.72 -40.33 -48.34
CA THR D 40 -44.82 -40.37 -47.39
C THR D 40 -45.77 -41.52 -47.72
N LYS D 41 -46.04 -41.73 -49.02
CA LYS D 41 -46.95 -42.77 -49.46
C LYS D 41 -46.35 -44.14 -49.19
N PHE D 42 -45.04 -44.28 -49.43
CA PHE D 42 -44.31 -45.52 -49.22
C PHE D 42 -44.28 -45.85 -47.73
N GLN D 43 -44.01 -44.83 -46.90
CA GLN D 43 -43.91 -44.98 -45.47
C GLN D 43 -45.26 -45.45 -44.89
N ASP D 44 -46.35 -45.12 -45.58
CA ASP D 44 -47.69 -45.33 -45.07
C ASP D 44 -48.32 -46.60 -45.64
N ASN D 45 -47.56 -47.32 -46.46
CA ASN D 45 -47.98 -48.61 -46.98
C ASN D 45 -48.12 -49.60 -45.82
N PRO D 46 -49.29 -50.23 -45.61
CA PRO D 46 -49.45 -51.21 -44.53
C PRO D 46 -48.41 -52.33 -44.55
N ASP D 47 -47.85 -52.62 -45.73
CA ASP D 47 -46.93 -53.74 -45.92
C ASP D 47 -45.47 -53.25 -45.99
N ALA D 48 -45.25 -51.95 -45.73
CA ALA D 48 -43.95 -51.34 -45.95
C ALA D 48 -42.91 -51.94 -45.01
N TRP D 49 -43.37 -52.29 -43.79
CA TRP D 49 -42.48 -52.83 -42.77
C TRP D 49 -41.76 -54.06 -43.28
N GLN D 50 -42.45 -54.86 -44.11
CA GLN D 50 -41.89 -56.08 -44.67
C GLN D 50 -40.60 -55.79 -45.43
N LYS D 51 -40.39 -54.52 -45.80
CA LYS D 51 -39.25 -54.19 -46.64
C LYS D 51 -38.13 -53.58 -45.79
N ALA D 52 -38.45 -53.25 -44.52
CA ALA D 52 -37.55 -52.48 -43.68
C ALA D 52 -36.19 -53.16 -43.56
N ASP D 53 -36.22 -54.46 -43.23
CA ASP D 53 -35.00 -55.25 -43.04
C ASP D 53 -34.09 -55.15 -44.26
N GLN D 54 -34.68 -55.29 -45.46
CA GLN D 54 -33.95 -55.27 -46.71
C GLN D 54 -33.22 -53.93 -46.79
N ILE D 55 -33.95 -52.84 -46.54
CA ILE D 55 -33.40 -51.50 -46.57
C ILE D 55 -32.23 -51.42 -45.60
N LEU D 56 -32.47 -51.85 -44.35
CA LEU D 56 -31.50 -51.70 -43.28
C LEU D 56 -30.18 -52.41 -43.62
N GLN D 57 -30.26 -53.39 -44.54
CA GLN D 57 -29.12 -54.22 -44.86
C GLN D 57 -28.46 -53.79 -46.16
N PHE D 58 -29.20 -53.12 -47.05
CA PHE D 58 -28.70 -52.91 -48.40
C PHE D 58 -28.52 -51.43 -48.70
N SER D 59 -29.33 -50.57 -48.07
CA SER D 59 -29.32 -49.15 -48.41
C SER D 59 -27.99 -48.53 -48.03
N THR D 60 -27.48 -47.68 -48.94
CA THR D 60 -26.25 -46.94 -48.75
C THR D 60 -26.57 -45.52 -48.29
N ASN D 61 -27.84 -45.29 -47.92
CA ASN D 61 -28.27 -44.00 -47.43
C ASN D 61 -28.70 -44.13 -45.98
N PRO D 62 -28.04 -43.44 -45.02
CA PRO D 62 -28.46 -43.44 -43.62
C PRO D 62 -29.90 -42.99 -43.40
N GLN D 63 -30.37 -42.06 -44.25
CA GLN D 63 -31.71 -41.53 -44.15
C GLN D 63 -32.74 -42.58 -44.58
N SER D 64 -32.40 -43.37 -45.61
CA SER D 64 -33.28 -44.47 -46.02
C SER D 64 -33.49 -45.43 -44.84
N LYS D 65 -32.41 -45.74 -44.12
CA LYS D 65 -32.45 -46.60 -42.93
C LYS D 65 -33.34 -45.95 -41.87
N PHE D 66 -33.24 -44.62 -41.74
CA PHE D 66 -34.02 -43.89 -40.77
C PHE D 66 -35.50 -44.06 -41.07
N ILE D 67 -35.86 -44.00 -42.37
CA ILE D 67 -37.25 -44.09 -42.78
C ILE D 67 -37.75 -45.52 -42.57
N ALA D 68 -36.86 -46.50 -42.78
CA ALA D 68 -37.19 -47.89 -42.55
C ALA D 68 -37.50 -48.09 -41.07
N LEU D 69 -36.68 -47.49 -40.21
CA LEU D 69 -36.91 -47.58 -38.77
C LEU D 69 -38.24 -46.92 -38.39
N SER D 70 -38.63 -45.88 -39.14
CA SER D 70 -39.88 -45.19 -38.88
C SER D 70 -41.04 -46.11 -39.17
N ILE D 71 -40.93 -46.85 -40.27
CA ILE D 71 -41.98 -47.78 -40.67
C ILE D 71 -42.08 -48.89 -39.64
N LEU D 72 -40.91 -49.37 -39.19
CA LEU D 72 -40.85 -50.40 -38.17
C LEU D 72 -41.48 -49.87 -36.88
N ASP D 73 -41.21 -48.60 -36.55
CA ASP D 73 -41.77 -47.98 -35.36
C ASP D 73 -43.29 -48.06 -35.43
N LYS D 74 -43.85 -47.76 -36.61
CA LYS D 74 -45.29 -47.79 -36.83
C LYS D 74 -45.81 -49.20 -36.56
N LEU D 75 -45.15 -50.21 -37.14
CA LEU D 75 -45.57 -51.58 -36.98
C LEU D 75 -45.55 -52.00 -35.51
N ILE D 76 -44.48 -51.64 -34.80
CA ILE D 76 -44.29 -52.04 -33.40
C ILE D 76 -45.35 -51.39 -32.52
N THR D 77 -45.64 -50.10 -32.78
CA THR D 77 -46.55 -49.33 -31.97
C THR D 77 -47.99 -49.76 -32.21
N ARG D 78 -48.33 -50.19 -33.43
CA ARG D 78 -49.72 -50.34 -33.80
C ARG D 78 -50.14 -51.78 -34.06
N LYS D 79 -49.28 -52.58 -34.70
CA LYS D 79 -49.73 -53.89 -35.14
C LYS D 79 -48.77 -54.98 -34.63
N TRP D 80 -48.16 -54.77 -33.45
CA TRP D 80 -47.12 -55.67 -32.98
C TRP D 80 -47.72 -57.04 -32.65
N LYS D 81 -48.93 -57.05 -32.07
CA LYS D 81 -49.47 -58.29 -31.53
C LYS D 81 -50.21 -59.10 -32.60
N LEU D 82 -50.28 -58.58 -33.82
CA LEU D 82 -50.82 -59.34 -34.94
C LEU D 82 -49.78 -60.36 -35.41
N LEU D 83 -48.50 -60.00 -35.27
CA LEU D 83 -47.38 -60.81 -35.72
C LEU D 83 -47.29 -62.05 -34.85
N PRO D 84 -46.94 -63.23 -35.42
CA PRO D 84 -46.69 -64.44 -34.64
C PRO D 84 -45.52 -64.19 -33.69
N ASN D 85 -45.45 -64.94 -32.59
CA ASN D 85 -44.36 -64.80 -31.62
C ASN D 85 -43.02 -65.00 -32.32
N ASP D 86 -42.97 -65.96 -33.26
CA ASP D 86 -41.77 -66.30 -34.01
C ASP D 86 -41.25 -65.08 -34.76
N HIS D 87 -42.14 -64.43 -35.51
CA HIS D 87 -41.82 -63.25 -36.28
C HIS D 87 -41.40 -62.10 -35.35
N ARG D 88 -42.08 -61.99 -34.21
CA ARG D 88 -41.78 -60.97 -33.22
C ARG D 88 -40.33 -61.11 -32.77
N ILE D 89 -39.94 -62.31 -32.33
CA ILE D 89 -38.58 -62.62 -31.93
C ILE D 89 -37.64 -62.27 -33.09
N GLY D 90 -38.03 -62.63 -34.32
CA GLY D 90 -37.26 -62.37 -35.51
C GLY D 90 -36.91 -60.89 -35.67
N ILE D 91 -37.93 -60.03 -35.60
CA ILE D 91 -37.77 -58.58 -35.70
C ILE D 91 -36.90 -58.10 -34.55
N ARG D 92 -37.19 -58.60 -33.35
CA ARG D 92 -36.48 -58.18 -32.15
C ARG D 92 -34.98 -58.42 -32.33
N ASN D 93 -34.62 -59.63 -32.78
CA ASN D 93 -33.23 -60.03 -32.96
C ASN D 93 -32.64 -59.30 -34.16
N PHE D 94 -33.50 -58.91 -35.10
CA PHE D 94 -33.03 -58.15 -36.25
C PHE D 94 -32.55 -56.77 -35.81
N VAL D 95 -33.25 -56.18 -34.84
CA VAL D 95 -32.97 -54.82 -34.40
C VAL D 95 -31.76 -54.83 -33.47
N VAL D 96 -31.70 -55.82 -32.56
CA VAL D 96 -30.58 -55.96 -31.65
C VAL D 96 -29.31 -56.15 -32.46
N GLY D 97 -29.39 -57.04 -33.46
CA GLY D 97 -28.27 -57.35 -34.33
C GLY D 97 -27.80 -56.12 -35.10
N MET D 98 -28.77 -55.36 -35.64
CA MET D 98 -28.45 -54.15 -36.36
C MET D 98 -27.79 -53.14 -35.42
N ILE D 99 -28.36 -52.98 -34.21
CA ILE D 99 -27.78 -52.08 -33.22
C ILE D 99 -26.33 -52.43 -32.96
N ILE D 100 -26.06 -53.72 -32.71
CA ILE D 100 -24.71 -54.23 -32.47
C ILE D 100 -23.81 -53.86 -33.65
N SER D 101 -24.27 -54.16 -34.87
CA SER D 101 -23.49 -53.93 -36.09
C SER D 101 -23.09 -52.47 -36.18
N MET D 102 -24.04 -51.59 -35.91
CA MET D 102 -23.81 -50.16 -36.02
C MET D 102 -22.82 -49.73 -34.94
N CYS D 103 -22.90 -50.33 -33.76
CA CYS D 103 -22.02 -49.98 -32.66
C CYS D 103 -20.59 -50.43 -32.95
N GLN D 104 -20.44 -51.59 -33.62
CA GLN D 104 -19.13 -52.11 -33.99
C GLN D 104 -18.44 -51.18 -35.01
N ASP D 105 -19.25 -50.38 -35.73
CA ASP D 105 -18.79 -49.42 -36.71
C ASP D 105 -18.56 -48.06 -36.03
N ASP D 106 -17.28 -47.73 -35.83
N ASP D 106 -17.28 -47.72 -35.78
CA ASP D 106 -16.86 -46.58 -35.06
CA ASP D 106 -16.97 -46.53 -35.01
C ASP D 106 -17.30 -45.29 -35.76
C ASP D 106 -17.41 -45.31 -35.78
N GLU D 107 -17.07 -45.23 -37.07
CA GLU D 107 -17.45 -44.06 -37.86
C GLU D 107 -18.94 -43.82 -37.70
N VAL D 108 -19.75 -44.85 -37.99
CA VAL D 108 -21.19 -44.73 -37.94
C VAL D 108 -21.63 -44.35 -36.53
N PHE D 109 -20.99 -44.95 -35.51
CA PHE D 109 -21.34 -44.69 -34.13
C PHE D 109 -21.13 -43.22 -33.77
N LYS D 110 -20.08 -42.59 -34.33
CA LYS D 110 -19.71 -41.25 -33.92
C LYS D 110 -20.35 -40.21 -34.84
N THR D 111 -20.60 -40.59 -36.10
CA THR D 111 -20.99 -39.62 -37.13
C THR D 111 -22.48 -39.71 -37.44
N GLN D 112 -23.16 -40.75 -36.95
CA GLN D 112 -24.56 -40.94 -37.30
C GLN D 112 -25.36 -41.20 -36.02
N LYS D 113 -25.24 -40.28 -35.05
CA LYS D 113 -25.94 -40.41 -33.78
C LYS D 113 -27.44 -40.49 -34.03
N ASN D 114 -27.95 -39.74 -35.01
CA ASN D 114 -29.37 -39.71 -35.37
C ASN D 114 -29.87 -41.11 -35.70
N LEU D 115 -29.14 -41.86 -36.53
CA LEU D 115 -29.55 -43.19 -36.94
C LEU D 115 -29.45 -44.17 -35.78
N ILE D 116 -28.44 -43.95 -34.92
CA ILE D 116 -28.28 -44.85 -33.78
C ILE D 116 -29.43 -44.63 -32.81
N ASN D 117 -29.79 -43.35 -32.59
CA ASN D 117 -30.85 -43.01 -31.66
C ASN D 117 -32.17 -43.56 -32.16
N LYS D 118 -32.35 -43.59 -33.49
CA LYS D 118 -33.58 -44.10 -34.07
C LYS D 118 -33.64 -45.60 -33.81
N SER D 119 -32.51 -46.27 -34.04
CA SER D 119 -32.41 -47.70 -33.81
C SER D 119 -32.72 -48.02 -32.35
N ASP D 120 -32.10 -47.26 -31.43
CA ASP D 120 -32.24 -47.52 -30.01
C ASP D 120 -33.69 -47.32 -29.62
N LEU D 121 -34.31 -46.27 -30.15
CA LEU D 121 -35.70 -45.95 -29.83
C LEU D 121 -36.61 -47.05 -30.37
N THR D 122 -36.30 -47.59 -31.56
CA THR D 122 -37.03 -48.72 -32.12
C THR D 122 -36.93 -49.90 -31.17
N LEU D 123 -35.74 -50.14 -30.61
CA LEU D 123 -35.57 -51.21 -29.64
C LEU D 123 -36.46 -50.93 -28.43
N VAL D 124 -36.41 -49.69 -27.92
CA VAL D 124 -37.19 -49.33 -26.76
C VAL D 124 -38.67 -49.55 -27.04
N GLN D 125 -39.12 -49.31 -28.28
CA GLN D 125 -40.48 -49.60 -28.69
C GLN D 125 -40.78 -51.10 -28.53
N ILE D 126 -39.82 -51.93 -28.93
CA ILE D 126 -39.97 -53.37 -28.81
C ILE D 126 -39.98 -53.72 -27.32
N LEU D 127 -39.25 -52.96 -26.50
CA LEU D 127 -39.20 -53.22 -25.08
C LEU D 127 -40.58 -52.99 -24.45
N LYS D 128 -41.19 -51.85 -24.77
CA LYS D 128 -42.53 -51.53 -24.28
C LYS D 128 -43.48 -52.68 -24.60
N GLN D 129 -43.36 -53.22 -25.81
CA GLN D 129 -44.29 -54.22 -26.32
C GLN D 129 -43.97 -55.61 -25.77
N GLU D 130 -42.74 -55.86 -25.33
CA GLU D 130 -42.30 -57.23 -25.10
C GLU D 130 -41.76 -57.43 -23.69
N TRP D 131 -40.98 -56.45 -23.21
CA TRP D 131 -40.25 -56.55 -21.97
C TRP D 131 -41.13 -56.10 -20.80
N PRO D 132 -41.02 -56.71 -19.60
CA PRO D 132 -40.24 -57.94 -19.37
C PRO D 132 -40.96 -59.28 -19.52
N GLN D 133 -42.28 -59.24 -19.76
CA GLN D 133 -43.09 -60.45 -19.79
C GLN D 133 -42.55 -61.47 -20.80
N ASN D 134 -42.08 -60.99 -21.96
CA ASN D 134 -41.64 -61.90 -23.02
C ASN D 134 -40.14 -61.76 -23.23
N TRP D 135 -39.50 -60.84 -22.51
CA TRP D 135 -38.07 -60.63 -22.64
C TRP D 135 -37.48 -60.40 -21.26
N PRO D 136 -37.44 -61.44 -20.39
CA PRO D 136 -37.19 -61.24 -18.97
C PRO D 136 -35.70 -61.03 -18.74
N GLU D 137 -34.90 -61.45 -19.75
CA GLU D 137 -33.45 -61.49 -19.62
C GLU D 137 -32.80 -60.25 -20.23
N PHE D 138 -33.61 -59.22 -20.56
CA PHE D 138 -33.12 -58.14 -21.40
C PHE D 138 -32.08 -57.30 -20.65
N ILE D 139 -32.38 -56.94 -19.40
CA ILE D 139 -31.52 -56.06 -18.64
C ILE D 139 -30.22 -56.79 -18.29
N PRO D 140 -30.25 -58.05 -17.78
CA PRO D 140 -29.01 -58.79 -17.53
C PRO D 140 -28.14 -58.84 -18.78
N GLU D 141 -28.74 -59.18 -19.93
CA GLU D 141 -27.98 -59.37 -21.16
C GLU D 141 -27.34 -58.06 -21.59
N LEU D 142 -28.09 -56.97 -21.40
CA LEU D 142 -27.63 -55.65 -21.79
C LEU D 142 -26.41 -55.28 -20.93
N ILE D 143 -26.54 -55.44 -19.61
CA ILE D 143 -25.43 -55.15 -18.70
C ILE D 143 -24.21 -56.02 -19.05
N GLY D 144 -24.44 -57.31 -19.31
CA GLY D 144 -23.35 -58.19 -19.69
C GLY D 144 -22.60 -57.71 -20.93
N SER D 145 -23.38 -57.33 -21.94
CA SER D 145 -22.81 -56.96 -23.22
C SER D 145 -22.05 -55.65 -23.13
N SER D 146 -22.26 -54.87 -22.04
CA SER D 146 -21.60 -53.59 -21.85
C SER D 146 -20.08 -53.74 -21.93
N SER D 147 -19.57 -54.88 -21.47
CA SER D 147 -18.12 -55.06 -21.48
C SER D 147 -17.59 -55.35 -22.88
N SER D 148 -18.47 -55.73 -23.83
CA SER D 148 -18.07 -56.26 -25.13
C SER D 148 -17.41 -55.22 -26.03
N SER D 149 -17.88 -53.97 -25.93
CA SER D 149 -17.36 -52.86 -26.73
C SER D 149 -17.62 -51.55 -25.99
N VAL D 150 -16.77 -50.54 -26.18
CA VAL D 150 -17.02 -49.26 -25.53
C VAL D 150 -18.26 -48.61 -26.15
N ASN D 151 -18.38 -48.76 -27.48
CA ASN D 151 -19.54 -48.25 -28.21
C ASN D 151 -20.80 -48.94 -27.74
N VAL D 152 -20.74 -50.26 -27.55
CA VAL D 152 -21.90 -51.00 -27.09
C VAL D 152 -22.26 -50.56 -25.67
N CYS D 153 -21.24 -50.25 -24.86
CA CYS D 153 -21.48 -49.79 -23.50
C CYS D 153 -22.22 -48.45 -23.54
N GLU D 154 -21.71 -47.54 -24.38
CA GLU D 154 -22.28 -46.21 -24.52
C GLU D 154 -23.68 -46.34 -25.08
N ASN D 155 -23.87 -47.17 -26.11
CA ASN D 155 -25.17 -47.32 -26.74
C ASN D 155 -26.18 -47.89 -25.75
N ASN D 156 -25.70 -48.75 -24.84
CA ASN D 156 -26.51 -49.34 -23.79
C ASN D 156 -27.01 -48.21 -22.87
N MET D 157 -26.17 -47.20 -22.65
CA MET D 157 -26.51 -46.08 -21.78
C MET D 157 -27.56 -45.22 -22.50
N ILE D 158 -27.44 -45.13 -23.83
CA ILE D 158 -28.42 -44.41 -24.63
C ILE D 158 -29.75 -45.16 -24.55
N VAL D 159 -29.73 -46.49 -24.74
CA VAL D 159 -30.92 -47.32 -24.73
C VAL D 159 -31.62 -47.20 -23.38
N LEU D 160 -30.84 -47.18 -22.29
CA LEU D 160 -31.41 -47.14 -20.95
C LEU D 160 -32.01 -45.76 -20.70
N LYS D 161 -31.34 -44.72 -21.21
CA LYS D 161 -31.83 -43.36 -21.09
C LYS D 161 -33.17 -43.27 -21.81
N LEU D 162 -33.22 -43.81 -23.03
CA LEU D 162 -34.43 -43.77 -23.83
C LEU D 162 -35.54 -44.54 -23.14
N LEU D 163 -35.21 -45.69 -22.54
CA LEU D 163 -36.24 -46.49 -21.89
C LEU D 163 -36.80 -45.73 -20.68
N SER D 164 -35.92 -45.00 -19.97
CA SER D 164 -36.37 -44.25 -18.80
C SER D 164 -37.27 -43.11 -19.23
N GLU D 165 -36.91 -42.45 -20.34
CA GLU D 165 -37.69 -41.36 -20.91
C GLU D 165 -39.08 -41.89 -21.24
N GLU D 166 -39.13 -43.00 -22.00
CA GLU D 166 -40.38 -43.52 -22.51
C GLU D 166 -41.28 -44.04 -21.40
N VAL D 167 -40.68 -44.47 -20.28
CA VAL D 167 -41.44 -45.12 -19.23
C VAL D 167 -41.89 -44.10 -18.19
N PHE D 168 -41.04 -43.10 -17.91
CA PHE D 168 -41.28 -42.20 -16.78
C PHE D 168 -41.56 -40.77 -17.24
N ASP D 169 -41.05 -40.37 -18.41
CA ASP D 169 -41.10 -38.98 -18.82
C ASP D 169 -42.26 -38.74 -19.79
N PHE D 170 -42.59 -39.74 -20.60
CA PHE D 170 -43.49 -39.57 -21.73
C PHE D 170 -44.46 -40.75 -21.81
N SER D 171 -44.68 -41.41 -20.68
CA SER D 171 -45.52 -42.60 -20.67
C SER D 171 -47.00 -42.22 -20.65
N ALA D 172 -47.33 -41.15 -19.91
CA ALA D 172 -48.69 -40.69 -19.83
C ALA D 172 -49.12 -40.23 -21.22
N GLU D 173 -50.33 -40.65 -21.61
CA GLU D 173 -50.95 -40.28 -22.88
C GLU D 173 -50.33 -41.05 -24.03
N GLN D 174 -49.39 -41.96 -23.73
CA GLN D 174 -48.80 -42.75 -24.80
C GLN D 174 -49.07 -44.22 -24.54
N MET D 175 -49.23 -44.58 -23.26
CA MET D 175 -49.62 -45.94 -22.92
C MET D 175 -50.71 -45.90 -21.85
N THR D 176 -51.46 -46.99 -21.75
CA THR D 176 -52.53 -47.10 -20.77
C THR D 176 -51.95 -46.96 -19.36
N GLN D 177 -52.75 -46.44 -18.42
CA GLN D 177 -52.26 -46.23 -17.07
C GLN D 177 -51.73 -47.55 -16.50
N ALA D 178 -52.42 -48.66 -16.83
CA ALA D 178 -52.04 -49.98 -16.37
C ALA D 178 -50.67 -50.37 -16.94
N LYS D 179 -50.48 -50.14 -18.24
CA LYS D 179 -49.24 -50.54 -18.87
C LYS D 179 -48.11 -49.60 -18.44
N ALA D 180 -48.44 -48.33 -18.23
CA ALA D 180 -47.44 -47.38 -17.73
C ALA D 180 -46.92 -47.83 -16.37
N LEU D 181 -47.84 -48.28 -15.50
CA LEU D 181 -47.50 -48.73 -14.16
C LEU D 181 -46.64 -50.00 -14.26
N HIS D 182 -47.06 -50.92 -15.14
CA HIS D 182 -46.37 -52.16 -15.37
C HIS D 182 -44.93 -51.90 -15.77
N LEU D 183 -44.70 -50.98 -16.71
CA LEU D 183 -43.36 -50.68 -17.18
C LEU D 183 -42.56 -49.94 -16.11
N LYS D 184 -43.22 -49.05 -15.34
CA LYS D 184 -42.53 -48.35 -14.27
C LYS D 184 -42.08 -49.35 -13.19
N ASN D 185 -42.97 -50.28 -12.82
CA ASN D 185 -42.67 -51.32 -11.84
C ASN D 185 -41.56 -52.23 -12.39
N SER D 186 -41.62 -52.56 -13.69
CA SER D 186 -40.65 -53.44 -14.31
C SER D 186 -39.27 -52.81 -14.26
N MET D 187 -39.23 -51.50 -14.50
CA MET D 187 -37.97 -50.81 -14.58
C MET D 187 -37.43 -50.53 -13.19
N SER D 188 -38.33 -50.38 -12.21
CA SER D 188 -37.92 -50.17 -10.83
C SER D 188 -37.35 -51.45 -10.22
N LYS D 189 -37.94 -52.60 -10.61
CA LYS D 189 -37.54 -53.90 -10.11
C LYS D 189 -36.08 -54.18 -10.48
N GLU D 190 -35.68 -53.84 -11.71
CA GLU D 190 -34.34 -54.20 -12.17
C GLU D 190 -33.39 -53.00 -12.10
N PHE D 191 -33.61 -52.06 -11.18
CA PHE D 191 -32.77 -50.88 -11.25
C PHE D 191 -31.49 -51.03 -10.44
N GLU D 192 -31.47 -51.93 -9.44
CA GLU D 192 -30.24 -52.08 -8.67
C GLU D 192 -29.12 -52.45 -9.63
N GLN D 193 -29.38 -53.42 -10.51
CA GLN D 193 -28.43 -53.87 -11.52
C GLN D 193 -28.05 -52.71 -12.45
N ILE D 194 -29.06 -51.98 -12.95
CA ILE D 194 -28.82 -50.87 -13.87
C ILE D 194 -27.99 -49.81 -13.16
N PHE D 195 -28.31 -49.52 -11.90
CA PHE D 195 -27.52 -48.56 -11.16
C PHE D 195 -26.11 -49.11 -10.95
N LYS D 196 -25.94 -50.42 -10.74
CA LYS D 196 -24.59 -50.97 -10.57
C LYS D 196 -23.75 -50.62 -11.79
N LEU D 197 -24.24 -50.99 -12.98
CA LEU D 197 -23.51 -50.76 -14.21
C LEU D 197 -23.16 -49.28 -14.30
N CYS D 198 -24.13 -48.46 -13.91
CA CYS D 198 -23.98 -47.02 -14.00
C CYS D 198 -22.84 -46.58 -13.09
N PHE D 199 -22.89 -46.99 -11.83
CA PHE D 199 -21.92 -46.58 -10.84
C PHE D 199 -20.53 -47.10 -11.20
N GLN D 200 -20.44 -48.35 -11.68
CA GLN D 200 -19.16 -48.94 -12.07
C GLN D 200 -18.51 -48.08 -13.14
N VAL D 201 -19.32 -47.65 -14.13
CA VAL D 201 -18.84 -46.86 -15.25
C VAL D 201 -18.37 -45.49 -14.74
N LEU D 202 -19.16 -44.89 -13.84
CA LEU D 202 -18.83 -43.59 -13.30
C LEU D 202 -17.58 -43.65 -12.41
N GLU D 203 -17.46 -44.72 -11.61
CA GLU D 203 -16.41 -44.82 -10.62
C GLU D 203 -15.09 -45.17 -11.29
N GLN D 204 -15.11 -46.13 -12.23
CA GLN D 204 -13.88 -46.58 -12.84
C GLN D 204 -13.52 -45.74 -14.07
N GLY D 205 -14.55 -45.26 -14.80
CA GLY D 205 -14.34 -44.53 -16.03
C GLY D 205 -13.76 -43.14 -15.78
N SER D 206 -13.05 -42.62 -16.79
CA SER D 206 -12.56 -41.25 -16.82
C SER D 206 -13.28 -40.53 -17.96
N SER D 207 -13.32 -39.18 -17.89
CA SER D 207 -14.05 -38.30 -18.80
C SER D 207 -13.89 -38.73 -20.26
N SER D 208 -15.02 -39.00 -20.91
CA SER D 208 -15.09 -39.53 -22.26
C SER D 208 -16.55 -39.47 -22.69
N SER D 209 -16.83 -39.81 -23.95
CA SER D 209 -18.18 -39.90 -24.47
C SER D 209 -19.04 -40.88 -23.66
N LEU D 210 -18.45 -42.02 -23.24
CA LEU D 210 -19.18 -43.04 -22.49
C LEU D 210 -19.60 -42.49 -21.12
N ILE D 211 -18.70 -41.74 -20.48
CA ILE D 211 -19.01 -41.15 -19.19
C ILE D 211 -20.17 -40.18 -19.36
N VAL D 212 -20.11 -39.35 -20.43
CA VAL D 212 -21.12 -38.33 -20.63
C VAL D 212 -22.47 -39.00 -20.87
N ALA D 213 -22.49 -40.05 -21.71
CA ALA D 213 -23.73 -40.76 -21.99
C ALA D 213 -24.29 -41.36 -20.71
N THR D 214 -23.42 -41.86 -19.84
CA THR D 214 -23.81 -42.47 -18.57
C THR D 214 -24.47 -41.41 -17.70
N LEU D 215 -23.88 -40.21 -17.67
CA LEU D 215 -24.45 -39.14 -16.87
C LEU D 215 -25.76 -38.67 -17.49
N GLU D 216 -25.88 -38.71 -18.82
CA GLU D 216 -27.12 -38.36 -19.50
C GLU D 216 -28.24 -39.28 -19.04
N SER D 217 -27.94 -40.58 -18.96
CA SER D 217 -28.90 -41.57 -18.49
C SER D 217 -29.24 -41.29 -17.03
N LEU D 218 -28.26 -40.86 -16.24
CA LEU D 218 -28.45 -40.64 -14.82
C LEU D 218 -29.40 -39.46 -14.60
N LEU D 219 -29.30 -38.45 -15.47
CA LEU D 219 -30.18 -37.30 -15.44
C LEU D 219 -31.63 -37.74 -15.51
N ARG D 220 -31.91 -38.68 -16.43
CA ARG D 220 -33.27 -39.16 -16.65
C ARG D 220 -33.71 -40.09 -15.53
N TYR D 221 -32.76 -40.82 -14.92
CA TYR D 221 -33.05 -41.72 -13.81
C TYR D 221 -33.47 -40.89 -12.60
N LEU D 222 -32.82 -39.75 -12.41
CA LEU D 222 -33.01 -38.93 -11.22
C LEU D 222 -34.46 -38.45 -11.08
N HIS D 223 -35.23 -38.51 -12.17
CA HIS D 223 -36.60 -38.05 -12.14
C HIS D 223 -37.46 -38.98 -11.29
N TRP D 224 -37.02 -40.23 -11.06
CA TRP D 224 -37.91 -41.23 -10.48
C TRP D 224 -37.23 -42.11 -9.44
N ILE D 225 -35.90 -42.28 -9.53
CA ILE D 225 -35.24 -43.27 -8.71
C ILE D 225 -35.33 -42.84 -7.25
N PRO D 226 -35.43 -43.80 -6.28
CA PRO D 226 -35.33 -43.49 -4.86
C PRO D 226 -34.01 -42.80 -4.49
N TYR D 227 -34.04 -41.92 -3.48
CA TYR D 227 -32.92 -41.05 -3.14
C TYR D 227 -31.73 -41.89 -2.65
N ARG D 228 -32.03 -43.11 -2.18
CA ARG D 228 -31.02 -43.97 -1.58
C ARG D 228 -29.93 -44.28 -2.60
N TYR D 229 -30.25 -44.29 -3.90
CA TYR D 229 -29.23 -44.54 -4.89
C TYR D 229 -28.28 -43.36 -4.99
N ILE D 230 -28.66 -42.22 -4.39
CA ILE D 230 -27.87 -41.01 -4.56
C ILE D 230 -27.12 -40.69 -3.27
N TYR D 231 -27.84 -40.81 -2.14
CA TYR D 231 -27.34 -40.43 -0.83
C TYR D 231 -26.67 -41.59 -0.10
N GLU D 232 -27.11 -42.83 -0.35
CA GLU D 232 -26.58 -44.00 0.37
C GLU D 232 -25.47 -44.67 -0.43
N THR D 233 -25.13 -44.09 -1.59
CA THR D 233 -23.97 -44.51 -2.37
C THR D 233 -22.99 -43.33 -2.44
N ASN D 234 -21.85 -43.54 -3.11
CA ASN D 234 -20.81 -42.52 -3.13
C ASN D 234 -20.93 -41.66 -4.40
N ILE D 235 -22.09 -41.72 -5.06
CA ILE D 235 -22.30 -41.04 -6.33
C ILE D 235 -22.30 -39.52 -6.14
N LEU D 236 -22.79 -39.07 -4.98
CA LEU D 236 -22.74 -37.65 -4.66
C LEU D 236 -21.31 -37.13 -4.69
N GLU D 237 -20.40 -37.84 -4.03
CA GLU D 237 -19.00 -37.45 -4.02
C GLU D 237 -18.47 -37.41 -5.45
N LEU D 238 -18.85 -38.41 -6.26
CA LEU D 238 -18.34 -38.52 -7.63
C LEU D 238 -18.77 -37.33 -8.46
N LEU D 239 -20.06 -37.01 -8.40
CA LEU D 239 -20.60 -35.92 -9.20
C LEU D 239 -19.99 -34.60 -8.72
N SER D 240 -20.05 -34.34 -7.41
CA SER D 240 -19.73 -33.04 -6.87
C SER D 240 -18.22 -32.73 -6.92
N THR D 241 -17.38 -33.76 -7.11
CA THR D 241 -15.93 -33.55 -7.08
C THR D 241 -15.29 -33.97 -8.40
N LYS D 242 -15.40 -35.27 -8.73
CA LYS D 242 -14.67 -35.87 -9.84
C LYS D 242 -15.16 -35.25 -11.16
N PHE D 243 -16.47 -35.31 -11.39
CA PHE D 243 -16.97 -34.96 -12.72
C PHE D 243 -17.12 -33.45 -12.87
N MET D 244 -16.87 -32.70 -11.78
CA MET D 244 -16.85 -31.26 -11.88
C MET D 244 -15.45 -30.77 -12.25
N THR D 245 -14.42 -31.59 -12.01
CA THR D 245 -13.08 -31.17 -12.35
C THR D 245 -12.87 -31.32 -13.86
N SER D 246 -13.40 -32.42 -14.42
CA SER D 246 -13.22 -32.69 -15.85
C SER D 246 -14.13 -31.79 -16.69
N PRO D 247 -13.53 -30.96 -17.60
CA PRO D 247 -14.32 -30.05 -18.43
C PRO D 247 -15.43 -30.73 -19.21
N ASP D 248 -15.15 -31.94 -19.73
CA ASP D 248 -16.08 -32.59 -20.64
C ASP D 248 -17.33 -33.08 -19.94
N THR D 249 -17.36 -33.05 -18.60
CA THR D 249 -18.50 -33.58 -17.88
C THR D 249 -19.16 -32.53 -16.98
N ARG D 250 -18.61 -31.31 -16.94
CA ARG D 250 -19.08 -30.31 -16.00
C ARG D 250 -20.56 -30.01 -16.20
N ALA D 251 -20.97 -29.80 -17.47
CA ALA D 251 -22.32 -29.34 -17.77
C ALA D 251 -23.34 -30.41 -17.36
N ILE D 252 -23.09 -31.65 -17.78
CA ILE D 252 -24.08 -32.69 -17.55
C ILE D 252 -24.11 -33.04 -16.06
N THR D 253 -22.96 -32.91 -15.39
CA THR D 253 -22.87 -33.16 -13.97
C THR D 253 -23.70 -32.13 -13.21
N LEU D 254 -23.63 -30.86 -13.67
CA LEU D 254 -24.40 -29.80 -13.06
C LEU D 254 -25.87 -30.12 -13.22
N LYS D 255 -26.25 -30.58 -14.42
CA LYS D 255 -27.65 -30.89 -14.67
C LYS D 255 -28.09 -31.95 -13.67
N CYS D 256 -27.23 -32.95 -13.48
CA CYS D 256 -27.51 -34.06 -12.58
C CYS D 256 -27.66 -33.56 -11.15
N LEU D 257 -26.76 -32.65 -10.76
CA LEU D 257 -26.78 -32.11 -9.42
C LEU D 257 -28.00 -31.20 -9.23
N THR D 258 -28.43 -30.55 -10.33
CA THR D 258 -29.66 -29.76 -10.29
C THR D 258 -30.83 -30.66 -9.90
N GLU D 259 -30.91 -31.85 -10.52
CA GLU D 259 -31.99 -32.79 -10.26
C GLU D 259 -31.85 -33.42 -8.88
N VAL D 260 -30.59 -33.63 -8.48
CA VAL D 260 -30.30 -34.15 -7.15
C VAL D 260 -30.90 -33.18 -6.13
N SER D 261 -30.79 -31.88 -6.42
CA SER D 261 -31.23 -30.85 -5.49
C SER D 261 -32.73 -30.93 -5.30
N ASN D 262 -33.41 -31.63 -6.23
CA ASN D 262 -34.86 -31.65 -6.31
C ASN D 262 -35.42 -33.02 -5.88
N LEU D 263 -34.58 -33.91 -5.36
CA LEU D 263 -35.01 -35.22 -4.94
C LEU D 263 -35.96 -35.15 -3.74
N LYS D 264 -36.82 -36.17 -3.60
CA LYS D 264 -37.56 -36.38 -2.36
C LYS D 264 -36.62 -37.01 -1.34
N ILE D 265 -36.26 -36.22 -0.32
CA ILE D 265 -35.33 -36.64 0.72
C ILE D 265 -36.02 -36.55 2.08
N PRO D 266 -35.60 -37.35 3.10
CA PRO D 266 -36.16 -37.22 4.45
C PRO D 266 -35.89 -35.85 5.06
N GLN D 267 -36.84 -35.36 5.86
CA GLN D 267 -36.82 -33.97 6.31
C GLN D 267 -36.24 -33.85 7.72
N ASP D 268 -36.08 -34.99 8.40
CA ASP D 268 -35.60 -34.99 9.77
C ASP D 268 -34.40 -35.92 9.91
N ASN D 269 -33.54 -35.92 8.89
CA ASN D 269 -32.37 -36.77 8.92
C ASN D 269 -31.14 -35.90 8.77
N ASP D 270 -30.37 -35.82 9.86
CA ASP D 270 -29.22 -34.95 9.97
C ASP D 270 -28.11 -35.38 9.02
N LEU D 271 -27.96 -36.70 8.81
CA LEU D 271 -26.95 -37.19 7.89
C LEU D 271 -27.27 -36.77 6.46
N ILE D 272 -28.56 -36.82 6.07
CA ILE D 272 -28.94 -36.41 4.72
C ILE D 272 -28.75 -34.91 4.54
N LYS D 273 -29.03 -34.15 5.61
CA LYS D 273 -28.83 -32.71 5.62
C LYS D 273 -27.36 -32.37 5.37
N ARG D 274 -26.46 -33.05 6.08
CA ARG D 274 -25.03 -32.81 5.96
C ARG D 274 -24.53 -33.22 4.59
N GLN D 275 -25.18 -34.23 4.01
CA GLN D 275 -24.81 -34.74 2.70
C GLN D 275 -25.25 -33.75 1.64
N THR D 276 -26.43 -33.16 1.87
CA THR D 276 -26.98 -32.14 1.00
C THR D 276 -26.03 -30.94 0.98
N VAL D 277 -25.59 -30.53 2.18
CA VAL D 277 -24.67 -29.40 2.28
C VAL D 277 -23.37 -29.77 1.59
N LEU D 278 -22.96 -31.03 1.75
CA LEU D 278 -21.62 -31.44 1.38
C LEU D 278 -21.45 -31.44 -0.14
N PHE D 279 -22.39 -32.05 -0.86
CA PHE D 279 -22.23 -32.12 -2.30
C PHE D 279 -22.23 -30.71 -2.88
N PHE D 280 -23.05 -29.82 -2.29
CA PHE D 280 -23.16 -28.45 -2.74
C PHE D 280 -21.83 -27.74 -2.49
N GLN D 281 -21.28 -27.92 -1.29
CA GLN D 281 -20.00 -27.33 -0.95
C GLN D 281 -18.90 -27.85 -1.87
N ASN D 282 -18.99 -29.14 -2.25
CA ASN D 282 -17.99 -29.73 -3.11
C ASN D 282 -18.11 -29.12 -4.50
N THR D 283 -19.35 -29.01 -5.00
CA THR D 283 -19.59 -28.50 -6.34
C THR D 283 -19.12 -27.06 -6.43
N LEU D 284 -19.42 -26.25 -5.40
CA LEU D 284 -19.04 -24.84 -5.43
C LEU D 284 -17.53 -24.70 -5.37
N GLN D 285 -16.89 -25.41 -4.43
CA GLN D 285 -15.44 -25.41 -4.25
C GLN D 285 -14.78 -25.89 -5.55
N GLN D 286 -15.39 -26.86 -6.21
CA GLN D 286 -14.79 -27.43 -7.41
C GLN D 286 -14.88 -26.44 -8.55
N ILE D 287 -15.99 -25.70 -8.61
CA ILE D 287 -16.14 -24.65 -9.62
C ILE D 287 -15.12 -23.56 -9.32
N ALA D 288 -14.97 -23.22 -8.03
CA ALA D 288 -14.00 -22.21 -7.62
C ALA D 288 -12.57 -22.60 -8.03
N THR D 289 -12.22 -23.88 -7.81
CA THR D 289 -10.87 -24.39 -8.06
C THR D 289 -10.63 -24.57 -9.56
N SER D 290 -11.63 -25.07 -10.30
CA SER D 290 -11.37 -25.60 -11.63
C SER D 290 -11.93 -24.71 -12.73
N VAL D 291 -13.03 -24.01 -12.44
CA VAL D 291 -13.74 -23.27 -13.47
C VAL D 291 -13.39 -21.78 -13.37
N MET D 292 -13.80 -21.13 -12.26
CA MET D 292 -13.66 -19.70 -12.14
C MET D 292 -13.99 -19.32 -10.69
N PRO D 293 -13.34 -18.27 -10.12
CA PRO D 293 -13.73 -17.76 -8.81
C PRO D 293 -15.01 -16.90 -8.81
N VAL D 294 -15.46 -16.56 -7.59
CA VAL D 294 -16.61 -15.70 -7.36
C VAL D 294 -16.33 -14.31 -7.95
N THR D 295 -15.04 -13.99 -8.12
CA THR D 295 -14.61 -12.66 -8.55
C THR D 295 -14.61 -12.58 -10.07
N ALA D 296 -14.75 -13.72 -10.74
CA ALA D 296 -14.76 -13.79 -12.20
C ALA D 296 -15.89 -12.95 -12.78
N ASP D 297 -15.56 -12.17 -13.81
CA ASP D 297 -16.53 -11.32 -14.49
C ASP D 297 -17.30 -12.19 -15.49
N LEU D 298 -18.45 -12.68 -15.06
CA LEU D 298 -19.21 -13.63 -15.86
C LEU D 298 -19.88 -12.92 -17.04
N LYS D 299 -20.11 -11.62 -16.93
CA LYS D 299 -20.69 -10.86 -18.03
C LYS D 299 -19.75 -10.91 -19.24
N ALA D 300 -18.50 -10.48 -19.05
CA ALA D 300 -17.51 -10.52 -20.12
C ALA D 300 -17.31 -11.94 -20.61
N THR D 301 -17.28 -12.90 -19.69
CA THR D 301 -17.02 -14.29 -20.04
C THR D 301 -18.13 -14.78 -20.97
N TYR D 302 -19.37 -14.54 -20.56
CA TYR D 302 -20.52 -15.00 -21.33
C TYR D 302 -20.52 -14.35 -22.71
N ALA D 303 -20.15 -13.07 -22.76
CA ALA D 303 -20.13 -12.34 -24.02
C ALA D 303 -19.15 -13.01 -25.00
N ASN D 304 -18.03 -13.48 -24.49
CA ASN D 304 -16.94 -13.98 -25.32
C ASN D 304 -16.87 -15.50 -25.21
N ALA D 305 -18.01 -16.15 -24.89
CA ALA D 305 -18.03 -17.58 -24.57
C ALA D 305 -18.23 -18.40 -25.84
N ASN D 306 -18.41 -19.72 -25.68
CA ASN D 306 -18.39 -20.68 -26.77
C ASN D 306 -19.78 -21.26 -27.05
N GLY D 307 -20.74 -20.90 -26.21
CA GLY D 307 -22.04 -21.50 -26.27
C GLY D 307 -22.10 -22.68 -25.30
N ASN D 308 -21.10 -23.56 -25.38
CA ASN D 308 -20.94 -24.60 -24.38
C ASN D 308 -20.71 -23.95 -23.02
N ASP D 309 -19.72 -23.04 -22.99
CA ASP D 309 -19.47 -22.25 -21.79
C ASP D 309 -20.74 -21.48 -21.42
N GLN D 310 -21.46 -20.95 -22.41
CA GLN D 310 -22.69 -20.23 -22.11
C GLN D 310 -23.70 -21.16 -21.45
N SER D 311 -23.94 -22.32 -22.06
CA SER D 311 -24.86 -23.32 -21.53
C SER D 311 -24.48 -23.67 -20.10
N PHE D 312 -23.17 -23.85 -19.89
CA PHE D 312 -22.64 -24.15 -18.57
C PHE D 312 -23.06 -23.07 -17.58
N LEU D 313 -22.78 -21.81 -17.92
CA LEU D 313 -23.16 -20.72 -17.05
C LEU D 313 -24.66 -20.74 -16.79
N GLN D 314 -25.46 -21.05 -17.81
CA GLN D 314 -26.90 -21.16 -17.60
C GLN D 314 -27.18 -22.26 -16.59
N ASP D 315 -26.57 -23.42 -16.82
CA ASP D 315 -26.77 -24.58 -15.97
C ASP D 315 -26.34 -24.25 -14.54
N LEU D 316 -25.28 -23.43 -14.40
CA LEU D 316 -24.79 -23.06 -13.08
C LEU D 316 -25.88 -22.31 -12.32
N ALA D 317 -26.48 -21.32 -13.00
CA ALA D 317 -27.55 -20.52 -12.43
C ALA D 317 -28.73 -21.41 -12.06
N MET D 318 -29.08 -22.34 -12.96
CA MET D 318 -30.16 -23.29 -12.72
C MET D 318 -29.84 -24.11 -11.46
N PHE D 319 -28.57 -24.53 -11.34
CA PHE D 319 -28.14 -25.29 -10.18
C PHE D 319 -28.30 -24.46 -8.92
N LEU D 320 -27.60 -23.32 -8.83
CA LEU D 320 -27.69 -22.48 -7.65
C LEU D 320 -29.14 -22.12 -7.33
N THR D 321 -29.89 -21.62 -8.32
CA THR D 321 -31.24 -21.16 -8.05
C THR D 321 -32.11 -22.30 -7.54
N THR D 322 -31.86 -23.52 -8.03
CA THR D 322 -32.64 -24.66 -7.56
C THR D 322 -32.27 -24.98 -6.11
N TYR D 323 -30.97 -25.20 -5.89
CA TYR D 323 -30.47 -25.63 -4.60
C TYR D 323 -30.79 -24.59 -3.52
N LEU D 324 -30.54 -23.32 -3.80
CA LEU D 324 -30.76 -22.28 -2.81
C LEU D 324 -32.25 -22.18 -2.48
N ALA D 325 -33.10 -22.24 -3.51
CA ALA D 325 -34.54 -22.14 -3.31
C ALA D 325 -35.02 -23.27 -2.40
N ARG D 326 -34.29 -24.39 -2.40
CA ARG D 326 -34.69 -25.53 -1.59
C ARG D 326 -33.97 -25.49 -0.23
N ASN D 327 -32.69 -25.11 -0.21
CA ASN D 327 -31.83 -25.45 0.92
C ASN D 327 -31.11 -24.25 1.53
N ARG D 328 -31.62 -23.04 1.27
CA ARG D 328 -31.02 -21.85 1.84
C ARG D 328 -31.10 -21.93 3.36
N ALA D 329 -32.20 -22.48 3.90
CA ALA D 329 -32.38 -22.63 5.35
C ALA D 329 -31.26 -23.49 5.92
N LEU D 330 -30.93 -24.58 5.20
CA LEU D 330 -29.87 -25.49 5.63
C LEU D 330 -28.56 -24.72 5.74
N LEU D 331 -28.29 -23.87 4.74
CA LEU D 331 -27.03 -23.15 4.66
C LEU D 331 -26.98 -22.02 5.70
N GLU D 332 -28.15 -21.64 6.24
CA GLU D 332 -28.26 -20.46 7.09
C GLU D 332 -28.09 -20.84 8.57
N SER D 333 -28.52 -22.05 8.92
CA SER D 333 -28.66 -22.49 10.31
C SER D 333 -27.31 -22.62 10.99
N ASP D 334 -26.27 -22.98 10.22
CA ASP D 334 -24.95 -23.23 10.77
C ASP D 334 -23.97 -22.15 10.29
N GLU D 335 -23.41 -21.39 11.25
CA GLU D 335 -22.66 -20.18 10.96
C GLU D 335 -21.32 -20.50 10.29
N SER D 336 -20.85 -21.75 10.36
CA SER D 336 -19.63 -22.09 9.66
C SER D 336 -19.87 -22.09 8.15
N LEU D 337 -21.13 -22.34 7.76
CA LEU D 337 -21.52 -22.46 6.38
C LEU D 337 -21.77 -21.08 5.74
N ARG D 338 -21.62 -20.02 6.55
CA ARG D 338 -21.84 -18.65 6.13
C ARG D 338 -21.03 -18.36 4.87
N GLU D 339 -19.71 -18.58 4.95
CA GLU D 339 -18.82 -18.30 3.83
C GLU D 339 -19.31 -19.00 2.56
N LEU D 340 -19.83 -20.23 2.69
CA LEU D 340 -20.34 -20.95 1.53
C LEU D 340 -21.59 -20.28 0.97
N LEU D 341 -22.55 -20.00 1.87
CA LEU D 341 -23.82 -19.39 1.52
C LEU D 341 -23.59 -18.15 0.65
N LEU D 342 -22.94 -17.13 1.22
CA LEU D 342 -22.63 -15.89 0.53
C LEU D 342 -21.91 -16.16 -0.80
N ASN D 343 -20.92 -17.05 -0.80
CA ASN D 343 -20.21 -17.41 -2.03
C ASN D 343 -21.17 -17.83 -3.13
N ALA D 344 -22.13 -18.70 -2.81
CA ALA D 344 -23.10 -19.17 -3.78
C ALA D 344 -23.94 -18.01 -4.33
N HIS D 345 -24.46 -17.20 -3.40
CA HIS D 345 -25.20 -16.00 -3.77
C HIS D 345 -24.33 -15.10 -4.64
N GLN D 346 -23.07 -14.92 -4.25
CA GLN D 346 -22.17 -14.09 -5.02
C GLN D 346 -22.12 -14.57 -6.48
N TYR D 347 -22.10 -15.89 -6.68
CA TYR D 347 -22.09 -16.43 -8.03
C TYR D 347 -23.32 -15.95 -8.79
N LEU D 348 -24.50 -16.09 -8.17
CA LEU D 348 -25.71 -15.61 -8.80
C LEU D 348 -25.57 -14.13 -9.15
N ILE D 349 -25.07 -13.33 -8.22
CA ILE D 349 -24.88 -11.91 -8.49
C ILE D 349 -24.09 -11.76 -9.79
N GLN D 350 -22.98 -12.51 -9.91
CA GLN D 350 -22.15 -12.44 -11.10
C GLN D 350 -22.93 -12.96 -12.29
N LEU D 351 -23.69 -14.04 -12.09
CA LEU D 351 -24.52 -14.61 -13.14
C LEU D 351 -25.67 -13.66 -13.51
N SER D 352 -26.10 -12.85 -12.54
CA SER D 352 -27.19 -11.93 -12.78
C SER D 352 -26.73 -10.77 -13.67
N LYS D 353 -25.41 -10.58 -13.73
CA LYS D 353 -24.85 -9.47 -14.49
C LYS D 353 -24.65 -9.88 -15.95
N ILE D 354 -24.95 -11.15 -16.26
CA ILE D 354 -24.79 -11.64 -17.62
C ILE D 354 -25.95 -11.12 -18.46
N GLU D 355 -25.62 -10.50 -19.60
CA GLU D 355 -26.61 -10.01 -20.55
C GLU D 355 -27.16 -11.20 -21.35
N GLU D 356 -28.18 -11.85 -20.79
CA GLU D 356 -28.93 -12.89 -21.47
C GLU D 356 -30.27 -12.99 -20.76
N ARG D 357 -31.35 -12.65 -21.47
CA ARG D 357 -32.60 -12.37 -20.79
C ARG D 357 -33.08 -13.56 -19.99
N GLU D 358 -33.07 -14.74 -20.62
CA GLU D 358 -33.66 -15.94 -20.02
C GLU D 358 -32.89 -16.37 -18.78
N LEU D 359 -31.55 -16.25 -18.83
CA LEU D 359 -30.68 -16.51 -17.70
C LEU D 359 -30.98 -15.53 -16.58
N PHE D 360 -31.20 -14.26 -16.95
CA PHE D 360 -31.46 -13.22 -15.96
C PHE D 360 -32.79 -13.49 -15.28
N LYS D 361 -33.77 -13.99 -16.05
CA LYS D 361 -35.08 -14.26 -15.51
C LYS D 361 -35.01 -15.43 -14.53
N THR D 362 -34.17 -16.42 -14.87
CA THR D 362 -33.94 -17.58 -14.03
C THR D 362 -33.40 -17.12 -12.68
N THR D 363 -32.40 -16.24 -12.72
CA THR D 363 -31.82 -15.66 -11.51
C THR D 363 -32.85 -14.79 -10.79
N LEU D 364 -33.66 -14.04 -11.56
CA LEU D 364 -34.54 -13.07 -10.96
C LEU D 364 -35.67 -13.76 -10.17
N ASP D 365 -36.16 -14.91 -10.64
CA ASP D 365 -37.18 -15.64 -9.91
C ASP D 365 -36.67 -15.93 -8.49
N TYR D 366 -35.44 -16.44 -8.42
CA TYR D 366 -34.81 -16.76 -7.15
C TYR D 366 -34.61 -15.48 -6.34
N TRP D 367 -34.13 -14.43 -7.00
CA TRP D 367 -33.91 -13.17 -6.30
C TRP D 367 -35.20 -12.74 -5.60
N HIS D 368 -36.32 -12.90 -6.31
CA HIS D 368 -37.62 -12.50 -5.80
C HIS D 368 -37.96 -13.32 -4.55
N ASN D 369 -37.75 -14.64 -4.65
CA ASN D 369 -37.90 -15.56 -3.53
C ASN D 369 -37.09 -15.06 -2.33
N LEU D 370 -35.82 -14.69 -2.55
CA LEU D 370 -34.93 -14.34 -1.44
C LEU D 370 -35.38 -13.05 -0.77
N VAL D 371 -35.72 -12.05 -1.58
CA VAL D 371 -36.08 -10.73 -1.06
C VAL D 371 -37.46 -10.76 -0.39
N ALA D 372 -38.38 -11.60 -0.89
CA ALA D 372 -39.66 -11.82 -0.23
C ALA D 372 -39.45 -12.44 1.15
N ASP D 373 -38.59 -13.47 1.22
CA ASP D 373 -38.29 -14.17 2.45
C ASP D 373 -37.69 -13.19 3.46
N LEU D 374 -36.75 -12.35 2.99
CA LEU D 374 -36.08 -11.39 3.86
C LEU D 374 -37.06 -10.35 4.35
N PHE D 375 -37.99 -9.94 3.48
CA PHE D 375 -38.98 -8.94 3.83
C PHE D 375 -39.87 -9.43 4.97
N TYR D 376 -40.27 -10.71 4.89
CA TYR D 376 -41.18 -11.31 5.86
C TYR D 376 -40.45 -11.98 7.03
N GLU D 377 -39.13 -12.08 6.98
CA GLU D 377 -38.39 -12.63 8.11
C GLU D 377 -37.11 -11.83 8.30
N PRO D 378 -37.17 -10.52 8.71
CA PRO D 378 -36.03 -9.58 8.66
C PRO D 378 -34.90 -9.91 9.63
N LEU D 379 -35.01 -11.05 10.32
CA LEU D 379 -33.97 -11.49 11.23
C LEU D 379 -32.73 -11.93 10.44
N LYS D 380 -32.93 -12.57 9.27
CA LYS D 380 -31.84 -13.08 8.44
C LYS D 380 -31.30 -11.99 7.54
N LYS D 381 -32.01 -10.85 7.49
CA LYS D 381 -31.74 -9.75 6.58
C LYS D 381 -30.25 -9.40 6.60
N HIS D 382 -29.67 -9.24 7.78
CA HIS D 382 -28.33 -8.71 7.91
C HIS D 382 -27.32 -9.59 7.15
N ILE D 383 -27.59 -10.91 7.12
CA ILE D 383 -26.68 -11.86 6.51
C ILE D 383 -26.47 -11.51 5.03
N TYR D 384 -27.55 -11.05 4.40
CA TYR D 384 -27.54 -10.84 2.96
C TYR D 384 -27.46 -9.35 2.62
N GLU D 385 -27.15 -8.51 3.61
CA GLU D 385 -27.13 -7.07 3.40
C GLU D 385 -26.29 -6.74 2.18
N GLU D 386 -25.07 -7.30 2.13
CA GLU D 386 -24.10 -7.04 1.08
C GLU D 386 -24.63 -7.51 -0.28
N ILE D 387 -25.21 -8.71 -0.27
CA ILE D 387 -25.74 -9.34 -1.47
C ILE D 387 -26.86 -8.46 -2.03
N CYS D 388 -27.74 -8.04 -1.13
CA CYS D 388 -28.87 -7.20 -1.48
C CYS D 388 -28.40 -5.90 -2.13
N SER D 389 -27.39 -5.25 -1.52
CA SER D 389 -26.87 -4.00 -2.04
C SER D 389 -26.47 -4.15 -3.52
N GLN D 390 -25.74 -5.23 -3.81
CA GLN D 390 -25.30 -5.46 -5.18
C GLN D 390 -26.49 -5.76 -6.08
N LEU D 391 -27.48 -6.51 -5.56
CA LEU D 391 -28.63 -6.91 -6.34
C LEU D 391 -29.41 -5.66 -6.76
N ARG D 392 -29.52 -4.70 -5.82
CA ARG D 392 -30.17 -3.43 -6.08
C ARG D 392 -29.59 -2.81 -7.35
N LEU D 393 -28.27 -2.60 -7.34
CA LEU D 393 -27.60 -2.03 -8.49
C LEU D 393 -27.91 -2.83 -9.75
N VAL D 394 -27.83 -4.17 -9.66
CA VAL D 394 -28.08 -5.02 -10.81
C VAL D 394 -29.45 -4.68 -11.42
N ILE D 395 -30.49 -4.69 -10.60
CA ILE D 395 -31.87 -4.49 -11.02
C ILE D 395 -32.07 -3.10 -11.60
N ILE D 396 -31.59 -2.08 -10.87
CA ILE D 396 -31.64 -0.70 -11.33
C ILE D 396 -30.96 -0.58 -12.70
N GLU D 397 -29.90 -1.35 -12.95
CA GLU D 397 -29.16 -1.23 -14.19
C GLU D 397 -29.82 -2.03 -15.32
N ASN D 398 -30.80 -2.88 -14.97
CA ASN D 398 -31.32 -3.81 -15.96
C ASN D 398 -32.84 -3.72 -16.04
N MET D 399 -33.40 -2.59 -15.61
CA MET D 399 -34.83 -2.32 -15.74
C MET D 399 -35.19 -2.28 -17.21
N VAL D 400 -36.26 -2.97 -17.57
CA VAL D 400 -36.76 -2.98 -18.94
C VAL D 400 -37.92 -2.00 -19.04
N ARG D 401 -38.36 -1.71 -20.26
CA ARG D 401 -39.42 -0.75 -20.49
C ARG D 401 -40.71 -1.25 -19.84
N PRO D 402 -41.34 -0.44 -18.94
CA PRO D 402 -42.62 -0.81 -18.31
C PRO D 402 -43.83 -0.97 -19.25
N GLU D 403 -43.89 -0.13 -20.31
CA GLU D 403 -44.90 -0.26 -21.35
C GLU D 403 -44.22 -0.36 -22.70
N GLU D 404 -44.80 -1.18 -23.59
CA GLU D 404 -44.31 -1.41 -24.94
C GLU D 404 -45.43 -1.09 -25.94
N VAL D 405 -45.04 -0.63 -27.14
CA VAL D 405 -46.04 -0.15 -28.09
C VAL D 405 -45.77 -0.75 -29.47
N LEU D 406 -46.85 -1.16 -30.14
CA LEU D 406 -46.79 -1.66 -31.51
C LEU D 406 -47.55 -0.74 -32.46
N VAL D 407 -47.04 -0.68 -33.69
CA VAL D 407 -47.73 -0.06 -34.80
C VAL D 407 -48.24 -1.16 -35.72
N VAL D 408 -49.56 -1.37 -35.74
CA VAL D 408 -50.18 -2.42 -36.54
C VAL D 408 -50.99 -1.79 -37.67
N GLU D 409 -51.23 -2.56 -38.73
CA GLU D 409 -52.18 -2.16 -39.75
C GLU D 409 -53.41 -3.05 -39.59
N ASN D 410 -54.61 -2.46 -39.44
CA ASN D 410 -55.83 -3.25 -39.37
C ASN D 410 -56.31 -3.63 -40.78
N ASP D 411 -57.44 -4.33 -40.85
CA ASP D 411 -57.99 -4.83 -42.12
C ASP D 411 -58.51 -3.68 -42.97
N GLU D 412 -58.58 -2.47 -42.41
CA GLU D 412 -59.08 -1.33 -43.16
C GLU D 412 -57.91 -0.50 -43.70
N GLY D 413 -56.68 -0.88 -43.32
CA GLY D 413 -55.49 -0.22 -43.81
C GLY D 413 -55.04 0.93 -42.92
N GLU D 414 -55.72 1.13 -41.78
CA GLU D 414 -55.36 2.18 -40.84
C GLU D 414 -54.10 1.77 -40.07
N ILE D 415 -53.24 2.75 -39.79
CA ILE D 415 -52.05 2.54 -38.99
C ILE D 415 -52.39 2.89 -37.54
N VAL D 416 -52.54 1.85 -36.71
CA VAL D 416 -53.06 2.00 -35.34
C VAL D 416 -51.95 1.70 -34.35
N ARG D 417 -51.81 2.61 -33.37
CA ARG D 417 -50.86 2.47 -32.29
C ARG D 417 -51.55 1.75 -31.15
N GLU D 418 -51.05 0.54 -30.82
CA GLU D 418 -51.61 -0.23 -29.73
C GLU D 418 -50.54 -0.42 -28.66
N PHE D 419 -50.96 -0.34 -27.41
CA PHE D 419 -50.15 -0.77 -26.28
C PHE D 419 -50.15 -2.28 -26.20
N VAL D 420 -48.95 -2.87 -26.17
CA VAL D 420 -48.78 -4.31 -25.95
C VAL D 420 -49.16 -4.60 -24.51
N LYS D 421 -49.87 -5.72 -24.32
CA LYS D 421 -50.26 -6.16 -23.00
C LYS D 421 -49.71 -7.56 -22.75
N GLU D 422 -49.17 -7.75 -21.54
CA GLU D 422 -48.88 -9.05 -20.98
C GLU D 422 -47.76 -9.77 -21.75
N SER D 423 -46.79 -9.01 -22.30
CA SER D 423 -45.71 -9.65 -23.04
C SER D 423 -44.62 -10.08 -22.06
N ASP D 424 -43.62 -10.80 -22.60
CA ASP D 424 -42.46 -11.19 -21.83
C ASP D 424 -41.83 -9.96 -21.19
N THR D 425 -41.62 -8.90 -21.96
CA THR D 425 -40.94 -7.74 -21.43
C THR D 425 -41.73 -7.13 -20.27
N ILE D 426 -43.07 -7.18 -20.37
CA ILE D 426 -43.89 -6.56 -19.33
C ILE D 426 -43.79 -7.39 -18.05
N GLN D 427 -43.86 -8.72 -18.21
CA GLN D 427 -43.72 -9.59 -17.06
C GLN D 427 -42.34 -9.43 -16.42
N LEU D 428 -41.31 -9.24 -17.24
CA LEU D 428 -39.97 -9.01 -16.73
C LEU D 428 -39.94 -7.72 -15.92
N TYR D 429 -40.57 -6.66 -16.46
CA TYR D 429 -40.65 -5.39 -15.75
C TYR D 429 -41.30 -5.60 -14.39
N LYS D 430 -42.40 -6.36 -14.37
CA LYS D 430 -43.21 -6.54 -13.18
C LYS D 430 -42.40 -7.29 -12.13
N SER D 431 -41.68 -8.32 -12.58
CA SER D 431 -40.85 -9.13 -11.71
C SER D 431 -39.76 -8.25 -11.10
N GLU D 432 -39.09 -7.47 -11.94
CA GLU D 432 -38.01 -6.60 -11.50
C GLU D 432 -38.54 -5.57 -10.52
N ARG D 433 -39.75 -5.08 -10.78
CA ARG D 433 -40.35 -4.08 -9.93
C ARG D 433 -40.56 -4.67 -8.54
N GLU D 434 -41.10 -5.89 -8.49
CA GLU D 434 -41.39 -6.53 -7.21
C GLU D 434 -40.11 -6.76 -6.44
N VAL D 435 -39.05 -7.17 -7.15
CA VAL D 435 -37.77 -7.42 -6.54
C VAL D 435 -37.21 -6.11 -5.99
N LEU D 436 -37.32 -5.04 -6.76
CA LEU D 436 -36.70 -3.80 -6.35
C LEU D 436 -37.54 -3.10 -5.27
N VAL D 437 -38.83 -3.40 -5.24
CA VAL D 437 -39.69 -2.83 -4.21
C VAL D 437 -39.33 -3.48 -2.88
N TYR D 438 -39.23 -4.80 -2.88
CA TYR D 438 -38.76 -5.55 -1.73
C TYR D 438 -37.41 -5.00 -1.28
N LEU D 439 -36.47 -4.84 -2.21
CA LEU D 439 -35.13 -4.33 -1.92
C LEU D 439 -35.20 -2.94 -1.31
N THR D 440 -36.12 -2.10 -1.79
CA THR D 440 -36.28 -0.76 -1.25
C THR D 440 -36.83 -0.84 0.19
N HIS D 441 -37.81 -1.70 0.39
CA HIS D 441 -38.32 -1.91 1.74
C HIS D 441 -37.20 -2.35 2.67
N LEU D 442 -36.32 -3.24 2.18
CA LEU D 442 -35.26 -3.82 3.01
C LEU D 442 -34.27 -2.76 3.45
N ASN D 443 -33.89 -1.86 2.52
CA ASN D 443 -33.05 -0.73 2.87
C ASN D 443 -33.40 0.44 1.95
N VAL D 444 -34.23 1.36 2.47
CA VAL D 444 -34.66 2.51 1.69
C VAL D 444 -33.43 3.40 1.42
N ILE D 445 -32.56 3.48 2.44
CA ILE D 445 -31.48 4.46 2.42
C ILE D 445 -30.51 4.08 1.29
N ASP D 446 -30.26 2.77 1.14
CA ASP D 446 -29.32 2.25 0.16
C ASP D 446 -29.86 2.43 -1.25
N THR D 447 -31.15 2.13 -1.45
CA THR D 447 -31.81 2.29 -2.74
C THR D 447 -31.76 3.74 -3.19
N GLU D 448 -32.12 4.65 -2.28
CA GLU D 448 -32.13 6.06 -2.62
C GLU D 448 -30.72 6.53 -2.96
N GLU D 449 -29.73 6.11 -2.16
CA GLU D 449 -28.35 6.53 -2.38
C GLU D 449 -27.86 6.07 -3.74
N ILE D 450 -28.21 4.83 -4.11
CA ILE D 450 -27.78 4.25 -5.38
C ILE D 450 -28.41 5.03 -6.51
N MET D 451 -29.71 5.33 -6.38
CA MET D 451 -30.39 6.00 -7.46
C MET D 451 -29.91 7.44 -7.61
N ILE D 452 -29.63 8.13 -6.50
CA ILE D 452 -29.09 9.47 -6.56
C ILE D 452 -27.69 9.44 -7.18
N SER D 453 -26.94 8.35 -6.92
CA SER D 453 -25.61 8.21 -7.47
C SER D 453 -25.67 8.02 -8.98
N LYS D 454 -26.54 7.12 -9.45
CA LYS D 454 -26.72 6.91 -10.88
C LYS D 454 -27.10 8.24 -11.53
N LEU D 455 -27.98 9.00 -10.87
CA LEU D 455 -28.45 10.28 -11.39
C LEU D 455 -27.28 11.25 -11.50
N ALA D 456 -26.45 11.31 -10.44
CA ALA D 456 -25.31 12.21 -10.45
C ALA D 456 -24.33 11.84 -11.56
N ARG D 457 -24.20 10.53 -11.81
CA ARG D 457 -23.35 9.99 -12.87
C ARG D 457 -23.97 10.27 -14.24
N GLN D 458 -25.28 10.52 -14.27
CA GLN D 458 -25.96 10.95 -15.48
C GLN D 458 -25.67 12.43 -15.73
N ILE D 459 -25.62 13.23 -14.65
CA ILE D 459 -25.46 14.67 -14.73
C ILE D 459 -24.05 15.04 -15.21
N ASP D 460 -23.02 14.43 -14.63
CA ASP D 460 -21.64 14.75 -14.98
C ASP D 460 -21.27 14.15 -16.35
N GLY D 461 -22.12 13.27 -16.88
CA GLY D 461 -21.98 12.74 -18.22
C GLY D 461 -21.14 11.47 -18.30
N SER D 462 -20.69 10.99 -17.13
CA SER D 462 -19.80 9.84 -17.02
C SER D 462 -20.50 8.57 -17.47
N GLU D 463 -21.79 8.44 -17.12
CA GLU D 463 -22.56 7.27 -17.49
C GLU D 463 -23.72 7.67 -18.40
N TRP D 464 -23.62 8.82 -19.06
CA TRP D 464 -24.70 9.34 -19.87
C TRP D 464 -24.87 8.52 -21.15
N SER D 465 -26.09 8.03 -21.37
CA SER D 465 -26.54 7.46 -22.64
C SER D 465 -28.06 7.35 -22.58
N TRP D 466 -28.70 7.32 -23.75
CA TRP D 466 -30.16 7.25 -23.79
C TRP D 466 -30.64 6.04 -23.01
N HIS D 467 -29.97 4.91 -23.20
CA HIS D 467 -30.38 3.67 -22.57
C HIS D 467 -30.19 3.78 -21.05
N ASN D 468 -29.11 4.42 -20.63
CA ASN D 468 -28.82 4.49 -19.20
C ASN D 468 -29.85 5.36 -18.51
N ILE D 469 -30.14 6.53 -19.09
CA ILE D 469 -31.07 7.46 -18.48
C ILE D 469 -32.48 6.88 -18.50
N ASN D 470 -32.83 6.12 -19.54
CA ASN D 470 -34.14 5.50 -19.62
C ASN D 470 -34.26 4.46 -18.52
N THR D 471 -33.21 3.65 -18.39
CA THR D 471 -33.22 2.56 -17.43
C THR D 471 -33.35 3.14 -16.03
N LEU D 472 -32.53 4.16 -15.75
CA LEU D 472 -32.52 4.78 -14.43
C LEU D 472 -33.90 5.34 -14.12
N SER D 473 -34.51 5.98 -15.12
CA SER D 473 -35.82 6.59 -14.95
C SER D 473 -36.84 5.49 -14.64
N TRP D 474 -36.80 4.40 -15.41
CA TRP D 474 -37.75 3.33 -15.19
C TRP D 474 -37.66 2.80 -13.76
N ALA D 475 -36.40 2.66 -13.31
CA ALA D 475 -36.06 2.21 -11.97
C ALA D 475 -36.63 3.17 -10.92
N ILE D 476 -36.35 4.46 -11.10
CA ILE D 476 -36.84 5.45 -10.15
C ILE D 476 -38.37 5.35 -10.09
N GLY D 477 -39.00 5.18 -11.25
CA GLY D 477 -40.45 5.10 -11.33
C GLY D 477 -41.01 3.81 -10.73
N SER D 478 -40.20 2.75 -10.74
CA SER D 478 -40.64 1.44 -10.31
C SER D 478 -40.88 1.39 -8.80
N ILE D 479 -40.12 2.20 -8.04
CA ILE D 479 -40.17 2.12 -6.59
C ILE D 479 -41.17 3.15 -6.07
N SER D 480 -42.05 3.61 -6.95
CA SER D 480 -43.02 4.59 -6.52
C SER D 480 -43.92 3.95 -5.46
N GLY D 481 -44.16 4.70 -4.38
CA GLY D 481 -45.13 4.30 -3.37
C GLY D 481 -44.51 3.36 -2.33
N THR D 482 -43.18 3.41 -2.24
CA THR D 482 -42.46 2.60 -1.26
C THR D 482 -41.96 3.48 -0.13
N MET D 483 -41.54 4.71 -0.47
CA MET D 483 -41.06 5.64 0.54
C MET D 483 -42.28 6.30 1.21
N SER D 484 -42.02 6.95 2.37
CA SER D 484 -43.01 7.78 3.02
C SER D 484 -43.25 9.01 2.16
N GLU D 485 -44.42 9.63 2.28
CA GLU D 485 -44.75 10.73 1.40
C GLU D 485 -43.71 11.85 1.54
N ASP D 486 -43.20 12.05 2.76
CA ASP D 486 -42.19 13.07 3.01
C ASP D 486 -40.89 12.75 2.26
N THR D 487 -40.44 11.50 2.40
CA THR D 487 -39.21 11.05 1.76
C THR D 487 -39.42 11.05 0.26
N GLU D 488 -40.62 10.62 -0.18
CA GLU D 488 -40.96 10.57 -1.58
C GLU D 488 -40.94 11.98 -2.15
N LYS D 489 -41.46 12.94 -1.38
CA LYS D 489 -41.49 14.34 -1.77
C LYS D 489 -40.07 14.83 -2.06
N ARG D 490 -39.16 14.62 -1.12
CA ARG D 490 -37.79 15.11 -1.24
C ARG D 490 -37.08 14.40 -2.39
N PHE D 491 -37.38 13.10 -2.55
CA PHE D 491 -36.70 12.30 -3.56
C PHE D 491 -37.11 12.80 -4.95
N VAL D 492 -38.42 12.93 -5.15
CA VAL D 492 -38.98 13.29 -6.43
C VAL D 492 -38.53 14.70 -6.82
N VAL D 493 -38.57 15.62 -5.84
CA VAL D 493 -38.09 16.98 -6.03
C VAL D 493 -36.67 16.96 -6.58
N THR D 494 -35.79 16.18 -5.93
CA THR D 494 -34.38 16.10 -6.32
C THR D 494 -34.28 15.55 -7.74
N VAL D 495 -35.00 14.45 -8.00
CA VAL D 495 -34.84 13.76 -9.27
C VAL D 495 -35.31 14.66 -10.40
N ILE D 496 -36.46 15.30 -10.22
CA ILE D 496 -37.03 16.12 -11.28
C ILE D 496 -36.14 17.33 -11.52
N LYS D 497 -35.69 17.98 -10.42
CA LYS D 497 -34.86 19.17 -10.53
C LYS D 497 -33.57 18.84 -11.28
N ASP D 498 -32.94 17.72 -10.92
CA ASP D 498 -31.68 17.35 -11.52
C ASP D 498 -31.89 17.08 -13.01
N LEU D 499 -32.98 16.37 -13.33
CA LEU D 499 -33.29 16.01 -14.71
C LEU D 499 -33.59 17.24 -15.56
N LEU D 500 -34.24 18.25 -14.97
CA LEU D 500 -34.47 19.49 -15.68
C LEU D 500 -33.15 20.21 -15.95
N ASP D 501 -32.26 20.24 -14.96
CA ASP D 501 -30.96 20.87 -15.14
C ASP D 501 -30.16 20.11 -16.20
N LEU D 502 -30.28 18.78 -16.19
CA LEU D 502 -29.63 17.94 -17.19
C LEU D 502 -30.14 18.31 -18.59
N THR D 503 -31.46 18.49 -18.72
CA THR D 503 -32.05 18.83 -20.00
C THR D 503 -31.47 20.15 -20.51
N VAL D 504 -31.29 21.12 -19.61
CA VAL D 504 -30.75 22.41 -19.98
C VAL D 504 -29.31 22.22 -20.46
N LYS D 505 -28.57 21.35 -19.76
CA LYS D 505 -27.15 21.12 -20.03
C LYS D 505 -26.95 20.32 -21.32
N LYS D 506 -27.82 19.33 -21.57
CA LYS D 506 -27.74 18.53 -22.79
C LYS D 506 -28.00 19.40 -24.01
N ARG D 507 -27.19 19.18 -25.06
CA ARG D 507 -27.31 19.92 -26.31
C ARG D 507 -27.94 19.01 -27.36
N GLY D 508 -28.73 19.60 -28.25
CA GLY D 508 -29.36 18.87 -29.33
C GLY D 508 -30.79 18.46 -28.98
N LYS D 509 -31.65 18.41 -30.01
CA LYS D 509 -33.07 18.17 -29.83
C LYS D 509 -33.29 16.72 -29.40
N ASP D 510 -32.46 15.81 -29.93
CA ASP D 510 -32.55 14.39 -29.61
C ASP D 510 -32.44 14.17 -28.11
N ASN D 511 -31.31 14.63 -27.55
CA ASN D 511 -30.96 14.42 -26.16
C ASN D 511 -32.02 15.06 -25.26
N LYS D 512 -32.42 16.29 -25.58
CA LYS D 512 -33.39 17.01 -24.78
C LYS D 512 -34.70 16.23 -24.76
N ALA D 513 -35.11 15.72 -25.93
CA ALA D 513 -36.34 14.96 -26.04
C ALA D 513 -36.30 13.72 -25.14
N VAL D 514 -35.17 13.03 -25.16
CA VAL D 514 -34.98 11.81 -24.39
C VAL D 514 -35.16 12.12 -22.90
N VAL D 515 -34.45 13.16 -22.43
CA VAL D 515 -34.45 13.50 -21.03
C VAL D 515 -35.83 14.02 -20.64
N ALA D 516 -36.44 14.83 -21.51
CA ALA D 516 -37.76 15.35 -21.20
C ALA D 516 -38.74 14.18 -21.07
N SER D 517 -38.70 13.23 -22.02
CA SER D 517 -39.63 12.11 -21.98
C SER D 517 -39.47 11.33 -20.68
N ASP D 518 -38.21 11.24 -20.20
CA ASP D 518 -37.88 10.59 -18.95
C ASP D 518 -38.49 11.35 -17.77
N ILE D 519 -38.39 12.68 -17.82
CA ILE D 519 -38.97 13.55 -16.79
C ILE D 519 -40.47 13.27 -16.69
N MET D 520 -41.12 13.19 -17.86
CA MET D 520 -42.56 13.00 -17.87
C MET D 520 -42.89 11.60 -17.34
N TYR D 521 -42.08 10.61 -17.73
CA TYR D 521 -42.32 9.26 -17.25
C TYR D 521 -42.24 9.23 -15.72
N VAL D 522 -41.18 9.84 -15.17
CA VAL D 522 -40.97 9.86 -13.73
C VAL D 522 -42.16 10.56 -13.05
N VAL D 523 -42.55 11.74 -13.54
CA VAL D 523 -43.63 12.47 -12.90
C VAL D 523 -44.92 11.65 -12.98
N GLY D 524 -45.14 10.99 -14.12
CA GLY D 524 -46.32 10.16 -14.33
C GLY D 524 -46.33 8.97 -13.38
N GLN D 525 -45.14 8.62 -12.89
CA GLN D 525 -45.01 7.46 -12.05
C GLN D 525 -45.26 7.81 -10.59
N TYR D 526 -45.27 9.11 -10.26
CA TYR D 526 -45.45 9.54 -8.88
C TYR D 526 -46.73 10.36 -8.74
N PRO D 527 -47.92 9.73 -8.84
CA PRO D 527 -49.17 10.49 -8.79
C PRO D 527 -49.39 11.14 -7.44
N ARG D 528 -48.81 10.57 -6.38
CA ARG D 528 -49.05 11.11 -5.05
C ARG D 528 -48.46 12.53 -4.96
N PHE D 529 -47.32 12.73 -5.63
CA PHE D 529 -46.66 14.02 -5.58
C PHE D 529 -47.49 15.05 -6.34
N LEU D 530 -48.11 14.61 -7.44
CA LEU D 530 -48.93 15.48 -8.27
C LEU D 530 -50.17 15.90 -7.49
N LYS D 531 -50.78 14.95 -6.77
CA LYS D 531 -52.01 15.22 -6.04
C LYS D 531 -51.75 16.20 -4.88
N ALA D 532 -50.56 16.12 -4.28
CA ALA D 532 -50.26 16.91 -3.11
C ALA D 532 -49.87 18.33 -3.49
N HIS D 533 -49.58 18.55 -4.79
CA HIS D 533 -49.09 19.84 -5.24
C HIS D 533 -49.74 20.21 -6.57
N TRP D 534 -50.85 20.96 -6.52
CA TRP D 534 -51.63 21.31 -7.70
C TRP D 534 -50.82 22.14 -8.68
N ASN D 535 -50.13 23.17 -8.17
CA ASN D 535 -49.32 24.04 -9.00
C ASN D 535 -48.44 23.19 -9.92
N PHE D 536 -47.74 22.19 -9.36
CA PHE D 536 -46.86 21.33 -10.13
C PHE D 536 -47.65 20.56 -11.19
N LEU D 537 -48.79 20.00 -10.78
CA LEU D 537 -49.62 19.22 -11.67
C LEU D 537 -50.04 20.08 -12.86
N ARG D 538 -50.44 21.33 -12.59
CA ARG D 538 -50.85 22.23 -13.65
C ARG D 538 -49.67 22.48 -14.59
N THR D 539 -48.50 22.78 -14.02
CA THR D 539 -47.34 23.13 -14.81
C THR D 539 -46.98 21.98 -15.75
N VAL D 540 -47.09 20.74 -15.23
CA VAL D 540 -46.80 19.55 -15.99
C VAL D 540 -47.81 19.41 -17.13
N ILE D 541 -49.11 19.52 -16.79
CA ILE D 541 -50.15 19.38 -17.79
C ILE D 541 -49.97 20.42 -18.90
N LEU D 542 -49.67 21.66 -18.52
CA LEU D 542 -49.47 22.67 -19.55
C LEU D 542 -48.24 22.34 -20.38
N LYS D 543 -47.16 21.90 -19.72
CA LYS D 543 -45.96 21.54 -20.46
C LYS D 543 -46.26 20.41 -21.44
N LEU D 544 -47.13 19.48 -21.04
CA LEU D 544 -47.52 18.40 -21.92
C LEU D 544 -48.31 18.97 -23.10
N PHE D 545 -49.22 19.90 -22.80
CA PHE D 545 -49.96 20.53 -23.89
C PHE D 545 -48.97 21.16 -24.86
N GLU D 546 -47.98 21.84 -24.31
CA GLU D 546 -46.99 22.51 -25.13
C GLU D 546 -46.26 21.48 -26.00
N PHE D 547 -46.01 20.31 -25.42
CA PHE D 547 -45.31 19.25 -26.13
C PHE D 547 -46.17 18.70 -27.24
N MET D 548 -47.48 18.86 -27.10
CA MET D 548 -48.40 18.28 -28.06
C MET D 548 -48.29 18.97 -29.42
N HIS D 549 -47.52 20.07 -29.48
CA HIS D 549 -47.28 20.75 -30.75
C HIS D 549 -45.87 20.47 -31.27
N GLU D 550 -45.14 19.58 -30.61
CA GLU D 550 -43.75 19.30 -30.99
C GLU D 550 -43.72 18.19 -32.05
N THR D 551 -43.03 18.46 -33.16
CA THR D 551 -43.08 17.56 -34.29
C THR D 551 -42.03 16.46 -34.14
N HIS D 552 -41.11 16.64 -33.19
CA HIS D 552 -40.01 15.70 -32.99
C HIS D 552 -40.57 14.29 -32.79
N GLU D 553 -39.99 13.32 -33.50
CA GLU D 553 -40.62 12.02 -33.66
C GLU D 553 -40.78 11.36 -32.29
N GLY D 554 -42.03 11.10 -31.88
CA GLY D 554 -42.29 10.38 -30.64
C GLY D 554 -42.74 11.29 -29.50
N VAL D 555 -42.40 12.58 -29.59
CA VAL D 555 -42.69 13.50 -28.50
C VAL D 555 -44.19 13.64 -28.26
N GLN D 556 -44.98 13.74 -29.34
CA GLN D 556 -46.41 13.96 -29.20
C GLN D 556 -47.06 12.74 -28.56
N ASP D 557 -46.67 11.56 -29.00
CA ASP D 557 -47.17 10.33 -28.42
C ASP D 557 -46.82 10.26 -26.93
N MET D 558 -45.61 10.74 -26.59
CA MET D 558 -45.14 10.73 -25.21
C MET D 558 -46.03 11.63 -24.38
N ALA D 559 -46.32 12.82 -24.92
CA ALA D 559 -47.11 13.82 -24.22
C ALA D 559 -48.52 13.31 -24.02
N CYS D 560 -49.10 12.67 -25.05
CA CYS D 560 -50.46 12.19 -24.92
C CYS D 560 -50.53 11.06 -23.91
N ASP D 561 -49.56 10.14 -23.99
CA ASP D 561 -49.49 8.99 -23.11
C ASP D 561 -49.37 9.43 -21.66
N THR D 562 -48.48 10.42 -21.41
CA THR D 562 -48.25 10.97 -20.08
C THR D 562 -49.53 11.62 -19.57
N PHE D 563 -50.18 12.41 -20.45
CA PHE D 563 -51.37 13.17 -20.10
C PHE D 563 -52.45 12.20 -19.64
N ILE D 564 -52.73 11.18 -20.45
CA ILE D 564 -53.83 10.28 -20.12
C ILE D 564 -53.47 9.46 -18.90
N LYS D 565 -52.19 9.09 -18.79
CA LYS D 565 -51.70 8.36 -17.63
C LYS D 565 -51.90 9.22 -16.38
N ILE D 566 -51.49 10.50 -16.45
CA ILE D 566 -51.57 11.35 -15.28
C ILE D 566 -53.02 11.54 -14.86
N VAL D 567 -53.92 11.67 -15.86
CA VAL D 567 -55.30 11.97 -15.51
C VAL D 567 -55.96 10.73 -14.94
N GLN D 568 -55.55 9.53 -15.40
CA GLN D 568 -56.16 8.30 -14.94
C GLN D 568 -56.13 8.28 -13.42
N LYS D 569 -55.06 8.82 -12.84
CA LYS D 569 -54.84 8.67 -11.41
C LYS D 569 -55.20 9.97 -10.68
N CYS D 570 -55.13 11.10 -11.40
CA CYS D 570 -55.23 12.41 -10.74
C CYS D 570 -56.50 13.15 -11.18
N LYS D 571 -57.50 12.38 -11.65
CA LYS D 571 -58.69 12.95 -12.26
C LYS D 571 -59.37 13.91 -11.30
N TYR D 572 -59.36 13.60 -10.00
CA TYR D 572 -60.12 14.40 -9.04
C TYR D 572 -59.63 15.86 -9.06
N HIS D 573 -58.36 16.08 -9.40
CA HIS D 573 -57.81 17.41 -9.23
C HIS D 573 -58.16 18.28 -10.43
N PHE D 574 -58.80 17.68 -11.43
CA PHE D 574 -59.18 18.43 -12.61
C PHE D 574 -60.63 18.89 -12.51
N VAL D 575 -61.47 18.13 -11.79
CA VAL D 575 -62.90 18.40 -11.76
C VAL D 575 -63.26 19.36 -10.63
N ILE D 576 -62.39 19.48 -9.62
CA ILE D 576 -62.68 20.41 -8.53
C ILE D 576 -62.02 21.74 -8.83
N GLN D 577 -62.58 22.80 -8.23
CA GLN D 577 -61.97 24.09 -8.36
C GLN D 577 -60.83 24.20 -7.35
N GLN D 578 -59.61 24.17 -7.86
CA GLN D 578 -58.46 24.32 -6.99
C GLN D 578 -58.37 25.75 -6.48
N PRO D 579 -57.91 25.97 -5.23
CA PRO D 579 -57.71 27.32 -4.70
C PRO D 579 -56.73 28.05 -5.62
N ARG D 580 -56.94 29.38 -5.78
CA ARG D 580 -56.13 30.21 -6.65
C ARG D 580 -56.56 29.98 -8.11
N GLU D 581 -57.60 29.15 -8.30
CA GLU D 581 -58.05 28.80 -9.63
C GLU D 581 -59.47 29.29 -9.84
N SER D 582 -59.74 29.89 -11.01
CA SER D 582 -61.02 30.52 -11.27
C SER D 582 -62.10 29.49 -11.59
N GLU D 583 -61.70 28.28 -11.99
CA GLU D 583 -62.63 27.25 -12.44
C GLU D 583 -61.96 25.88 -12.37
N PRO D 584 -62.71 24.75 -12.35
CA PRO D 584 -62.11 23.43 -12.55
C PRO D 584 -61.26 23.41 -13.81
N PHE D 585 -60.12 22.72 -13.75
CA PHE D 585 -59.17 22.78 -14.85
C PHE D 585 -59.69 22.03 -16.07
N ILE D 586 -60.68 21.15 -15.86
CA ILE D 586 -61.30 20.43 -16.96
C ILE D 586 -61.95 21.43 -17.92
N GLN D 587 -62.56 22.50 -17.36
CA GLN D 587 -63.17 23.51 -18.19
C GLN D 587 -62.10 24.22 -19.01
N THR D 588 -60.94 24.47 -18.39
CA THR D 588 -59.84 25.15 -19.08
C THR D 588 -59.32 24.27 -20.23
N ILE D 589 -59.24 22.96 -19.99
CA ILE D 589 -58.77 22.01 -20.98
C ILE D 589 -59.77 21.95 -22.14
N ILE D 590 -61.06 21.89 -21.81
CA ILE D 590 -62.11 21.77 -22.83
C ILE D 590 -62.17 23.05 -23.66
N ARG D 591 -62.00 24.21 -23.00
CA ARG D 591 -62.03 25.46 -23.73
C ARG D 591 -61.01 25.44 -24.87
N ASP D 592 -59.77 25.08 -24.56
CA ASP D 592 -58.72 25.31 -25.54
C ASP D 592 -58.43 24.05 -26.35
N ILE D 593 -59.34 23.07 -26.33
CA ILE D 593 -59.07 21.77 -26.90
C ILE D 593 -58.69 21.87 -28.37
N GLN D 594 -59.24 22.87 -29.08
CA GLN D 594 -58.96 23.03 -30.49
C GLN D 594 -57.48 23.35 -30.65
N LYS D 595 -57.02 24.32 -29.85
CA LYS D 595 -55.70 24.92 -29.96
C LYS D 595 -54.68 23.87 -29.53
N THR D 596 -54.98 23.21 -28.39
CA THR D 596 -54.14 22.21 -27.78
C THR D 596 -53.89 21.06 -28.76
N THR D 597 -54.96 20.56 -29.40
CA THR D 597 -54.87 19.31 -30.14
C THR D 597 -54.70 19.57 -31.63
N ALA D 598 -54.40 20.82 -32.00
CA ALA D 598 -54.37 21.24 -33.40
C ALA D 598 -53.34 20.42 -34.17
N ASP D 599 -52.18 20.15 -33.56
CA ASP D 599 -51.06 19.56 -34.27
C ASP D 599 -51.01 18.05 -34.09
N LEU D 600 -51.88 17.51 -33.25
CA LEU D 600 -51.87 16.07 -32.97
C LEU D 600 -52.37 15.29 -34.19
N GLN D 601 -51.90 14.05 -34.28
CA GLN D 601 -52.43 13.06 -35.22
C GLN D 601 -53.85 12.70 -34.80
N PRO D 602 -54.69 12.17 -35.71
CA PRO D 602 -56.07 11.82 -35.36
C PRO D 602 -56.18 10.96 -34.11
N GLN D 603 -55.32 9.93 -34.03
CA GLN D 603 -55.40 8.95 -32.95
C GLN D 603 -54.98 9.61 -31.64
N GLN D 604 -54.00 10.52 -31.71
CA GLN D 604 -53.59 11.28 -30.54
C GLN D 604 -54.73 12.19 -30.09
N VAL D 605 -55.48 12.74 -31.05
CA VAL D 605 -56.61 13.57 -30.67
C VAL D 605 -57.60 12.70 -29.90
N HIS D 606 -57.90 11.52 -30.46
CA HIS D 606 -58.82 10.61 -29.82
C HIS D 606 -58.37 10.31 -28.39
N THR D 607 -57.06 10.12 -28.19
CA THR D 607 -56.52 9.86 -26.87
C THR D 607 -56.76 11.04 -25.95
N PHE D 608 -56.58 12.25 -26.50
CA PHE D 608 -56.81 13.45 -25.74
C PHE D 608 -58.27 13.52 -25.29
N TYR D 609 -59.20 13.19 -26.19
CA TYR D 609 -60.60 13.21 -25.82
C TYR D 609 -60.87 12.15 -24.75
N LYS D 610 -60.24 10.97 -24.91
CA LYS D 610 -60.38 9.89 -23.97
C LYS D 610 -59.93 10.36 -22.59
N ALA D 611 -58.84 11.13 -22.57
CA ALA D 611 -58.35 11.65 -21.31
C ALA D 611 -59.39 12.58 -20.70
N CYS D 612 -59.96 13.45 -21.54
CA CYS D 612 -60.90 14.42 -21.04
C CYS D 612 -62.14 13.72 -20.48
N GLY D 613 -62.52 12.61 -21.15
CA GLY D 613 -63.62 11.78 -20.68
C GLY D 613 -63.34 11.17 -19.31
N ILE D 614 -62.11 10.66 -19.12
CA ILE D 614 -61.70 10.13 -17.83
C ILE D 614 -61.97 11.17 -16.76
N ILE D 615 -61.55 12.41 -17.06
CA ILE D 615 -61.66 13.53 -16.12
C ILE D 615 -63.13 13.82 -15.87
N ILE D 616 -63.92 13.90 -16.95
CA ILE D 616 -65.30 14.32 -16.85
C ILE D 616 -66.09 13.34 -15.97
N SER D 617 -65.81 12.04 -16.09
CA SER D 617 -66.57 11.05 -15.36
C SER D 617 -66.34 11.18 -13.86
N GLU D 618 -65.42 12.06 -13.46
CA GLU D 618 -65.14 12.32 -12.07
C GLU D 618 -66.16 13.29 -11.48
N GLU D 619 -66.70 14.18 -12.31
CA GLU D 619 -67.81 15.04 -11.87
C GLU D 619 -69.05 14.20 -11.64
N ARG D 620 -69.55 14.21 -10.39
CA ARG D 620 -70.61 13.30 -10.01
C ARG D 620 -71.99 13.92 -10.18
N SER D 621 -72.05 15.26 -10.23
CA SER D 621 -73.27 15.98 -10.59
C SER D 621 -73.63 15.69 -12.05
N VAL D 622 -74.81 15.12 -12.26
CA VAL D 622 -75.18 14.68 -13.60
C VAL D 622 -75.24 15.89 -14.52
N ALA D 623 -75.75 17.00 -13.98
CA ALA D 623 -75.94 18.21 -14.77
C ALA D 623 -74.59 18.71 -15.23
N GLU D 624 -73.66 18.86 -14.30
CA GLU D 624 -72.40 19.48 -14.62
C GLU D 624 -71.57 18.55 -15.49
N ARG D 625 -71.78 17.24 -15.30
CA ARG D 625 -70.99 16.26 -16.03
C ARG D 625 -71.48 16.28 -17.47
N ASN D 626 -72.80 16.27 -17.65
CA ASN D 626 -73.40 16.28 -18.96
C ASN D 626 -72.97 17.54 -19.71
N ARG D 627 -72.88 18.69 -19.01
CA ARG D 627 -72.46 19.93 -19.64
C ARG D 627 -71.02 19.79 -20.12
N LEU D 628 -70.14 19.28 -19.25
CA LEU D 628 -68.74 19.08 -19.59
C LEU D 628 -68.61 18.16 -20.80
N LEU D 629 -69.37 17.06 -20.79
CA LEU D 629 -69.40 16.12 -21.90
C LEU D 629 -69.84 16.82 -23.19
N SER D 630 -70.93 17.59 -23.10
CA SER D 630 -71.46 18.36 -24.22
C SER D 630 -70.39 19.33 -24.74
N ASP D 631 -69.77 20.11 -23.83
CA ASP D 631 -68.76 21.07 -24.23
C ASP D 631 -67.63 20.38 -24.99
N LEU D 632 -67.17 19.24 -24.42
CA LEU D 632 -66.08 18.45 -24.98
C LEU D 632 -66.43 17.97 -26.37
N MET D 633 -67.67 17.46 -26.52
CA MET D 633 -68.11 16.85 -27.77
C MET D 633 -68.57 17.88 -28.79
N GLN D 634 -68.47 19.18 -28.47
CA GLN D 634 -69.05 20.20 -29.33
C GLN D 634 -68.51 20.14 -30.75
N LEU D 635 -67.18 20.22 -30.91
CA LEU D 635 -66.61 20.22 -32.25
C LEU D 635 -67.10 19.02 -33.06
N PRO D 636 -66.89 17.75 -32.64
CA PRO D 636 -67.37 16.61 -33.40
C PRO D 636 -68.89 16.62 -33.54
N ASN D 637 -69.59 17.11 -32.52
CA ASN D 637 -71.04 17.19 -32.56
C ASN D 637 -71.49 18.10 -33.72
N MET D 638 -70.78 19.23 -33.86
CA MET D 638 -71.14 20.22 -34.85
C MET D 638 -70.83 19.70 -36.23
N ALA D 639 -69.65 19.10 -36.42
CA ALA D 639 -69.33 18.55 -37.73
C ALA D 639 -70.30 17.41 -38.06
N TRP D 640 -70.79 16.71 -37.02
CA TRP D 640 -71.72 15.61 -37.19
C TRP D 640 -73.07 16.13 -37.65
N ASP D 641 -73.51 17.25 -37.06
CA ASP D 641 -74.77 17.89 -37.41
C ASP D 641 -74.75 18.27 -38.89
N THR D 642 -73.70 18.99 -39.29
CA THR D 642 -73.62 19.49 -40.67
C THR D 642 -73.52 18.30 -41.63
N ILE D 643 -73.06 17.14 -41.14
CA ILE D 643 -72.82 16.01 -42.03
C ILE D 643 -74.09 15.17 -42.19
N VAL D 644 -74.86 15.10 -41.10
CA VAL D 644 -76.07 14.31 -41.12
C VAL D 644 -77.08 15.01 -42.02
N GLU D 645 -77.04 16.34 -41.97
CA GLU D 645 -77.96 17.12 -42.79
C GLU D 645 -77.63 16.85 -44.26
N GLN D 646 -76.35 16.88 -44.61
CA GLN D 646 -75.95 16.75 -45.99
C GLN D 646 -76.19 15.32 -46.48
N SER D 647 -75.98 14.33 -45.60
CA SER D 647 -76.14 12.93 -45.97
C SER D 647 -77.60 12.60 -46.22
N THR D 648 -78.46 13.00 -45.27
CA THR D 648 -79.88 12.75 -45.39
C THR D 648 -80.35 13.28 -46.73
N ALA D 649 -79.93 14.51 -47.06
CA ALA D 649 -80.34 15.21 -48.26
C ALA D 649 -79.63 14.65 -49.49
N ASN D 650 -78.30 14.54 -49.42
CA ASN D 650 -77.50 14.05 -50.54
C ASN D 650 -76.81 12.75 -50.13
N PRO D 651 -77.28 11.57 -50.60
CA PRO D 651 -76.60 10.30 -50.30
C PRO D 651 -75.21 10.22 -50.88
N THR D 652 -74.97 10.94 -51.99
CA THR D 652 -73.71 10.94 -52.71
C THR D 652 -72.53 11.44 -51.86
N LEU D 653 -72.81 12.13 -50.75
CA LEU D 653 -71.74 12.60 -49.89
C LEU D 653 -70.87 11.45 -49.43
N LEU D 654 -71.45 10.26 -49.26
CA LEU D 654 -70.69 9.12 -48.77
C LEU D 654 -69.77 8.58 -49.86
N LEU D 655 -69.77 9.21 -51.05
CA LEU D 655 -68.81 8.82 -52.07
C LEU D 655 -67.53 9.61 -51.88
N ASP D 656 -67.63 10.75 -51.18
CA ASP D 656 -66.56 11.70 -50.98
C ASP D 656 -65.62 11.17 -49.89
N SER D 657 -64.36 10.97 -50.29
CA SER D 657 -63.36 10.40 -49.39
C SER D 657 -63.17 11.27 -48.15
N GLU D 658 -63.24 12.60 -48.38
CA GLU D 658 -63.01 13.55 -47.31
C GLU D 658 -64.11 13.45 -46.27
N THR D 659 -65.34 13.16 -46.72
CA THR D 659 -66.46 13.08 -45.81
C THR D 659 -66.33 11.82 -44.97
N VAL D 660 -65.96 10.73 -45.65
CA VAL D 660 -65.83 9.45 -44.99
C VAL D 660 -64.79 9.56 -43.88
N LYS D 661 -63.68 10.26 -44.18
CA LYS D 661 -62.66 10.52 -43.20
C LYS D 661 -63.28 11.22 -41.99
N ILE D 662 -63.94 12.36 -42.24
CA ILE D 662 -64.49 13.17 -41.17
C ILE D 662 -65.44 12.34 -40.31
N ILE D 663 -66.26 11.51 -40.97
CA ILE D 663 -67.24 10.69 -40.28
C ILE D 663 -66.54 9.68 -39.38
N ALA D 664 -65.54 8.99 -39.95
CA ALA D 664 -64.74 8.05 -39.19
C ALA D 664 -64.20 8.74 -37.94
N ASN D 665 -63.58 9.92 -38.09
CA ASN D 665 -62.97 10.59 -36.94
C ASN D 665 -64.02 10.96 -35.91
N ILE D 666 -65.22 11.31 -36.37
CA ILE D 666 -66.27 11.69 -35.45
C ILE D 666 -66.62 10.48 -34.57
N ILE D 667 -66.89 9.35 -35.21
CA ILE D 667 -67.31 8.16 -34.49
C ILE D 667 -66.15 7.66 -33.63
N LYS D 668 -64.92 7.78 -34.12
CA LYS D 668 -63.76 7.38 -33.35
C LYS D 668 -63.66 8.19 -32.06
N THR D 669 -63.92 9.52 -32.16
CA THR D 669 -63.89 10.38 -31.00
C THR D 669 -64.98 9.95 -30.03
N ASN D 670 -66.12 9.50 -30.57
CA ASN D 670 -67.20 9.08 -29.70
C ASN D 670 -66.77 7.81 -28.97
N VAL D 671 -66.13 6.90 -29.71
CA VAL D 671 -65.63 5.66 -29.17
C VAL D 671 -64.66 5.95 -28.02
N ALA D 672 -63.72 6.88 -28.25
CA ALA D 672 -62.73 7.24 -27.24
C ALA D 672 -63.40 7.70 -25.96
N VAL D 673 -64.31 8.68 -26.09
CA VAL D 673 -64.94 9.29 -24.93
C VAL D 673 -65.83 8.26 -24.24
N CYS D 674 -66.45 7.39 -25.03
CA CYS D 674 -67.33 6.38 -24.47
C CYS D 674 -66.51 5.36 -23.67
N THR D 675 -65.31 5.04 -24.18
CA THR D 675 -64.40 4.16 -23.47
C THR D 675 -64.16 4.69 -22.06
N SER D 676 -63.80 5.99 -21.94
CA SER D 676 -63.44 6.58 -20.66
C SER D 676 -64.64 6.72 -19.76
N MET D 677 -65.84 6.94 -20.35
CA MET D 677 -66.95 7.50 -19.59
C MET D 677 -68.04 6.48 -19.33
N GLY D 678 -68.10 5.43 -20.16
CA GLY D 678 -68.92 4.28 -19.82
C GLY D 678 -70.40 4.65 -19.78
N ALA D 679 -71.08 4.30 -18.67
CA ALA D 679 -72.51 4.56 -18.59
C ALA D 679 -72.78 6.05 -18.68
N ASP D 680 -71.84 6.85 -18.20
CA ASP D 680 -71.95 8.30 -18.16
C ASP D 680 -72.02 8.90 -19.56
N PHE D 681 -71.71 8.11 -20.58
CA PHE D 681 -71.62 8.62 -21.94
C PHE D 681 -73.00 8.68 -22.60
N TYR D 682 -74.02 8.13 -21.92
CA TYR D 682 -75.30 7.87 -22.57
C TYR D 682 -75.88 9.10 -23.27
N PRO D 683 -75.93 10.29 -22.61
CA PRO D 683 -76.35 11.53 -23.27
C PRO D 683 -75.75 11.73 -24.67
N GLN D 684 -74.42 11.60 -24.77
CA GLN D 684 -73.77 11.77 -26.06
C GLN D 684 -74.25 10.71 -27.03
N LEU D 685 -74.33 9.45 -26.57
CA LEU D 685 -74.79 8.42 -27.46
C LEU D 685 -76.17 8.78 -28.01
N GLY D 686 -77.05 9.24 -27.12
CA GLY D 686 -78.40 9.62 -27.47
C GLY D 686 -78.42 10.77 -28.48
N HIS D 687 -77.40 11.64 -28.39
CA HIS D 687 -77.26 12.75 -29.30
C HIS D 687 -77.03 12.29 -30.75
N ILE D 688 -76.18 11.27 -30.93
CA ILE D 688 -75.75 10.93 -32.28
C ILE D 688 -76.23 9.54 -32.69
N TYR D 689 -77.30 9.06 -32.03
CA TYR D 689 -77.58 7.64 -32.10
C TYR D 689 -78.37 7.26 -33.35
N TYR D 690 -79.66 7.65 -33.39
CA TYR D 690 -80.56 7.16 -34.42
C TYR D 690 -80.05 7.59 -35.80
N ASN D 691 -79.48 8.79 -35.88
CA ASN D 691 -78.82 9.26 -37.09
C ASN D 691 -77.58 8.42 -37.42
N MET D 692 -76.80 8.07 -36.41
CA MET D 692 -75.65 7.21 -36.62
C MET D 692 -76.11 5.85 -37.18
N LEU D 693 -77.18 5.30 -36.62
CA LEU D 693 -77.69 4.04 -37.14
C LEU D 693 -78.11 4.17 -38.59
N GLN D 694 -78.73 5.31 -38.95
CA GLN D 694 -79.10 5.55 -40.34
C GLN D 694 -77.85 5.56 -41.22
N LEU D 695 -76.82 6.30 -40.80
CA LEU D 695 -75.57 6.37 -41.53
C LEU D 695 -74.99 4.96 -41.70
N TYR D 696 -75.08 4.16 -40.63
CA TYR D 696 -74.68 2.75 -40.70
C TYR D 696 -75.38 2.06 -41.86
N ARG D 697 -76.73 2.13 -41.89
CA ARG D 697 -77.50 1.46 -42.91
C ARG D 697 -77.03 1.88 -44.30
N ALA D 698 -76.66 3.15 -44.44
CA ALA D 698 -76.27 3.70 -45.73
C ALA D 698 -74.92 3.11 -46.13
N VAL D 699 -73.95 3.20 -45.21
CA VAL D 699 -72.59 2.78 -45.53
C VAL D 699 -72.56 1.27 -45.77
N SER D 700 -73.36 0.54 -44.99
CA SER D 700 -73.47 -0.89 -45.19
C SER D 700 -74.07 -1.23 -46.55
N SER D 701 -75.16 -0.52 -46.95
CA SER D 701 -75.79 -0.76 -48.24
C SER D 701 -74.79 -0.55 -49.38
N MET D 702 -74.01 0.53 -49.25
CA MET D 702 -73.02 0.87 -50.25
C MET D 702 -71.95 -0.20 -50.34
N ILE D 703 -71.44 -0.63 -49.18
CA ILE D 703 -70.43 -1.69 -49.16
C ILE D 703 -70.98 -2.93 -49.88
N SER D 704 -72.17 -3.36 -49.46
CA SER D 704 -72.78 -4.57 -49.99
C SER D 704 -73.03 -4.46 -51.50
N ALA D 705 -73.56 -3.32 -51.96
CA ALA D 705 -73.78 -3.12 -53.38
C ALA D 705 -72.47 -3.29 -54.16
N GLN D 706 -71.40 -2.63 -53.70
CA GLN D 706 -70.17 -2.57 -54.47
C GLN D 706 -69.52 -3.95 -54.50
N VAL D 707 -69.61 -4.67 -53.38
CA VAL D 707 -69.07 -6.01 -53.25
C VAL D 707 -69.86 -6.98 -54.12
N ALA D 708 -71.18 -6.82 -54.16
CA ALA D 708 -72.00 -7.66 -55.02
C ALA D 708 -71.60 -7.44 -56.47
N ALA D 709 -71.33 -6.18 -56.81
CA ALA D 709 -71.09 -5.83 -58.21
C ALA D 709 -69.69 -6.26 -58.61
N GLU D 710 -68.72 -6.09 -57.70
CA GLU D 710 -67.33 -6.17 -58.14
C GLU D 710 -66.67 -7.47 -57.67
N GLY D 711 -67.19 -8.07 -56.60
CA GLY D 711 -66.60 -9.27 -56.05
C GLY D 711 -65.79 -8.96 -54.78
N LEU D 712 -65.02 -9.96 -54.32
CA LEU D 712 -64.32 -9.84 -53.06
C LEU D 712 -63.26 -8.74 -53.12
N ILE D 713 -62.67 -8.53 -54.30
CA ILE D 713 -61.58 -7.58 -54.49
C ILE D 713 -62.01 -6.20 -54.02
N ALA D 714 -63.30 -5.88 -54.20
CA ALA D 714 -63.90 -4.61 -53.80
C ALA D 714 -63.65 -4.32 -52.32
N THR D 715 -63.58 -5.37 -51.49
CA THR D 715 -63.38 -5.23 -50.06
C THR D 715 -62.01 -4.64 -49.74
N LYS D 716 -61.11 -4.64 -50.74
CA LYS D 716 -59.75 -4.16 -50.53
C LYS D 716 -59.59 -2.73 -51.02
N THR D 717 -60.60 -2.21 -51.74
CA THR D 717 -60.51 -0.88 -52.34
C THR D 717 -60.55 0.18 -51.23
N PRO D 718 -59.77 1.28 -51.36
CA PRO D 718 -59.75 2.36 -50.37
C PRO D 718 -61.13 2.83 -49.93
N LYS D 719 -62.05 2.97 -50.91
CA LYS D 719 -63.42 3.41 -50.71
C LYS D 719 -64.16 2.50 -49.73
N VAL D 720 -64.17 1.19 -50.02
CA VAL D 720 -64.83 0.22 -49.18
C VAL D 720 -64.10 0.12 -47.84
N ARG D 721 -62.77 0.28 -47.85
CA ARG D 721 -62.03 0.23 -46.59
C ARG D 721 -62.51 1.35 -45.67
N GLY D 722 -62.60 2.58 -46.20
CA GLY D 722 -63.05 3.72 -45.43
C GLY D 722 -64.48 3.55 -44.92
N LEU D 723 -65.34 2.98 -45.77
CA LEU D 723 -66.73 2.78 -45.41
C LEU D 723 -66.82 1.75 -44.29
N ARG D 724 -66.00 0.69 -44.38
CA ARG D 724 -66.00 -0.39 -43.40
C ARG D 724 -65.51 0.16 -42.06
N THR D 725 -64.53 1.07 -42.10
CA THR D 725 -64.07 1.75 -40.90
C THR D 725 -65.25 2.39 -40.19
N ILE D 726 -66.08 3.13 -40.95
CA ILE D 726 -67.22 3.83 -40.38
C ILE D 726 -68.18 2.82 -39.76
N LYS D 727 -68.48 1.76 -40.51
CA LYS D 727 -69.33 0.68 -40.05
C LYS D 727 -68.79 0.11 -38.75
N LYS D 728 -67.50 -0.23 -38.71
CA LYS D 728 -66.91 -0.89 -37.54
C LYS D 728 -66.90 0.05 -36.35
N GLU D 729 -66.57 1.33 -36.58
CA GLU D 729 -66.54 2.30 -35.50
C GLU D 729 -67.92 2.46 -34.87
N ILE D 730 -68.97 2.52 -35.72
CA ILE D 730 -70.34 2.63 -35.23
C ILE D 730 -70.66 1.44 -34.34
N LEU D 731 -70.35 0.23 -34.83
CA LEU D 731 -70.61 -0.98 -34.08
C LEU D 731 -69.80 -0.97 -32.79
N LYS D 732 -68.58 -0.44 -32.86
CA LYS D 732 -67.67 -0.40 -31.74
C LYS D 732 -68.22 0.55 -30.68
N LEU D 733 -68.79 1.69 -31.11
CA LEU D 733 -69.35 2.63 -30.16
C LEU D 733 -70.49 1.94 -29.42
N VAL D 734 -71.35 1.25 -30.17
CA VAL D 734 -72.55 0.74 -29.55
C VAL D 734 -72.16 -0.32 -28.53
N GLU D 735 -71.27 -1.22 -28.96
CA GLU D 735 -70.79 -2.30 -28.12
C GLU D 735 -70.12 -1.73 -26.87
N THR D 736 -69.26 -0.71 -27.07
CA THR D 736 -68.59 -0.06 -25.97
C THR D 736 -69.59 0.46 -24.95
N TYR D 737 -70.59 1.24 -25.40
CA TYR D 737 -71.56 1.76 -24.44
C TYR D 737 -72.30 0.63 -23.75
N ILE D 738 -72.84 -0.32 -24.54
CA ILE D 738 -73.71 -1.31 -23.94
C ILE D 738 -72.91 -2.18 -22.96
N SER D 739 -71.64 -2.45 -23.28
CA SER D 739 -70.85 -3.27 -22.38
C SER D 739 -70.70 -2.57 -21.04
N LYS D 740 -70.50 -1.24 -21.05
CA LYS D 740 -70.23 -0.49 -19.82
C LYS D 740 -71.50 0.08 -19.20
N ALA D 741 -72.66 -0.25 -19.77
CA ALA D 741 -73.87 0.48 -19.42
C ALA D 741 -74.32 0.09 -18.02
N ARG D 742 -74.91 1.05 -17.31
CA ARG D 742 -75.46 0.85 -15.98
C ARG D 742 -76.98 0.82 -16.04
N ASN D 743 -77.59 1.79 -16.75
CA ASN D 743 -79.03 1.92 -16.90
C ASN D 743 -79.49 1.00 -18.03
N LEU D 744 -79.96 -0.18 -17.65
CA LEU D 744 -80.22 -1.22 -18.63
C LEU D 744 -81.62 -1.06 -19.19
N ASP D 745 -82.49 -0.37 -18.45
CA ASP D 745 -83.82 -0.12 -18.98
C ASP D 745 -83.69 0.67 -20.29
N ASP D 746 -82.86 1.73 -20.23
CA ASP D 746 -82.72 2.61 -21.37
C ASP D 746 -82.16 1.82 -22.54
N VAL D 747 -81.26 0.88 -22.24
CA VAL D 747 -80.66 0.06 -23.29
C VAL D 747 -81.76 -0.72 -23.98
N VAL D 748 -82.59 -1.39 -23.18
CA VAL D 748 -83.59 -2.32 -23.69
C VAL D 748 -84.64 -1.55 -24.49
N LYS D 749 -85.08 -0.40 -23.96
CA LYS D 749 -86.28 0.27 -24.42
C LYS D 749 -85.96 1.35 -25.46
N VAL D 750 -84.71 1.79 -25.52
CA VAL D 750 -84.32 2.92 -26.37
C VAL D 750 -83.29 2.48 -27.41
N LEU D 751 -82.31 1.65 -27.02
CA LEU D 751 -81.14 1.41 -27.87
C LEU D 751 -81.28 0.10 -28.65
N VAL D 752 -81.91 -0.92 -28.06
CA VAL D 752 -81.87 -2.27 -28.59
C VAL D 752 -82.62 -2.32 -29.92
N GLU D 753 -83.83 -1.76 -29.93
CA GLU D 753 -84.75 -1.98 -31.03
C GLU D 753 -84.26 -1.28 -32.30
N PRO D 754 -83.86 0.02 -32.23
CA PRO D 754 -83.28 0.71 -33.37
C PRO D 754 -82.07 -0.05 -33.89
N LEU D 755 -81.19 -0.48 -32.97
CA LEU D 755 -79.94 -1.14 -33.34
C LEU D 755 -80.24 -2.41 -34.10
N LEU D 756 -81.13 -3.24 -33.55
CA LEU D 756 -81.45 -4.51 -34.17
C LEU D 756 -82.04 -4.28 -35.55
N ASN D 757 -82.96 -3.32 -35.66
CA ASN D 757 -83.60 -3.03 -36.93
C ASN D 757 -82.53 -2.61 -37.94
N ALA D 758 -81.59 -1.76 -37.51
CA ALA D 758 -80.57 -1.25 -38.40
C ALA D 758 -79.66 -2.37 -38.90
N VAL D 759 -79.15 -3.23 -38.01
CA VAL D 759 -78.00 -4.07 -38.33
C VAL D 759 -78.41 -5.49 -38.75
N LEU D 760 -79.48 -6.02 -38.15
CA LEU D 760 -79.87 -7.41 -38.36
C LEU D 760 -80.34 -7.62 -39.79
N GLU D 761 -81.28 -6.80 -40.25
CA GLU D 761 -81.84 -6.98 -41.58
C GLU D 761 -80.77 -6.71 -42.63
N ASP D 762 -79.97 -5.69 -42.38
CA ASP D 762 -78.85 -5.36 -43.25
C ASP D 762 -77.91 -6.56 -43.37
N TYR D 763 -77.56 -7.18 -42.22
CA TYR D 763 -76.68 -8.34 -42.19
C TYR D 763 -77.29 -9.49 -42.98
N MET D 764 -78.58 -9.77 -42.77
CA MET D 764 -79.21 -10.84 -43.53
C MET D 764 -79.06 -10.56 -45.01
N ASN D 765 -79.29 -9.30 -45.41
CA ASN D 765 -79.47 -8.96 -46.81
C ASN D 765 -78.15 -8.67 -47.48
N ASN D 766 -77.11 -8.44 -46.67
CA ASN D 766 -75.77 -8.25 -47.21
C ASN D 766 -75.37 -9.52 -47.96
N VAL D 767 -74.53 -9.34 -48.97
CA VAL D 767 -73.91 -10.48 -49.60
C VAL D 767 -72.87 -11.03 -48.62
N PRO D 768 -72.58 -12.35 -48.64
CA PRO D 768 -71.67 -12.93 -47.66
C PRO D 768 -70.37 -12.14 -47.53
N ASP D 769 -69.78 -11.73 -48.67
CA ASP D 769 -68.47 -11.10 -48.65
C ASP D 769 -68.52 -9.68 -48.09
N ALA D 770 -69.71 -9.22 -47.70
CA ALA D 770 -69.86 -7.86 -47.20
C ALA D 770 -70.29 -7.86 -45.74
N ARG D 771 -70.78 -9.01 -45.26
CA ARG D 771 -71.19 -9.14 -43.87
C ARG D 771 -69.95 -8.99 -42.98
N ASP D 772 -70.10 -8.21 -41.90
CA ASP D 772 -69.02 -8.03 -40.94
C ASP D 772 -69.28 -8.88 -39.71
N ALA D 773 -68.26 -9.58 -39.25
CA ALA D 773 -68.45 -10.39 -38.07
C ALA D 773 -68.67 -9.49 -36.86
N GLU D 774 -68.20 -8.25 -36.93
CA GLU D 774 -68.36 -7.34 -35.81
C GLU D 774 -69.83 -7.22 -35.46
N VAL D 775 -70.70 -7.47 -36.46
CA VAL D 775 -72.14 -7.44 -36.20
C VAL D 775 -72.48 -8.53 -35.18
N LEU D 776 -71.97 -9.73 -35.43
CA LEU D 776 -72.19 -10.87 -34.52
C LEU D 776 -71.62 -10.54 -33.15
N ASN D 777 -70.46 -9.87 -33.15
CA ASN D 777 -69.80 -9.53 -31.89
C ASN D 777 -70.67 -8.56 -31.12
N CYS D 778 -71.16 -7.53 -31.80
CA CYS D 778 -72.03 -6.53 -31.21
C CYS D 778 -73.25 -7.25 -30.62
N MET D 779 -73.81 -8.19 -31.38
CA MET D 779 -74.99 -8.91 -30.91
C MET D 779 -74.64 -9.74 -29.68
N THR D 780 -73.44 -10.35 -29.69
CA THR D 780 -72.95 -11.10 -28.54
C THR D 780 -72.97 -10.20 -27.31
N THR D 781 -72.40 -8.98 -27.43
CA THR D 781 -72.35 -8.07 -26.29
C THR D 781 -73.75 -7.63 -25.88
N VAL D 782 -74.65 -7.41 -26.84
CA VAL D 782 -76.02 -7.03 -26.51
C VAL D 782 -76.67 -8.13 -25.69
N VAL D 783 -76.53 -9.38 -26.17
CA VAL D 783 -77.14 -10.52 -25.53
C VAL D 783 -76.52 -10.71 -24.14
N GLU D 784 -75.21 -10.56 -24.04
CA GLU D 784 -74.52 -10.74 -22.77
C GLU D 784 -75.09 -9.79 -21.73
N LYS D 785 -75.31 -8.54 -22.14
CA LYS D 785 -75.66 -7.48 -21.22
C LYS D 785 -77.14 -7.53 -20.86
N VAL D 786 -78.03 -7.69 -21.85
CA VAL D 786 -79.44 -7.49 -21.56
C VAL D 786 -80.32 -8.58 -22.18
N GLY D 787 -79.69 -9.66 -22.65
CA GLY D 787 -80.42 -10.74 -23.31
C GLY D 787 -81.51 -11.35 -22.42
N HIS D 788 -81.34 -11.26 -21.10
CA HIS D 788 -82.31 -11.83 -20.19
C HIS D 788 -83.59 -11.00 -20.23
N MET D 789 -83.47 -9.79 -20.78
CA MET D 789 -84.56 -8.82 -20.74
C MET D 789 -85.24 -8.68 -22.10
N ILE D 790 -84.62 -9.23 -23.16
CA ILE D 790 -85.12 -9.02 -24.51
C ILE D 790 -85.33 -10.35 -25.22
N PRO D 791 -86.29 -11.20 -24.79
CA PRO D 791 -86.53 -12.49 -25.42
C PRO D 791 -86.81 -12.33 -26.92
N GLN D 792 -87.66 -11.36 -27.27
CA GLN D 792 -88.07 -11.19 -28.67
C GLN D 792 -86.92 -10.61 -29.48
N GLY D 793 -86.09 -9.78 -28.83
CA GLY D 793 -84.88 -9.26 -29.46
C GLY D 793 -83.92 -10.40 -29.81
N VAL D 794 -83.74 -11.31 -28.85
CA VAL D 794 -82.85 -12.45 -29.05
C VAL D 794 -83.38 -13.29 -30.21
N ILE D 795 -84.70 -13.53 -30.21
CA ILE D 795 -85.31 -14.33 -31.25
C ILE D 795 -85.03 -13.67 -32.61
N LEU D 796 -85.07 -12.34 -32.65
CA LEU D 796 -84.83 -11.61 -33.88
C LEU D 796 -83.39 -11.76 -34.32
N ILE D 797 -82.49 -11.78 -33.34
CA ILE D 797 -81.08 -11.95 -33.61
C ILE D 797 -80.86 -13.30 -34.28
N LEU D 798 -81.44 -14.36 -33.70
CA LEU D 798 -81.34 -15.68 -34.28
C LEU D 798 -81.90 -15.69 -35.70
N GLN D 799 -83.14 -15.20 -35.85
CA GLN D 799 -83.80 -15.22 -37.15
C GLN D 799 -82.97 -14.47 -38.19
N SER D 800 -82.15 -13.51 -37.76
CA SER D 800 -81.44 -12.69 -38.73
C SER D 800 -80.07 -13.30 -39.07
N VAL D 801 -79.39 -13.91 -38.10
CA VAL D 801 -77.99 -14.24 -38.28
C VAL D 801 -77.76 -15.74 -38.42
N PHE D 802 -78.62 -16.55 -37.80
CA PHE D 802 -78.32 -17.96 -37.58
C PHE D 802 -78.14 -18.67 -38.91
N GLU D 803 -79.22 -18.79 -39.69
CA GLU D 803 -79.23 -19.59 -40.89
C GLU D 803 -78.20 -19.09 -41.92
N CYS D 804 -78.08 -17.77 -42.07
CA CYS D 804 -77.23 -17.23 -43.13
C CYS D 804 -75.75 -17.34 -42.75
N THR D 805 -75.41 -17.14 -41.46
CA THR D 805 -74.03 -17.29 -41.04
C THR D 805 -73.61 -18.75 -41.12
N LEU D 806 -74.52 -19.62 -40.65
CA LEU D 806 -74.31 -21.06 -40.74
C LEU D 806 -73.97 -21.44 -42.17
N ASP D 807 -74.82 -21.00 -43.11
CA ASP D 807 -74.68 -21.33 -44.52
C ASP D 807 -73.37 -20.78 -45.09
N MET D 808 -72.84 -19.72 -44.46
CA MET D 808 -71.54 -19.19 -44.87
C MET D 808 -70.43 -20.16 -44.47
N ILE D 809 -70.54 -20.74 -43.27
CA ILE D 809 -69.41 -21.40 -42.62
C ILE D 809 -69.57 -22.91 -42.61
N ASN D 810 -70.59 -23.45 -43.29
CA ASN D 810 -70.84 -24.88 -43.20
C ASN D 810 -70.39 -25.56 -44.49
N LYS D 811 -69.56 -24.88 -45.29
CA LYS D 811 -69.05 -25.48 -46.53
C LYS D 811 -67.71 -26.19 -46.27
N ASP D 812 -66.94 -25.65 -45.33
CA ASP D 812 -65.64 -26.19 -44.96
C ASP D 812 -65.27 -25.63 -43.60
N PHE D 813 -63.98 -25.71 -43.25
CA PHE D 813 -63.54 -25.27 -41.93
C PHE D 813 -62.67 -24.03 -42.03
N THR D 814 -62.55 -23.48 -43.25
CA THR D 814 -61.51 -22.52 -43.59
C THR D 814 -62.10 -21.14 -43.89
N GLU D 815 -63.23 -21.10 -44.60
CA GLU D 815 -63.82 -19.85 -45.07
C GLU D 815 -64.41 -19.06 -43.90
N TYR D 816 -64.26 -17.72 -43.93
CA TYR D 816 -64.87 -16.80 -42.99
C TYR D 816 -64.54 -17.20 -41.55
N PRO D 817 -63.26 -17.14 -41.13
CA PRO D 817 -62.88 -17.58 -39.79
C PRO D 817 -63.47 -16.72 -38.68
N GLU D 818 -63.45 -15.39 -38.88
CA GLU D 818 -63.95 -14.47 -37.87
C GLU D 818 -65.43 -14.74 -37.65
N HIS D 819 -66.12 -15.06 -38.75
CA HIS D 819 -67.54 -15.36 -38.71
C HIS D 819 -67.80 -16.60 -37.85
N ARG D 820 -66.98 -17.65 -38.06
CA ARG D 820 -67.06 -18.87 -37.27
C ARG D 820 -66.92 -18.57 -35.79
N VAL D 821 -65.88 -17.81 -35.43
CA VAL D 821 -65.58 -17.54 -34.03
C VAL D 821 -66.77 -16.83 -33.39
N GLU D 822 -67.25 -15.76 -34.05
CA GLU D 822 -68.24 -14.86 -33.49
C GLU D 822 -69.63 -15.51 -33.50
N PHE D 823 -69.88 -16.34 -34.52
CA PHE D 823 -71.12 -17.08 -34.64
C PHE D 823 -71.35 -17.95 -33.41
N TYR D 824 -70.31 -18.70 -33.03
CA TYR D 824 -70.39 -19.64 -31.93
C TYR D 824 -70.36 -18.92 -30.59
N LYS D 825 -69.65 -17.79 -30.53
CA LYS D 825 -69.70 -16.96 -29.34
C LYS D 825 -71.14 -16.52 -29.08
N LEU D 826 -71.82 -16.10 -30.16
CA LEU D 826 -73.17 -15.56 -30.04
C LEU D 826 -74.15 -16.68 -29.72
N LEU D 827 -74.02 -17.80 -30.43
CA LEU D 827 -74.85 -18.97 -30.10
C LEU D 827 -74.71 -19.29 -28.62
N LYS D 828 -73.47 -19.27 -28.11
CA LYS D 828 -73.19 -19.65 -26.74
C LYS D 828 -73.91 -18.71 -25.77
N VAL D 829 -73.71 -17.41 -25.95
CA VAL D 829 -74.26 -16.44 -25.02
C VAL D 829 -75.79 -16.46 -25.09
N ILE D 830 -76.35 -16.70 -26.29
CA ILE D 830 -77.79 -16.74 -26.40
C ILE D 830 -78.29 -17.94 -25.59
N ASN D 831 -77.56 -19.06 -25.72
CA ASN D 831 -77.93 -20.30 -25.07
C ASN D 831 -77.87 -20.14 -23.55
N GLU D 832 -76.94 -19.28 -23.07
CA GLU D 832 -76.84 -19.00 -21.65
C GLU D 832 -77.97 -18.09 -21.21
N LYS D 833 -78.16 -16.97 -21.92
CA LYS D 833 -78.97 -15.88 -21.39
C LYS D 833 -80.45 -16.03 -21.76
N SER D 834 -80.71 -16.52 -22.97
CA SER D 834 -82.07 -16.49 -23.48
C SER D 834 -82.36 -17.79 -24.20
N PHE D 835 -82.18 -18.92 -23.49
CA PHE D 835 -82.29 -20.24 -24.09
C PHE D 835 -83.70 -20.43 -24.64
N ALA D 836 -84.66 -19.72 -24.06
CA ALA D 836 -86.05 -19.73 -24.51
C ALA D 836 -86.12 -19.55 -26.02
N ALA D 837 -85.19 -18.77 -26.60
CA ALA D 837 -85.17 -18.50 -28.03
C ALA D 837 -85.04 -19.80 -28.82
N PHE D 838 -84.14 -20.67 -28.38
CA PHE D 838 -83.92 -21.94 -29.04
C PHE D 838 -85.15 -22.83 -28.91
N LEU D 839 -85.89 -22.67 -27.80
CA LEU D 839 -87.10 -23.44 -27.59
C LEU D 839 -88.12 -23.12 -28.67
N GLU D 840 -88.19 -21.84 -29.06
CA GLU D 840 -89.25 -21.35 -29.92
C GLU D 840 -88.92 -21.53 -31.41
N LEU D 841 -87.69 -21.98 -31.73
CA LEU D 841 -87.35 -22.25 -33.11
C LEU D 841 -88.21 -23.41 -33.61
N PRO D 842 -88.62 -23.43 -34.90
CA PRO D 842 -89.28 -24.61 -35.48
C PRO D 842 -88.39 -25.83 -35.38
N PRO D 843 -88.96 -27.05 -35.36
CA PRO D 843 -88.17 -28.29 -35.22
C PRO D 843 -86.96 -28.39 -36.16
N ALA D 844 -87.15 -27.94 -37.40
CA ALA D 844 -86.12 -27.93 -38.42
C ALA D 844 -84.98 -26.99 -38.02
N ALA D 845 -85.33 -25.85 -37.39
CA ALA D 845 -84.33 -24.87 -36.98
C ALA D 845 -83.50 -25.40 -35.83
N PHE D 846 -84.16 -26.13 -34.91
CA PHE D 846 -83.48 -26.71 -33.76
C PHE D 846 -82.52 -27.80 -34.23
N LYS D 847 -82.96 -28.62 -35.20
CA LYS D 847 -82.10 -29.60 -35.83
C LYS D 847 -80.84 -28.93 -36.36
N LEU D 848 -81.02 -27.80 -37.08
CA LEU D 848 -79.91 -27.05 -37.64
C LEU D 848 -78.99 -26.55 -36.53
N PHE D 849 -79.57 -26.23 -35.38
CA PHE D 849 -78.81 -25.76 -34.24
C PHE D 849 -77.88 -26.87 -33.78
N VAL D 850 -78.43 -28.08 -33.65
CA VAL D 850 -77.66 -29.20 -33.16
C VAL D 850 -76.56 -29.52 -34.16
N ASP D 851 -76.90 -29.49 -35.46
CA ASP D 851 -75.93 -29.70 -36.52
C ASP D 851 -74.81 -28.67 -36.41
N ALA D 852 -75.14 -27.47 -35.93
CA ALA D 852 -74.18 -26.38 -35.90
C ALA D 852 -73.24 -26.58 -34.74
N ILE D 853 -73.77 -27.11 -33.64
CA ILE D 853 -72.97 -27.44 -32.47
C ILE D 853 -71.97 -28.55 -32.82
N CYS D 854 -72.46 -29.61 -33.46
CA CYS D 854 -71.62 -30.73 -33.84
C CYS D 854 -70.64 -30.33 -34.93
N TRP D 855 -71.02 -29.33 -35.72
CA TRP D 855 -70.11 -28.77 -36.72
C TRP D 855 -68.92 -28.13 -36.02
N ALA D 856 -69.20 -27.44 -34.90
CA ALA D 856 -68.16 -26.77 -34.14
C ALA D 856 -67.26 -27.80 -33.51
N PHE D 857 -67.83 -28.97 -33.20
CA PHE D 857 -67.05 -30.06 -32.62
C PHE D 857 -65.90 -30.41 -33.55
N LYS D 858 -66.22 -30.54 -34.85
CA LYS D 858 -65.31 -31.15 -35.81
C LYS D 858 -64.25 -30.15 -36.26
N HIS D 859 -64.34 -28.91 -35.76
CA HIS D 859 -63.43 -27.86 -36.19
C HIS D 859 -62.03 -28.08 -35.62
N ASN D 860 -61.03 -27.98 -36.50
CA ASN D 860 -59.62 -28.00 -36.12
C ASN D 860 -59.21 -26.58 -35.75
N ASN D 861 -59.99 -25.98 -34.85
CA ASN D 861 -59.82 -24.60 -34.46
C ASN D 861 -60.27 -24.48 -33.02
N ARG D 862 -59.36 -24.09 -32.12
CA ARG D 862 -59.63 -24.13 -30.70
C ARG D 862 -60.77 -23.18 -30.32
N ASP D 863 -60.76 -21.99 -30.94
CA ASP D 863 -61.76 -20.96 -30.68
C ASP D 863 -63.16 -21.50 -30.92
N VAL D 864 -63.35 -22.17 -32.06
CA VAL D 864 -64.65 -22.69 -32.43
C VAL D 864 -64.97 -23.92 -31.58
N GLU D 865 -63.98 -24.79 -31.39
CA GLU D 865 -64.17 -26.10 -30.79
C GLU D 865 -64.64 -25.95 -29.35
N VAL D 866 -63.97 -25.07 -28.60
CA VAL D 866 -64.24 -24.96 -27.17
C VAL D 866 -65.65 -24.42 -26.99
N ASN D 867 -66.01 -23.44 -27.85
CA ASN D 867 -67.34 -22.85 -27.79
C ASN D 867 -68.40 -23.88 -28.16
N GLY D 868 -68.09 -24.72 -29.16
CA GLY D 868 -69.03 -25.74 -29.59
C GLY D 868 -69.32 -26.74 -28.48
N LEU D 869 -68.25 -27.18 -27.81
CA LEU D 869 -68.39 -28.13 -26.72
C LEU D 869 -69.15 -27.51 -25.55
N GLN D 870 -68.82 -26.24 -25.24
CA GLN D 870 -69.49 -25.52 -24.17
C GLN D 870 -70.97 -25.39 -24.50
N ILE D 871 -71.30 -25.09 -25.77
CA ILE D 871 -72.70 -24.96 -26.17
C ILE D 871 -73.41 -26.29 -25.94
N ALA D 872 -72.77 -27.41 -26.35
CA ALA D 872 -73.37 -28.71 -26.17
C ALA D 872 -73.63 -28.97 -24.68
N LEU D 873 -72.65 -28.69 -23.83
CA LEU D 873 -72.80 -28.89 -22.40
C LEU D 873 -73.97 -28.07 -21.87
N ASP D 874 -73.95 -26.77 -22.20
CA ASP D 874 -74.91 -25.82 -21.70
C ASP D 874 -76.30 -26.21 -22.20
N LEU D 875 -76.39 -26.68 -23.46
CA LEU D 875 -77.66 -27.07 -24.04
C LEU D 875 -78.25 -28.21 -23.24
N VAL D 876 -77.38 -29.18 -22.92
CA VAL D 876 -77.81 -30.35 -22.19
C VAL D 876 -78.24 -29.96 -20.78
N LYS D 877 -77.51 -29.01 -20.17
CA LYS D 877 -77.87 -28.47 -18.86
C LYS D 877 -79.23 -27.79 -18.91
N ASN D 878 -79.46 -27.03 -19.99
CA ASN D 878 -80.69 -26.28 -20.20
C ASN D 878 -81.88 -27.22 -20.29
N ILE D 879 -81.68 -28.30 -21.06
CA ILE D 879 -82.77 -29.24 -21.27
C ILE D 879 -82.98 -30.09 -20.02
N GLU D 880 -81.91 -30.31 -19.26
CA GLU D 880 -81.99 -30.97 -17.96
C GLU D 880 -82.87 -30.15 -17.01
N ARG D 881 -82.79 -28.82 -17.10
CA ARG D 881 -83.57 -27.93 -16.24
C ARG D 881 -85.07 -28.12 -16.46
N MET D 882 -85.47 -28.39 -17.70
CA MET D 882 -86.84 -28.80 -17.98
C MET D 882 -87.01 -30.25 -17.54
N GLY D 883 -88.10 -30.56 -16.85
CA GLY D 883 -88.23 -31.88 -16.26
C GLY D 883 -88.64 -32.95 -17.28
N ASN D 884 -89.56 -33.81 -16.85
CA ASN D 884 -90.24 -34.75 -17.73
C ASN D 884 -91.26 -33.97 -18.55
N VAL D 885 -90.74 -33.11 -19.42
CA VAL D 885 -91.55 -32.27 -20.28
C VAL D 885 -91.37 -32.80 -21.69
N PRO D 886 -92.43 -32.82 -22.53
CA PRO D 886 -92.33 -33.36 -23.90
C PRO D 886 -91.13 -32.84 -24.69
N PHE D 887 -90.79 -31.56 -24.50
CA PHE D 887 -89.70 -31.03 -25.30
C PHE D 887 -88.39 -31.73 -24.95
N ALA D 888 -88.11 -31.88 -23.65
CA ALA D 888 -86.89 -32.50 -23.17
C ALA D 888 -86.83 -33.95 -23.63
N ASN D 889 -87.94 -34.68 -23.42
CA ASN D 889 -88.04 -36.08 -23.81
C ASN D 889 -87.74 -36.21 -25.30
N GLU D 890 -88.39 -35.36 -26.11
CA GLU D 890 -88.23 -35.42 -27.56
C GLU D 890 -86.80 -35.06 -27.94
N PHE D 891 -86.20 -34.10 -27.21
CA PHE D 891 -84.84 -33.69 -27.51
C PHE D 891 -83.89 -34.87 -27.31
N HIS D 892 -84.08 -35.58 -26.20
CA HIS D 892 -83.27 -36.75 -25.92
C HIS D 892 -83.48 -37.79 -27.02
N LYS D 893 -84.74 -38.13 -27.31
CA LYS D 893 -85.04 -39.12 -28.33
C LYS D 893 -84.39 -38.73 -29.65
N ASN D 894 -84.24 -37.43 -29.89
CA ASN D 894 -83.77 -36.98 -31.20
C ASN D 894 -82.27 -36.79 -31.24
N TYR D 895 -81.65 -36.44 -30.11
CA TYR D 895 -80.31 -35.91 -30.20
C TYR D 895 -79.34 -36.53 -29.19
N PHE D 896 -79.85 -37.31 -28.22
CA PHE D 896 -78.97 -37.81 -27.18
C PHE D 896 -77.85 -38.65 -27.80
N PHE D 897 -78.24 -39.57 -28.69
CA PHE D 897 -77.27 -40.47 -29.31
C PHE D 897 -76.40 -39.72 -30.31
N ILE D 898 -76.97 -38.68 -30.92
CA ILE D 898 -76.21 -37.86 -31.85
C ILE D 898 -75.06 -37.21 -31.07
N PHE D 899 -75.36 -36.72 -29.88
CA PHE D 899 -74.36 -36.02 -29.09
C PHE D 899 -73.33 -37.00 -28.55
N VAL D 900 -73.78 -38.19 -28.15
CA VAL D 900 -72.87 -39.19 -27.63
C VAL D 900 -71.89 -39.59 -28.74
N SER D 901 -72.44 -39.88 -29.92
CA SER D 901 -71.63 -40.35 -31.03
C SER D 901 -70.66 -39.26 -31.53
N GLU D 902 -71.13 -38.00 -31.57
CA GLU D 902 -70.32 -36.89 -32.05
C GLU D 902 -69.18 -36.63 -31.09
N THR D 903 -69.46 -36.72 -29.78
CA THR D 903 -68.45 -36.53 -28.76
C THR D 903 -67.39 -37.63 -28.89
N PHE D 904 -67.84 -38.88 -29.07
CA PHE D 904 -66.89 -39.97 -29.24
C PHE D 904 -66.08 -39.78 -30.51
N PHE D 905 -66.74 -39.32 -31.57
CA PHE D 905 -66.04 -39.12 -32.82
C PHE D 905 -64.90 -38.14 -32.63
N VAL D 906 -65.10 -37.08 -31.85
CA VAL D 906 -64.04 -36.09 -31.69
C VAL D 906 -63.06 -36.50 -30.60
N LEU D 907 -63.48 -37.35 -29.68
CA LEU D 907 -62.56 -37.91 -28.71
C LEU D 907 -61.51 -38.76 -29.42
N THR D 908 -62.01 -39.66 -30.28
CA THR D 908 -61.24 -40.71 -30.94
C THR D 908 -60.59 -40.20 -32.22
N ASP D 909 -60.97 -38.99 -32.66
CA ASP D 909 -60.31 -38.36 -33.80
C ASP D 909 -58.91 -37.96 -33.36
N SER D 910 -57.96 -38.05 -34.31
CA SER D 910 -56.55 -37.87 -34.01
C SER D 910 -56.24 -36.46 -33.52
N ASP D 911 -57.00 -35.46 -34.00
CA ASP D 911 -56.54 -34.08 -33.86
C ASP D 911 -57.60 -33.18 -33.23
N HIS D 912 -58.12 -33.61 -32.08
CA HIS D 912 -59.10 -32.81 -31.36
C HIS D 912 -58.80 -32.85 -29.88
N LYS D 913 -57.50 -32.83 -29.56
CA LYS D 913 -57.06 -33.08 -28.20
C LYS D 913 -57.38 -31.87 -27.32
N SER D 914 -57.45 -30.69 -27.94
CA SER D 914 -57.65 -29.47 -27.18
C SER D 914 -59.00 -29.53 -26.48
N GLY D 915 -59.97 -30.19 -27.11
CA GLY D 915 -61.32 -30.24 -26.57
C GLY D 915 -61.52 -31.39 -25.60
N PHE D 916 -60.48 -32.20 -25.40
CA PHE D 916 -60.57 -33.40 -24.59
C PHE D 916 -61.23 -33.07 -23.26
N SER D 917 -60.66 -32.10 -22.53
CA SER D 917 -61.13 -31.78 -21.20
C SER D 917 -62.64 -31.55 -21.21
N LYS D 918 -63.13 -30.80 -22.20
CA LYS D 918 -64.55 -30.49 -22.36
C LYS D 918 -65.32 -31.72 -22.87
N GLN D 919 -64.79 -32.39 -23.89
CA GLN D 919 -65.40 -33.58 -24.46
C GLN D 919 -65.77 -34.57 -23.35
N ALA D 920 -64.80 -34.84 -22.46
CA ALA D 920 -64.97 -35.79 -21.38
C ALA D 920 -66.17 -35.41 -20.53
N LEU D 921 -66.18 -34.14 -20.08
CA LEU D 921 -67.27 -33.58 -19.28
C LEU D 921 -68.62 -33.90 -19.93
N LEU D 922 -68.75 -33.57 -21.22
CA LEU D 922 -69.99 -33.76 -21.94
C LEU D 922 -70.38 -35.23 -21.92
N LEU D 923 -69.40 -36.09 -22.22
CA LEU D 923 -69.62 -37.53 -22.25
C LEU D 923 -70.07 -38.02 -20.87
N MET D 924 -69.40 -37.57 -19.81
CA MET D 924 -69.81 -37.91 -18.45
C MET D 924 -71.28 -37.54 -18.26
N LYS D 925 -71.63 -36.27 -18.53
CA LYS D 925 -72.98 -35.79 -18.34
C LYS D 925 -73.97 -36.69 -19.07
N LEU D 926 -73.70 -36.96 -20.36
CA LEU D 926 -74.60 -37.80 -21.15
C LEU D 926 -74.75 -39.16 -20.48
N ILE D 927 -73.65 -39.80 -20.11
CA ILE D 927 -73.71 -41.10 -19.47
C ILE D 927 -74.47 -40.98 -18.15
N SER D 928 -74.19 -39.93 -17.39
CA SER D 928 -74.90 -39.67 -16.15
C SER D 928 -76.41 -39.70 -16.40
N LEU D 929 -76.87 -38.98 -17.44
CA LEU D 929 -78.29 -38.89 -17.71
C LEU D 929 -78.92 -40.27 -17.85
N VAL D 930 -78.15 -41.27 -18.29
CA VAL D 930 -78.72 -42.60 -18.44
C VAL D 930 -78.51 -43.41 -17.16
N TYR D 931 -77.32 -43.29 -16.56
CA TYR D 931 -76.95 -44.17 -15.47
C TYR D 931 -77.40 -43.63 -14.12
N ASP D 932 -77.92 -42.40 -14.10
CA ASP D 932 -78.52 -41.84 -12.90
C ASP D 932 -80.05 -41.92 -13.03
N ASN D 933 -80.51 -42.50 -14.14
CA ASN D 933 -81.93 -42.57 -14.50
C ASN D 933 -82.59 -41.19 -14.48
N LYS D 934 -81.97 -40.22 -15.17
CA LYS D 934 -82.49 -38.86 -15.19
C LYS D 934 -83.24 -38.59 -16.50
N ILE D 935 -83.25 -39.59 -17.41
CA ILE D 935 -84.05 -39.52 -18.63
C ILE D 935 -85.26 -40.43 -18.46
N SER D 936 -86.46 -39.83 -18.55
CA SER D 936 -87.66 -40.47 -18.04
C SER D 936 -88.40 -41.22 -19.16
N VAL D 937 -87.80 -41.24 -20.35
CA VAL D 937 -88.44 -41.92 -21.47
C VAL D 937 -87.41 -42.86 -22.10
N PRO D 938 -87.81 -44.05 -22.63
CA PRO D 938 -86.90 -44.88 -23.41
C PRO D 938 -86.30 -44.12 -24.59
N LEU D 939 -85.00 -44.30 -24.80
CA LEU D 939 -84.27 -43.60 -25.85
C LEU D 939 -84.25 -44.43 -27.14
N TYR D 940 -84.72 -45.68 -27.05
CA TYR D 940 -84.81 -46.59 -28.18
C TYR D 940 -86.25 -46.58 -28.68
N GLN D 941 -86.50 -47.34 -29.76
CA GLN D 941 -87.83 -47.58 -30.28
C GLN D 941 -88.32 -48.92 -29.75
N GLU D 942 -89.65 -49.06 -29.60
CA GLU D 942 -90.28 -50.19 -28.92
C GLU D 942 -89.84 -51.52 -29.54
N ALA D 943 -89.72 -51.52 -30.86
CA ALA D 943 -89.37 -52.74 -31.58
C ALA D 943 -87.89 -53.05 -31.42
N GLU D 944 -87.07 -51.99 -31.27
CA GLU D 944 -85.63 -52.12 -31.37
C GLU D 944 -85.11 -53.15 -30.37
N VAL D 945 -85.69 -53.14 -29.17
CA VAL D 945 -85.20 -53.95 -28.07
C VAL D 945 -86.40 -54.33 -27.22
N PRO D 946 -86.36 -55.45 -26.45
CA PRO D 946 -87.53 -55.91 -25.68
C PRO D 946 -88.16 -54.80 -24.83
N GLN D 947 -89.50 -54.82 -24.76
CA GLN D 947 -90.25 -53.79 -24.07
C GLN D 947 -89.79 -53.71 -22.62
N GLY D 948 -89.55 -52.49 -22.14
CA GLY D 948 -89.19 -52.25 -20.75
C GLY D 948 -87.71 -52.44 -20.47
N THR D 949 -86.91 -52.68 -21.52
CA THR D 949 -85.47 -52.76 -21.35
C THR D 949 -84.95 -51.40 -20.88
N SER D 950 -83.99 -51.42 -19.95
CA SER D 950 -83.49 -50.19 -19.36
C SER D 950 -82.67 -49.39 -20.39
N ASN D 951 -82.66 -48.07 -20.21
CA ASN D 951 -81.85 -47.18 -21.04
C ASN D 951 -80.36 -47.50 -20.89
N GLN D 952 -79.96 -48.00 -19.71
CA GLN D 952 -78.59 -48.39 -19.43
C GLN D 952 -78.13 -49.45 -20.41
N VAL D 953 -78.91 -50.54 -20.53
CA VAL D 953 -78.52 -51.67 -21.36
C VAL D 953 -78.50 -51.24 -22.82
N TYR D 954 -79.42 -50.35 -23.20
CA TYR D 954 -79.51 -49.89 -24.57
C TYR D 954 -78.34 -48.96 -24.92
N LEU D 955 -77.99 -48.08 -23.97
CA LEU D 955 -76.82 -47.23 -24.16
C LEU D 955 -75.58 -48.11 -24.36
N SER D 956 -75.48 -49.17 -23.55
CA SER D 956 -74.34 -50.06 -23.59
C SER D 956 -74.24 -50.74 -24.95
N GLN D 957 -75.40 -51.24 -25.43
CA GLN D 957 -75.47 -51.90 -26.72
C GLN D 957 -75.08 -50.93 -27.83
N TYR D 958 -75.59 -49.71 -27.77
CA TYR D 958 -75.35 -48.71 -28.81
C TYR D 958 -73.87 -48.39 -28.86
N LEU D 959 -73.25 -48.22 -27.69
CA LEU D 959 -71.86 -47.83 -27.58
C LEU D 959 -70.95 -48.98 -28.06
N ALA D 960 -71.30 -50.21 -27.66
CA ALA D 960 -70.55 -51.39 -28.05
C ALA D 960 -70.54 -51.54 -29.57
N ASN D 961 -71.73 -51.42 -30.17
CA ASN D 961 -71.91 -51.53 -31.61
C ASN D 961 -71.14 -50.42 -32.31
N MET D 962 -71.28 -49.19 -31.83
CA MET D 962 -70.67 -48.02 -32.48
C MET D 962 -69.14 -48.15 -32.45
N LEU D 963 -68.60 -48.59 -31.30
CA LEU D 963 -67.16 -48.69 -31.12
C LEU D 963 -66.61 -49.87 -31.92
N SER D 964 -67.39 -50.95 -32.01
CA SER D 964 -67.00 -52.10 -32.81
C SER D 964 -66.94 -51.71 -34.29
N ASN D 965 -67.90 -50.88 -34.73
CA ASN D 965 -67.95 -50.41 -36.10
C ASN D 965 -66.76 -49.48 -36.40
N ALA D 966 -66.51 -48.54 -35.47
CA ALA D 966 -65.46 -47.56 -35.65
C ALA D 966 -64.08 -48.21 -35.54
N PHE D 967 -63.95 -49.19 -34.66
CA PHE D 967 -62.65 -49.78 -34.33
C PHE D 967 -62.76 -51.31 -34.31
N PRO D 968 -62.86 -51.96 -35.48
CA PRO D 968 -63.13 -53.40 -35.52
C PRO D 968 -61.98 -54.23 -34.95
N HIS D 969 -60.81 -53.59 -34.79
CA HIS D 969 -59.62 -54.27 -34.31
C HIS D 969 -59.65 -54.46 -32.79
N LEU D 970 -60.55 -53.76 -32.08
CA LEU D 970 -60.72 -53.96 -30.64
C LEU D 970 -61.54 -55.23 -30.43
N THR D 971 -61.26 -55.95 -29.36
CA THR D 971 -61.99 -57.19 -29.08
C THR D 971 -63.28 -56.84 -28.36
N SER D 972 -64.18 -57.83 -28.28
CA SER D 972 -65.39 -57.70 -27.49
C SER D 972 -65.03 -57.34 -26.05
N GLU D 973 -63.98 -58.00 -25.53
CA GLU D 973 -63.57 -57.88 -24.13
C GLU D 973 -63.03 -56.48 -23.85
N GLN D 974 -62.28 -55.92 -24.82
CA GLN D 974 -61.74 -54.57 -24.70
C GLN D 974 -62.89 -53.57 -24.56
N ILE D 975 -63.85 -53.66 -25.48
CA ILE D 975 -64.97 -52.73 -25.55
C ILE D 975 -65.83 -52.88 -24.29
N ALA D 976 -66.15 -54.13 -23.94
CA ALA D 976 -67.01 -54.40 -22.80
C ALA D 976 -66.40 -53.78 -21.56
N SER D 977 -65.09 -54.03 -21.36
CA SER D 977 -64.40 -53.58 -20.15
C SER D 977 -64.34 -52.05 -20.10
N PHE D 978 -64.06 -51.43 -21.24
CA PHE D 978 -63.96 -49.99 -21.31
C PHE D 978 -65.30 -49.35 -20.95
N LEU D 979 -66.39 -49.91 -21.51
CA LEU D 979 -67.72 -49.36 -21.28
C LEU D 979 -68.14 -49.58 -19.83
N SER D 980 -67.79 -50.75 -19.27
CA SER D 980 -68.02 -51.02 -17.86
C SER D 980 -67.33 -49.97 -17.00
N ALA D 981 -66.07 -49.66 -17.33
CA ALA D 981 -65.29 -48.68 -16.58
C ALA D 981 -65.93 -47.29 -16.69
N LEU D 982 -66.34 -46.92 -17.90
CA LEU D 982 -66.98 -45.63 -18.11
C LEU D 982 -68.25 -45.53 -17.26
N THR D 983 -69.06 -46.58 -17.28
CA THR D 983 -70.37 -46.55 -16.63
C THR D 983 -70.21 -46.64 -15.11
N LYS D 984 -69.01 -46.96 -14.63
CA LYS D 984 -68.79 -47.03 -13.19
C LYS D 984 -68.09 -45.77 -12.70
N GLN D 985 -67.67 -44.88 -13.62
CA GLN D 985 -66.75 -43.83 -13.25
C GLN D 985 -67.22 -42.46 -13.73
N TYR D 986 -68.53 -42.30 -13.93
CA TYR D 986 -69.03 -41.07 -14.56
C TYR D 986 -69.21 -39.95 -13.54
N LYS D 987 -68.94 -40.24 -12.26
CA LYS D 987 -69.03 -39.22 -11.21
C LYS D 987 -67.65 -38.72 -10.84
N ASP D 988 -66.61 -39.43 -11.27
CA ASP D 988 -65.24 -39.05 -11.01
C ASP D 988 -64.62 -38.53 -12.30
N LEU D 989 -64.30 -37.24 -12.33
CA LEU D 989 -63.77 -36.60 -13.52
C LEU D 989 -62.39 -37.12 -13.89
N VAL D 990 -61.48 -37.20 -12.91
CA VAL D 990 -60.10 -37.52 -13.22
C VAL D 990 -59.97 -38.98 -13.63
N VAL D 991 -60.76 -39.85 -12.98
CA VAL D 991 -60.73 -41.28 -13.28
C VAL D 991 -61.35 -41.52 -14.66
N PHE D 992 -62.46 -40.82 -14.93
CA PHE D 992 -63.13 -40.91 -16.21
C PHE D 992 -62.17 -40.49 -17.33
N LYS D 993 -61.47 -39.36 -17.12
CA LYS D 993 -60.51 -38.89 -18.10
C LYS D 993 -59.40 -39.94 -18.31
N GLY D 994 -58.97 -40.53 -17.20
CA GLY D 994 -57.99 -41.61 -17.27
C GLY D 994 -58.47 -42.75 -18.17
N THR D 995 -59.71 -43.19 -17.93
CA THR D 995 -60.28 -44.31 -18.67
C THR D 995 -60.38 -43.97 -20.15
N LEU D 996 -60.75 -42.71 -20.45
CA LEU D 996 -60.85 -42.29 -21.84
C LEU D 996 -59.47 -42.31 -22.48
N ARG D 997 -58.46 -41.81 -21.76
CA ARG D 997 -57.12 -41.76 -22.31
C ARG D 997 -56.60 -43.17 -22.57
N ASP D 998 -56.94 -44.11 -21.69
CA ASP D 998 -56.57 -45.50 -21.86
C ASP D 998 -57.20 -46.04 -23.14
N PHE D 999 -58.47 -45.71 -23.35
CA PHE D 999 -59.18 -46.13 -24.54
C PHE D 999 -58.55 -45.53 -25.80
N LEU D 1000 -58.13 -44.26 -25.70
CA LEU D 1000 -57.55 -43.55 -26.84
C LEU D 1000 -56.19 -44.13 -27.20
N VAL D 1001 -55.50 -44.70 -26.20
CA VAL D 1001 -54.23 -45.36 -26.43
C VAL D 1001 -54.47 -46.71 -27.11
N GLN D 1002 -55.52 -47.38 -26.65
CA GLN D 1002 -55.80 -48.74 -27.08
C GLN D 1002 -56.38 -48.80 -28.49
N ILE D 1003 -57.02 -47.71 -28.94
CA ILE D 1003 -57.60 -47.72 -30.28
C ILE D 1003 -56.51 -47.51 -31.33
N LYS D 1004 -55.34 -46.99 -30.91
CA LYS D 1004 -54.23 -46.77 -31.83
C LYS D 1004 -53.46 -48.06 -32.06
N GLU D 1005 -53.67 -49.09 -31.21
CA GLU D 1005 -52.91 -50.33 -31.29
C GLU D 1005 -53.85 -51.54 -31.32
N VAL D 1006 -53.27 -52.72 -31.64
CA VAL D 1006 -54.01 -53.95 -31.74
C VAL D 1006 -53.56 -54.90 -30.62
N GLY D 1007 -54.54 -55.51 -29.96
CA GLY D 1007 -54.31 -56.49 -28.90
C GLY D 1007 -54.06 -55.83 -27.54
N GLY D 1008 -54.81 -54.77 -27.24
CA GLY D 1008 -54.70 -54.12 -25.94
C GLY D 1008 -55.30 -54.99 -24.86
N ASP D 1009 -54.90 -54.72 -23.60
CA ASP D 1009 -55.30 -55.57 -22.49
C ASP D 1009 -56.62 -55.05 -21.93
N PRO D 1010 -57.72 -55.84 -22.00
CA PRO D 1010 -59.00 -55.43 -21.42
C PRO D 1010 -58.95 -55.14 -19.92
N THR D 1011 -57.96 -55.71 -19.22
CA THR D 1011 -57.85 -55.52 -17.79
C THR D 1011 -57.52 -54.06 -17.47
N ASP D 1012 -56.93 -53.33 -18.44
CA ASP D 1012 -56.33 -52.03 -18.17
C ASP D 1012 -57.37 -51.07 -17.58
N TYR D 1013 -58.64 -51.29 -17.95
CA TYR D 1013 -59.74 -50.42 -17.55
C TYR D 1013 -60.12 -50.65 -16.10
N LEU D 1014 -59.51 -51.67 -15.48
CA LEU D 1014 -59.73 -51.91 -14.07
C LEU D 1014 -58.66 -51.18 -13.25
N PHE D 1015 -57.78 -50.42 -13.93
CA PHE D 1015 -56.66 -49.74 -13.29
C PHE D 1015 -57.12 -48.95 -12.08
N ALA D 1016 -58.11 -48.07 -12.28
CA ALA D 1016 -58.64 -47.23 -11.22
C ALA D 1016 -59.29 -48.08 -10.13
N GLU D 1017 -59.98 -49.16 -10.54
CA GLU D 1017 -60.62 -50.06 -9.61
C GLU D 1017 -59.59 -50.83 -8.79
N ASP D 1018 -58.35 -50.92 -9.32
CA ASP D 1018 -57.26 -51.63 -8.65
C ASP D 1018 -56.65 -50.83 -7.48
N LYS D 1019 -56.52 -49.51 -7.64
CA LYS D 1019 -56.00 -48.63 -6.60
C LYS D 1019 -57.14 -48.18 -5.67
N VAL E 10 8.98 -8.57 20.73
CA VAL E 10 9.85 -7.52 20.10
C VAL E 10 10.81 -6.96 21.16
N PRO E 11 12.14 -6.95 20.92
CA PRO E 11 13.11 -6.47 21.90
C PRO E 11 13.25 -4.94 21.90
N THR E 12 13.77 -4.40 23.00
CA THR E 12 14.17 -3.00 23.12
C THR E 12 15.64 -2.91 23.55
N PHE E 13 16.45 -2.11 22.83
CA PHE E 13 17.86 -1.94 23.18
C PHE E 13 18.15 -0.47 23.50
N LYS E 14 18.95 -0.24 24.55
CA LYS E 14 19.22 1.11 25.02
C LYS E 14 20.42 1.69 24.26
N LEU E 15 20.20 2.89 23.69
CA LEU E 15 21.24 3.58 22.93
C LEU E 15 21.56 4.91 23.61
N VAL E 16 22.81 5.05 24.04
CA VAL E 16 23.28 6.33 24.53
C VAL E 16 23.83 7.16 23.38
N LEU E 17 23.34 8.38 23.26
CA LEU E 17 23.82 9.32 22.25
C LEU E 17 24.58 10.43 22.97
N VAL E 18 25.89 10.48 22.71
CA VAL E 18 26.78 11.41 23.39
C VAL E 18 27.58 12.16 22.34
N GLY E 19 27.99 13.36 22.69
CA GLY E 19 28.77 14.21 21.80
C GLY E 19 28.75 15.63 22.34
N ASP E 20 29.58 16.50 21.73
CA ASP E 20 29.66 17.88 22.14
C ASP E 20 28.37 18.64 21.82
N GLY E 21 28.22 19.83 22.43
CA GLY E 21 27.08 20.70 22.16
C GLY E 21 27.07 21.18 20.70
N GLY E 22 25.90 21.09 20.07
CA GLY E 22 25.69 21.55 18.70
C GLY E 22 26.30 20.62 17.66
N THR E 23 26.53 19.35 18.02
CA THR E 23 27.06 18.40 17.05
C THR E 23 25.92 17.86 16.19
N GLY E 24 24.68 18.03 16.66
CA GLY E 24 23.54 17.63 15.87
C GLY E 24 22.94 16.31 16.33
N LYS E 25 22.94 16.09 17.65
CA LYS E 25 22.44 14.83 18.17
C LYS E 25 20.92 14.90 18.23
N THR E 26 20.41 15.98 18.85
CA THR E 26 18.99 16.17 19.02
C THR E 26 18.33 16.24 17.64
N THR E 27 18.93 17.02 16.72
CA THR E 27 18.34 17.19 15.40
C THR E 27 18.31 15.85 14.68
N PHE E 28 19.38 15.06 14.85
CA PHE E 28 19.48 13.75 14.25
C PHE E 28 18.32 12.86 14.70
N VAL E 29 18.10 12.80 16.03
CA VAL E 29 17.06 11.94 16.56
C VAL E 29 15.69 12.46 16.15
N LYS E 30 15.54 13.79 16.14
CA LYS E 30 14.25 14.42 15.86
C LYS E 30 13.86 14.11 14.42
N ARG E 31 14.85 14.16 13.52
CA ARG E 31 14.54 13.93 12.12
C ARG E 31 14.25 12.46 11.87
N HIS E 32 14.85 11.58 12.68
CA HIS E 32 14.56 10.16 12.60
C HIS E 32 13.13 9.88 13.08
N LEU E 33 12.64 10.68 14.01
CA LEU E 33 11.34 10.46 14.64
C LEU E 33 10.24 11.05 13.75
N THR E 34 10.42 12.31 13.33
CA THR E 34 9.36 13.09 12.74
C THR E 34 9.62 13.38 11.26
N GLY E 35 10.90 13.47 10.87
CA GLY E 35 11.24 13.81 9.50
C GLY E 35 11.57 15.28 9.33
N GLU E 36 11.47 16.05 10.43
CA GLU E 36 11.73 17.47 10.44
C GLU E 36 13.19 17.75 10.81
N PHE E 37 13.80 18.71 10.12
CA PHE E 37 15.14 19.16 10.43
C PHE E 37 15.04 20.53 11.11
N GLU E 38 15.44 20.62 12.38
CA GLU E 38 15.34 21.87 13.12
C GLU E 38 16.56 22.74 12.83
N LYS E 39 16.32 23.99 12.43
CA LYS E 39 17.37 24.94 12.11
C LYS E 39 17.92 25.58 13.39
N LYS E 40 17.03 25.81 14.37
CA LYS E 40 17.36 26.47 15.62
C LYS E 40 18.21 25.54 16.47
N TYR E 41 19.01 26.13 17.37
CA TYR E 41 19.82 25.39 18.33
C TYR E 41 19.19 25.47 19.72
N ILE E 42 18.36 24.47 20.04
CA ILE E 42 17.79 24.29 21.37
C ILE E 42 18.61 23.20 22.06
N ALA E 43 19.53 23.62 22.95
CA ALA E 43 20.43 22.71 23.62
C ALA E 43 19.63 21.81 24.57
N THR E 44 19.99 20.53 24.56
CA THR E 44 19.39 19.55 25.44
C THR E 44 19.82 19.86 26.88
N ILE E 45 18.92 19.59 27.83
CA ILE E 45 19.23 19.67 29.26
C ILE E 45 19.09 18.26 29.84
N GLY E 46 20.17 17.76 30.44
CA GLY E 46 20.20 16.42 31.02
C GLY E 46 20.16 15.34 29.94
N VAL E 47 19.04 14.62 29.90
CA VAL E 47 18.81 13.58 28.89
C VAL E 47 17.34 13.60 28.50
N GLU E 48 17.06 13.30 27.24
CA GLU E 48 15.70 12.98 26.80
C GLU E 48 15.70 11.56 26.23
N VAL E 49 14.77 10.73 26.73
CA VAL E 49 14.67 9.36 26.29
C VAL E 49 13.56 9.27 25.24
N HIS E 50 13.94 8.83 24.03
CA HIS E 50 13.06 8.69 22.89
C HIS E 50 13.00 7.23 22.44
N PRO E 51 11.85 6.53 22.60
CA PRO E 51 11.65 5.24 21.94
C PRO E 51 11.56 5.46 20.43
N LEU E 52 12.56 4.92 19.71
CA LEU E 52 12.61 5.02 18.27
C LEU E 52 12.49 3.60 17.68
N SER E 53 11.50 3.40 16.81
CA SER E 53 11.28 2.08 16.23
C SER E 53 11.81 2.02 14.80
N PHE E 54 12.31 0.85 14.41
CA PHE E 54 12.61 0.58 13.02
C PHE E 54 11.96 -0.73 12.58
N TYR E 55 11.52 -0.78 11.32
CA TYR E 55 10.91 -1.98 10.75
C TYR E 55 11.90 -2.62 9.79
N THR E 56 12.09 -3.94 9.92
CA THR E 56 13.07 -4.66 9.13
C THR E 56 12.48 -5.96 8.62
N ASN E 57 13.18 -6.59 7.67
CA ASN E 57 12.79 -7.84 7.07
C ASN E 57 12.78 -8.95 8.13
N PHE E 58 13.37 -8.70 9.30
CA PHE E 58 13.37 -9.72 10.36
C PHE E 58 12.39 -9.34 11.47
N GLY E 59 11.90 -8.10 11.46
CA GLY E 59 10.91 -7.68 12.44
C GLY E 59 11.17 -6.24 12.92
N GLU E 60 10.46 -5.87 13.98
CA GLU E 60 10.58 -4.54 14.56
C GLU E 60 11.68 -4.54 15.61
N ILE E 61 12.47 -3.45 15.63
CA ILE E 61 13.48 -3.23 16.65
C ILE E 61 13.26 -1.85 17.29
N LYS E 62 13.33 -1.80 18.63
CA LYS E 62 13.18 -0.56 19.37
C LYS E 62 14.52 -0.14 19.96
N PHE E 63 14.76 1.18 19.94
CA PHE E 63 15.93 1.80 20.53
C PHE E 63 15.48 2.83 21.56
N ASP E 64 15.92 2.65 22.80
CA ASP E 64 15.76 3.68 23.80
C ASP E 64 16.88 4.70 23.62
N VAL E 65 16.66 5.70 22.75
CA VAL E 65 17.70 6.68 22.48
C VAL E 65 17.74 7.65 23.65
N TRP E 66 18.86 7.60 24.37
CA TRP E 66 19.12 8.54 25.46
C TRP E 66 19.90 9.71 24.88
N ASP E 67 19.17 10.69 24.35
CA ASP E 67 19.78 11.90 23.81
C ASP E 67 20.33 12.71 24.98
N THR E 68 21.65 12.79 25.10
CA THR E 68 22.30 13.41 26.25
C THR E 68 22.78 14.80 25.87
N ALA E 69 22.84 15.70 26.87
CA ALA E 69 23.32 17.05 26.69
C ALA E 69 24.85 17.05 26.59
N GLY E 70 25.38 17.72 25.56
CA GLY E 70 26.81 17.81 25.37
C GLY E 70 27.43 19.07 25.95
N LEU E 71 26.61 19.91 26.61
CA LEU E 71 27.15 21.10 27.26
C LEU E 71 27.49 20.73 28.71
N GLU E 72 28.58 21.31 29.21
CA GLU E 72 29.03 21.00 30.55
C GLU E 72 28.00 21.47 31.56
N LYS E 73 27.39 22.63 31.30
CA LYS E 73 26.48 23.27 32.24
C LYS E 73 25.14 22.54 32.26
N PHE E 74 24.85 21.73 31.23
CA PHE E 74 23.60 21.01 31.17
C PHE E 74 23.81 19.49 31.25
N GLY E 75 25.01 19.08 31.68
CA GLY E 75 25.42 17.68 31.72
C GLY E 75 24.52 16.78 32.55
N GLY E 76 23.97 17.30 33.65
CA GLY E 76 23.08 16.52 34.49
C GLY E 76 23.82 15.35 35.15
N LEU E 77 23.34 14.13 34.88
CA LEU E 77 23.86 12.94 35.54
C LEU E 77 25.14 12.45 34.86
N ARG E 78 25.47 13.06 33.71
CA ARG E 78 26.63 12.72 32.92
C ARG E 78 26.64 11.21 32.66
N ASP E 79 27.73 10.56 33.05
CA ASP E 79 27.95 9.13 32.82
C ASP E 79 26.86 8.30 33.49
N GLY E 80 26.11 8.93 34.42
CA GLY E 80 24.98 8.27 35.06
C GLY E 80 23.98 7.77 34.03
N TYR E 81 23.89 8.47 32.89
CA TYR E 81 22.92 8.16 31.86
C TYR E 81 23.31 6.87 31.14
N TYR E 82 24.54 6.38 31.34
CA TYR E 82 25.08 5.38 30.47
C TYR E 82 24.77 3.95 30.94
N ILE E 83 24.26 3.81 32.18
CA ILE E 83 24.15 2.48 32.78
C ILE E 83 23.15 1.64 31.98
N ASN E 84 23.54 0.38 31.73
CA ASN E 84 22.70 -0.61 31.07
C ASN E 84 22.52 -0.29 29.59
N ALA E 85 23.34 0.61 29.07
CA ALA E 85 23.30 0.89 27.65
C ALA E 85 23.79 -0.33 26.88
N GLN E 86 23.14 -0.60 25.74
CA GLN E 86 23.50 -1.76 24.93
C GLN E 86 24.21 -1.33 23.66
N CYS E 87 24.19 -0.02 23.37
CA CYS E 87 24.81 0.52 22.17
C CYS E 87 24.89 2.04 22.29
N ALA E 88 25.70 2.65 21.43
CA ALA E 88 25.99 4.06 21.61
C ALA E 88 26.33 4.71 20.28
N ILE E 89 26.06 6.01 20.21
CA ILE E 89 26.49 6.86 19.11
C ILE E 89 27.26 8.04 19.70
N ILE E 90 28.52 8.17 19.30
CA ILE E 90 29.30 9.34 19.62
C ILE E 90 29.24 10.23 18.39
N MET E 91 28.74 11.45 18.59
CA MET E 91 28.59 12.39 17.49
C MET E 91 29.59 13.53 17.66
N PHE E 92 30.20 13.91 16.54
CA PHE E 92 30.98 15.13 16.47
C PHE E 92 30.56 15.94 15.24
N ASP E 93 31.08 17.16 15.13
CA ASP E 93 30.79 18.09 14.05
C ASP E 93 32.04 18.27 13.19
N VAL E 94 31.95 17.97 11.88
CA VAL E 94 33.13 17.95 11.04
C VAL E 94 33.57 19.38 10.69
N THR E 95 32.80 20.37 11.15
CA THR E 95 33.12 21.74 10.82
C THR E 95 33.79 22.41 12.02
N SER E 96 33.92 21.64 13.11
CA SER E 96 34.47 22.12 14.37
C SER E 96 35.50 21.12 14.86
N ARG E 97 36.76 21.54 14.90
CA ARG E 97 37.82 20.61 15.28
C ARG E 97 37.62 20.15 16.72
N ILE E 98 37.20 21.08 17.58
CA ILE E 98 37.14 20.78 19.00
C ILE E 98 36.10 19.70 19.30
N THR E 99 35.14 19.49 18.39
CA THR E 99 34.10 18.52 18.69
C THR E 99 34.65 17.11 18.49
N TYR E 100 35.65 16.99 17.60
CA TYR E 100 36.32 15.73 17.38
C TYR E 100 37.39 15.54 18.45
N LYS E 101 38.02 16.66 18.84
CA LYS E 101 39.03 16.64 19.89
C LYS E 101 38.41 16.02 21.15
N ASN E 102 37.13 16.26 21.38
CA ASN E 102 36.49 15.81 22.61
C ASN E 102 35.89 14.41 22.42
N VAL E 103 36.09 13.80 21.25
CA VAL E 103 35.52 12.48 21.03
C VAL E 103 36.15 11.47 21.99
N PRO E 104 37.49 11.45 22.17
CA PRO E 104 38.11 10.59 23.17
C PRO E 104 37.53 10.78 24.57
N ASN E 105 37.18 12.03 24.94
CA ASN E 105 36.63 12.26 26.28
C ASN E 105 35.26 11.59 26.45
N TRP E 106 34.41 11.67 25.41
CA TRP E 106 33.11 11.02 25.44
C TRP E 106 33.31 9.50 25.47
N HIS E 107 34.19 9.00 24.59
CA HIS E 107 34.43 7.57 24.50
C HIS E 107 34.93 7.03 25.84
N ARG E 108 35.88 7.77 26.44
CA ARG E 108 36.43 7.44 27.75
C ARG E 108 35.30 7.33 28.77
N ASP E 109 34.44 8.34 28.87
CA ASP E 109 33.34 8.33 29.82
C ASP E 109 32.43 7.14 29.60
N LEU E 110 32.25 6.78 28.32
CA LEU E 110 31.23 5.84 27.91
C LEU E 110 31.66 4.40 28.21
N VAL E 111 32.87 4.01 27.77
CA VAL E 111 33.34 2.64 27.92
C VAL E 111 33.69 2.31 29.38
N ARG E 112 33.92 3.34 30.20
CA ARG E 112 34.16 3.15 31.62
C ARG E 112 32.88 2.76 32.32
N VAL E 113 31.75 2.89 31.62
CA VAL E 113 30.48 2.46 32.17
C VAL E 113 30.00 1.22 31.40
N CYS E 114 30.26 1.20 30.09
CA CYS E 114 29.77 0.13 29.24
C CYS E 114 30.96 -0.51 28.53
N GLU E 115 31.32 -1.72 28.97
CA GLU E 115 32.59 -2.32 28.61
C GLU E 115 32.58 -2.78 27.15
N ASN E 116 31.55 -3.54 26.77
CA ASN E 116 31.62 -4.28 25.52
C ASN E 116 30.33 -4.04 24.72
N ILE E 117 30.11 -2.80 24.29
CA ILE E 117 28.94 -2.42 23.53
C ILE E 117 29.38 -1.89 22.16
N PRO E 118 28.66 -2.25 21.07
CA PRO E 118 28.80 -1.57 19.79
C PRO E 118 28.59 -0.06 19.86
N ILE E 119 29.53 0.70 19.29
CA ILE E 119 29.46 2.16 19.26
C ILE E 119 29.70 2.63 17.83
N VAL E 120 28.93 3.63 17.40
CA VAL E 120 29.08 4.30 16.12
C VAL E 120 29.55 5.73 16.36
N LEU E 121 30.70 6.07 15.78
CA LEU E 121 31.15 7.46 15.74
C LEU E 121 30.62 8.09 14.45
N CYS E 122 29.94 9.23 14.60
CA CYS E 122 29.33 9.89 13.46
C CYS E 122 29.89 11.30 13.34
N GLY E 123 30.47 11.58 12.16
CA GLY E 123 30.82 12.93 11.75
C GLY E 123 29.65 13.62 11.06
N ASN E 124 28.98 14.51 11.80
CA ASN E 124 27.79 15.18 11.29
C ASN E 124 28.20 16.47 10.56
N LYS E 125 27.25 17.01 9.79
CA LYS E 125 27.36 18.29 9.11
C LYS E 125 28.36 18.22 7.97
N VAL E 126 28.41 17.07 7.30
CA VAL E 126 29.37 16.86 6.21
C VAL E 126 28.93 17.68 5.00
N ASP E 127 27.72 18.24 5.07
CA ASP E 127 27.17 19.03 3.98
C ASP E 127 27.88 20.38 3.87
N VAL E 128 28.23 21.00 5.01
CA VAL E 128 28.87 22.31 5.03
C VAL E 128 30.09 22.31 4.08
N LYS E 129 30.23 23.41 3.32
CA LYS E 129 31.17 23.42 2.21
C LYS E 129 32.59 23.19 2.70
N GLU E 130 33.00 23.95 3.71
CA GLU E 130 34.37 23.83 4.20
C GLU E 130 34.36 22.92 5.41
N ARG E 131 34.87 21.70 5.22
CA ARG E 131 35.00 20.69 6.26
C ARG E 131 36.32 20.90 7.03
N LYS E 132 36.22 21.07 8.35
CA LYS E 132 37.40 21.32 9.17
C LYS E 132 38.07 20.02 9.60
N VAL E 133 37.24 19.04 10.02
CA VAL E 133 37.75 17.74 10.39
C VAL E 133 37.68 16.83 9.17
N LYS E 134 38.81 16.65 8.49
CA LYS E 134 38.84 15.86 7.26
C LYS E 134 38.87 14.37 7.62
N ALA E 135 38.43 13.52 6.68
CA ALA E 135 38.34 12.08 6.89
C ALA E 135 39.68 11.50 7.29
N LYS E 136 40.77 11.91 6.63
CA LYS E 136 42.11 11.45 6.97
C LYS E 136 42.40 11.59 8.48
N THR E 137 41.83 12.62 9.10
CA THR E 137 42.08 12.93 10.50
C THR E 137 41.26 12.04 11.43
N ILE E 138 40.09 11.56 10.95
CA ILE E 138 39.19 10.77 11.78
C ILE E 138 39.63 9.31 11.73
N THR E 139 40.43 8.92 12.73
CA THR E 139 40.99 7.58 12.82
C THR E 139 40.85 7.04 14.23
N PHE E 140 40.36 7.86 15.17
CA PHE E 140 40.29 7.47 16.58
C PHE E 140 39.51 6.18 16.76
N HIS E 141 38.51 5.94 15.90
CA HIS E 141 37.61 4.82 16.07
C HIS E 141 38.32 3.50 15.78
N ARG E 142 39.48 3.54 15.11
CA ARG E 142 40.19 2.33 14.72
C ARG E 142 40.54 1.45 15.92
N LYS E 143 41.29 2.02 16.87
CA LYS E 143 41.80 1.26 18.01
C LYS E 143 40.69 0.95 19.02
N LYS E 144 39.53 1.59 18.89
CA LYS E 144 38.46 1.39 19.86
C LYS E 144 37.35 0.56 19.23
N ASN E 145 37.64 -0.02 18.08
CA ASN E 145 36.73 -0.89 17.34
C ASN E 145 35.34 -0.26 17.29
N LEU E 146 35.28 1.04 16.97
CA LEU E 146 34.03 1.76 16.72
C LEU E 146 33.74 1.81 15.23
N GLN E 147 32.46 1.66 14.89
CA GLN E 147 31.99 1.95 13.54
C GLN E 147 32.02 3.45 13.31
N TYR E 148 32.33 3.85 12.07
CA TYR E 148 32.30 5.27 11.73
C TYR E 148 31.46 5.52 10.48
N TYR E 149 30.72 6.63 10.52
CA TYR E 149 29.95 7.09 9.37
C TYR E 149 30.01 8.60 9.28
N ASP E 150 30.21 9.07 8.05
CA ASP E 150 29.94 10.44 7.67
C ASP E 150 28.43 10.59 7.57
N ILE E 151 27.86 11.51 8.35
CA ILE E 151 26.42 11.76 8.28
C ILE E 151 26.10 13.25 8.10
N SER E 152 24.87 13.53 7.67
CA SER E 152 24.34 14.89 7.63
C SER E 152 22.84 14.85 7.90
N ALA E 153 22.43 15.48 9.02
CA ALA E 153 21.04 15.52 9.39
C ALA E 153 20.26 16.45 8.44
N LYS E 154 20.97 17.41 7.84
CA LYS E 154 20.33 18.34 6.92
C LYS E 154 20.18 17.68 5.54
N SER E 155 21.19 16.91 5.13
CA SER E 155 21.29 16.41 3.76
C SER E 155 20.75 14.99 3.63
N ASN E 156 20.39 14.38 4.76
CA ASN E 156 19.90 13.00 4.81
C ASN E 156 20.99 12.06 4.30
N TYR E 157 22.25 12.34 4.66
CA TYR E 157 23.38 11.64 4.10
C TYR E 157 23.83 10.57 5.08
N ASN E 158 23.88 9.32 4.61
CA ASN E 158 24.13 8.15 5.43
C ASN E 158 23.24 8.18 6.67
N PHE E 159 21.97 8.54 6.47
CA PHE E 159 21.08 8.91 7.56
C PHE E 159 20.76 7.70 8.43
N GLU E 160 20.59 6.54 7.79
CA GLU E 160 20.06 5.34 8.43
C GLU E 160 21.19 4.39 8.85
N LYS E 161 22.43 4.70 8.40
CA LYS E 161 23.53 3.76 8.50
C LYS E 161 23.94 3.48 9.95
N PRO E 162 24.04 4.49 10.85
CA PRO E 162 24.36 4.25 12.25
C PRO E 162 23.43 3.21 12.87
N PHE E 163 22.11 3.48 12.76
CA PHE E 163 21.09 2.61 13.32
C PHE E 163 21.09 1.25 12.61
N LEU E 164 21.42 1.23 11.32
CA LEU E 164 21.42 -0.03 10.59
C LEU E 164 22.52 -0.93 11.14
N TRP E 165 23.70 -0.33 11.39
CA TRP E 165 24.83 -1.07 11.91
C TRP E 165 24.53 -1.56 13.32
N LEU E 166 24.00 -0.68 14.16
CA LEU E 166 23.71 -1.06 15.54
C LEU E 166 22.66 -2.16 15.59
N ALA E 167 21.67 -2.10 14.69
CA ALA E 167 20.61 -3.09 14.66
C ALA E 167 21.17 -4.44 14.22
N ARG E 168 22.06 -4.43 13.22
CA ARG E 168 22.68 -5.64 12.73
C ARG E 168 23.52 -6.29 13.83
N LYS E 169 24.25 -5.46 14.58
CA LYS E 169 25.10 -5.96 15.66
C LYS E 169 24.23 -6.56 16.75
N LEU E 170 23.24 -5.80 17.22
CA LEU E 170 22.45 -6.21 18.38
C LEU E 170 21.59 -7.43 18.07
N ALA E 171 21.19 -7.56 16.80
CA ALA E 171 20.35 -8.68 16.41
C ALA E 171 21.22 -9.86 15.99
N GLY E 172 22.50 -9.60 15.73
CA GLY E 172 23.45 -10.62 15.30
C GLY E 172 23.15 -11.11 13.88
N ASN E 173 22.50 -10.25 13.09
CA ASN E 173 21.99 -10.58 11.78
C ASN E 173 22.59 -9.59 10.75
N PRO E 174 23.60 -10.01 9.95
CA PRO E 174 24.17 -9.15 8.92
C PRO E 174 23.22 -8.89 7.74
N GLN E 175 22.16 -9.72 7.63
CA GLN E 175 21.15 -9.66 6.57
C GLN E 175 20.08 -8.61 6.86
N LEU E 176 20.05 -8.08 8.09
CA LEU E 176 18.98 -7.20 8.54
C LEU E 176 18.96 -5.95 7.67
N GLU E 177 17.79 -5.67 7.06
CA GLU E 177 17.61 -4.52 6.18
C GLU E 177 16.33 -3.80 6.58
N PHE E 178 16.24 -2.49 6.36
CA PHE E 178 15.08 -1.72 6.79
C PHE E 178 14.01 -1.70 5.72
N VAL E 179 12.77 -1.38 6.11
CA VAL E 179 11.62 -1.32 5.21
C VAL E 179 10.60 -0.31 5.75
N LEU F 6 8.96 14.47 45.97
CA LEU F 6 10.02 15.49 45.76
C LEU F 6 10.86 15.66 47.03
N ASP F 7 12.19 15.61 46.87
CA ASP F 7 13.14 15.55 47.98
C ASP F 7 13.78 16.92 48.24
N PHE F 8 13.83 17.33 49.53
CA PHE F 8 14.64 18.48 49.96
C PHE F 8 15.33 18.19 51.29
N SER F 9 15.83 19.25 51.95
CA SER F 9 16.71 19.12 53.11
C SER F 9 15.89 19.22 54.40
N ASN F 10 14.76 18.51 54.43
CA ASN F 10 13.89 18.39 55.59
C ASN F 10 14.34 17.19 56.42
N ASP F 11 14.62 16.07 55.72
CA ASP F 11 15.20 14.89 56.33
C ASP F 11 15.88 14.06 55.24
N LEU F 12 16.72 13.10 55.64
CA LEU F 12 17.34 12.17 54.71
C LEU F 12 16.54 10.88 54.58
N ASP F 13 16.62 10.26 53.39
CA ASP F 13 16.00 8.98 53.10
C ASP F 13 16.86 8.15 52.14
N ILE F 14 16.64 6.82 52.12
CA ILE F 14 17.45 5.94 51.29
C ILE F 14 16.58 5.14 50.31
N ALA F 15 15.71 4.27 50.83
CA ALA F 15 14.93 3.35 50.01
C ALA F 15 14.11 4.09 48.96
N LEU F 16 13.57 5.28 49.32
CA LEU F 16 12.98 6.19 48.35
C LEU F 16 13.92 6.44 47.17
N LEU F 17 15.22 6.50 47.45
CA LEU F 17 16.22 6.62 46.40
C LEU F 17 16.27 5.31 45.64
N ASP F 18 16.27 4.17 46.36
CA ASP F 18 16.31 2.87 45.70
C ASP F 18 15.08 2.65 44.82
N GLN F 19 14.08 3.53 44.91
CA GLN F 19 12.91 3.52 44.04
C GLN F 19 12.91 4.74 43.14
N VAL F 20 13.21 5.92 43.71
CA VAL F 20 13.42 7.15 42.96
C VAL F 20 14.24 6.87 41.69
N VAL F 21 15.35 6.15 41.88
CA VAL F 21 16.25 5.77 40.82
C VAL F 21 15.55 4.69 40.01
N SER F 22 15.11 3.59 40.66
CA SER F 22 14.54 2.44 39.97
C SER F 22 13.48 2.89 38.94
N THR F 23 12.73 3.92 39.30
CA THR F 23 11.74 4.54 38.42
C THR F 23 12.44 5.12 37.20
N PHE F 24 13.57 5.81 37.43
CA PHE F 24 14.27 6.51 36.36
C PHE F 24 14.93 5.53 35.39
N TYR F 25 15.47 4.43 35.92
CA TYR F 25 16.24 3.49 35.12
C TYR F 25 15.36 2.46 34.41
N GLN F 26 14.24 2.04 35.04
CA GLN F 26 13.41 0.98 34.50
C GLN F 26 12.10 1.50 33.92
N GLY F 27 11.70 2.72 34.31
CA GLY F 27 10.38 3.22 33.93
C GLY F 27 10.34 3.70 32.48
N SER F 28 9.21 4.29 32.10
CA SER F 28 9.05 4.88 30.77
C SER F 28 8.13 6.08 30.85
N GLY F 29 8.36 7.05 29.96
CA GLY F 29 7.45 8.17 29.76
C GLY F 29 7.62 9.25 30.82
N VAL F 30 6.50 9.81 31.26
CA VAL F 30 6.49 11.01 32.09
C VAL F 30 7.15 10.70 33.44
N GLN F 31 7.00 9.46 33.91
CA GLN F 31 7.54 9.05 35.19
C GLN F 31 9.04 9.25 35.27
N GLN F 32 9.80 8.62 34.37
CA GLN F 32 11.25 8.77 34.35
C GLN F 32 11.63 10.22 34.05
N LYS F 33 10.77 10.95 33.30
CA LYS F 33 11.06 12.36 33.09
C LYS F 33 11.11 13.00 34.46
N GLN F 34 10.03 12.90 35.24
CA GLN F 34 9.99 13.49 36.57
C GLN F 34 11.11 12.92 37.44
N ALA F 35 11.28 11.60 37.42
CA ALA F 35 12.37 10.95 38.12
C ALA F 35 13.71 11.56 37.70
N GLN F 36 13.86 11.88 36.42
CA GLN F 36 15.11 12.42 35.90
C GLN F 36 15.34 13.82 36.47
N GLU F 37 14.29 14.65 36.51
CA GLU F 37 14.42 16.01 37.01
C GLU F 37 14.74 15.99 38.49
N ILE F 38 14.06 15.09 39.23
CA ILE F 38 14.30 14.91 40.65
C ILE F 38 15.78 14.57 40.87
N LEU F 39 16.23 13.47 40.24
CA LEU F 39 17.59 12.98 40.44
C LEU F 39 18.60 14.07 40.11
N THR F 40 18.32 14.85 39.06
CA THR F 40 19.20 15.94 38.66
C THR F 40 19.25 17.01 39.76
N LYS F 41 18.10 17.31 40.36
CA LYS F 41 18.01 18.36 41.37
C LYS F 41 18.76 17.92 42.62
N PHE F 42 18.58 16.65 43.00
CA PHE F 42 19.22 16.07 44.16
C PHE F 42 20.74 16.03 43.96
N GLN F 43 21.15 15.61 42.77
CA GLN F 43 22.56 15.46 42.44
C GLN F 43 23.25 16.82 42.43
N ASP F 44 22.48 17.91 42.27
CA ASP F 44 23.04 19.24 42.14
C ASP F 44 23.01 20.00 43.46
N ASN F 45 22.49 19.36 44.52
CA ASN F 45 22.47 19.95 45.84
C ASN F 45 23.91 20.10 46.35
N PRO F 46 24.35 21.33 46.74
CA PRO F 46 25.70 21.51 47.28
C PRO F 46 26.03 20.57 48.44
N ASP F 47 25.01 20.11 49.17
CA ASP F 47 25.16 19.31 50.37
C ASP F 47 24.88 17.84 50.08
N ALA F 48 24.72 17.47 48.81
CA ALA F 48 24.26 16.13 48.45
C ALA F 48 25.31 15.10 48.85
N TRP F 49 26.58 15.48 48.72
CA TRP F 49 27.70 14.61 49.04
C TRP F 49 27.60 14.12 50.49
N GLN F 50 27.11 14.98 51.39
CA GLN F 50 26.97 14.63 52.80
C GLN F 50 26.13 13.37 52.96
N LYS F 51 25.32 13.06 51.94
CA LYS F 51 24.36 11.98 52.06
C LYS F 51 24.90 10.74 51.36
N ALA F 52 25.92 10.93 50.51
CA ALA F 52 26.40 9.91 49.61
C ALA F 52 26.82 8.68 50.40
N ASP F 53 27.64 8.88 51.43
CA ASP F 53 28.18 7.82 52.27
C ASP F 53 27.05 6.96 52.84
N GLN F 54 26.00 7.60 53.34
CA GLN F 54 24.85 6.91 53.91
C GLN F 54 24.26 5.98 52.84
N ILE F 55 24.05 6.54 51.65
CA ILE F 55 23.52 5.80 50.51
C ILE F 55 24.43 4.62 50.22
N LEU F 56 25.74 4.86 50.13
CA LEU F 56 26.73 3.84 49.78
C LEU F 56 26.67 2.66 50.75
N GLN F 57 26.13 2.88 51.95
CA GLN F 57 26.10 1.85 52.96
C GLN F 57 24.72 1.20 53.06
N PHE F 58 23.66 1.91 52.65
CA PHE F 58 22.30 1.45 52.92
C PHE F 58 21.53 1.10 51.65
N SER F 59 21.91 1.69 50.51
CA SER F 59 21.20 1.47 49.25
C SER F 59 21.25 0.00 48.83
N THR F 60 20.10 -0.51 48.39
CA THR F 60 19.98 -1.86 47.85
C THR F 60 20.02 -1.81 46.32
N ASN F 61 20.30 -0.62 45.77
CA ASN F 61 20.31 -0.41 44.33
C ASN F 61 21.73 -0.03 43.92
N PRO F 62 22.44 -0.84 43.08
CA PRO F 62 23.76 -0.47 42.57
C PRO F 62 23.79 0.88 41.84
N GLN F 63 22.68 1.22 41.17
CA GLN F 63 22.59 2.47 40.43
C GLN F 63 22.50 3.67 41.38
N SER F 64 21.78 3.50 42.50
CA SER F 64 21.73 4.54 43.51
C SER F 64 23.14 4.88 44.01
N LYS F 65 23.93 3.82 44.24
CA LYS F 65 25.31 3.97 44.67
C LYS F 65 26.13 4.66 43.58
N PHE F 66 25.83 4.34 42.32
CA PHE F 66 26.50 4.97 41.20
C PHE F 66 26.28 6.49 41.24
N ILE F 67 25.04 6.91 41.53
CA ILE F 67 24.72 8.33 41.55
C ILE F 67 25.40 9.00 42.75
N ALA F 68 25.47 8.26 43.86
CA ALA F 68 26.16 8.75 45.04
C ALA F 68 27.64 8.99 44.71
N LEU F 69 28.24 8.05 44.00
CA LEU F 69 29.64 8.16 43.62
C LEU F 69 29.83 9.34 42.67
N SER F 70 28.80 9.65 41.87
CA SER F 70 28.88 10.77 40.94
C SER F 70 28.95 12.07 41.73
N ILE F 71 28.13 12.15 42.78
CA ILE F 71 28.08 13.34 43.61
C ILE F 71 29.41 13.50 44.33
N LEU F 72 29.95 12.37 44.81
CA LEU F 72 31.25 12.35 45.46
C LEU F 72 32.34 12.80 44.48
N ASP F 73 32.23 12.34 43.22
CA ASP F 73 33.19 12.72 42.19
C ASP F 73 33.22 14.24 42.07
N LYS F 74 32.02 14.86 42.07
CA LYS F 74 31.88 16.30 41.96
C LYS F 74 32.58 16.98 43.15
N LEU F 75 32.31 16.48 44.36
CA LEU F 75 32.89 17.05 45.56
C LEU F 75 34.42 16.98 45.50
N ILE F 76 34.95 15.81 45.09
CA ILE F 76 36.38 15.55 45.08
C ILE F 76 37.06 16.47 44.07
N THR F 77 36.44 16.63 42.90
CA THR F 77 37.03 17.35 41.78
C THR F 77 37.01 18.85 42.05
N ARG F 78 35.98 19.34 42.78
CA ARG F 78 35.76 20.77 42.82
C ARG F 78 36.00 21.35 44.21
N LYS F 79 35.55 20.68 45.29
CA LYS F 79 35.59 21.34 46.58
C LYS F 79 36.29 20.47 47.62
N TRP F 80 37.33 19.74 47.20
CA TRP F 80 37.96 18.77 48.08
C TRP F 80 38.70 19.44 49.23
N LYS F 81 39.34 20.57 48.93
CA LYS F 81 40.22 21.21 49.89
C LYS F 81 39.46 22.18 50.80
N LEU F 82 38.15 22.33 50.57
CA LEU F 82 37.32 23.12 51.48
C LEU F 82 37.00 22.28 52.72
N LEU F 83 36.97 20.95 52.55
CA LEU F 83 36.65 20.03 53.63
C LEU F 83 37.77 20.05 54.65
N PRO F 84 37.44 19.95 55.97
CA PRO F 84 38.45 19.78 57.01
C PRO F 84 39.22 18.48 56.78
N ASN F 85 40.49 18.43 57.22
CA ASN F 85 41.36 17.32 56.84
C ASN F 85 40.78 16.01 57.39
N ASP F 86 40.20 16.08 58.59
CA ASP F 86 39.59 14.95 59.26
C ASP F 86 38.48 14.36 58.41
N HIS F 87 37.55 15.22 57.96
CA HIS F 87 36.44 14.80 57.13
C HIS F 87 36.95 14.25 55.80
N ARG F 88 37.98 14.88 55.24
CA ARG F 88 38.56 14.47 53.97
C ARG F 88 39.00 13.01 54.09
N ILE F 89 39.83 12.73 55.09
CA ILE F 89 40.33 11.40 55.33
C ILE F 89 39.15 10.45 55.59
N GLY F 90 38.14 10.92 56.31
CA GLY F 90 36.93 10.17 56.59
C GLY F 90 36.22 9.69 55.33
N ILE F 91 35.97 10.62 54.40
CA ILE F 91 35.38 10.31 53.11
C ILE F 91 36.29 9.38 52.32
N ARG F 92 37.59 9.67 52.38
CA ARG F 92 38.60 8.87 51.70
C ARG F 92 38.49 7.41 52.11
N ASN F 93 38.46 7.17 53.43
CA ASN F 93 38.40 5.85 54.02
C ASN F 93 37.04 5.23 53.78
N PHE F 94 36.02 6.10 53.62
CA PHE F 94 34.66 5.65 53.38
C PHE F 94 34.59 4.81 52.11
N VAL F 95 35.42 5.15 51.11
CA VAL F 95 35.31 4.48 49.82
C VAL F 95 36.19 3.26 49.82
N VAL F 96 37.45 3.43 50.23
CA VAL F 96 38.46 2.36 50.20
C VAL F 96 37.90 1.12 50.90
N GLY F 97 37.30 1.36 52.08
CA GLY F 97 36.60 0.35 52.85
C GLY F 97 35.49 -0.32 52.05
N MET F 98 34.66 0.51 51.38
CA MET F 98 33.55 0.00 50.60
C MET F 98 34.08 -0.84 49.44
N ILE F 99 35.12 -0.34 48.75
CA ILE F 99 35.75 -1.04 47.65
C ILE F 99 36.17 -2.43 48.11
N ILE F 100 36.89 -2.48 49.26
CA ILE F 100 37.39 -3.73 49.84
C ILE F 100 36.20 -4.66 50.09
N SER F 101 35.17 -4.13 50.76
CA SER F 101 34.01 -4.91 51.17
C SER F 101 33.38 -5.57 49.96
N MET F 102 33.21 -4.79 48.89
CA MET F 102 32.56 -5.27 47.69
C MET F 102 33.41 -6.38 47.07
N CYS F 103 34.74 -6.17 47.08
CA CYS F 103 35.64 -7.14 46.48
C CYS F 103 35.57 -8.48 47.24
N GLN F 104 35.52 -8.40 48.58
CA GLN F 104 35.56 -9.59 49.42
C GLN F 104 34.29 -10.43 49.23
N ASP F 105 33.23 -9.80 48.71
CA ASP F 105 31.99 -10.47 48.35
C ASP F 105 32.05 -10.95 46.91
N ASP F 106 32.16 -12.27 46.72
CA ASP F 106 32.30 -12.91 45.41
C ASP F 106 31.13 -12.58 44.49
N GLU F 107 29.91 -12.72 45.01
CA GLU F 107 28.72 -12.47 44.20
C GLU F 107 28.75 -11.02 43.72
N VAL F 108 28.93 -10.10 44.67
CA VAL F 108 28.95 -8.67 44.38
C VAL F 108 30.07 -8.37 43.38
N PHE F 109 31.23 -9.02 43.55
CA PHE F 109 32.38 -8.81 42.69
C PHE F 109 32.05 -9.20 41.25
N LYS F 110 31.27 -10.27 41.07
CA LYS F 110 31.05 -10.82 39.74
C LYS F 110 29.80 -10.24 39.10
N THR F 111 28.85 -9.76 39.93
CA THR F 111 27.57 -9.28 39.45
C THR F 111 27.51 -7.75 39.39
N GLN F 112 28.48 -7.05 40.00
CA GLN F 112 28.34 -5.61 40.11
C GLN F 112 29.56 -4.83 39.60
N LYS F 113 30.01 -5.20 38.40
CA LYS F 113 31.25 -4.65 37.86
C LYS F 113 31.13 -3.13 37.70
N ASN F 114 29.94 -2.68 37.28
CA ASN F 114 29.64 -1.28 37.03
C ASN F 114 29.87 -0.44 38.27
N LEU F 115 29.35 -0.92 39.42
CA LEU F 115 29.47 -0.18 40.66
C LEU F 115 30.91 -0.17 41.14
N ILE F 116 31.62 -1.29 40.90
CA ILE F 116 32.99 -1.38 41.38
C ILE F 116 33.86 -0.45 40.54
N ASN F 117 33.60 -0.40 39.23
CA ASN F 117 34.37 0.45 38.33
C ASN F 117 34.17 1.92 38.70
N LYS F 118 32.95 2.26 39.13
CA LYS F 118 32.67 3.64 39.51
C LYS F 118 33.44 3.99 40.78
N SER F 119 33.41 3.03 41.72
CA SER F 119 34.13 3.17 42.97
C SER F 119 35.62 3.40 42.69
N ASP F 120 36.19 2.57 41.81
CA ASP F 120 37.59 2.65 41.47
C ASP F 120 37.95 4.04 40.93
N LEU F 121 37.10 4.55 40.04
CA LEU F 121 37.32 5.85 39.42
C LEU F 121 37.27 6.95 40.48
N THR F 122 36.29 6.80 41.41
CA THR F 122 36.16 7.74 42.51
C THR F 122 37.45 7.74 43.34
N LEU F 123 37.99 6.55 43.59
CA LEU F 123 39.25 6.41 44.32
C LEU F 123 40.34 7.15 43.57
N VAL F 124 40.43 6.89 42.25
CA VAL F 124 41.46 7.51 41.44
C VAL F 124 41.35 9.03 41.52
N GLN F 125 40.11 9.55 41.60
CA GLN F 125 39.90 10.98 41.76
C GLN F 125 40.52 11.47 43.06
N ILE F 126 40.34 10.67 44.12
CA ILE F 126 40.89 11.00 45.42
C ILE F 126 42.41 10.95 45.33
N LEU F 127 42.93 10.00 44.52
CA LEU F 127 44.36 9.85 44.36
C LEU F 127 44.95 11.11 43.74
N LYS F 128 44.35 11.57 42.64
CA LYS F 128 44.81 12.76 41.96
C LYS F 128 44.90 13.93 42.94
N GLN F 129 43.89 14.04 43.81
CA GLN F 129 43.77 15.19 44.71
C GLN F 129 44.72 15.07 45.90
N GLU F 130 45.07 13.83 46.29
CA GLU F 130 45.62 13.63 47.61
C GLU F 130 46.96 12.87 47.59
N TRP F 131 47.10 11.95 46.64
CA TRP F 131 48.28 11.11 46.48
C TRP F 131 49.34 11.83 45.66
N PRO F 132 50.65 11.65 45.93
CA PRO F 132 51.14 10.93 47.11
C PRO F 132 51.45 11.74 48.36
N GLN F 133 51.27 13.05 48.30
CA GLN F 133 51.61 13.92 49.42
C GLN F 133 50.88 13.49 50.70
N ASN F 134 49.61 13.02 50.56
CA ASN F 134 48.85 12.65 51.75
C ASN F 134 48.63 11.14 51.84
N TRP F 135 49.08 10.42 50.83
CA TRP F 135 48.96 8.97 50.87
C TRP F 135 50.21 8.36 50.27
N PRO F 136 51.35 8.41 51.00
CA PRO F 136 52.63 8.00 50.42
C PRO F 136 52.68 6.46 50.35
N GLU F 137 51.79 5.82 51.11
CA GLU F 137 51.84 4.38 51.33
C GLU F 137 50.85 3.66 50.41
N PHE F 138 50.32 4.36 49.39
CA PHE F 138 49.20 3.84 48.64
C PHE F 138 49.58 2.63 47.79
N ILE F 139 50.70 2.74 47.09
CA ILE F 139 51.17 1.69 46.19
C ILE F 139 51.58 0.45 46.99
N PRO F 140 52.39 0.58 48.07
CA PRO F 140 52.73 -0.58 48.90
C PRO F 140 51.47 -1.30 49.39
N GLU F 141 50.50 -0.53 49.90
CA GLU F 141 49.31 -1.12 50.50
C GLU F 141 48.50 -1.86 49.45
N LEU F 142 48.45 -1.27 48.25
CA LEU F 142 47.70 -1.84 47.16
C LEU F 142 48.32 -3.17 46.77
N ILE F 143 49.65 -3.20 46.57
CA ILE F 143 50.34 -4.41 46.20
C ILE F 143 50.18 -5.47 47.29
N GLY F 144 50.27 -5.08 48.56
CA GLY F 144 50.08 -5.99 49.67
C GLY F 144 48.71 -6.66 49.62
N SER F 145 47.67 -5.85 49.38
CA SER F 145 46.31 -6.35 49.39
C SER F 145 46.06 -7.26 48.19
N SER F 146 46.80 -7.03 47.09
CA SER F 146 46.63 -7.80 45.86
C SER F 146 46.91 -9.27 46.13
N SER F 147 47.86 -9.56 47.00
CA SER F 147 48.15 -10.95 47.25
C SER F 147 47.11 -11.58 48.18
N SER F 148 46.35 -10.75 48.90
CA SER F 148 45.39 -11.22 49.90
C SER F 148 44.19 -11.88 49.24
N SER F 149 43.79 -11.40 48.06
CA SER F 149 42.63 -11.94 47.36
C SER F 149 42.81 -11.79 45.86
N VAL F 150 42.31 -12.77 45.09
CA VAL F 150 42.40 -12.68 43.64
C VAL F 150 41.48 -11.57 43.15
N ASN F 151 40.31 -11.43 43.80
CA ASN F 151 39.35 -10.39 43.49
C ASN F 151 39.98 -9.02 43.74
N VAL F 152 40.67 -8.88 44.88
CA VAL F 152 41.27 -7.60 45.23
C VAL F 152 42.39 -7.29 44.24
N CYS F 153 43.10 -8.35 43.80
CA CYS F 153 44.18 -8.19 42.85
C CYS F 153 43.63 -7.65 41.54
N GLU F 154 42.51 -8.22 41.07
CA GLU F 154 41.91 -7.84 39.82
C GLU F 154 41.49 -6.37 39.88
N ASN F 155 40.78 -6.01 40.97
CA ASN F 155 40.23 -4.67 41.07
C ASN F 155 41.37 -3.66 41.20
N ASN F 156 42.48 -4.09 41.81
CA ASN F 156 43.67 -3.26 41.94
C ASN F 156 44.23 -2.95 40.55
N MET F 157 44.13 -3.92 39.64
CA MET F 157 44.61 -3.76 38.27
C MET F 157 43.71 -2.78 37.53
N ILE F 158 42.42 -2.81 37.86
CA ILE F 158 41.47 -1.87 37.30
C ILE F 158 41.80 -0.46 37.80
N VAL F 159 42.02 -0.33 39.12
CA VAL F 159 42.35 0.95 39.73
C VAL F 159 43.63 1.53 39.13
N LEU F 160 44.63 0.66 38.90
CA LEU F 160 45.91 1.12 38.37
C LEU F 160 45.76 1.53 36.91
N LYS F 161 44.91 0.81 36.17
CA LYS F 161 44.63 1.15 34.79
C LYS F 161 43.99 2.54 34.73
N LEU F 162 43.00 2.74 35.61
CA LEU F 162 42.29 4.02 35.68
C LEU F 162 43.28 5.13 36.04
N LEU F 163 44.18 4.86 36.98
CA LEU F 163 45.12 5.89 37.41
C LEU F 163 46.06 6.25 36.27
N SER F 164 46.47 5.25 35.48
CA SER F 164 47.35 5.47 34.34
C SER F 164 46.66 6.32 33.28
N GLU F 165 45.37 6.03 33.05
CA GLU F 165 44.55 6.77 32.10
C GLU F 165 44.51 8.24 32.55
N GLU F 166 44.15 8.48 33.82
CA GLU F 166 43.93 9.82 34.32
C GLU F 166 45.23 10.64 34.34
N VAL F 167 46.36 9.95 34.50
CA VAL F 167 47.63 10.65 34.70
C VAL F 167 48.33 10.86 33.35
N PHE F 168 48.20 9.90 32.42
CA PHE F 168 48.99 9.92 31.21
C PHE F 168 48.14 10.11 29.95
N ASP F 169 46.87 9.70 30.00
CA ASP F 169 46.03 9.68 28.81
C ASP F 169 45.16 10.93 28.73
N PHE F 170 44.74 11.46 29.90
CA PHE F 170 43.71 12.48 29.94
C PHE F 170 44.13 13.60 30.89
N SER F 171 45.43 13.71 31.17
CA SER F 171 45.89 14.65 32.18
C SER F 171 45.98 16.06 31.60
N ALA F 172 46.42 16.16 30.34
CA ALA F 172 46.53 17.45 29.70
C ALA F 172 45.13 18.05 29.55
N GLU F 173 45.01 19.34 29.91
CA GLU F 173 43.77 20.10 29.82
C GLU F 173 42.81 19.71 30.95
N GLN F 174 43.21 18.79 31.82
CA GLN F 174 42.34 18.37 32.89
C GLN F 174 42.99 18.69 34.24
N MET F 175 44.32 18.80 34.26
CA MET F 175 45.02 19.30 35.43
C MET F 175 46.07 20.31 34.99
N THR F 176 46.55 21.12 35.94
CA THR F 176 47.64 22.07 35.73
C THR F 176 48.86 21.34 35.17
N GLN F 177 49.65 22.01 34.32
CA GLN F 177 50.87 21.40 33.80
C GLN F 177 51.73 20.92 34.97
N ALA F 178 51.76 21.72 36.05
CA ALA F 178 52.56 21.41 37.23
C ALA F 178 52.05 20.14 37.89
N LYS F 179 50.73 20.06 38.06
CA LYS F 179 50.14 18.92 38.75
C LYS F 179 50.22 17.68 37.87
N ALA F 180 50.08 17.87 36.56
CA ALA F 180 50.20 16.75 35.63
C ALA F 180 51.59 16.14 35.73
N LEU F 181 52.61 17.01 35.79
CA LEU F 181 54.00 16.58 35.87
C LEU F 181 54.22 15.84 37.19
N HIS F 182 53.69 16.44 38.26
CA HIS F 182 53.80 15.90 39.60
C HIS F 182 53.27 14.47 39.63
N LEU F 183 52.07 14.27 39.08
CA LEU F 183 51.43 12.96 39.09
C LEU F 183 52.18 11.99 38.18
N LYS F 184 52.66 12.47 37.02
CA LYS F 184 53.40 11.60 36.11
C LYS F 184 54.69 11.13 36.77
N ASN F 185 55.41 12.07 37.41
CA ASN F 185 56.66 11.75 38.09
C ASN F 185 56.38 10.81 39.27
N SER F 186 55.28 11.08 39.99
CA SER F 186 54.95 10.28 41.16
C SER F 186 54.65 8.84 40.76
N MET F 187 53.98 8.70 39.60
CA MET F 187 53.56 7.38 39.18
C MET F 187 54.73 6.66 38.51
N SER F 188 55.67 7.42 37.93
CA SER F 188 56.85 6.81 37.33
C SER F 188 57.81 6.31 38.41
N LYS F 189 57.88 7.05 39.53
CA LYS F 189 58.76 6.73 40.64
C LYS F 189 58.41 5.36 41.22
N GLU F 190 57.11 5.09 41.36
CA GLU F 190 56.68 3.87 42.02
C GLU F 190 56.26 2.80 41.02
N PHE F 191 56.78 2.86 39.78
CA PHE F 191 56.30 1.90 38.79
C PHE F 191 57.06 0.58 38.86
N GLU F 192 58.27 0.59 39.43
CA GLU F 192 59.03 -0.62 39.64
C GLU F 192 58.14 -1.68 40.30
N GLN F 193 57.58 -1.27 41.45
CA GLN F 193 56.74 -2.14 42.26
C GLN F 193 55.49 -2.53 41.49
N ILE F 194 54.86 -1.56 40.81
CA ILE F 194 53.64 -1.82 40.05
C ILE F 194 53.94 -2.83 38.94
N PHE F 195 55.07 -2.64 38.26
CA PHE F 195 55.43 -3.59 37.23
C PHE F 195 55.71 -4.97 37.86
N LYS F 196 56.32 -5.00 39.06
CA LYS F 196 56.57 -6.29 39.69
C LYS F 196 55.25 -7.06 39.84
N LEU F 197 54.26 -6.43 40.48
CA LEU F 197 52.99 -7.08 40.72
C LEU F 197 52.42 -7.57 39.40
N CYS F 198 52.60 -6.74 38.39
CA CYS F 198 52.07 -7.03 37.07
C CYS F 198 52.72 -8.30 36.52
N PHE F 199 54.06 -8.32 36.53
CA PHE F 199 54.80 -9.44 35.95
C PHE F 199 54.53 -10.73 36.74
N GLN F 200 54.48 -10.61 38.07
CA GLN F 200 54.22 -11.76 38.92
C GLN F 200 52.87 -12.38 38.55
N VAL F 201 51.85 -11.54 38.33
CA VAL F 201 50.51 -11.98 38.00
C VAL F 201 50.51 -12.64 36.61
N LEU F 202 51.26 -12.07 35.67
CA LEU F 202 51.32 -12.62 34.33
C LEU F 202 52.06 -13.96 34.33
N GLU F 203 53.15 -14.05 35.11
CA GLU F 203 53.99 -15.23 35.13
C GLU F 203 53.29 -16.38 35.87
N GLN F 204 52.72 -16.09 37.04
CA GLN F 204 52.32 -17.10 38.03
C GLN F 204 50.80 -17.18 38.23
N GLY F 205 50.05 -16.16 37.81
CA GLY F 205 48.61 -16.07 38.05
C GLY F 205 47.83 -17.10 37.22
N SER F 206 46.67 -17.51 37.76
CA SER F 206 45.89 -18.61 37.19
C SER F 206 44.54 -18.13 36.69
N SER F 207 43.84 -17.33 37.52
CA SER F 207 42.55 -16.74 37.17
C SER F 207 42.61 -16.07 35.79
N SER F 208 41.72 -16.48 34.89
CA SER F 208 41.63 -15.96 33.54
C SER F 208 41.30 -14.46 33.55
N SER F 209 40.22 -14.11 34.24
CA SER F 209 39.77 -12.72 34.34
C SER F 209 40.86 -11.81 34.93
N LEU F 210 41.62 -12.32 35.93
CA LEU F 210 42.67 -11.54 36.58
C LEU F 210 43.80 -11.23 35.59
N ILE F 211 44.14 -12.23 34.77
CA ILE F 211 45.17 -12.04 33.77
C ILE F 211 44.71 -10.99 32.77
N VAL F 212 43.44 -11.07 32.36
CA VAL F 212 42.90 -10.15 31.36
C VAL F 212 42.94 -8.73 31.91
N ALA F 213 42.51 -8.55 33.17
CA ALA F 213 42.51 -7.23 33.78
C ALA F 213 43.93 -6.68 33.86
N THR F 214 44.89 -7.57 34.15
CA THR F 214 46.30 -7.22 34.26
C THR F 214 46.80 -6.74 32.90
N LEU F 215 46.39 -7.43 31.83
CA LEU F 215 46.82 -7.04 30.50
C LEU F 215 46.14 -5.73 30.09
N GLU F 216 44.90 -5.51 30.57
CA GLU F 216 44.21 -4.25 30.32
C GLU F 216 45.03 -3.09 30.87
N SER F 217 45.52 -3.26 32.11
CA SER F 217 46.34 -2.26 32.76
C SER F 217 47.64 -2.06 31.99
N LEU F 218 48.19 -3.17 31.45
CA LEU F 218 49.47 -3.12 30.76
C LEU F 218 49.34 -2.30 29.47
N LEU F 219 48.18 -2.43 28.81
CA LEU F 219 47.88 -1.68 27.61
C LEU F 219 48.05 -0.18 27.89
N ARG F 220 47.50 0.28 29.01
CA ARG F 220 47.55 1.70 29.35
C ARG F 220 48.95 2.12 29.79
N TYR F 221 49.68 1.20 30.43
CA TYR F 221 51.04 1.47 30.88
C TYR F 221 51.94 1.69 29.67
N LEU F 222 51.71 0.91 28.61
CA LEU F 222 52.58 0.88 27.45
C LEU F 222 52.67 2.24 26.76
N HIS F 223 51.72 3.16 27.06
CA HIS F 223 51.74 4.47 26.46
C HIS F 223 52.94 5.29 26.94
N TRP F 224 53.51 4.94 28.11
CA TRP F 224 54.45 5.85 28.75
C TRP F 224 55.65 5.13 29.37
N ILE F 225 55.51 3.86 29.73
CA ILE F 225 56.56 3.20 30.48
C ILE F 225 57.79 3.04 29.58
N PRO F 226 59.02 3.09 30.14
CA PRO F 226 60.24 2.78 29.40
C PRO F 226 60.25 1.36 28.81
N TYR F 227 60.93 1.19 27.67
CA TYR F 227 60.96 -0.04 26.91
C TYR F 227 61.58 -1.18 27.72
N ARG F 228 62.40 -0.81 28.71
CA ARG F 228 63.22 -1.78 29.44
C ARG F 228 62.32 -2.74 30.17
N TYR F 229 61.12 -2.27 30.57
CA TYR F 229 60.20 -3.14 31.26
C TYR F 229 59.66 -4.20 30.30
N ILE F 230 59.86 -4.01 29.00
CA ILE F 230 59.26 -4.90 28.02
C ILE F 230 60.32 -5.80 27.40
N TYR F 231 61.46 -5.20 27.04
CA TYR F 231 62.52 -5.87 26.30
C TYR F 231 63.57 -6.50 27.21
N GLU F 232 63.79 -5.91 28.39
CA GLU F 232 64.81 -6.39 29.31
C GLU F 232 64.22 -7.35 30.34
N THR F 233 62.91 -7.62 30.23
CA THR F 233 62.24 -8.64 31.02
C THR F 233 61.70 -9.72 30.08
N ASN F 234 61.04 -10.74 30.64
CA ASN F 234 60.58 -11.89 29.84
C ASN F 234 59.13 -11.69 29.38
N ILE F 235 58.62 -10.46 29.51
CA ILE F 235 57.21 -10.18 29.24
C ILE F 235 56.92 -10.31 27.73
N LEU F 236 57.91 -9.97 26.90
CA LEU F 236 57.81 -10.16 25.46
C LEU F 236 57.49 -11.62 25.13
N GLU F 237 58.27 -12.55 25.70
CA GLU F 237 58.06 -13.98 25.48
C GLU F 237 56.63 -14.32 25.88
N LEU F 238 56.19 -13.79 27.04
CA LEU F 238 54.90 -14.15 27.61
C LEU F 238 53.78 -13.70 26.68
N LEU F 239 53.84 -12.44 26.24
CA LEU F 239 52.79 -11.89 25.39
C LEU F 239 52.78 -12.65 24.06
N SER F 240 53.94 -12.74 23.40
CA SER F 240 54.03 -13.20 22.03
C SER F 240 53.74 -14.70 21.90
N THR F 241 53.83 -15.45 23.01
CA THR F 241 53.68 -16.91 22.94
C THR F 241 52.49 -17.36 23.80
N LYS F 242 52.61 -17.15 25.10
CA LYS F 242 51.72 -17.74 26.08
C LYS F 242 50.33 -17.16 25.91
N PHE F 243 50.20 -15.83 25.93
CA PHE F 243 48.88 -15.24 25.99
C PHE F 243 48.23 -15.16 24.62
N MET F 244 48.98 -15.57 23.58
CA MET F 244 48.41 -15.68 22.24
C MET F 244 47.77 -17.06 22.05
N THR F 245 48.21 -18.05 22.83
CA THR F 245 47.67 -19.40 22.68
C THR F 245 46.31 -19.46 23.35
N SER F 246 46.20 -18.82 24.52
CA SER F 246 44.97 -18.87 25.31
C SER F 246 43.91 -17.97 24.68
N PRO F 247 42.74 -18.54 24.29
CA PRO F 247 41.66 -17.77 23.68
C PRO F 247 41.23 -16.58 24.53
N ASP F 248 41.21 -16.75 25.85
CA ASP F 248 40.68 -15.77 26.78
C ASP F 248 41.53 -14.50 26.83
N THR F 249 42.75 -14.54 26.28
CA THR F 249 43.65 -13.39 26.39
C THR F 249 44.13 -12.88 25.03
N ARG F 250 43.69 -13.53 23.95
CA ARG F 250 44.23 -13.25 22.62
C ARG F 250 44.10 -11.77 22.25
N ALA F 251 42.88 -11.24 22.41
CA ALA F 251 42.55 -9.92 21.90
C ALA F 251 43.37 -8.87 22.62
N ILE F 252 43.37 -8.95 23.96
CA ILE F 252 44.01 -7.91 24.73
C ILE F 252 45.53 -8.01 24.57
N THR F 253 46.03 -9.23 24.37
CA THR F 253 47.45 -9.43 24.16
C THR F 253 47.87 -8.79 22.84
N LEU F 254 47.03 -8.93 21.81
CA LEU F 254 47.30 -8.32 20.53
C LEU F 254 47.37 -6.80 20.69
N LYS F 255 46.42 -6.27 21.46
CA LYS F 255 46.37 -4.84 21.67
C LYS F 255 47.70 -4.41 22.30
N CYS F 256 48.14 -5.20 23.28
CA CYS F 256 49.37 -4.92 24.01
C CYS F 256 50.58 -4.99 23.08
N LEU F 257 50.57 -5.98 22.19
CA LEU F 257 51.67 -6.13 21.25
C LEU F 257 51.64 -5.01 20.21
N THR F 258 50.43 -4.51 19.89
CA THR F 258 50.31 -3.36 19.03
C THR F 258 51.08 -2.17 19.63
N GLU F 259 50.87 -1.95 20.93
CA GLU F 259 51.49 -0.83 21.62
C GLU F 259 52.98 -1.09 21.85
N VAL F 260 53.33 -2.36 22.04
CA VAL F 260 54.72 -2.76 22.16
C VAL F 260 55.44 -2.34 20.88
N SER F 261 54.76 -2.50 19.74
CA SER F 261 55.36 -2.24 18.45
C SER F 261 55.69 -0.76 18.32
N ASN F 262 55.06 0.05 19.19
CA ASN F 262 55.12 1.50 19.10
C ASN F 262 55.97 2.11 20.22
N LEU F 263 56.68 1.27 20.98
CA LEU F 263 57.49 1.77 22.09
C LEU F 263 58.70 2.53 21.58
N LYS F 264 59.21 3.45 22.41
CA LYS F 264 60.45 4.14 22.14
C LYS F 264 61.62 3.22 22.48
N ILE F 265 62.32 2.72 21.46
CA ILE F 265 63.39 1.74 21.64
C ILE F 265 64.70 2.28 21.04
N PRO F 266 65.90 1.84 21.51
CA PRO F 266 67.17 2.22 20.87
C PRO F 266 67.27 1.76 19.42
N GLN F 267 67.92 2.58 18.58
CA GLN F 267 67.88 2.39 17.14
C GLN F 267 69.10 1.63 16.63
N ASP F 268 70.09 1.45 17.50
CA ASP F 268 71.35 0.82 17.13
C ASP F 268 71.68 -0.25 18.15
N ASN F 269 70.67 -1.02 18.54
CA ASN F 269 70.87 -2.16 19.41
C ASN F 269 70.42 -3.42 18.68
N ASP F 270 71.39 -4.26 18.33
CA ASP F 270 71.16 -5.44 17.51
C ASP F 270 70.35 -6.49 18.28
N LEU F 271 70.58 -6.57 19.61
CA LEU F 271 69.83 -7.51 20.44
C LEU F 271 68.35 -7.10 20.48
N ILE F 272 68.08 -5.79 20.56
CA ILE F 272 66.70 -5.31 20.63
C ILE F 272 66.03 -5.54 19.27
N LYS F 273 66.78 -5.38 18.19
CA LYS F 273 66.28 -5.66 16.84
C LYS F 273 65.87 -7.12 16.70
N ARG F 274 66.71 -8.05 17.18
CA ARG F 274 66.43 -9.47 17.10
C ARG F 274 65.21 -9.82 17.96
N GLN F 275 65.05 -9.08 19.07
CA GLN F 275 63.96 -9.30 19.99
C GLN F 275 62.67 -8.80 19.35
N THR F 276 62.77 -7.66 18.64
CA THR F 276 61.66 -7.08 17.91
C THR F 276 61.19 -8.08 16.86
N VAL F 277 62.14 -8.67 16.12
CA VAL F 277 61.77 -9.64 15.10
C VAL F 277 61.14 -10.86 15.78
N LEU F 278 61.68 -11.21 16.95
CA LEU F 278 61.36 -12.49 17.56
C LEU F 278 59.92 -12.48 18.07
N PHE F 279 59.54 -11.45 18.81
CA PHE F 279 58.19 -11.44 19.37
C PHE F 279 57.16 -11.41 18.25
N PHE F 280 57.49 -10.71 17.15
CA PHE F 280 56.59 -10.63 16.01
C PHE F 280 56.46 -12.01 15.37
N GLN F 281 57.60 -12.70 15.20
CA GLN F 281 57.60 -14.05 14.65
C GLN F 281 56.80 -14.99 15.55
N ASN F 282 56.91 -14.78 16.87
CA ASN F 282 56.20 -15.63 17.82
C ASN F 282 54.70 -15.39 17.69
N THR F 283 54.31 -14.10 17.65
CA THR F 283 52.92 -13.72 17.56
C THR F 283 52.29 -14.28 16.29
N LEU F 284 53.01 -14.16 15.16
CA LEU F 284 52.45 -14.59 13.89
C LEU F 284 52.32 -16.11 13.86
N GLN F 285 53.39 -16.80 14.27
CA GLN F 285 53.42 -18.25 14.30
C GLN F 285 52.33 -18.77 15.23
N GLN F 286 52.11 -18.05 16.34
CA GLN F 286 51.13 -18.49 17.31
C GLN F 286 49.72 -18.33 16.74
N ILE F 287 49.51 -17.24 16.00
CA ILE F 287 48.23 -17.04 15.34
C ILE F 287 48.03 -18.13 14.30
N ALA F 288 49.10 -18.44 13.55
CA ALA F 288 49.06 -19.48 12.53
C ALA F 288 48.67 -20.82 13.14
N THR F 289 49.30 -21.17 14.27
CA THR F 289 49.12 -22.45 14.92
C THR F 289 47.77 -22.55 15.64
N SER F 290 47.33 -21.45 16.28
CA SER F 290 46.25 -21.52 17.25
C SER F 290 44.96 -20.90 16.72
N VAL F 291 45.08 -19.85 15.90
CA VAL F 291 43.96 -18.98 15.62
C VAL F 291 43.44 -19.25 14.21
N MET F 292 44.24 -18.88 13.20
CA MET F 292 43.86 -19.12 11.81
C MET F 292 45.09 -19.14 10.93
N PRO F 293 45.15 -19.97 9.86
CA PRO F 293 46.26 -19.88 8.91
C PRO F 293 46.11 -18.71 7.93
N VAL F 294 47.18 -18.47 7.16
CA VAL F 294 47.21 -17.43 6.13
C VAL F 294 46.19 -17.77 5.04
N THR F 295 45.80 -19.05 4.98
CA THR F 295 44.92 -19.54 3.92
C THR F 295 43.46 -19.35 4.33
N ALA F 296 43.23 -19.00 5.60
CA ALA F 296 41.89 -18.79 6.13
C ALA F 296 41.19 -17.67 5.36
N ASP F 297 39.92 -17.92 5.03
CA ASP F 297 39.06 -16.95 4.38
C ASP F 297 38.50 -16.01 5.45
N LEU F 298 39.20 -14.88 5.64
CA LEU F 298 38.86 -13.95 6.70
C LEU F 298 37.58 -13.19 6.37
N LYS F 299 37.27 -13.09 5.06
CA LYS F 299 36.07 -12.40 4.61
C LYS F 299 34.85 -13.12 5.15
N ALA F 300 34.74 -14.41 4.84
CA ALA F 300 33.63 -15.23 5.32
C ALA F 300 33.57 -15.21 6.84
N THR F 301 34.74 -15.32 7.48
CA THR F 301 34.77 -15.41 8.94
C THR F 301 34.22 -14.12 9.54
N TYR F 302 34.71 -12.99 9.04
CA TYR F 302 34.31 -11.69 9.56
C TYR F 302 32.81 -11.50 9.35
N ALA F 303 32.31 -11.95 8.20
CA ALA F 303 30.90 -11.79 7.88
C ALA F 303 30.03 -12.52 8.91
N ASN F 304 30.47 -13.70 9.36
CA ASN F 304 29.66 -14.50 10.25
C ASN F 304 30.10 -14.34 11.70
N ALA F 305 31.18 -13.59 11.91
CA ALA F 305 31.69 -13.28 13.24
C ALA F 305 30.94 -12.07 13.77
N ASN F 306 31.16 -11.76 15.05
CA ASN F 306 30.53 -10.62 15.70
C ASN F 306 31.35 -10.26 16.93
N GLY F 307 31.33 -8.97 17.28
CA GLY F 307 32.00 -8.49 18.48
C GLY F 307 33.49 -8.75 18.45
N ASN F 308 33.94 -9.50 19.46
CA ASN F 308 35.35 -9.80 19.66
C ASN F 308 35.89 -10.55 18.45
N ASP F 309 35.17 -11.54 17.96
CA ASP F 309 35.56 -12.28 16.77
C ASP F 309 35.96 -11.33 15.63
N GLN F 310 35.27 -10.21 15.48
CA GLN F 310 35.59 -9.20 14.48
C GLN F 310 36.62 -8.21 15.02
N SER F 311 36.41 -7.71 16.24
CA SER F 311 37.29 -6.73 16.87
C SER F 311 38.72 -7.24 16.86
N PHE F 312 38.88 -8.53 17.15
CA PHE F 312 40.17 -9.20 17.10
C PHE F 312 40.76 -9.05 15.70
N LEU F 313 40.00 -9.42 14.67
CA LEU F 313 40.49 -9.26 13.31
C LEU F 313 40.88 -7.80 13.05
N GLN F 314 40.10 -6.85 13.56
CA GLN F 314 40.49 -5.45 13.41
C GLN F 314 41.82 -5.20 14.10
N ASP F 315 41.93 -5.69 15.34
CA ASP F 315 43.13 -5.53 16.14
C ASP F 315 44.31 -6.19 15.44
N LEU F 316 44.06 -7.31 14.73
CA LEU F 316 45.13 -7.99 14.01
C LEU F 316 45.71 -7.08 12.95
N ALA F 317 44.82 -6.44 12.17
CA ALA F 317 45.21 -5.51 11.13
C ALA F 317 45.97 -4.34 11.74
N MET F 318 45.47 -3.82 12.87
CA MET F 318 46.11 -2.73 13.58
C MET F 318 47.52 -3.16 13.99
N PHE F 319 47.65 -4.41 14.47
CA PHE F 319 48.93 -4.96 14.87
C PHE F 319 49.87 -4.99 13.67
N LEU F 320 49.51 -5.75 12.63
CA LEU F 320 50.37 -5.88 11.47
C LEU F 320 50.71 -4.52 10.88
N THR F 321 49.69 -3.68 10.64
CA THR F 321 49.91 -2.41 9.97
C THR F 321 50.85 -1.54 10.80
N THR F 322 50.77 -1.65 12.13
CA THR F 322 51.65 -0.85 12.98
C THR F 322 53.07 -1.38 12.88
N TYR F 323 53.23 -2.70 13.16
CA TYR F 323 54.54 -3.31 13.24
C TYR F 323 55.27 -3.19 11.90
N LEU F 324 54.58 -3.51 10.80
CA LEU F 324 55.23 -3.48 9.51
C LEU F 324 55.64 -2.05 9.15
N ALA F 325 54.74 -1.08 9.41
CA ALA F 325 55.03 0.31 9.09
C ALA F 325 56.27 0.78 9.84
N ARG F 326 56.56 0.16 10.98
CA ARG F 326 57.72 0.55 11.76
C ARG F 326 58.93 -0.32 11.41
N ASN F 327 58.72 -1.63 11.19
CA ASN F 327 59.82 -2.58 11.26
C ASN F 327 59.92 -3.45 9.99
N ARG F 328 59.37 -2.99 8.87
CA ARG F 328 59.47 -3.74 7.63
C ARG F 328 60.93 -3.89 7.23
N ALA F 329 61.71 -2.82 7.46
CA ALA F 329 63.13 -2.79 7.17
C ALA F 329 63.84 -3.89 7.97
N LEU F 330 63.45 -4.03 9.24
CA LEU F 330 64.03 -5.04 10.10
C LEU F 330 63.77 -6.43 9.52
N LEU F 331 62.56 -6.65 9.00
CA LEU F 331 62.20 -7.95 8.44
C LEU F 331 62.90 -8.20 7.11
N GLU F 332 63.43 -7.14 6.48
CA GLU F 332 63.95 -7.20 5.13
C GLU F 332 65.45 -7.53 5.12
N SER F 333 66.18 -7.14 6.18
CA SER F 333 67.63 -7.25 6.23
C SER F 333 68.13 -8.70 6.15
N ASP F 334 67.36 -9.64 6.72
CA ASP F 334 67.80 -11.03 6.84
C ASP F 334 66.89 -11.92 6.00
N GLU F 335 67.49 -12.62 5.02
CA GLU F 335 66.75 -13.36 4.01
C GLU F 335 66.02 -14.58 4.59
N SER F 336 66.41 -15.03 5.79
CA SER F 336 65.69 -16.14 6.39
C SER F 336 64.30 -15.67 6.84
N LEU F 337 64.19 -14.36 7.13
CA LEU F 337 62.96 -13.78 7.62
C LEU F 337 61.95 -13.53 6.49
N ARG F 338 62.36 -13.80 5.25
CA ARG F 338 61.52 -13.72 4.06
C ARG F 338 60.19 -14.43 4.29
N GLU F 339 60.25 -15.72 4.63
CA GLU F 339 59.04 -16.51 4.79
C GLU F 339 58.07 -15.84 5.78
N LEU F 340 58.63 -15.25 6.86
CA LEU F 340 57.80 -14.58 7.86
C LEU F 340 57.18 -13.32 7.26
N LEU F 341 58.01 -12.49 6.62
CA LEU F 341 57.59 -11.23 6.05
C LEU F 341 56.36 -11.43 5.17
N LEU F 342 56.50 -12.21 4.08
CA LEU F 342 55.41 -12.54 3.18
C LEU F 342 54.18 -13.04 3.94
N ASN F 343 54.37 -13.98 4.88
CA ASN F 343 53.27 -14.51 5.68
C ASN F 343 52.47 -13.38 6.33
N ALA F 344 53.15 -12.42 6.95
CA ALA F 344 52.49 -11.31 7.62
C ALA F 344 51.68 -10.48 6.62
N HIS F 345 52.33 -10.10 5.51
CA HIS F 345 51.66 -9.40 4.45
C HIS F 345 50.45 -10.20 3.95
N GLN F 346 50.63 -11.51 3.78
CA GLN F 346 49.53 -12.35 3.33
C GLN F 346 48.32 -12.17 4.25
N TYR F 347 48.57 -12.07 5.56
CA TYR F 347 47.47 -11.87 6.51
C TYR F 347 46.73 -10.59 6.15
N LEU F 348 47.47 -9.49 5.96
CA LEU F 348 46.82 -8.25 5.58
C LEU F 348 46.01 -8.45 4.31
N ILE F 349 46.57 -9.13 3.32
CA ILE F 349 45.84 -9.39 2.08
C ILE F 349 44.49 -10.01 2.44
N GLN F 350 44.52 -11.03 3.31
CA GLN F 350 43.29 -11.70 3.70
C GLN F 350 42.41 -10.73 4.49
N LEU F 351 43.02 -9.91 5.34
CA LEU F 351 42.30 -8.92 6.11
C LEU F 351 41.75 -7.82 5.18
N SER F 352 42.46 -7.58 4.07
CA SER F 352 42.04 -6.54 3.13
C SER F 352 40.81 -7.00 2.36
N LYS F 353 40.54 -8.32 2.35
CA LYS F 353 39.42 -8.86 1.62
C LYS F 353 38.15 -8.80 2.47
N ILE F 354 38.29 -8.37 3.74
CA ILE F 354 37.16 -8.33 4.65
C ILE F 354 36.31 -7.12 4.27
N GLU F 355 35.00 -7.35 4.11
CA GLU F 355 34.05 -6.29 3.83
C GLU F 355 33.75 -5.52 5.11
N GLU F 356 34.60 -4.53 5.40
CA GLU F 356 34.40 -3.60 6.51
C GLU F 356 35.22 -2.36 6.20
N ARG F 357 34.54 -1.24 5.94
CA ARG F 357 35.20 -0.12 5.29
C ARG F 357 36.38 0.38 6.14
N GLU F 358 36.13 0.54 7.44
CA GLU F 358 37.11 1.16 8.33
C GLU F 358 38.37 0.30 8.46
N LEU F 359 38.16 -1.03 8.53
CA LEU F 359 39.24 -2.00 8.57
C LEU F 359 40.03 -1.92 7.26
N PHE F 360 39.30 -1.78 6.14
CA PHE F 360 39.94 -1.72 4.84
C PHE F 360 40.80 -0.47 4.72
N LYS F 361 40.31 0.63 5.31
CA LYS F 361 41.03 1.89 5.26
C LYS F 361 42.33 1.78 6.07
N THR F 362 42.23 1.09 7.21
CA THR F 362 43.36 0.85 8.10
C THR F 362 44.45 0.08 7.33
N THR F 363 44.03 -0.98 6.63
CA THR F 363 44.94 -1.76 5.80
C THR F 363 45.46 -0.93 4.63
N LEU F 364 44.58 -0.08 4.07
CA LEU F 364 44.95 0.64 2.86
C LEU F 364 46.03 1.68 3.13
N ASP F 365 45.99 2.32 4.31
CA ASP F 365 47.03 3.28 4.66
C ASP F 365 48.40 2.60 4.57
N TYR F 366 48.51 1.41 5.19
CA TYR F 366 49.74 0.64 5.17
C TYR F 366 50.08 0.24 3.74
N TRP F 367 49.07 -0.24 3.00
CA TRP F 367 49.30 -0.64 1.62
C TRP F 367 49.95 0.51 0.86
N HIS F 368 49.46 1.72 1.09
CA HIS F 368 49.96 2.91 0.41
C HIS F 368 51.42 3.12 0.75
N ASN F 369 51.73 3.06 2.05
CA ASN F 369 53.09 3.10 2.56
C ASN F 369 53.99 2.10 1.81
N LEU F 370 53.53 0.85 1.69
CA LEU F 370 54.35 -0.21 1.14
C LEU F 370 54.61 0.03 -0.35
N VAL F 371 53.56 0.40 -1.09
CA VAL F 371 53.66 0.58 -2.54
C VAL F 371 54.44 1.84 -2.88
N ALA F 372 54.37 2.89 -2.04
CA ALA F 372 55.21 4.07 -2.20
C ALA F 372 56.68 3.70 -2.04
N ASP F 373 56.98 2.93 -0.98
CA ASP F 373 58.34 2.51 -0.70
C ASP F 373 58.87 1.68 -1.88
N LEU F 374 58.04 0.76 -2.41
CA LEU F 374 58.44 -0.10 -3.51
C LEU F 374 58.67 0.70 -4.77
N PHE F 375 57.82 1.72 -5.00
CA PHE F 375 57.94 2.57 -6.17
C PHE F 375 59.28 3.31 -6.17
N TYR F 376 59.69 3.81 -5.00
CA TYR F 376 60.90 4.61 -4.85
C TYR F 376 62.13 3.75 -4.50
N GLU F 377 61.95 2.46 -4.23
CA GLU F 377 63.10 1.60 -4.01
C GLU F 377 62.84 0.26 -4.70
N PRO F 378 62.79 0.19 -6.08
CA PRO F 378 62.32 -1.00 -6.81
C PRO F 378 63.26 -2.20 -6.71
N LEU F 379 64.30 -2.06 -5.89
CA LEU F 379 65.21 -3.17 -5.63
C LEU F 379 64.52 -4.27 -4.80
N LYS F 380 63.69 -3.87 -3.83
CA LYS F 380 62.98 -4.80 -2.96
C LYS F 380 61.65 -5.23 -3.60
N LYS F 381 61.30 -4.58 -4.70
CA LYS F 381 60.02 -4.79 -5.39
C LYS F 381 59.76 -6.29 -5.57
N HIS F 382 60.76 -7.03 -6.07
CA HIS F 382 60.54 -8.42 -6.45
C HIS F 382 60.05 -9.25 -5.26
N ILE F 383 60.50 -8.88 -4.06
CA ILE F 383 60.15 -9.58 -2.82
C ILE F 383 58.64 -9.64 -2.67
N TYR F 384 57.95 -8.54 -3.03
CA TYR F 384 56.53 -8.43 -2.79
C TYR F 384 55.73 -8.58 -4.08
N GLU F 385 56.35 -9.10 -5.15
CA GLU F 385 55.70 -9.22 -6.45
C GLU F 385 54.31 -9.83 -6.29
N GLU F 386 54.24 -10.98 -5.61
CA GLU F 386 52.99 -11.73 -5.56
C GLU F 386 52.04 -11.10 -4.57
N ILE F 387 52.55 -10.47 -3.51
CA ILE F 387 51.73 -9.70 -2.58
C ILE F 387 51.01 -8.58 -3.35
N CYS F 388 51.81 -7.87 -4.16
CA CYS F 388 51.31 -6.76 -4.94
C CYS F 388 50.23 -7.23 -5.90
N SER F 389 50.48 -8.36 -6.59
CA SER F 389 49.53 -8.91 -7.55
C SER F 389 48.16 -9.08 -6.89
N GLN F 390 48.14 -9.67 -5.70
CA GLN F 390 46.86 -9.88 -5.02
C GLN F 390 46.26 -8.56 -4.60
N LEU F 391 47.11 -7.62 -4.16
CA LEU F 391 46.64 -6.33 -3.69
C LEU F 391 45.92 -5.60 -4.83
N ARG F 392 46.50 -5.70 -6.02
CA ARG F 392 45.92 -5.13 -7.23
C ARG F 392 44.47 -5.57 -7.36
N LEU F 393 44.25 -6.89 -7.40
CA LEU F 393 42.90 -7.43 -7.51
C LEU F 393 42.02 -6.86 -6.38
N VAL F 394 42.53 -6.86 -5.15
CA VAL F 394 41.75 -6.37 -4.01
C VAL F 394 41.24 -4.96 -4.29
N ILE F 395 42.13 -4.05 -4.69
CA ILE F 395 41.83 -2.64 -4.92
C ILE F 395 40.85 -2.48 -6.08
N ILE F 396 41.15 -3.14 -7.20
CA ILE F 396 40.26 -3.16 -8.35
C ILE F 396 38.86 -3.63 -7.95
N GLU F 397 38.77 -4.57 -7.00
CA GLU F 397 37.46 -5.11 -6.62
C GLU F 397 36.77 -4.22 -5.60
N ASN F 398 37.48 -3.23 -5.04
CA ASN F 398 36.92 -2.47 -3.94
C ASN F 398 36.96 -0.97 -4.21
N MET F 399 37.07 -0.59 -5.49
CA MET F 399 37.01 0.82 -5.87
C MET F 399 35.65 1.39 -5.50
N VAL F 400 35.68 2.56 -4.88
CA VAL F 400 34.46 3.24 -4.48
C VAL F 400 34.15 4.33 -5.49
N ARG F 401 32.94 4.91 -5.40
CA ARG F 401 32.48 5.92 -6.35
C ARG F 401 33.41 7.13 -6.29
N PRO F 402 34.04 7.52 -7.42
CA PRO F 402 34.97 8.66 -7.47
C PRO F 402 34.41 10.05 -7.16
N GLU F 403 33.16 10.26 -7.60
CA GLU F 403 32.40 11.47 -7.35
C GLU F 403 31.08 11.05 -6.70
N GLU F 404 30.63 11.89 -5.75
CA GLU F 404 29.38 11.69 -5.04
C GLU F 404 28.48 12.90 -5.24
N VAL F 405 27.17 12.68 -5.35
CA VAL F 405 26.26 13.77 -5.67
C VAL F 405 25.05 13.69 -4.74
N LEU F 406 24.65 14.85 -4.22
CA LEU F 406 23.50 14.95 -3.32
C LEU F 406 22.40 15.80 -3.95
N VAL F 407 21.16 15.44 -3.63
CA VAL F 407 19.99 16.24 -3.95
C VAL F 407 19.50 16.91 -2.67
N VAL F 408 19.65 18.23 -2.60
CA VAL F 408 19.27 19.02 -1.45
C VAL F 408 18.07 19.90 -1.83
N GLU F 409 17.30 20.30 -0.81
CA GLU F 409 16.31 21.35 -0.97
C GLU F 409 16.86 22.62 -0.31
N ASN F 410 16.92 23.74 -1.05
CA ASN F 410 17.36 25.00 -0.46
C ASN F 410 16.18 25.68 0.25
N ASP F 411 16.44 26.87 0.82
CA ASP F 411 15.45 27.61 1.59
C ASP F 411 14.33 28.16 0.70
N GLU F 412 14.51 28.03 -0.62
CA GLU F 412 13.50 28.51 -1.56
C GLU F 412 12.64 27.35 -2.06
N GLY F 413 12.99 26.12 -1.64
CA GLY F 413 12.22 24.95 -1.98
C GLY F 413 12.66 24.30 -3.30
N GLU F 414 13.75 24.82 -3.89
CA GLU F 414 14.28 24.25 -5.12
C GLU F 414 15.00 22.95 -4.82
N ILE F 415 14.91 22.00 -5.75
CA ILE F 415 15.62 20.74 -5.65
C ILE F 415 16.92 20.88 -6.43
N VAL F 416 18.05 21.03 -5.73
CA VAL F 416 19.34 21.34 -6.33
C VAL F 416 20.27 20.14 -6.21
N ARG F 417 20.91 19.80 -7.34
CA ARG F 417 21.88 18.73 -7.43
C ARG F 417 23.27 19.33 -7.18
N GLU F 418 23.92 18.93 -6.08
CA GLU F 418 25.26 19.43 -5.79
C GLU F 418 26.22 18.24 -5.76
N PHE F 419 27.42 18.45 -6.33
CA PHE F 419 28.52 17.51 -6.17
C PHE F 419 29.16 17.70 -4.81
N VAL F 420 29.22 16.60 -4.04
CA VAL F 420 29.83 16.57 -2.71
C VAL F 420 31.33 16.66 -2.91
N LYS F 421 31.99 17.43 -2.03
CA LYS F 421 33.44 17.53 -2.02
C LYS F 421 34.01 17.04 -0.69
N GLU F 422 35.06 16.23 -0.79
CA GLU F 422 35.88 15.82 0.34
C GLU F 422 35.10 14.98 1.34
N SER F 423 34.22 14.11 0.83
CA SER F 423 33.52 13.13 1.66
C SER F 423 34.43 11.96 2.00
N ASP F 424 33.96 11.10 2.91
CA ASP F 424 34.69 9.88 3.27
C ASP F 424 34.93 9.08 1.99
N THR F 425 33.86 8.87 1.21
CA THR F 425 33.98 8.00 0.06
C THR F 425 34.98 8.60 -0.93
N ILE F 426 35.04 9.93 -1.02
CA ILE F 426 35.91 10.57 -2.00
C ILE F 426 37.36 10.37 -1.57
N GLN F 427 37.62 10.57 -0.28
CA GLN F 427 38.96 10.38 0.24
C GLN F 427 39.39 8.93 0.07
N LEU F 428 38.45 8.00 0.27
CA LEU F 428 38.75 6.59 0.08
C LEU F 428 39.12 6.32 -1.37
N TYR F 429 38.35 6.91 -2.30
CA TYR F 429 38.64 6.76 -3.72
C TYR F 429 40.05 7.25 -4.01
N LYS F 430 40.42 8.41 -3.44
CA LYS F 430 41.69 9.04 -3.75
C LYS F 430 42.83 8.19 -3.22
N SER F 431 42.64 7.63 -2.02
CA SER F 431 43.63 6.76 -1.39
C SER F 431 43.83 5.52 -2.27
N GLU F 432 42.71 4.91 -2.68
CA GLU F 432 42.74 3.70 -3.49
C GLU F 432 43.40 4.00 -4.83
N ARG F 433 43.13 5.18 -5.37
CA ARG F 433 43.69 5.57 -6.66
C ARG F 433 45.20 5.62 -6.53
N GLU F 434 45.71 6.24 -5.45
CA GLU F 434 47.14 6.39 -5.28
C GLU F 434 47.79 5.02 -5.15
N VAL F 435 47.13 4.13 -4.41
CA VAL F 435 47.64 2.79 -4.19
C VAL F 435 47.69 2.04 -5.52
N LEU F 436 46.61 2.18 -6.32
CA LEU F 436 46.52 1.40 -7.53
C LEU F 436 47.40 1.99 -8.62
N VAL F 437 47.68 3.29 -8.52
CA VAL F 437 48.56 3.92 -9.50
C VAL F 437 49.98 3.43 -9.25
N TYR F 438 50.40 3.45 -7.99
CA TYR F 438 51.67 2.87 -7.57
C TYR F 438 51.78 1.44 -8.09
N LEU F 439 50.75 0.62 -7.82
CA LEU F 439 50.70 -0.77 -8.24
C LEU F 439 50.84 -0.92 -9.75
N THR F 440 50.20 0.00 -10.49
CA THR F 440 50.27 -0.03 -11.95
C THR F 440 51.67 0.33 -12.41
N HIS F 441 52.27 1.35 -11.78
CA HIS F 441 53.64 1.70 -12.09
C HIS F 441 54.55 0.50 -11.85
N LEU F 442 54.31 -0.25 -10.75
CA LEU F 442 55.18 -1.35 -10.37
C LEU F 442 55.13 -2.47 -11.42
N ASN F 443 53.92 -2.79 -11.90
CA ASN F 443 53.77 -3.76 -12.97
C ASN F 443 52.54 -3.39 -13.80
N VAL F 444 52.78 -2.72 -14.93
CA VAL F 444 51.68 -2.30 -15.79
C VAL F 444 51.04 -3.54 -16.41
N ILE F 445 51.86 -4.54 -16.70
CA ILE F 445 51.43 -5.69 -17.48
C ILE F 445 50.41 -6.48 -16.64
N ASP F 446 50.68 -6.59 -15.33
CA ASP F 446 49.85 -7.36 -14.41
C ASP F 446 48.52 -6.63 -14.18
N THR F 447 48.58 -5.30 -14.00
CA THR F 447 47.38 -4.50 -13.80
C THR F 447 46.47 -4.60 -15.01
N GLU F 448 47.05 -4.45 -16.21
CA GLU F 448 46.26 -4.55 -17.42
C GLU F 448 45.63 -5.93 -17.54
N GLU F 449 46.41 -6.99 -17.28
CA GLU F 449 45.91 -8.35 -17.41
C GLU F 449 44.74 -8.58 -16.46
N ILE F 450 44.85 -8.05 -15.23
CA ILE F 450 43.82 -8.23 -14.22
C ILE F 450 42.56 -7.51 -14.69
N MET F 451 42.73 -6.28 -15.19
CA MET F 451 41.57 -5.50 -15.57
C MET F 451 40.90 -6.11 -16.80
N ILE F 452 41.68 -6.61 -17.75
CA ILE F 452 41.11 -7.27 -18.92
C ILE F 452 40.39 -8.54 -18.50
N SER F 453 40.90 -9.21 -17.46
CA SER F 453 40.28 -10.43 -16.96
C SER F 453 38.92 -10.11 -16.33
N LYS F 454 38.89 -9.09 -15.45
CA LYS F 454 37.64 -8.66 -14.84
C LYS F 454 36.63 -8.32 -15.93
N LEU F 455 37.11 -7.63 -16.97
CA LEU F 455 36.27 -7.20 -18.07
C LEU F 455 35.71 -8.42 -18.81
N ALA F 456 36.57 -9.41 -19.08
CA ALA F 456 36.16 -10.60 -19.78
C ALA F 456 35.10 -11.35 -18.97
N ARG F 457 35.27 -11.35 -17.64
CA ARG F 457 34.34 -11.97 -16.71
C ARG F 457 33.03 -11.17 -16.63
N GLN F 458 33.10 -9.90 -17.02
CA GLN F 458 31.91 -9.08 -17.16
C GLN F 458 31.17 -9.43 -18.45
N ILE F 459 31.93 -9.71 -19.51
CA ILE F 459 31.39 -9.96 -20.85
C ILE F 459 30.64 -11.29 -20.88
N ASP F 460 31.24 -12.37 -20.35
CA ASP F 460 30.63 -13.69 -20.37
C ASP F 460 29.48 -13.79 -19.37
N GLY F 461 29.37 -12.80 -18.47
CA GLY F 461 28.25 -12.69 -17.55
C GLY F 461 28.47 -13.42 -16.22
N SER F 462 29.68 -14.00 -16.06
CA SER F 462 30.01 -14.81 -14.90
C SER F 462 30.07 -13.93 -13.65
N GLU F 463 30.61 -12.72 -13.79
CA GLU F 463 30.72 -11.81 -12.66
C GLU F 463 29.90 -10.54 -12.91
N TRP F 464 28.90 -10.64 -13.79
CA TRP F 464 28.11 -9.49 -14.18
C TRP F 464 27.20 -9.04 -13.04
N SER F 465 27.33 -7.76 -12.68
CA SER F 465 26.39 -7.05 -11.82
C SER F 465 26.68 -5.56 -11.94
N TRP F 466 25.67 -4.73 -11.66
CA TRP F 466 25.83 -3.30 -11.78
C TRP F 466 27.01 -2.84 -10.94
N HIS F 467 27.10 -3.37 -9.71
CA HIS F 467 28.14 -2.94 -8.79
C HIS F 467 29.51 -3.36 -9.32
N ASN F 468 29.58 -4.57 -9.90
CA ASN F 468 30.86 -5.08 -10.37
C ASN F 468 31.37 -4.24 -11.53
N ILE F 469 30.47 -3.97 -12.50
CA ILE F 469 30.87 -3.25 -13.69
C ILE F 469 31.21 -1.80 -13.35
N ASN F 470 30.51 -1.23 -12.36
CA ASN F 470 30.77 0.13 -11.92
C ASN F 470 32.15 0.18 -11.29
N THR F 471 32.42 -0.80 -10.42
CA THR F 471 33.66 -0.83 -9.67
C THR F 471 34.82 -0.97 -10.67
N LEU F 472 34.66 -1.91 -11.61
CA LEU F 472 35.72 -2.17 -12.57
C LEU F 472 35.99 -0.91 -13.38
N SER F 473 34.90 -0.22 -13.77
CA SER F 473 35.04 1.00 -14.56
C SER F 473 35.78 2.06 -13.76
N TRP F 474 35.41 2.21 -12.49
CA TRP F 474 36.07 3.23 -11.67
C TRP F 474 37.57 2.96 -11.59
N ALA F 475 37.89 1.67 -11.43
CA ALA F 475 39.25 1.16 -11.37
C ALA F 475 39.99 1.48 -12.67
N ILE F 476 39.40 1.11 -13.80
CA ILE F 476 40.01 1.36 -15.09
C ILE F 476 40.31 2.85 -15.23
N GLY F 477 39.34 3.67 -14.80
CA GLY F 477 39.47 5.12 -14.90
C GLY F 477 40.52 5.68 -13.95
N SER F 478 40.75 4.98 -12.83
CA SER F 478 41.63 5.49 -11.78
C SER F 478 43.09 5.47 -12.22
N ILE F 479 43.45 4.54 -13.11
CA ILE F 479 44.85 4.36 -13.48
C ILE F 479 45.14 5.17 -14.75
N SER F 480 44.27 6.12 -15.04
CA SER F 480 44.50 6.93 -16.21
C SER F 480 45.80 7.71 -16.03
N GLY F 481 46.60 7.71 -17.10
CA GLY F 481 47.79 8.54 -17.15
C GLY F 481 49.00 7.84 -16.56
N THR F 482 48.91 6.51 -16.46
CA THR F 482 49.98 5.72 -15.88
C THR F 482 50.72 4.96 -16.97
N MET F 483 49.97 4.47 -17.96
CA MET F 483 50.57 3.73 -19.07
C MET F 483 51.19 4.73 -20.05
N SER F 484 52.01 4.22 -20.99
CA SER F 484 52.48 5.01 -22.10
C SER F 484 51.30 5.30 -23.03
N GLU F 485 51.39 6.39 -23.79
CA GLU F 485 50.25 6.79 -24.59
C GLU F 485 49.88 5.67 -25.56
N ASP F 486 50.88 4.94 -26.08
CA ASP F 486 50.62 3.85 -27.00
C ASP F 486 49.89 2.71 -26.32
N THR F 487 50.36 2.32 -25.12
CA THR F 487 49.75 1.25 -24.35
C THR F 487 48.36 1.69 -23.91
N GLU F 488 48.26 2.97 -23.51
CA GLU F 488 46.99 3.54 -23.07
C GLU F 488 46.00 3.49 -24.22
N LYS F 489 46.49 3.82 -25.42
CA LYS F 489 45.67 3.83 -26.62
C LYS F 489 45.04 2.45 -26.84
N ARG F 490 45.88 1.40 -26.82
CA ARG F 490 45.41 0.05 -27.10
C ARG F 490 44.49 -0.42 -25.98
N PHE F 491 44.79 -0.01 -24.74
CA PHE F 491 44.03 -0.46 -23.58
C PHE F 491 42.63 0.12 -23.67
N VAL F 492 42.55 1.43 -23.90
CA VAL F 492 41.30 2.16 -23.89
C VAL F 492 40.43 1.66 -25.04
N VAL F 493 41.05 1.48 -26.22
CA VAL F 493 40.35 0.96 -27.38
C VAL F 493 39.67 -0.36 -27.04
N THR F 494 40.43 -1.27 -26.41
CA THR F 494 39.92 -2.59 -26.05
C THR F 494 38.75 -2.43 -25.06
N VAL F 495 38.96 -1.61 -24.03
CA VAL F 495 37.98 -1.51 -22.97
C VAL F 495 36.67 -0.94 -23.52
N ILE F 496 36.79 0.13 -24.32
CA ILE F 496 35.59 0.78 -24.84
C ILE F 496 34.86 -0.15 -25.80
N LYS F 497 35.62 -0.82 -26.68
CA LYS F 497 35.03 -1.73 -27.66
C LYS F 497 34.27 -2.85 -26.95
N ASP F 498 34.90 -3.43 -25.93
CA ASP F 498 34.30 -4.54 -25.20
C ASP F 498 33.02 -4.07 -24.53
N LEU F 499 33.07 -2.88 -23.92
CA LEU F 499 31.93 -2.33 -23.19
C LEU F 499 30.78 -2.02 -24.14
N LEU F 500 31.09 -1.57 -25.36
CA LEU F 500 30.06 -1.35 -26.36
C LEU F 500 29.41 -2.67 -26.77
N ASP F 501 30.23 -3.71 -26.99
CA ASP F 501 29.70 -5.02 -27.33
C ASP F 501 28.85 -5.56 -26.20
N LEU F 502 29.29 -5.32 -24.95
CA LEU F 502 28.54 -5.73 -23.78
C LEU F 502 27.18 -5.05 -23.78
N THR F 503 27.15 -3.74 -24.09
CA THR F 503 25.89 -3.00 -24.12
C THR F 503 24.93 -3.63 -25.12
N VAL F 504 25.46 -4.04 -26.29
CA VAL F 504 24.64 -4.66 -27.32
C VAL F 504 24.08 -5.98 -26.78
N LYS F 505 24.93 -6.72 -26.07
CA LYS F 505 24.61 -8.05 -25.57
C LYS F 505 23.62 -7.98 -24.40
N LYS F 506 23.79 -7.00 -23.51
CA LYS F 506 22.89 -6.82 -22.38
C LYS F 506 21.49 -6.47 -22.86
N ARG F 507 20.49 -7.06 -22.22
CA ARG F 507 19.09 -6.81 -22.54
C ARG F 507 18.47 -5.92 -21.47
N GLY F 508 17.54 -5.05 -21.88
CA GLY F 508 16.84 -4.18 -20.95
C GLY F 508 17.47 -2.79 -20.89
N LYS F 509 16.62 -1.78 -20.67
CA LYS F 509 17.06 -0.40 -20.70
C LYS F 509 17.96 -0.12 -19.49
N ASP F 510 17.65 -0.77 -18.36
CA ASP F 510 18.39 -0.58 -17.13
C ASP F 510 19.86 -0.94 -17.32
N ASN F 511 20.09 -2.19 -17.76
CA ASN F 511 21.43 -2.73 -17.94
C ASN F 511 22.21 -1.90 -18.96
N LYS F 512 21.56 -1.59 -20.08
CA LYS F 512 22.22 -0.84 -21.14
C LYS F 512 22.65 0.52 -20.60
N ALA F 513 21.78 1.16 -19.82
CA ALA F 513 22.05 2.47 -19.25
C ALA F 513 23.27 2.40 -18.33
N VAL F 514 23.33 1.34 -17.51
CA VAL F 514 24.42 1.16 -16.56
C VAL F 514 25.74 1.08 -17.32
N VAL F 515 25.78 0.22 -18.34
CA VAL F 515 27.00 -0.03 -19.10
C VAL F 515 27.36 1.22 -19.89
N ALA F 516 26.35 1.87 -20.48
CA ALA F 516 26.64 3.08 -21.23
C ALA F 516 27.25 4.14 -20.30
N SER F 517 26.65 4.33 -19.12
CA SER F 517 27.15 5.33 -18.18
C SER F 517 28.59 5.04 -17.82
N ASP F 518 28.92 3.74 -17.70
CA ASP F 518 30.27 3.28 -17.41
C ASP F 518 31.20 3.62 -18.56
N ILE F 519 30.74 3.41 -19.81
CA ILE F 519 31.51 3.74 -21.00
C ILE F 519 31.86 5.22 -20.96
N MET F 520 30.88 6.06 -20.62
CA MET F 520 31.11 7.49 -20.64
C MET F 520 32.08 7.86 -19.53
N TYR F 521 31.92 7.22 -18.35
CA TYR F 521 32.82 7.51 -17.26
C TYR F 521 34.26 7.20 -17.67
N VAL F 522 34.47 6.01 -18.26
CA VAL F 522 35.79 5.58 -18.68
C VAL F 522 36.35 6.57 -19.69
N VAL F 523 35.56 6.92 -20.73
CA VAL F 523 36.03 7.83 -21.77
C VAL F 523 36.41 9.17 -21.15
N GLY F 524 35.57 9.63 -20.20
CA GLY F 524 35.79 10.91 -19.55
C GLY F 524 37.05 10.88 -18.68
N GLN F 525 37.47 9.66 -18.33
CA GLN F 525 38.61 9.51 -17.46
C GLN F 525 39.91 9.47 -18.26
N TYR F 526 39.82 9.33 -19.58
CA TYR F 526 41.00 9.26 -20.42
C TYR F 526 41.05 10.44 -21.38
N PRO F 527 41.31 11.67 -20.89
CA PRO F 527 41.31 12.85 -21.76
C PRO F 527 42.43 12.78 -22.80
N ARG F 528 43.52 12.07 -22.49
CA ARG F 528 44.63 12.05 -23.43
C ARG F 528 44.21 11.38 -24.73
N PHE F 529 43.37 10.35 -24.60
CA PHE F 529 42.93 9.60 -25.76
C PHE F 529 42.00 10.47 -26.61
N LEU F 530 41.18 11.28 -25.93
CA LEU F 530 40.23 12.16 -26.60
C LEU F 530 40.99 13.24 -27.37
N LYS F 531 42.04 13.79 -26.75
CA LYS F 531 42.80 14.87 -27.35
C LYS F 531 43.54 14.39 -28.60
N ALA F 532 43.99 13.13 -28.58
CA ALA F 532 44.82 12.59 -29.63
C ALA F 532 43.97 12.15 -30.81
N HIS F 533 42.66 12.03 -30.62
CA HIS F 533 41.77 11.51 -31.65
C HIS F 533 40.47 12.31 -31.67
N TRP F 534 40.43 13.34 -32.53
CA TRP F 534 39.31 14.27 -32.59
C TRP F 534 38.01 13.56 -32.99
N ASN F 535 38.09 12.75 -34.03
CA ASN F 535 36.95 11.98 -34.51
C ASN F 535 36.22 11.33 -33.33
N PHE F 536 36.97 10.62 -32.46
CA PHE F 536 36.39 9.93 -31.32
C PHE F 536 35.72 10.94 -30.37
N LEU F 537 36.43 12.03 -30.08
CA LEU F 537 35.94 13.05 -29.19
C LEU F 537 34.59 13.57 -29.71
N ARG F 538 34.53 13.84 -31.01
CA ARG F 538 33.31 14.35 -31.60
C ARG F 538 32.18 13.33 -31.44
N THR F 539 32.49 12.06 -31.75
CA THR F 539 31.48 11.01 -31.73
C THR F 539 30.91 10.89 -30.31
N VAL F 540 31.79 11.00 -29.31
CA VAL F 540 31.40 10.92 -27.92
C VAL F 540 30.49 12.12 -27.58
N ILE F 541 30.94 13.33 -27.94
CA ILE F 541 30.17 14.53 -27.62
C ILE F 541 28.78 14.44 -28.25
N LEU F 542 28.71 13.99 -29.51
CA LEU F 542 27.41 13.87 -30.14
C LEU F 542 26.58 12.81 -29.44
N LYS F 543 27.19 11.67 -29.10
CA LYS F 543 26.47 10.62 -28.41
C LYS F 543 25.92 11.16 -27.08
N LEU F 544 26.69 12.03 -26.42
CA LEU F 544 26.25 12.64 -25.19
C LEU F 544 25.05 13.55 -25.47
N PHE F 545 25.15 14.33 -26.55
CA PHE F 545 24.03 15.17 -26.94
C PHE F 545 22.80 14.30 -27.13
N GLU F 546 22.98 13.17 -27.81
CA GLU F 546 21.88 12.27 -28.10
C GLU F 546 21.29 11.76 -26.78
N PHE F 547 22.16 11.52 -25.80
CA PHE F 547 21.73 10.99 -24.52
C PHE F 547 20.94 12.06 -23.78
N MET F 548 21.20 13.33 -24.12
CA MET F 548 20.59 14.43 -23.40
C MET F 548 19.09 14.48 -23.65
N HIS F 549 18.59 13.65 -24.58
CA HIS F 549 17.16 13.56 -24.83
C HIS F 549 16.56 12.28 -24.22
N GLU F 550 17.36 11.52 -23.48
CA GLU F 550 16.90 10.26 -22.91
C GLU F 550 16.26 10.48 -21.55
N THR F 551 15.03 9.99 -21.37
CA THR F 551 14.31 10.32 -20.14
C THR F 551 14.67 9.33 -19.02
N HIS F 552 15.37 8.24 -19.39
CA HIS F 552 15.73 7.22 -18.44
C HIS F 552 16.46 7.82 -17.24
N GLU F 553 16.04 7.43 -16.04
CA GLU F 553 16.44 8.06 -14.80
C GLU F 553 17.97 8.00 -14.67
N GLY F 554 18.60 9.18 -14.66
CA GLY F 554 20.02 9.28 -14.42
C GLY F 554 20.83 9.54 -15.69
N VAL F 555 20.29 9.13 -16.84
CA VAL F 555 21.03 9.18 -18.09
C VAL F 555 21.38 10.62 -18.47
N GLN F 556 20.41 11.54 -18.31
CA GLN F 556 20.63 12.92 -18.72
C GLN F 556 21.70 13.57 -17.86
N ASP F 557 21.62 13.33 -16.55
CA ASP F 557 22.62 13.84 -15.63
C ASP F 557 23.99 13.28 -15.99
N MET F 558 24.03 12.01 -16.42
CA MET F 558 25.27 11.34 -16.74
C MET F 558 25.89 12.03 -17.96
N ALA F 559 25.03 12.29 -18.96
CA ALA F 559 25.48 12.90 -20.20
C ALA F 559 26.00 14.31 -19.94
N CYS F 560 25.30 15.05 -19.08
CA CYS F 560 25.72 16.43 -18.83
C CYS F 560 27.03 16.44 -18.07
N ASP F 561 27.11 15.58 -17.05
CA ASP F 561 28.29 15.49 -16.20
C ASP F 561 29.50 15.12 -17.04
N THR F 562 29.35 14.12 -17.93
CA THR F 562 30.40 13.67 -18.82
C THR F 562 30.83 14.80 -19.75
N PHE F 563 29.84 15.50 -20.33
CA PHE F 563 30.08 16.58 -21.26
C PHE F 563 30.95 17.65 -20.61
N ILE F 564 30.52 18.12 -19.44
CA ILE F 564 31.23 19.23 -18.83
C ILE F 564 32.60 18.75 -18.35
N LYS F 565 32.66 17.50 -17.88
CA LYS F 565 33.92 16.92 -17.47
C LYS F 565 34.86 16.84 -18.67
N ILE F 566 34.36 16.35 -19.80
CA ILE F 566 35.22 16.21 -20.97
C ILE F 566 35.71 17.57 -21.44
N VAL F 567 34.86 18.60 -21.36
CA VAL F 567 35.28 19.89 -21.89
C VAL F 567 36.29 20.53 -20.94
N GLN F 568 36.16 20.27 -19.64
CA GLN F 568 37.06 20.88 -18.66
C GLN F 568 38.50 20.54 -19.04
N LYS F 569 38.69 19.34 -19.61
CA LYS F 569 40.03 18.84 -19.90
C LYS F 569 40.39 19.05 -21.36
N CYS F 570 39.39 19.09 -22.24
CA CYS F 570 39.64 19.04 -23.68
C CYS F 570 39.15 20.32 -24.37
N LYS F 571 39.09 21.42 -23.62
CA LYS F 571 38.46 22.65 -24.10
C LYS F 571 39.10 23.12 -25.39
N TYR F 572 40.43 22.95 -25.50
CA TYR F 572 41.14 23.52 -26.62
C TYR F 572 40.66 22.90 -27.93
N HIS F 573 40.15 21.67 -27.87
CA HIS F 573 39.83 20.98 -29.11
C HIS F 573 38.46 21.42 -29.64
N PHE F 574 37.77 22.26 -28.86
CA PHE F 574 36.47 22.74 -29.27
C PHE F 574 36.58 24.13 -29.92
N VAL F 575 37.59 24.92 -29.52
CA VAL F 575 37.70 26.29 -29.99
C VAL F 575 38.50 26.38 -31.28
N ILE F 576 39.32 25.36 -31.58
CA ILE F 576 40.11 25.41 -32.81
C ILE F 576 39.35 24.69 -33.91
N GLN F 577 39.64 25.07 -35.15
CA GLN F 577 39.07 24.38 -36.27
C GLN F 577 39.88 23.11 -36.50
N GLN F 578 39.25 21.97 -36.19
CA GLN F 578 39.91 20.70 -36.41
C GLN F 578 39.98 20.43 -37.91
N PRO F 579 41.09 19.85 -38.41
CA PRO F 579 41.18 19.51 -39.83
C PRO F 579 40.06 18.54 -40.14
N ARG F 580 39.44 18.71 -41.32
CA ARG F 580 38.31 17.90 -41.78
C ARG F 580 37.03 18.47 -41.21
N GLU F 581 37.14 19.58 -40.48
CA GLU F 581 35.98 20.22 -39.87
C GLU F 581 35.83 21.63 -40.43
N SER F 582 34.58 22.01 -40.73
CA SER F 582 34.27 23.26 -41.40
C SER F 582 34.40 24.46 -40.47
N GLU F 583 34.36 24.23 -39.15
CA GLU F 583 34.35 25.31 -38.16
C GLU F 583 34.76 24.77 -36.79
N PRO F 584 35.20 25.62 -35.83
CA PRO F 584 35.34 25.18 -34.44
C PRO F 584 34.06 24.53 -33.93
N PHE F 585 34.20 23.47 -33.15
CA PHE F 585 33.04 22.68 -32.74
C PHE F 585 32.16 23.46 -31.76
N ILE F 586 32.74 24.48 -31.11
CA ILE F 586 31.98 25.34 -30.21
C ILE F 586 30.85 26.02 -30.98
N GLN F 587 31.13 26.42 -32.22
CA GLN F 587 30.12 27.05 -33.04
C GLN F 587 29.00 26.05 -33.34
N THR F 588 29.37 24.79 -33.60
CA THR F 588 28.41 23.75 -33.89
C THR F 588 27.51 23.51 -32.67
N ILE F 589 28.12 23.53 -31.48
CA ILE F 589 27.41 23.30 -30.23
C ILE F 589 26.45 24.46 -30.00
N ILE F 590 26.93 25.70 -30.20
CA ILE F 590 26.13 26.88 -29.94
C ILE F 590 24.96 26.96 -30.92
N ARG F 591 25.21 26.59 -32.19
CA ARG F 591 24.14 26.61 -33.17
C ARG F 591 22.95 25.80 -32.67
N ASP F 592 23.20 24.56 -32.27
CA ASP F 592 22.08 23.65 -32.09
C ASP F 592 21.68 23.57 -30.62
N ILE F 593 22.13 24.53 -29.82
CA ILE F 593 21.98 24.46 -28.37
C ILE F 593 20.51 24.30 -27.97
N GLN F 594 19.61 24.88 -28.77
CA GLN F 594 18.19 24.81 -28.44
C GLN F 594 17.73 23.36 -28.53
N LYS F 595 18.12 22.72 -29.64
CA LYS F 595 17.66 21.39 -29.99
C LYS F 595 18.28 20.40 -29.02
N THR F 596 19.58 20.55 -28.79
CA THR F 596 20.38 19.71 -27.91
C THR F 596 19.80 19.71 -26.49
N THR F 597 19.49 20.90 -25.97
CA THR F 597 19.17 21.03 -24.56
C THR F 597 17.66 21.06 -24.32
N ALA F 598 16.89 20.73 -25.37
CA ALA F 598 15.44 20.89 -25.34
C ALA F 598 14.82 20.05 -24.23
N ASP F 599 15.34 18.84 -24.02
CA ASP F 599 14.71 17.89 -23.12
C ASP F 599 15.34 17.92 -21.73
N LEU F 600 16.43 18.68 -21.58
CA LEU F 600 17.15 18.72 -20.32
C LEU F 600 16.32 19.44 -19.24
N GLN F 601 16.57 19.07 -17.99
CA GLN F 601 16.08 19.80 -16.84
C GLN F 601 16.78 21.15 -16.79
N PRO F 602 16.19 22.17 -16.09
CA PRO F 602 16.79 23.50 -16.01
C PRO F 602 18.26 23.43 -15.60
N GLN F 603 18.55 22.64 -14.56
CA GLN F 603 19.87 22.62 -13.97
C GLN F 603 20.88 21.99 -14.93
N GLN F 604 20.41 20.98 -15.68
CA GLN F 604 21.23 20.35 -16.70
C GLN F 604 21.51 21.36 -17.82
N VAL F 605 20.52 22.19 -18.13
CA VAL F 605 20.76 23.20 -19.14
C VAL F 605 21.85 24.13 -18.64
N HIS F 606 21.74 24.57 -17.39
CA HIS F 606 22.73 25.45 -16.81
C HIS F 606 24.12 24.84 -16.91
N THR F 607 24.22 23.53 -16.65
CA THR F 607 25.50 22.84 -16.73
C THR F 607 26.02 22.87 -18.17
N PHE F 608 25.10 22.69 -19.12
CA PHE F 608 25.47 22.72 -20.53
C PHE F 608 26.02 24.09 -20.88
N TYR F 609 25.38 25.14 -20.40
CA TYR F 609 25.88 26.48 -20.71
C TYR F 609 27.23 26.70 -20.03
N LYS F 610 27.37 26.20 -18.81
CA LYS F 610 28.62 26.29 -18.06
C LYS F 610 29.72 25.63 -18.89
N ALA F 611 29.39 24.48 -19.50
CA ALA F 611 30.36 23.79 -20.33
C ALA F 611 30.77 24.67 -21.49
N CYS F 612 29.76 25.27 -22.14
CA CYS F 612 30.02 26.07 -23.32
C CYS F 612 30.88 27.27 -22.95
N GLY F 613 30.64 27.81 -21.75
CA GLY F 613 31.45 28.90 -21.23
C GLY F 613 32.91 28.50 -21.03
N ILE F 614 33.13 27.31 -20.46
CA ILE F 614 34.48 26.77 -20.30
C ILE F 614 35.18 26.83 -21.65
N ILE F 615 34.47 26.35 -22.68
CA ILE F 615 35.02 26.25 -24.02
C ILE F 615 35.32 27.65 -24.55
N ILE F 616 34.34 28.56 -24.40
CA ILE F 616 34.45 29.88 -24.99
C ILE F 616 35.65 30.63 -24.41
N SER F 617 35.91 30.47 -23.10
CA SER F 617 36.99 31.21 -22.48
C SER F 617 38.35 30.83 -23.05
N GLU F 618 38.37 29.77 -23.86
CA GLU F 618 39.61 29.32 -24.50
C GLU F 618 39.94 30.20 -25.71
N GLU F 619 38.91 30.71 -26.38
CA GLU F 619 39.11 31.69 -27.46
C GLU F 619 39.70 32.98 -26.92
N ARG F 620 40.88 33.34 -27.41
CA ARG F 620 41.68 34.41 -26.84
C ARG F 620 41.40 35.74 -27.54
N SER F 621 40.93 35.67 -28.79
CA SER F 621 40.56 36.88 -29.53
C SER F 621 39.28 37.43 -28.92
N VAL F 622 39.34 38.68 -28.46
CA VAL F 622 38.26 39.23 -27.67
C VAL F 622 37.01 39.29 -28.53
N ALA F 623 37.20 39.63 -29.80
CA ALA F 623 36.07 39.82 -30.70
C ALA F 623 35.34 38.49 -30.87
N GLU F 624 36.09 37.44 -31.19
N GLU F 624 36.08 37.43 -31.20
CA GLU F 624 35.47 36.17 -31.50
CA GLU F 624 35.45 36.17 -31.52
C GLU F 624 34.90 35.56 -30.23
C GLU F 624 34.92 35.53 -30.23
N ARG F 625 35.53 35.86 -29.09
CA ARG F 625 35.10 35.28 -27.84
C ARG F 625 33.76 35.91 -27.47
N ASN F 626 33.73 37.25 -27.56
CA ASN F 626 32.53 37.99 -27.24
C ASN F 626 31.37 37.55 -28.13
N ARG F 627 31.67 37.27 -29.41
CA ARG F 627 30.64 36.84 -30.34
C ARG F 627 30.11 35.48 -29.91
N LEU F 628 31.02 34.55 -29.60
CA LEU F 628 30.63 33.21 -29.15
C LEU F 628 29.77 33.31 -27.90
N LEU F 629 30.20 34.15 -26.94
CA LEU F 629 29.45 34.38 -25.72
C LEU F 629 28.06 34.92 -26.04
N SER F 630 27.98 35.95 -26.91
CA SER F 630 26.72 36.53 -27.33
C SER F 630 25.83 35.46 -27.99
N ASP F 631 26.39 34.69 -28.93
CA ASP F 631 25.62 33.67 -29.62
C ASP F 631 25.05 32.67 -28.63
N LEU F 632 25.88 32.25 -27.68
CA LEU F 632 25.52 31.29 -26.64
C LEU F 632 24.38 31.84 -25.80
N MET F 633 24.50 33.12 -25.41
CA MET F 633 23.56 33.73 -24.48
C MET F 633 22.30 34.22 -25.19
N GLN F 634 22.19 34.00 -26.51
CA GLN F 634 21.08 34.55 -27.29
C GLN F 634 19.73 34.16 -26.70
N LEU F 635 19.45 32.87 -26.53
CA LEU F 635 18.14 32.47 -26.05
C LEU F 635 17.79 33.16 -24.73
N PRO F 636 18.59 33.02 -23.64
CA PRO F 636 18.29 33.71 -22.39
C PRO F 636 18.26 35.23 -22.57
N ASN F 637 19.13 35.74 -23.45
CA ASN F 637 19.17 37.18 -23.72
C ASN F 637 17.84 37.65 -24.28
N MET F 638 17.27 36.86 -25.18
CA MET F 638 16.05 37.22 -25.87
C MET F 638 14.89 37.15 -24.89
N ALA F 639 14.80 36.08 -24.09
CA ALA F 639 13.72 36.02 -23.13
C ALA F 639 13.89 37.14 -22.09
N TRP F 640 15.14 37.53 -21.84
CA TRP F 640 15.43 38.58 -20.89
C TRP F 640 14.98 39.95 -21.43
N ASP F 641 15.21 40.18 -22.72
CA ASP F 641 14.75 41.39 -23.39
C ASP F 641 13.24 41.53 -23.26
N THR F 642 12.50 40.47 -23.64
CA THR F 642 11.05 40.54 -23.61
C THR F 642 10.57 40.72 -22.18
N ILE F 643 11.38 40.33 -21.19
CA ILE F 643 10.94 40.35 -19.81
C ILE F 643 11.22 41.72 -19.20
N VAL F 644 12.33 42.33 -19.61
CA VAL F 644 12.73 43.61 -19.06
C VAL F 644 11.74 44.65 -19.54
N GLU F 645 11.28 44.47 -20.78
CA GLU F 645 10.33 45.41 -21.34
C GLU F 645 9.05 45.37 -20.49
N GLN F 646 8.59 44.15 -20.22
CA GLN F 646 7.31 43.99 -19.55
C GLN F 646 7.42 44.37 -18.08
N SER F 647 8.58 44.10 -17.46
CA SER F 647 8.81 44.38 -16.06
C SER F 647 8.86 45.88 -15.81
N THR F 648 9.66 46.58 -16.64
CA THR F 648 9.81 48.02 -16.49
C THR F 648 8.42 48.64 -16.50
N ALA F 649 7.62 48.20 -17.47
CA ALA F 649 6.28 48.72 -17.72
C ALA F 649 5.28 48.24 -16.67
N ASN F 650 5.23 46.92 -16.45
CA ASN F 650 4.11 46.28 -15.79
C ASN F 650 4.60 45.73 -14.45
N PRO F 651 4.19 46.27 -13.28
CA PRO F 651 4.59 45.69 -11.99
C PRO F 651 4.08 44.26 -11.83
N THR F 652 2.88 44.06 -12.38
CA THR F 652 2.10 42.85 -12.26
C THR F 652 2.80 41.67 -12.92
N LEU F 653 3.79 41.92 -13.80
CA LEU F 653 4.48 40.80 -14.44
C LEU F 653 5.07 39.85 -13.39
N LEU F 654 5.56 40.44 -12.30
CA LEU F 654 6.23 39.63 -11.30
C LEU F 654 5.22 38.83 -10.49
N LEU F 655 3.93 38.90 -10.85
CA LEU F 655 2.95 38.10 -10.15
C LEU F 655 2.82 36.76 -10.86
N ASP F 656 3.28 36.66 -12.12
CA ASP F 656 3.10 35.42 -12.86
C ASP F 656 4.18 34.41 -12.47
N SER F 657 3.78 33.25 -11.92
CA SER F 657 4.72 32.27 -11.42
C SER F 657 5.60 31.75 -12.55
N GLU F 658 4.99 31.61 -13.72
CA GLU F 658 5.71 31.05 -14.86
C GLU F 658 6.82 32.01 -15.30
N THR F 659 6.56 33.32 -15.15
CA THR F 659 7.54 34.30 -15.56
C THR F 659 8.69 34.33 -14.56
N VAL F 660 8.33 34.23 -13.27
CA VAL F 660 9.32 34.22 -12.22
C VAL F 660 10.27 33.05 -12.42
N LYS F 661 9.71 31.90 -12.81
CA LYS F 661 10.51 30.74 -13.16
C LYS F 661 11.48 31.11 -14.27
N ILE F 662 10.96 31.62 -15.39
CA ILE F 662 11.78 31.96 -16.54
C ILE F 662 12.89 32.92 -16.13
N ILE F 663 12.58 33.91 -15.29
CA ILE F 663 13.56 34.90 -14.85
C ILE F 663 14.66 34.22 -14.04
N ALA F 664 14.25 33.38 -13.08
CA ALA F 664 15.19 32.59 -12.31
C ALA F 664 16.13 31.85 -13.24
N ASN F 665 15.58 31.12 -14.24
CA ASN F 665 16.40 30.33 -15.15
C ASN F 665 17.35 31.21 -15.94
N ILE F 666 16.91 32.43 -16.28
CA ILE F 666 17.76 33.32 -17.05
C ILE F 666 18.99 33.66 -16.23
N ILE F 667 18.75 34.11 -14.99
CA ILE F 667 19.83 34.56 -14.14
C ILE F 667 20.71 33.38 -13.77
N LYS F 668 20.10 32.20 -13.58
CA LYS F 668 20.86 31.00 -13.27
C LYS F 668 21.81 30.68 -14.42
N THR F 669 21.33 30.81 -15.67
CA THR F 669 22.16 30.57 -16.85
C THR F 669 23.31 31.56 -16.86
N ASN F 670 23.04 32.81 -16.43
CA ASN F 670 24.08 33.81 -16.41
C ASN F 670 25.13 33.42 -15.39
N VAL F 671 24.65 32.97 -14.22
CA VAL F 671 25.50 32.53 -13.13
C VAL F 671 26.42 31.40 -13.63
N ALA F 672 25.84 30.40 -14.32
CA ALA F 672 26.58 29.27 -14.82
C ALA F 672 27.70 29.73 -15.74
N VAL F 673 27.36 30.55 -16.74
CA VAL F 673 28.32 30.96 -17.75
C VAL F 673 29.38 31.86 -17.11
N CYS F 674 28.95 32.66 -16.12
CA CYS F 674 29.88 33.54 -15.44
C CYS F 674 30.88 32.73 -14.62
N THR F 675 30.39 31.66 -13.99
CA THR F 675 31.25 30.74 -13.26
C THR F 675 32.40 30.26 -14.17
N SER F 676 32.07 29.76 -15.36
CA SER F 676 33.04 29.17 -16.26
C SER F 676 33.97 30.23 -16.85
N MET F 677 33.47 31.47 -17.01
CA MET F 677 34.11 32.43 -17.91
C MET F 677 34.80 33.55 -17.15
N GLY F 678 34.37 33.79 -15.91
CA GLY F 678 35.10 34.68 -15.03
C GLY F 678 35.13 36.09 -15.59
N ALA F 679 36.34 36.69 -15.68
CA ALA F 679 36.45 38.08 -16.10
C ALA F 679 35.92 38.22 -17.53
N ASP F 680 36.06 37.16 -18.32
CA ASP F 680 35.64 37.15 -19.72
C ASP F 680 34.14 37.33 -19.87
N PHE F 681 33.39 37.21 -18.78
CA PHE F 681 31.94 37.24 -18.86
C PHE F 681 31.43 38.68 -18.89
N TYR F 682 32.32 39.66 -18.68
CA TYR F 682 31.91 41.03 -18.40
C TYR F 682 30.95 41.57 -19.45
N PRO F 683 31.22 41.42 -20.78
CA PRO F 683 30.26 41.83 -21.82
C PRO F 683 28.83 41.39 -21.55
N GLN F 684 28.63 40.10 -21.24
CA GLN F 684 27.30 39.59 -20.95
C GLN F 684 26.75 40.30 -19.71
N LEU F 685 27.58 40.41 -18.67
CA LEU F 685 27.08 41.06 -17.47
C LEU F 685 26.59 42.46 -17.81
N GLY F 686 27.39 43.18 -18.61
CA GLY F 686 27.06 44.55 -18.98
C GLY F 686 25.78 44.61 -19.82
N HIS F 687 25.54 43.53 -20.57
CA HIS F 687 24.36 43.42 -21.40
C HIS F 687 23.09 43.35 -20.55
N ILE F 688 23.15 42.80 -19.33
CA ILE F 688 21.93 42.60 -18.55
C ILE F 688 21.99 43.34 -17.22
N TYR F 689 23.02 44.13 -16.96
CA TYR F 689 23.36 44.48 -15.59
C TYR F 689 22.34 45.44 -14.98
N TYR F 690 22.23 46.64 -15.56
CA TYR F 690 21.43 47.72 -14.98
C TYR F 690 19.97 47.27 -14.91
N ASN F 691 19.50 46.57 -15.95
CA ASN F 691 18.13 46.09 -15.98
C ASN F 691 17.90 45.03 -14.91
N MET F 692 18.90 44.17 -14.74
CA MET F 692 18.85 43.15 -13.71
C MET F 692 18.73 43.79 -12.34
N LEU F 693 19.53 44.82 -12.09
CA LEU F 693 19.46 45.50 -10.80
C LEU F 693 18.08 46.11 -10.59
N GLN F 694 17.48 46.68 -11.66
CA GLN F 694 16.14 47.23 -11.57
C GLN F 694 15.15 46.13 -11.20
N LEU F 695 15.22 44.99 -11.90
CA LEU F 695 14.36 43.86 -11.61
C LEU F 695 14.53 43.40 -10.16
N TYR F 696 15.78 43.42 -9.69
CA TYR F 696 16.07 43.17 -8.28
C TYR F 696 15.25 44.10 -7.39
N ARG F 697 15.33 45.42 -7.63
CA ARG F 697 14.62 46.40 -6.82
C ARG F 697 13.13 46.09 -6.79
N ALA F 698 12.61 45.60 -7.92
CA ALA F 698 11.18 45.33 -8.04
C ALA F 698 10.83 44.11 -7.18
N VAL F 699 11.59 43.03 -7.38
CA VAL F 699 11.30 41.77 -6.72
C VAL F 699 11.48 41.95 -5.21
N SER F 700 12.52 42.72 -4.82
CA SER F 700 12.74 42.98 -3.42
C SER F 700 11.60 43.78 -2.81
N SER F 701 11.12 44.83 -3.52
CA SER F 701 10.02 45.65 -3.03
C SER F 701 8.78 44.80 -2.80
N MET F 702 8.51 43.90 -3.77
CA MET F 702 7.36 43.03 -3.70
C MET F 702 7.48 42.08 -2.51
N ILE F 703 8.65 41.46 -2.36
CA ILE F 703 8.86 40.55 -1.24
C ILE F 703 8.59 41.29 0.08
N SER F 704 9.23 42.45 0.24
CA SER F 704 9.16 43.22 1.47
C SER F 704 7.72 43.66 1.76
N ALA F 705 7.01 44.15 0.74
CA ALA F 705 5.62 44.56 0.91
C ALA F 705 4.79 43.40 1.44
N GLN F 706 4.92 42.23 0.80
CA GLN F 706 4.05 41.11 1.09
C GLN F 706 4.33 40.56 2.48
N VAL F 707 5.62 40.56 2.85
CA VAL F 707 6.06 40.09 4.15
C VAL F 707 5.60 41.06 5.24
N ALA F 708 5.66 42.37 4.95
CA ALA F 708 5.19 43.36 5.90
C ALA F 708 3.70 43.15 6.13
N ALA F 709 2.98 42.84 5.04
CA ALA F 709 1.53 42.75 5.10
C ALA F 709 1.11 41.46 5.79
N GLU F 710 1.82 40.37 5.50
CA GLU F 710 1.29 39.06 5.86
C GLU F 710 2.02 38.45 7.06
N GLY F 711 3.25 38.88 7.30
CA GLY F 711 4.04 38.35 8.39
C GLY F 711 5.08 37.34 7.90
N LEU F 712 5.71 36.61 8.83
CA LEU F 712 6.80 35.71 8.52
C LEU F 712 6.34 34.61 7.57
N ILE F 713 5.08 34.17 7.74
CA ILE F 713 4.58 33.00 7.03
C ILE F 713 4.71 33.22 5.53
N ALA F 714 4.57 34.48 5.10
CA ALA F 714 4.65 34.90 3.71
C ALA F 714 5.97 34.44 3.08
N THR F 715 7.04 34.37 3.89
CA THR F 715 8.36 34.03 3.39
C THR F 715 8.40 32.57 2.94
N LYS F 716 7.39 31.78 3.33
CA LYS F 716 7.36 30.36 3.02
C LYS F 716 6.47 30.09 1.81
N THR F 717 5.69 31.10 1.38
CA THR F 717 4.73 30.93 0.30
C THR F 717 5.48 30.72 -1.02
N PRO F 718 4.98 29.84 -1.93
CA PRO F 718 5.64 29.58 -3.22
C PRO F 718 6.05 30.83 -3.99
N LYS F 719 5.15 31.83 -4.00
CA LYS F 719 5.34 33.10 -4.69
C LYS F 719 6.59 33.82 -4.17
N VAL F 720 6.66 34.03 -2.85
CA VAL F 720 7.79 34.71 -2.24
C VAL F 720 9.05 33.85 -2.39
N ARG F 721 8.89 32.52 -2.33
CA ARG F 721 10.04 31.64 -2.52
C ARG F 721 10.67 31.86 -3.90
N GLY F 722 9.83 31.88 -4.94
CA GLY F 722 10.27 32.10 -6.31
C GLY F 722 10.93 33.47 -6.48
N LEU F 723 10.36 34.48 -5.81
CA LEU F 723 10.87 35.83 -5.93
C LEU F 723 12.23 35.92 -5.25
N ARG F 724 12.37 35.24 -4.10
CA ARG F 724 13.62 35.24 -3.36
C ARG F 724 14.70 34.54 -4.17
N THR F 725 14.32 33.47 -4.90
CA THR F 725 15.24 32.80 -5.80
C THR F 725 15.84 33.82 -6.78
N ILE F 726 14.98 34.65 -7.39
CA ILE F 726 15.41 35.64 -8.37
C ILE F 726 16.39 36.60 -7.71
N LYS F 727 16.00 37.10 -6.54
CA LYS F 727 16.83 38.00 -5.76
C LYS F 727 18.20 37.37 -5.51
N LYS F 728 18.21 36.11 -5.00
CA LYS F 728 19.46 35.46 -4.63
C LYS F 728 20.33 35.19 -5.85
N GLU F 729 19.69 34.77 -6.96
CA GLU F 729 20.44 34.51 -8.18
C GLU F 729 21.12 35.77 -8.69
N ILE F 730 20.40 36.90 -8.65
CA ILE F 730 20.96 38.17 -9.09
C ILE F 730 22.19 38.51 -8.24
N LEU F 731 22.05 38.38 -6.92
CA LEU F 731 23.14 38.65 -5.99
C LEU F 731 24.29 37.69 -6.28
N LYS F 732 23.94 36.44 -6.61
CA LYS F 732 24.93 35.39 -6.88
C LYS F 732 25.70 35.74 -8.15
N LEU F 733 25.00 36.24 -9.17
CA LEU F 733 25.69 36.60 -10.40
C LEU F 733 26.68 37.72 -10.11
N VAL F 734 26.26 38.71 -9.33
CA VAL F 734 27.11 39.87 -9.14
C VAL F 734 28.37 39.45 -8.41
N GLU F 735 28.15 38.68 -7.32
CA GLU F 735 29.25 38.19 -6.50
C GLU F 735 30.18 37.33 -7.36
N THR F 736 29.60 36.44 -8.17
CA THR F 736 30.37 35.58 -9.04
C THR F 736 31.29 36.41 -9.94
N TYR F 737 30.71 37.38 -10.67
CA TYR F 737 31.56 38.16 -11.56
C TYR F 737 32.62 38.92 -10.77
N ILE F 738 32.20 39.64 -9.73
CA ILE F 738 33.15 40.51 -9.05
C ILE F 738 34.27 39.68 -8.41
N SER F 739 33.94 38.49 -7.90
CA SER F 739 34.98 37.68 -7.31
C SER F 739 36.03 37.31 -8.36
N LYS F 740 35.58 36.99 -9.58
CA LYS F 740 36.48 36.50 -10.62
C LYS F 740 37.01 37.64 -11.50
N ALA F 741 36.68 38.88 -11.17
CA ALA F 741 36.89 39.97 -12.11
C ALA F 741 38.39 40.26 -12.20
N ARG F 742 38.85 40.66 -13.40
CA ARG F 742 40.24 41.04 -13.64
C ARG F 742 40.34 42.57 -13.74
N ASN F 743 39.43 43.17 -14.53
CA ASN F 743 39.37 44.61 -14.77
C ASN F 743 38.63 45.29 -13.62
N LEU F 744 39.40 45.82 -12.66
CA LEU F 744 38.80 46.28 -11.43
C LEU F 744 38.32 47.72 -11.60
N ASP F 745 38.89 48.44 -12.56
CA ASP F 745 38.40 49.77 -12.83
C ASP F 745 36.92 49.71 -13.20
N ASP F 746 36.61 48.81 -14.12
CA ASP F 746 35.24 48.69 -14.62
C ASP F 746 34.32 48.33 -13.45
N VAL F 747 34.82 47.51 -12.52
CA VAL F 747 34.01 47.12 -11.39
C VAL F 747 33.66 48.36 -10.58
N VAL F 748 34.70 49.16 -10.27
CA VAL F 748 34.54 50.31 -9.38
C VAL F 748 33.64 51.36 -10.03
N LYS F 749 33.86 51.62 -11.31
CA LYS F 749 33.31 52.79 -11.99
C LYS F 749 31.99 52.48 -12.69
N VAL F 750 31.71 51.19 -12.92
CA VAL F 750 30.53 50.78 -13.70
C VAL F 750 29.59 49.93 -12.84
N LEU F 751 30.12 49.02 -12.02
CA LEU F 751 29.30 48.00 -11.39
C LEU F 751 28.95 48.36 -9.95
N VAL F 752 29.87 49.03 -9.25
CA VAL F 752 29.76 49.20 -7.81
C VAL F 752 28.58 50.10 -7.48
N GLU F 753 28.50 51.25 -8.16
CA GLU F 753 27.57 52.30 -7.78
C GLU F 753 26.12 51.87 -8.01
N PRO F 754 25.79 51.33 -9.21
CA PRO F 754 24.45 50.80 -9.46
C PRO F 754 24.07 49.76 -8.41
N LEU F 755 25.01 48.85 -8.13
CA LEU F 755 24.75 47.73 -7.23
C LEU F 755 24.43 48.27 -5.83
N LEU F 756 25.27 49.18 -5.35
CA LEU F 756 25.10 49.72 -4.00
C LEU F 756 23.75 50.43 -3.91
N ASN F 757 23.44 51.23 -4.94
CA ASN F 757 22.18 51.97 -4.95
C ASN F 757 21.01 50.99 -4.89
N ALA F 758 21.11 49.92 -5.69
CA ALA F 758 20.02 48.96 -5.79
C ALA F 758 19.79 48.26 -4.46
N VAL F 759 20.85 47.74 -3.82
CA VAL F 759 20.69 46.74 -2.78
C VAL F 759 20.75 47.34 -1.38
N LEU F 760 21.58 48.37 -1.18
CA LEU F 760 21.83 48.91 0.15
C LEU F 760 20.58 49.56 0.73
N GLU F 761 19.99 50.49 -0.04
CA GLU F 761 18.85 51.24 0.47
C GLU F 761 17.65 50.30 0.63
N ASP F 762 17.50 49.38 -0.34
CA ASP F 762 16.47 48.37 -0.29
C ASP F 762 16.61 47.55 0.99
N TYR F 763 17.84 47.10 1.29
CA TYR F 763 18.11 46.29 2.47
C TYR F 763 17.77 47.07 3.74
N MET F 764 18.18 48.34 3.80
CA MET F 764 17.83 49.12 4.98
C MET F 764 16.33 49.15 5.16
N ASN F 765 15.60 49.35 4.05
CA ASN F 765 14.19 49.69 4.10
C ASN F 765 13.34 48.42 4.13
N ASN F 766 13.93 47.28 3.80
CA ASN F 766 13.21 46.02 3.92
C ASN F 766 12.81 45.81 5.37
N VAL F 767 11.71 45.09 5.57
CA VAL F 767 11.38 44.63 6.91
C VAL F 767 12.37 43.53 7.26
N PRO F 768 12.68 43.32 8.56
CA PRO F 768 13.69 42.33 8.94
C PRO F 768 13.47 40.97 8.27
N ASP F 769 12.21 40.52 8.23
CA ASP F 769 11.91 39.18 7.75
C ASP F 769 12.02 39.08 6.24
N ALA F 770 12.42 40.18 5.57
CA ALA F 770 12.50 40.19 4.13
C ALA F 770 13.94 40.40 3.68
N ARG F 771 14.79 40.90 4.60
CA ARG F 771 16.18 41.14 4.29
C ARG F 771 16.87 39.81 4.01
N ASP F 772 17.69 39.79 2.95
CA ASP F 772 18.46 38.60 2.60
C ASP F 772 19.90 38.78 3.03
N ALA F 773 20.44 37.77 3.69
CA ALA F 773 21.83 37.88 4.11
C ALA F 773 22.73 37.85 2.88
N GLU F 774 22.24 37.28 1.77
CA GLU F 774 23.07 37.21 0.58
C GLU F 774 23.54 38.61 0.21
N VAL F 775 22.76 39.62 0.62
CA VAL F 775 23.14 41.01 0.37
C VAL F 775 24.46 41.27 1.09
N LEU F 776 24.54 40.88 2.36
CA LEU F 776 25.74 41.07 3.15
C LEU F 776 26.88 40.29 2.51
N ASN F 777 26.57 39.10 1.99
CA ASN F 777 27.60 38.27 1.38
C ASN F 777 28.15 38.97 0.15
N CYS F 778 27.24 39.47 -0.69
CA CYS F 778 27.61 40.18 -1.90
C CYS F 778 28.50 41.37 -1.51
N MET F 779 28.10 42.09 -0.45
CA MET F 779 28.86 43.24 -0.02
C MET F 779 30.24 42.81 0.48
N THR F 780 30.29 41.67 1.19
CA THR F 780 31.57 41.11 1.63
C THR F 780 32.49 40.91 0.44
N THR F 781 31.97 40.27 -0.63
CA THR F 781 32.77 39.99 -1.81
C THR F 781 33.20 41.30 -2.49
N VAL F 782 32.29 42.28 -2.53
CA VAL F 782 32.64 43.56 -3.15
C VAL F 782 33.78 44.21 -2.38
N VAL F 783 33.66 44.24 -1.04
CA VAL F 783 34.67 44.84 -0.18
C VAL F 783 36.00 44.09 -0.33
N GLU F 784 35.93 42.74 -0.38
CA GLU F 784 37.14 41.94 -0.49
C GLU F 784 37.89 42.33 -1.75
N LYS F 785 37.14 42.49 -2.85
CA LYS F 785 37.73 42.63 -4.17
C LYS F 785 38.22 44.06 -4.41
N VAL F 786 37.40 45.05 -4.07
CA VAL F 786 37.72 46.41 -4.52
C VAL F 786 37.53 47.43 -3.40
N GLY F 787 37.36 46.96 -2.16
CA GLY F 787 37.13 47.84 -1.02
C GLY F 787 38.25 48.86 -0.82
N HIS F 788 39.46 48.52 -1.30
CA HIS F 788 40.59 49.44 -1.14
C HIS F 788 40.39 50.64 -2.04
N MET F 789 39.49 50.51 -3.03
CA MET F 789 39.31 51.50 -4.07
C MET F 789 38.03 52.32 -3.84
N ILE F 790 37.15 51.86 -2.95
CA ILE F 790 35.85 52.49 -2.79
C ILE F 790 35.60 52.84 -1.33
N PRO F 791 36.38 53.78 -0.72
CA PRO F 791 36.20 54.11 0.69
C PRO F 791 34.78 54.61 0.97
N GLN F 792 34.26 55.47 0.08
CA GLN F 792 32.94 56.04 0.26
C GLN F 792 31.86 54.97 0.07
N GLY F 793 32.12 54.04 -0.85
CA GLY F 793 31.24 52.90 -1.04
C GLY F 793 31.15 52.05 0.23
N VAL F 794 32.32 51.77 0.83
CA VAL F 794 32.38 50.99 2.05
C VAL F 794 31.59 51.71 3.14
N ILE F 795 31.80 53.02 3.26
CA ILE F 795 31.11 53.80 4.28
C ILE F 795 29.61 53.68 4.08
N LEU F 796 29.19 53.65 2.81
CA LEU F 796 27.76 53.56 2.50
C LEU F 796 27.24 52.18 2.88
N ILE F 797 28.08 51.16 2.68
CA ILE F 797 27.71 49.80 3.04
C ILE F 797 27.45 49.73 4.55
N LEU F 798 28.37 50.29 5.34
CA LEU F 798 28.19 50.31 6.78
C LEU F 798 26.91 51.05 7.14
N GLN F 799 26.76 52.27 6.60
CA GLN F 799 25.60 53.09 6.93
C GLN F 799 24.30 52.37 6.59
N SER F 800 24.35 51.46 5.61
CA SER F 800 23.11 50.84 5.16
C SER F 800 22.80 49.57 5.96
N VAL F 801 23.82 48.80 6.36
CA VAL F 801 23.59 47.45 6.85
C VAL F 801 23.87 47.33 8.35
N PHE F 802 24.78 48.17 8.89
CA PHE F 802 25.35 47.91 10.20
C PHE F 802 24.27 47.92 11.28
N GLU F 803 23.68 49.11 11.51
CA GLU F 803 22.78 49.30 12.63
C GLU F 803 21.57 48.38 12.55
N CYS F 804 21.02 48.20 11.34
CA CYS F 804 19.77 47.46 11.20
C CYS F 804 20.00 45.95 11.34
N THR F 805 21.14 45.44 10.81
CA THR F 805 21.43 44.03 10.96
C THR F 805 21.75 43.72 12.42
N LEU F 806 22.55 44.60 13.04
CA LEU F 806 22.88 44.48 14.45
C LEU F 806 21.60 44.33 15.26
N ASP F 807 20.67 45.28 15.06
CA ASP F 807 19.44 45.34 15.81
C ASP F 807 18.58 44.08 15.55
N MET F 808 18.79 43.43 14.41
CA MET F 808 18.10 42.17 14.12
C MET F 808 18.65 41.06 15.02
N ILE F 809 19.98 41.04 15.22
CA ILE F 809 20.65 39.86 15.74
C ILE F 809 21.13 40.07 17.17
N ASN F 810 20.77 41.20 17.80
CA ASN F 810 21.31 41.47 19.12
C ASN F 810 20.24 41.23 20.19
N LYS F 811 19.20 40.46 19.84
CA LYS F 811 18.16 40.13 20.81
C LYS F 811 18.47 38.80 21.49
N ASP F 812 19.12 37.89 20.77
CA ASP F 812 19.49 36.58 21.29
C ASP F 812 20.59 36.01 20.39
N PHE F 813 20.82 34.69 20.47
CA PHE F 813 21.89 34.07 19.69
C PHE F 813 21.32 33.18 18.57
N THR F 814 19.99 33.20 18.43
CA THR F 814 19.28 32.19 17.66
C THR F 814 18.66 32.77 16.39
N GLU F 815 18.07 33.97 16.48
CA GLU F 815 17.32 34.60 15.39
C GLU F 815 18.27 35.01 14.26
N TYR F 816 17.82 34.80 13.01
CA TYR F 816 18.51 35.24 11.81
C TYR F 816 19.96 34.75 11.81
N PRO F 817 20.18 33.42 11.72
CA PRO F 817 21.54 32.88 11.82
C PRO F 817 22.42 33.27 10.63
N GLU F 818 21.83 33.23 9.42
CA GLU F 818 22.56 33.55 8.20
C GLU F 818 23.05 34.98 8.29
N HIS F 819 22.19 35.85 8.86
CA HIS F 819 22.48 37.26 9.02
C HIS F 819 23.68 37.45 9.95
N ARG F 820 23.69 36.71 11.06
CA ARG F 820 24.80 36.76 12.00
C ARG F 820 26.11 36.40 11.31
N VAL F 821 26.12 35.29 10.56
CA VAL F 821 27.32 34.80 9.92
C VAL F 821 27.85 35.86 8.97
N GLU F 822 26.96 36.36 8.10
CA GLU F 822 27.34 37.24 7.00
C GLU F 822 27.69 38.63 7.49
N PHE F 823 26.99 39.06 8.56
CA PHE F 823 27.22 40.34 9.18
C PHE F 823 28.66 40.45 9.66
N TYR F 824 29.13 39.41 10.36
CA TYR F 824 30.45 39.40 10.96
C TYR F 824 31.52 39.17 9.89
N LYS F 825 31.17 38.40 8.85
CA LYS F 825 32.08 38.27 7.72
C LYS F 825 32.35 39.64 7.11
N LEU F 826 31.28 40.43 6.96
CA LEU F 826 31.38 41.72 6.29
C LEU F 826 32.10 42.71 7.19
N LEU F 827 31.73 42.73 8.47
CA LEU F 827 32.45 43.57 9.43
C LEU F 827 33.94 43.28 9.35
N LYS F 828 34.30 41.98 9.28
CA LYS F 828 35.69 41.56 9.28
C LYS F 828 36.41 42.14 8.06
N VAL F 829 35.84 41.88 6.89
CA VAL F 829 36.50 42.26 5.65
C VAL F 829 36.61 43.78 5.56
N ILE F 830 35.59 44.49 6.06
CA ILE F 830 35.64 45.95 6.01
C ILE F 830 36.79 46.41 6.89
N ASN F 831 36.92 45.76 8.06
CA ASN F 831 37.92 46.12 9.04
C ASN F 831 39.32 45.88 8.47
N GLU F 832 39.45 44.86 7.61
CA GLU F 832 40.71 44.57 6.95
C GLU F 832 40.98 45.59 5.86
N LYS F 833 40.00 45.79 4.96
CA LYS F 833 40.27 46.47 3.70
C LYS F 833 40.09 47.98 3.82
N SER F 834 39.11 48.42 4.60
CA SER F 834 38.75 49.83 4.58
C SER F 834 38.47 50.30 6.00
N PHE F 835 39.45 50.12 6.89
CA PHE F 835 39.26 50.39 8.30
C PHE F 835 38.91 51.87 8.53
N ALA F 836 39.35 52.71 7.60
CA ALA F 836 39.02 54.13 7.60
C ALA F 836 37.54 54.36 7.82
N ALA F 837 36.70 53.43 7.32
CA ALA F 837 35.25 53.53 7.44
C ALA F 837 34.83 53.58 8.89
N PHE F 838 35.44 52.72 9.71
CA PHE F 838 35.14 52.67 11.14
C PHE F 838 35.56 53.96 11.83
N LEU F 839 36.61 54.60 11.30
CA LEU F 839 37.08 55.85 11.85
C LEU F 839 36.00 56.92 11.74
N GLU F 840 35.27 56.90 10.61
CA GLU F 840 34.38 58.00 10.25
C GLU F 840 32.99 57.82 10.88
N LEU F 841 32.74 56.68 11.53
CA LEU F 841 31.48 56.52 12.25
C LEU F 841 31.41 57.52 13.40
N PRO F 842 30.22 58.04 13.77
CA PRO F 842 30.07 58.82 14.99
C PRO F 842 30.48 58.01 16.22
N PRO F 843 30.89 58.66 17.32
CA PRO F 843 31.28 57.95 18.55
C PRO F 843 30.31 56.86 19.02
N ALA F 844 29.01 57.15 18.89
CA ALA F 844 27.93 56.23 19.24
C ALA F 844 27.99 54.99 18.35
N ALA F 845 28.31 55.18 17.07
CA ALA F 845 28.33 54.08 16.12
C ALA F 845 29.55 53.18 16.39
N PHE F 846 30.68 53.79 16.80
CA PHE F 846 31.88 53.04 17.10
C PHE F 846 31.65 52.21 18.36
N LYS F 847 30.98 52.80 19.36
CA LYS F 847 30.58 52.07 20.56
C LYS F 847 29.78 50.83 20.16
N LEU F 848 28.80 51.01 19.25
CA LEU F 848 27.97 49.92 18.77
C LEU F 848 28.82 48.86 18.09
N PHE F 849 29.87 49.30 17.42
CA PHE F 849 30.77 48.40 16.72
C PHE F 849 31.44 47.49 17.75
N VAL F 850 31.95 48.09 18.83
CA VAL F 850 32.67 47.34 19.85
C VAL F 850 31.69 46.37 20.51
N ASP F 851 30.46 46.85 20.79
CA ASP F 851 29.43 46.01 21.37
C ASP F 851 29.16 44.83 20.44
N ALA F 852 29.30 45.05 19.13
CA ALA F 852 28.94 44.02 18.16
C ALA F 852 30.03 42.97 18.13
N ILE F 853 31.27 43.42 18.31
CA ILE F 853 32.41 42.51 18.38
C ILE F 853 32.29 41.62 19.61
N CYS F 854 32.03 42.24 20.76
CA CYS F 854 31.90 41.51 22.03
C CYS F 854 30.66 40.62 21.99
N TRP F 855 29.66 41.02 21.21
CA TRP F 855 28.47 40.22 21.04
C TRP F 855 28.85 38.92 20.31
N ALA F 856 29.76 39.04 19.33
CA ALA F 856 30.18 37.89 18.56
C ALA F 856 31.00 36.97 19.45
N PHE F 857 31.68 37.57 20.44
CA PHE F 857 32.45 36.79 21.39
C PHE F 857 31.56 35.78 22.08
N LYS F 858 30.39 36.24 22.53
CA LYS F 858 29.55 35.49 23.45
C LYS F 858 28.73 34.45 22.70
N HIS F 859 28.89 34.40 21.36
CA HIS F 859 28.11 33.51 20.53
C HIS F 859 28.53 32.07 20.73
N ASN F 860 27.52 31.21 20.95
CA ASN F 860 27.73 29.77 21.09
C ASN F 860 27.65 29.18 19.69
N ASN F 861 28.38 29.79 18.76
CA ASN F 861 28.44 29.40 17.37
C ASN F 861 29.84 29.74 16.87
N ARG F 862 30.54 28.70 16.40
CA ARG F 862 31.96 28.78 16.06
C ARG F 862 32.17 29.79 14.93
N ASP F 863 31.28 29.78 13.93
CA ASP F 863 31.41 30.62 12.76
C ASP F 863 31.42 32.10 13.17
N VAL F 864 30.50 32.47 14.07
CA VAL F 864 30.40 33.85 14.52
C VAL F 864 31.56 34.16 15.46
N GLU F 865 31.87 33.22 16.36
CA GLU F 865 32.82 33.44 17.43
C GLU F 865 34.22 33.75 16.86
N VAL F 866 34.64 32.93 15.89
CA VAL F 866 35.97 33.04 15.32
C VAL F 866 36.12 34.40 14.64
N ASN F 867 35.06 34.80 13.93
CA ASN F 867 35.04 36.06 13.21
C ASN F 867 35.06 37.22 14.21
N GLY F 868 34.33 37.07 15.31
CA GLY F 868 34.29 38.11 16.32
C GLY F 868 35.67 38.35 16.92
N LEU F 869 36.35 37.24 17.25
CA LEU F 869 37.69 37.32 17.83
C LEU F 869 38.66 37.93 16.82
N GLN F 870 38.56 37.50 15.56
CA GLN F 870 39.41 38.02 14.50
C GLN F 870 39.19 39.53 14.36
N ILE F 871 37.92 39.97 14.42
CA ILE F 871 37.62 41.38 14.29
C ILE F 871 38.29 42.13 15.44
N ALA F 872 38.17 41.60 16.66
CA ALA F 872 38.78 42.24 17.82
C ALA F 872 40.28 42.36 17.62
N LEU F 873 40.94 41.28 17.18
CA LEU F 873 42.37 41.30 16.97
C LEU F 873 42.73 42.35 15.94
N ASP F 874 42.03 42.29 14.80
CA ASP F 874 42.32 43.16 13.66
C ASP F 874 42.08 44.61 14.07
N LEU F 875 41.04 44.85 14.87
CA LEU F 875 40.71 46.21 15.28
C LEU F 875 41.86 46.75 16.12
N VAL F 876 42.36 45.91 17.02
CA VAL F 876 43.43 46.32 17.91
C VAL F 876 44.70 46.55 17.11
N LYS F 877 44.95 45.70 16.10
CA LYS F 877 46.08 45.83 15.21
C LYS F 877 45.99 47.15 14.45
N ASN F 878 44.77 47.47 13.98
CA ASN F 878 44.49 48.66 13.18
C ASN F 878 44.77 49.91 14.01
N ILE F 879 44.33 49.88 15.28
CA ILE F 879 44.50 51.04 16.12
C ILE F 879 45.95 51.17 16.57
N GLU F 880 46.64 50.03 16.67
CA GLU F 880 48.07 50.01 16.93
C GLU F 880 48.82 50.71 15.80
N ARG F 881 48.37 50.51 14.55
CA ARG F 881 49.00 51.07 13.36
C ARG F 881 48.97 52.60 13.41
N MET F 882 47.88 53.17 13.96
CA MET F 882 47.81 54.59 14.22
C MET F 882 48.68 54.89 15.45
N GLY F 883 49.47 55.96 15.37
CA GLY F 883 50.47 56.19 16.40
C GLY F 883 49.89 56.79 17.67
N ASN F 884 50.64 57.72 18.26
CA ASN F 884 50.19 58.49 19.40
C ASN F 884 49.22 59.54 18.90
N VAL F 885 48.05 59.06 18.46
CA VAL F 885 47.02 59.91 17.89
C VAL F 885 45.85 59.96 18.86
N PRO F 886 45.15 61.12 19.00
CA PRO F 886 43.99 61.22 19.88
C PRO F 886 42.98 60.07 19.72
N PHE F 887 42.78 59.62 18.48
CA PHE F 887 41.77 58.60 18.27
C PHE F 887 42.17 57.31 18.98
N ALA F 888 43.43 56.90 18.80
CA ALA F 888 43.95 55.68 19.40
C ALA F 888 43.88 55.78 20.92
N ASN F 889 44.38 56.89 21.46
CA ASN F 889 44.38 57.13 22.91
C ASN F 889 42.96 57.01 23.45
N GLU F 890 42.01 57.67 22.77
CA GLU F 890 40.63 57.66 23.21
C GLU F 890 40.06 56.25 23.14
N PHE F 891 40.43 55.52 22.09
CA PHE F 891 39.93 54.17 21.90
C PHE F 891 40.37 53.29 23.07
N HIS F 892 41.65 53.41 23.43
CA HIS F 892 42.18 52.65 24.55
C HIS F 892 41.44 53.01 25.82
N LYS F 893 41.35 54.31 26.12
CA LYS F 893 40.70 54.78 27.33
C LYS F 893 39.28 54.24 27.38
N ASN F 894 38.65 54.07 26.21
CA ASN F 894 37.24 53.75 26.19
C ASN F 894 37.00 52.25 26.13
N TYR F 895 37.93 51.48 25.54
CA TYR F 895 37.54 50.12 25.19
C TYR F 895 38.57 49.07 25.58
N PHE F 896 39.76 49.50 26.02
CA PHE F 896 40.82 48.53 26.26
C PHE F 896 40.37 47.51 27.31
N PHE F 897 39.82 48.02 28.42
CA PHE F 897 39.41 47.18 29.52
C PHE F 897 38.17 46.37 29.15
N ILE F 898 37.33 46.95 28.30
CA ILE F 898 36.15 46.25 27.83
C ILE F 898 36.58 45.00 27.09
N PHE F 899 37.61 45.15 26.24
CA PHE F 899 38.09 44.05 25.42
C PHE F 899 38.78 43.00 26.29
N VAL F 900 39.54 43.47 27.28
CA VAL F 900 40.25 42.53 28.11
C VAL F 900 39.26 41.73 28.96
N SER F 901 38.25 42.41 29.51
CA SER F 901 37.27 41.74 30.37
C SER F 901 36.40 40.77 29.57
N GLU F 902 36.04 41.16 28.33
CA GLU F 902 35.19 40.34 27.48
C GLU F 902 35.94 39.08 27.07
N THR F 903 37.25 39.24 26.76
CA THR F 903 38.09 38.12 26.41
C THR F 903 38.19 37.15 27.59
N PHE F 904 38.41 37.69 28.79
CA PHE F 904 38.49 36.81 29.95
C PHE F 904 37.17 36.10 30.18
N PHE F 905 36.07 36.84 29.99
CA PHE F 905 34.77 36.24 30.23
C PHE F 905 34.57 35.03 29.32
N VAL F 906 35.02 35.12 28.06
CA VAL F 906 34.77 34.02 27.13
C VAL F 906 35.84 32.94 27.29
N LEU F 907 37.01 33.33 27.81
CA LEU F 907 38.06 32.34 28.06
C LEU F 907 37.61 31.41 29.17
N THR F 908 37.10 32.01 30.26
CA THR F 908 36.75 31.34 31.50
C THR F 908 35.33 30.77 31.45
N ASP F 909 34.57 31.12 30.42
CA ASP F 909 33.26 30.51 30.20
C ASP F 909 33.45 29.04 29.83
N SER F 910 32.49 28.22 30.28
CA SER F 910 32.55 26.78 30.12
C SER F 910 32.53 26.38 28.64
N ASP F 911 31.85 27.17 27.81
CA ASP F 911 31.42 26.72 26.50
C ASP F 911 31.85 27.69 25.40
N HIS F 912 33.12 28.11 25.43
CA HIS F 912 33.66 28.96 24.38
C HIS F 912 35.08 28.50 24.08
N LYS F 913 35.31 27.19 24.20
CA LYS F 913 36.67 26.67 24.12
C LYS F 913 37.18 26.72 22.69
N SER F 914 36.27 26.74 21.71
CA SER F 914 36.69 26.74 20.32
C SER F 914 37.52 27.99 20.02
N GLY F 915 37.18 29.09 20.69
CA GLY F 915 37.85 30.35 20.42
C GLY F 915 39.12 30.53 21.24
N PHE F 916 39.44 29.55 22.09
CA PHE F 916 40.57 29.63 23.00
C PHE F 916 41.82 30.10 22.25
N SER F 917 42.17 29.39 21.17
CA SER F 917 43.39 29.68 20.44
C SER F 917 43.47 31.18 20.09
N LYS F 918 42.34 31.72 19.61
CA LYS F 918 42.22 33.12 19.20
C LYS F 918 42.16 34.03 20.44
N GLN F 919 41.35 33.64 21.43
CA GLN F 919 41.18 34.41 22.66
C GLN F 919 42.55 34.71 23.28
N ALA F 920 43.38 33.68 23.39
CA ALA F 920 44.71 33.79 23.97
C ALA F 920 45.51 34.87 23.25
N LEU F 921 45.58 34.76 21.91
CA LEU F 921 46.26 35.73 21.07
C LEU F 921 45.84 37.16 21.43
N LEU F 922 44.53 37.39 21.45
CA LEU F 922 43.99 38.71 21.73
C LEU F 922 44.47 39.17 23.12
N LEU F 923 44.36 38.29 24.11
CA LEU F 923 44.76 38.58 25.47
C LEU F 923 46.25 38.93 25.51
N MET F 924 47.09 38.14 24.83
CA MET F 924 48.51 38.45 24.72
C MET F 924 48.69 39.87 24.20
N LYS F 925 48.07 40.17 23.05
CA LYS F 925 48.18 41.47 22.40
C LYS F 925 47.80 42.58 23.39
N LEU F 926 46.66 42.43 24.06
CA LEU F 926 46.19 43.42 25.03
C LEU F 926 47.27 43.64 26.09
N ILE F 927 47.77 42.54 26.69
CA ILE F 927 48.80 42.64 27.71
C ILE F 927 50.03 43.32 27.12
N SER F 928 50.42 42.89 25.91
CA SER F 928 51.55 43.50 25.22
C SER F 928 51.39 45.01 25.18
N LEU F 929 50.20 45.50 24.77
CA LEU F 929 49.97 46.93 24.63
C LEU F 929 50.37 47.68 25.91
N VAL F 930 50.19 47.03 27.07
CA VAL F 930 50.50 47.71 28.32
C VAL F 930 51.94 47.43 28.75
N TYR F 931 52.38 46.18 28.58
CA TYR F 931 53.65 45.75 29.13
C TYR F 931 54.81 46.00 28.18
N ASP F 932 54.50 46.43 26.95
CA ASP F 932 55.52 46.86 26.01
C ASP F 932 55.55 48.39 25.97
N ASN F 933 54.72 49.03 26.82
CA ASN F 933 54.58 50.48 26.89
C ASN F 933 54.23 51.07 25.53
N LYS F 934 53.21 50.49 24.88
CA LYS F 934 52.78 50.98 23.57
C LYS F 934 51.54 51.87 23.74
N ILE F 935 51.06 52.04 24.97
CA ILE F 935 49.95 52.92 25.27
C ILE F 935 50.49 54.16 25.96
N SER F 936 50.30 55.33 25.34
CA SER F 936 51.01 56.53 25.76
C SER F 936 50.21 57.34 26.78
N VAL F 937 49.03 56.83 27.16
CA VAL F 937 48.14 57.59 28.02
C VAL F 937 47.68 56.68 29.15
N PRO F 938 47.56 57.17 30.41
CA PRO F 938 47.01 56.38 31.51
C PRO F 938 45.61 55.87 31.20
N LEU F 939 45.35 54.61 31.56
CA LEU F 939 44.09 53.95 31.27
C LEU F 939 43.07 54.14 32.39
N TYR F 940 43.48 54.77 33.50
CA TYR F 940 42.60 55.02 34.63
C TYR F 940 42.01 56.42 34.56
N GLN F 941 41.00 56.69 35.40
CA GLN F 941 40.27 57.96 35.35
C GLN F 941 40.88 58.98 36.31
N GLU F 942 42.21 59.07 36.28
CA GLU F 942 42.96 60.22 36.76
C GLU F 942 42.91 60.32 38.29
N ALA F 943 42.08 59.53 38.97
CA ALA F 943 41.91 59.74 40.40
C ALA F 943 41.93 58.40 41.14
N GLU F 944 41.40 57.35 40.50
CA GLU F 944 41.25 56.05 41.13
C GLU F 944 42.58 55.57 41.72
N VAL F 945 43.67 55.81 40.98
CA VAL F 945 44.97 55.30 41.33
C VAL F 945 45.92 56.48 41.55
N PRO F 946 46.93 56.37 42.45
CA PRO F 946 47.88 57.47 42.69
C PRO F 946 48.46 58.04 41.39
N GLN F 947 48.67 59.36 41.39
CA GLN F 947 49.06 60.09 40.20
C GLN F 947 50.35 59.51 39.65
N GLY F 948 50.37 59.32 38.33
CA GLY F 948 51.61 58.96 37.62
C GLY F 948 51.87 57.46 37.60
N THR F 949 50.92 56.69 38.14
CA THR F 949 51.02 55.25 38.24
C THR F 949 51.12 54.66 36.83
N SER F 950 52.05 53.71 36.66
CA SER F 950 52.21 53.03 35.38
C SER F 950 50.99 52.18 35.05
N ASN F 951 50.74 52.03 33.75
CA ASN F 951 49.62 51.24 33.25
C ASN F 951 49.77 49.78 33.67
N GLN F 952 51.01 49.31 33.82
CA GLN F 952 51.28 47.91 34.15
C GLN F 952 50.64 47.57 35.49
N VAL F 953 50.96 48.36 36.53
CA VAL F 953 50.49 48.00 37.87
C VAL F 953 48.98 48.20 37.95
N TYR F 954 48.45 49.17 37.18
CA TYR F 954 47.01 49.41 37.16
C TYR F 954 46.27 48.28 36.44
N LEU F 955 46.84 47.79 35.34
CA LEU F 955 46.28 46.65 34.64
C LEU F 955 46.24 45.45 35.59
N SER F 956 47.32 45.27 36.36
CA SER F 956 47.43 44.16 37.28
C SER F 956 46.35 44.25 38.35
N GLN F 957 46.17 45.45 38.91
CA GLN F 957 45.16 45.72 39.91
C GLN F 957 43.76 45.42 39.36
N TYR F 958 43.49 45.89 38.13
CA TYR F 958 42.18 45.72 37.50
C TYR F 958 41.89 44.24 37.31
N LEU F 959 42.91 43.50 36.85
CA LEU F 959 42.76 42.08 36.53
C LEU F 959 42.58 41.28 37.81
N ALA F 960 43.35 41.62 38.86
CA ALA F 960 43.26 40.96 40.16
C ALA F 960 41.87 41.12 40.75
N ASN F 961 41.36 42.36 40.72
CA ASN F 961 40.03 42.69 41.23
C ASN F 961 38.98 41.94 40.43
N MET F 962 39.09 41.97 39.10
CA MET F 962 38.09 41.38 38.23
C MET F 962 38.03 39.86 38.43
N LEU F 963 39.20 39.24 38.55
CA LEU F 963 39.29 37.78 38.70
C LEU F 963 38.84 37.36 40.10
N SER F 964 39.12 38.20 41.11
CA SER F 964 38.63 37.94 42.46
C SER F 964 37.12 37.98 42.51
N ASN F 965 36.54 38.95 41.77
CA ASN F 965 35.10 39.11 41.69
C ASN F 965 34.47 37.92 40.96
N ALA F 966 35.06 37.55 39.82
CA ALA F 966 34.53 36.47 38.99
C ALA F 966 34.71 35.11 39.67
N PHE F 967 35.83 34.94 40.37
CA PHE F 967 36.22 33.65 40.93
C PHE F 967 36.67 33.80 42.37
N PRO F 968 35.73 34.02 43.32
CA PRO F 968 36.08 34.34 44.70
C PRO F 968 36.79 33.19 45.41
N HIS F 969 36.70 31.99 44.82
CA HIS F 969 37.28 30.80 45.41
C HIS F 969 38.80 30.74 45.26
N LEU F 970 39.36 31.54 44.35
CA LEU F 970 40.80 31.63 44.22
C LEU F 970 41.36 32.50 45.33
N THR F 971 42.56 32.17 45.80
CA THR F 971 43.19 32.97 46.85
C THR F 971 43.89 34.16 46.21
N SER F 972 44.30 35.13 47.04
CA SER F 972 45.12 36.24 46.60
C SER F 972 46.36 35.72 45.91
N GLU F 973 46.98 34.68 46.49
CA GLU F 973 48.25 34.13 46.03
C GLU F 973 48.08 33.47 44.65
N GLN F 974 46.95 32.78 44.46
CA GLN F 974 46.64 32.14 43.20
C GLN F 974 46.58 33.19 42.09
N ILE F 975 45.78 34.24 42.33
CA ILE F 975 45.55 35.30 41.35
C ILE F 975 46.85 36.05 41.08
N ALA F 976 47.56 36.42 42.16
CA ALA F 976 48.78 37.18 42.02
C ALA F 976 49.76 36.42 41.13
N SER F 977 49.92 35.11 41.42
CA SER F 977 50.88 34.29 40.72
C SER F 977 50.48 34.12 39.25
N PHE F 978 49.19 33.91 39.01
CA PHE F 978 48.70 33.73 37.65
C PHE F 978 48.95 34.98 36.81
N LEU F 979 48.67 36.15 37.40
CA LEU F 979 48.86 37.42 36.70
C LEU F 979 50.34 37.69 36.44
N SER F 980 51.18 37.37 37.44
CA SER F 980 52.61 37.50 37.27
C SER F 980 53.09 36.64 36.09
N ALA F 981 52.59 35.40 36.02
CA ALA F 981 52.97 34.47 34.97
C ALA F 981 52.50 34.99 33.61
N LEU F 982 51.27 35.50 33.55
CA LEU F 982 50.73 36.03 32.31
C LEU F 982 51.59 37.19 31.84
N THR F 983 51.93 38.10 32.76
CA THR F 983 52.63 39.31 32.38
C THR F 983 54.10 39.02 32.05
N LYS F 984 54.57 37.82 32.37
CA LYS F 984 55.95 37.46 32.06
C LYS F 984 56.00 36.59 30.80
N GLN F 985 54.84 36.19 30.28
CA GLN F 985 54.81 35.17 29.24
C GLN F 985 54.00 35.61 28.03
N TYR F 986 53.85 36.93 27.83
CA TYR F 986 52.97 37.41 26.77
C TYR F 986 53.68 37.40 25.41
N LYS F 987 54.95 36.99 25.38
CA LYS F 987 55.73 36.92 24.15
C LYS F 987 55.80 35.48 23.66
N ASP F 988 55.48 34.53 24.55
CA ASP F 988 55.51 33.11 24.20
C ASP F 988 54.08 32.60 24.11
N LEU F 989 53.67 32.19 22.90
CA LEU F 989 52.30 31.73 22.68
C LEU F 989 52.01 30.41 23.42
N VAL F 990 52.93 29.43 23.32
CA VAL F 990 52.65 28.11 23.86
C VAL F 990 52.65 28.16 25.39
N VAL F 991 53.55 28.96 25.96
CA VAL F 991 53.67 29.06 27.41
C VAL F 991 52.47 29.83 27.94
N PHE F 992 52.08 30.90 27.23
CA PHE F 992 50.92 31.70 27.58
C PHE F 992 49.67 30.82 27.59
N LYS F 993 49.50 30.00 26.53
CA LYS F 993 48.36 29.11 26.44
C LYS F 993 48.41 28.12 27.60
N GLY F 994 49.60 27.62 27.91
CA GLY F 994 49.75 26.74 29.05
C GLY F 994 49.27 27.39 30.34
N THR F 995 49.69 28.63 30.58
CA THR F 995 49.34 29.37 31.78
C THR F 995 47.83 29.57 31.84
N LEU F 996 47.22 29.86 30.69
CA LEU F 996 45.78 30.05 30.64
C LEU F 996 45.07 28.74 30.96
N ARG F 997 45.57 27.64 30.39
CA ARG F 997 44.94 26.34 30.63
C ARG F 997 45.04 25.98 32.12
N ASP F 998 46.17 26.32 32.74
CA ASP F 998 46.39 26.09 34.16
C ASP F 998 45.35 26.87 34.95
N PHE F 999 45.15 28.12 34.57
CA PHE F 999 44.18 28.99 35.21
C PHE F 999 42.76 28.43 35.04
N LEU F 1000 42.46 27.91 33.84
CA LEU F 1000 41.13 27.39 33.53
C LEU F 1000 40.86 26.12 34.34
N VAL F 1001 41.92 25.38 34.67
CA VAL F 1001 41.80 24.17 35.49
C VAL F 1001 41.56 24.59 36.93
N GLN F 1002 42.27 25.64 37.36
CA GLN F 1002 42.28 26.08 38.75
C GLN F 1002 40.97 26.76 39.13
N ILE F 1003 40.28 27.37 38.16
CA ILE F 1003 39.03 28.07 38.47
C ILE F 1003 37.90 27.06 38.67
N LYS F 1004 38.07 25.83 38.18
CA LYS F 1004 37.05 24.80 38.31
C LYS F 1004 37.15 24.09 39.66
N GLU F 1005 38.26 24.31 40.38
CA GLU F 1005 38.51 23.64 41.65
C GLU F 1005 38.87 24.65 42.74
N VAL F 1006 38.90 24.19 44.00
CA VAL F 1006 39.26 25.02 45.14
C VAL F 1006 40.54 24.46 45.76
N GLY F 1007 41.45 25.37 46.10
CA GLY F 1007 42.71 25.04 46.76
C GLY F 1007 43.78 24.67 45.74
N GLY F 1008 43.83 25.41 44.62
CA GLY F 1008 44.87 25.17 43.64
C GLY F 1008 46.20 25.71 44.14
N ASP F 1009 47.30 25.22 43.56
CA ASP F 1009 48.63 25.59 44.03
C ASP F 1009 49.09 26.83 43.26
N PRO F 1010 49.29 27.99 43.93
CA PRO F 1010 49.82 29.18 43.25
C PRO F 1010 51.18 28.98 42.58
N THR F 1011 51.95 27.98 43.03
CA THR F 1011 53.26 27.74 42.45
C THR F 1011 53.14 27.27 41.00
N ASP F 1012 51.97 26.71 40.64
CA ASP F 1012 51.82 26.01 39.36
C ASP F 1012 52.16 26.93 38.20
N TYR F 1013 51.94 28.24 38.41
CA TYR F 1013 52.12 29.25 37.37
C TYR F 1013 53.61 29.52 37.14
N LEU F 1014 54.46 28.95 38.00
CA LEU F 1014 55.89 29.06 37.79
C LEU F 1014 56.40 27.86 37.00
N PHE F 1015 55.48 27.02 36.50
CA PHE F 1015 55.82 25.75 35.85
C PHE F 1015 56.92 25.91 34.81
N ALA F 1016 56.73 26.82 33.86
CA ALA F 1016 57.72 27.07 32.81
C ALA F 1016 59.03 27.58 33.42
N GLU F 1017 58.92 28.45 34.42
CA GLU F 1017 60.07 29.02 35.10
C GLU F 1017 60.81 27.95 35.90
N ASP F 1018 60.11 26.85 36.23
CA ASP F 1018 60.68 25.72 36.95
C ASP F 1018 61.41 24.80 35.97
N LYS F 1019 61.39 25.15 34.67
CA LYS F 1019 62.17 24.43 33.68
C LYS F 1019 63.60 24.98 33.57
N GLU F 1020 63.93 26.00 34.39
CA GLU F 1020 65.28 26.43 34.71
C GLU F 1020 65.21 27.68 35.61
N VAL G 10 2.91 31.97 97.68
CA VAL G 10 3.69 31.32 96.58
C VAL G 10 2.73 30.95 95.44
N PRO G 11 3.02 31.35 94.18
CA PRO G 11 2.15 31.01 93.05
C PRO G 11 2.37 29.59 92.54
N THR G 12 1.28 28.98 92.03
CA THR G 12 1.31 27.65 91.43
C THR G 12 0.83 27.72 89.98
N PHE G 13 1.67 27.23 89.05
CA PHE G 13 1.32 27.25 87.63
C PHE G 13 1.30 25.83 87.09
N LYS G 14 0.31 25.53 86.24
CA LYS G 14 0.14 24.18 85.71
C LYS G 14 1.00 23.99 84.46
N LEU G 15 1.79 22.92 84.47
CA LEU G 15 2.65 22.57 83.34
C LEU G 15 2.23 21.23 82.77
N VAL G 16 1.79 21.22 81.51
CA VAL G 16 1.48 19.97 80.84
C VAL G 16 2.74 19.49 80.10
N LEU G 17 3.10 18.24 80.37
CA LEU G 17 4.31 17.69 79.79
C LEU G 17 3.92 16.55 78.87
N VAL G 18 4.14 16.74 77.57
CA VAL G 18 3.69 15.81 76.54
C VAL G 18 4.87 15.43 75.64
N GLY G 19 4.75 14.28 74.98
CA GLY G 19 5.76 13.80 74.06
C GLY G 19 5.53 12.33 73.77
N ASP G 20 6.28 11.77 72.81
CA ASP G 20 6.13 10.36 72.45
C ASP G 20 6.62 9.45 73.57
N GLY G 21 6.24 8.16 73.49
CA GLY G 21 6.72 7.15 74.42
C GLY G 21 8.24 6.98 74.39
N GLY G 22 8.84 6.94 75.59
CA GLY G 22 10.27 6.75 75.76
C GLY G 22 11.10 7.98 75.37
N THR G 23 10.50 9.17 75.37
CA THR G 23 11.26 10.38 75.04
C THR G 23 12.01 10.86 76.27
N GLY G 24 11.62 10.37 77.45
CA GLY G 24 12.34 10.69 78.67
C GLY G 24 11.63 11.74 79.51
N LYS G 25 10.31 11.67 79.54
CA LYS G 25 9.54 12.71 80.21
C LYS G 25 9.48 12.41 81.70
N THR G 26 9.08 11.17 82.01
CA THR G 26 8.96 10.73 83.39
C THR G 26 10.36 10.79 84.04
N THR G 27 11.41 10.32 83.33
CA THR G 27 12.74 10.34 83.89
C THR G 27 13.17 11.76 84.20
N PHE G 28 12.82 12.68 83.29
CA PHE G 28 13.14 14.09 83.43
C PHE G 28 12.51 14.65 84.72
N VAL G 29 11.22 14.39 84.92
CA VAL G 29 10.51 14.92 86.08
C VAL G 29 11.06 14.27 87.35
N LYS G 30 11.35 12.97 87.27
CA LYS G 30 11.77 12.22 88.43
C LYS G 30 13.12 12.72 88.89
N ARG G 31 14.00 13.03 87.93
CA ARG G 31 15.34 13.47 88.30
C ARG G 31 15.29 14.90 88.84
N HIS G 32 14.30 15.68 88.38
CA HIS G 32 14.11 17.03 88.91
C HIS G 32 13.63 16.97 90.36
N LEU G 33 12.87 15.91 90.69
CA LEU G 33 12.26 15.78 92.00
C LEU G 33 13.26 15.22 93.00
N THR G 34 13.90 14.11 92.61
CA THR G 34 14.65 13.28 93.54
C THR G 34 16.15 13.33 93.25
N GLY G 35 16.53 13.54 91.98
CA GLY G 35 17.93 13.54 91.60
C GLY G 35 18.38 12.19 91.03
N GLU G 36 17.43 11.24 90.97
CA GLU G 36 17.68 9.90 90.47
C GLU G 36 17.38 9.81 88.97
N PHE G 37 18.25 9.10 88.23
CA PHE G 37 18.02 8.84 86.83
C PHE G 37 17.59 7.38 86.67
N GLU G 38 16.35 7.16 86.22
CA GLU G 38 15.84 5.81 86.09
C GLU G 38 16.29 5.20 84.76
N LYS G 39 16.88 4.00 84.83
CA LYS G 39 17.37 3.31 83.65
C LYS G 39 16.25 2.54 82.98
N LYS G 40 15.30 2.01 83.77
CA LYS G 40 14.18 1.25 83.27
C LYS G 40 13.21 2.17 82.52
N TYR G 41 12.45 1.58 81.59
CA TYR G 41 11.34 2.26 80.92
C TYR G 41 10.03 1.76 81.54
N ILE G 42 9.53 2.54 82.50
CA ILE G 42 8.20 2.35 83.08
C ILE G 42 7.26 3.35 82.40
N ALA G 43 6.46 2.84 81.45
CA ALA G 43 5.57 3.66 80.66
C ALA G 43 4.50 4.25 81.56
N THR G 44 4.24 5.55 81.38
CA THR G 44 3.23 6.25 82.15
C THR G 44 1.87 5.75 81.66
N ILE G 45 0.90 5.69 82.57
CA ILE G 45 -0.49 5.44 82.26
C ILE G 45 -1.28 6.69 82.63
N GLY G 46 -1.98 7.26 81.65
CA GLY G 46 -2.82 8.43 81.88
C GLY G 46 -1.96 9.67 82.16
N VAL G 47 -2.06 10.17 83.40
CA VAL G 47 -1.26 11.31 83.84
C VAL G 47 -0.85 11.10 85.30
N GLU G 48 0.34 11.60 85.66
CA GLU G 48 0.72 11.78 87.05
C GLU G 48 1.01 13.25 87.30
N VAL G 49 0.41 13.79 88.36
CA VAL G 49 0.61 15.20 88.69
C VAL G 49 1.65 15.29 89.80
N HIS G 50 2.74 16.01 89.51
CA HIS G 50 3.87 16.20 90.41
C HIS G 50 4.03 17.68 90.74
N PRO G 51 3.77 18.13 91.99
CA PRO G 51 4.16 19.47 92.42
C PRO G 51 5.68 19.56 92.48
N LEU G 52 6.25 20.38 91.59
CA LEU G 52 7.69 20.62 91.56
C LEU G 52 7.96 22.07 91.98
N SER G 53 8.78 22.22 93.03
CA SER G 53 9.12 23.53 93.53
C SER G 53 10.53 23.90 93.09
N PHE G 54 10.73 25.20 92.84
CA PHE G 54 12.06 25.75 92.67
C PHE G 54 12.28 26.94 93.60
N TYR G 55 13.53 27.14 94.02
CA TYR G 55 13.89 28.28 94.84
C TYR G 55 14.67 29.27 93.98
N THR G 56 14.27 30.55 94.05
CA THR G 56 14.84 31.56 93.17
C THR G 56 15.17 32.82 93.97
N ASN G 57 15.95 33.70 93.33
CA ASN G 57 16.25 35.05 93.79
C ASN G 57 14.98 35.77 94.27
N PHE G 58 13.85 35.49 93.63
CA PHE G 58 12.61 36.22 93.92
C PHE G 58 11.73 35.46 94.90
N GLY G 59 11.97 34.17 95.07
CA GLY G 59 11.18 33.37 95.99
C GLY G 59 10.90 31.98 95.43
N GLU G 60 9.89 31.30 95.98
CA GLU G 60 9.58 29.93 95.60
C GLU G 60 8.57 29.95 94.45
N ILE G 61 8.76 29.04 93.49
CA ILE G 61 7.87 28.91 92.34
C ILE G 61 7.42 27.46 92.18
N LYS G 62 6.10 27.25 92.02
CA LYS G 62 5.52 25.90 92.00
C LYS G 62 4.96 25.59 90.61
N PHE G 63 5.20 24.35 90.16
CA PHE G 63 4.74 23.85 88.88
C PHE G 63 3.95 22.56 89.11
N ASP G 64 2.69 22.56 88.68
CA ASP G 64 1.91 21.32 88.66
C ASP G 64 2.24 20.56 87.38
N VAL G 65 3.29 19.73 87.42
CA VAL G 65 3.71 19.04 86.22
C VAL G 65 2.77 17.88 85.97
N TRP G 66 2.01 17.97 84.88
CA TRP G 66 1.15 16.90 84.45
C TRP G 66 1.91 16.00 83.49
N ASP G 67 2.64 15.03 84.05
CA ASP G 67 3.39 14.05 83.26
C ASP G 67 2.38 13.12 82.57
N THR G 68 2.27 13.26 81.24
CA THR G 68 1.29 12.53 80.47
C THR G 68 1.95 11.38 79.72
N ALA G 69 1.17 10.31 79.47
CA ALA G 69 1.63 9.15 78.71
C ALA G 69 1.73 9.50 77.22
N GLY G 70 2.84 9.12 76.60
CA GLY G 70 3.01 9.31 75.17
C GLY G 70 2.62 8.11 74.32
N LEU G 71 2.15 7.04 74.98
CA LEU G 71 1.75 5.86 74.25
C LEU G 71 0.25 5.92 73.99
N GLU G 72 -0.15 5.45 72.80
CA GLU G 72 -1.52 5.63 72.36
C GLU G 72 -2.46 4.85 73.27
N LYS G 73 -2.02 3.65 73.68
CA LYS G 73 -2.87 2.74 74.44
C LYS G 73 -3.02 3.21 75.87
N PHE G 74 -2.15 4.12 76.32
CA PHE G 74 -2.18 4.61 77.70
C PHE G 74 -2.48 6.11 77.73
N GLY G 75 -2.99 6.65 76.61
CA GLY G 75 -3.30 8.07 76.45
C GLY G 75 -4.30 8.60 77.47
N GLY G 76 -5.26 7.77 77.89
CA GLY G 76 -6.22 8.18 78.91
C GLY G 76 -7.11 9.31 78.41
N LEU G 77 -7.09 10.45 79.11
CA LEU G 77 -7.98 11.57 78.81
C LEU G 77 -7.43 12.41 77.66
N ARG G 78 -6.21 12.10 77.25
CA ARG G 78 -5.52 12.80 76.18
C ARG G 78 -5.55 14.30 76.46
N ASP G 79 -6.08 15.06 75.49
CA ASP G 79 -6.14 16.51 75.55
C ASP G 79 -6.92 16.98 76.76
N GLY G 80 -7.68 16.08 77.39
CA GLY G 80 -8.38 16.38 78.63
C GLY G 80 -7.42 16.88 79.70
N TYR G 81 -6.17 16.42 79.64
CA TYR G 81 -5.17 16.73 80.64
C TYR G 81 -4.71 18.19 80.49
N TYR G 82 -5.07 18.83 79.39
CA TYR G 82 -4.45 20.11 79.04
C TYR G 82 -5.21 21.29 79.62
N ILE G 83 -6.42 21.08 80.14
CA ILE G 83 -7.27 22.21 80.49
C ILE G 83 -6.65 23.02 81.62
N ASN G 84 -6.65 24.35 81.47
CA ASN G 84 -6.19 25.29 82.48
C ASN G 84 -4.66 25.24 82.61
N ALA G 85 -3.98 24.63 81.65
CA ALA G 85 -2.53 24.61 81.66
C ALA G 85 -2.00 26.03 81.43
N GLN G 86 -0.93 26.39 82.14
CA GLN G 86 -0.38 27.73 82.03
C GLN G 86 0.96 27.69 81.28
N CYS G 87 1.50 26.48 81.09
CA CYS G 87 2.76 26.29 80.39
C CYS G 87 2.92 24.82 80.02
N ALA G 88 3.88 24.53 79.14
CA ALA G 88 3.97 23.19 78.61
C ALA G 88 5.39 22.84 78.20
N ILE G 89 5.69 21.54 78.22
CA ILE G 89 6.93 21.02 77.67
C ILE G 89 6.57 19.91 76.67
N ILE G 90 6.96 20.11 75.41
CA ILE G 90 6.83 19.06 74.41
C ILE G 90 8.21 18.43 74.29
N MET G 91 8.29 17.12 74.56
CA MET G 91 9.57 16.46 74.50
C MET G 91 9.64 15.47 73.36
N PHE G 92 10.78 15.42 72.67
CA PHE G 92 11.10 14.36 71.74
C PHE G 92 12.47 13.77 72.06
N ASP G 93 12.83 12.70 71.33
CA ASP G 93 14.07 11.98 71.50
C ASP G 93 14.93 12.17 70.26
N VAL G 94 16.15 12.70 70.43
CA VAL G 94 16.98 13.09 69.30
C VAL G 94 17.59 11.87 68.64
N THR G 95 17.35 10.69 69.21
CA THR G 95 17.94 9.47 68.65
C THR G 95 16.89 8.71 67.85
N SER G 96 15.67 9.27 67.82
CA SER G 96 14.53 8.65 67.15
C SER G 96 13.82 9.71 66.30
N ARG G 97 13.85 9.51 64.99
CA ARG G 97 13.28 10.51 64.09
C ARG G 97 11.78 10.64 64.35
N ILE G 98 11.12 9.50 64.59
CA ILE G 98 9.67 9.47 64.68
C ILE G 98 9.18 10.31 65.86
N THR G 99 10.03 10.51 66.86
CA THR G 99 9.57 11.22 68.05
C THR G 99 9.48 12.71 67.76
N TYR G 100 10.32 13.16 66.81
CA TYR G 100 10.28 14.55 66.37
C TYR G 100 9.17 14.71 65.33
N LYS G 101 9.00 13.67 64.51
CA LYS G 101 7.93 13.65 63.51
C LYS G 101 6.60 13.91 64.20
N ASN G 102 6.43 13.40 65.42
CA ASN G 102 5.15 13.49 66.09
C ASN G 102 5.06 14.76 66.93
N VAL G 103 6.09 15.61 66.88
CA VAL G 103 6.05 16.83 67.68
C VAL G 103 4.90 17.73 67.21
N PRO G 104 4.69 17.95 65.89
CA PRO G 104 3.53 18.70 65.41
C PRO G 104 2.20 18.14 65.94
N ASN G 105 2.08 16.82 66.05
CA ASN G 105 0.83 16.23 66.53
C ASN G 105 0.56 16.58 67.99
N TRP G 106 1.61 16.56 68.84
CA TRP G 106 1.48 16.98 70.23
C TRP G 106 1.13 18.46 70.29
N HIS G 107 1.87 19.28 69.53
CA HIS G 107 1.65 20.71 69.55
C HIS G 107 0.23 21.05 69.11
N ARG G 108 -0.22 20.38 68.05
CA ARG G 108 -1.58 20.52 67.55
C ARG G 108 -2.59 20.23 68.66
N ASP G 109 -2.45 19.07 69.34
CA ASP G 109 -3.37 18.69 70.40
C ASP G 109 -3.37 19.75 71.50
N LEU G 110 -2.19 20.33 71.75
CA LEU G 110 -1.95 21.16 72.92
C LEU G 110 -2.57 22.55 72.74
N VAL G 111 -2.25 23.21 71.63
CA VAL G 111 -2.69 24.59 71.39
C VAL G 111 -4.19 24.66 71.09
N ARG G 112 -4.79 23.54 70.68
CA ARG G 112 -6.22 23.46 70.46
C ARG G 112 -6.97 23.49 71.79
N VAL G 113 -6.22 23.32 72.89
CA VAL G 113 -6.81 23.42 74.21
C VAL G 113 -6.30 24.66 74.91
N CYS G 114 -5.02 25.00 74.67
CA CYS G 114 -4.38 26.11 75.34
C CYS G 114 -3.84 27.08 74.28
N GLU G 115 -4.52 28.22 74.13
CA GLU G 115 -4.27 29.09 73.00
C GLU G 115 -2.95 29.83 73.16
N ASN G 116 -2.73 30.43 74.34
CA ASN G 116 -1.66 31.39 74.48
C ASN G 116 -0.82 31.07 75.73
N ILE G 117 -0.10 29.95 75.68
CA ILE G 117 0.74 29.51 76.79
C ILE G 117 2.18 29.39 76.32
N PRO G 118 3.18 29.74 77.16
CA PRO G 118 4.59 29.45 76.85
C PRO G 118 4.83 27.94 76.79
N ILE G 119 5.53 27.48 75.74
CA ILE G 119 5.84 26.07 75.58
C ILE G 119 7.34 25.93 75.29
N VAL G 120 7.97 24.89 75.89
CA VAL G 120 9.35 24.54 75.62
C VAL G 120 9.39 23.19 74.89
N LEU G 121 9.99 23.18 73.70
CA LEU G 121 10.29 21.95 73.01
C LEU G 121 11.68 21.49 73.43
N CYS G 122 11.76 20.23 73.89
CA CYS G 122 13.00 19.70 74.40
C CYS G 122 13.42 18.48 73.59
N GLY G 123 14.62 18.54 73.01
CA GLY G 123 15.29 17.39 72.43
C GLY G 123 16.12 16.65 73.48
N ASN G 124 15.58 15.53 73.98
CA ASN G 124 16.21 14.76 75.04
C ASN G 124 17.17 13.74 74.44
N LYS G 125 18.05 13.21 75.29
CA LYS G 125 18.97 12.12 74.97
C LYS G 125 20.07 12.60 74.03
N VAL G 126 20.50 13.86 74.20
CA VAL G 126 21.50 14.45 73.34
C VAL G 126 22.86 13.82 73.64
N ASP G 127 22.92 13.05 74.73
CA ASP G 127 24.15 12.41 75.18
C ASP G 127 24.52 11.25 74.26
N VAL G 128 23.52 10.48 73.77
CA VAL G 128 23.76 9.31 72.94
C VAL G 128 24.70 9.67 71.79
N LYS G 129 25.66 8.78 71.52
CA LYS G 129 26.70 9.04 70.54
C LYS G 129 26.08 9.34 69.18
N GLU G 130 25.12 8.51 68.77
CA GLU G 130 24.41 8.72 67.53
C GLU G 130 23.23 9.67 67.75
N ARG G 131 23.33 10.89 67.18
CA ARG G 131 22.17 11.76 67.10
C ARG G 131 21.46 11.55 65.77
N LYS G 132 20.19 11.12 65.80
CA LYS G 132 19.42 10.95 64.57
C LYS G 132 18.75 12.26 64.14
N VAL G 133 18.15 12.96 65.10
CA VAL G 133 17.50 14.23 64.82
C VAL G 133 18.50 15.36 65.03
N LYS G 134 19.04 15.87 63.92
CA LYS G 134 20.12 16.84 63.95
C LYS G 134 19.57 18.21 64.34
N ALA G 135 20.45 19.07 64.87
CA ALA G 135 20.08 20.39 65.34
C ALA G 135 19.44 21.20 64.21
N LYS G 136 20.07 21.19 63.03
CA LYS G 136 19.57 21.98 61.92
C LYS G 136 18.18 21.53 61.50
N THR G 137 17.78 20.30 61.84
CA THR G 137 16.48 19.76 61.45
C THR G 137 15.37 20.28 62.36
N ILE G 138 15.72 20.62 63.60
CA ILE G 138 14.74 21.02 64.60
C ILE G 138 14.45 22.51 64.44
N THR G 139 13.39 22.81 63.69
CA THR G 139 13.00 24.18 63.39
C THR G 139 11.51 24.39 63.60
N PHE G 140 10.78 23.31 63.95
CA PHE G 140 9.33 23.38 64.06
C PHE G 140 8.90 24.45 65.07
N HIS G 141 9.72 24.68 66.10
CA HIS G 141 9.36 25.58 67.17
C HIS G 141 9.34 27.04 66.71
N ARG G 142 9.98 27.33 65.58
CA ARG G 142 10.11 28.70 65.11
C ARG G 142 8.75 29.36 64.89
N LYS G 143 7.93 28.75 64.03
CA LYS G 143 6.65 29.33 63.63
C LYS G 143 5.61 29.26 64.76
N LYS G 144 5.89 28.44 65.78
CA LYS G 144 4.91 28.26 66.84
C LYS G 144 5.37 28.96 68.11
N ASN G 145 6.37 29.83 67.94
CA ASN G 145 6.92 30.67 69.01
C ASN G 145 7.13 29.82 70.27
N LEU G 146 7.73 28.62 70.11
CA LEU G 146 8.14 27.75 71.21
C LEU G 146 9.62 27.96 71.51
N GLN G 147 9.98 27.93 72.81
CA GLN G 147 11.37 27.84 73.23
C GLN G 147 11.88 26.44 72.92
N TYR G 148 13.17 26.35 72.57
CA TYR G 148 13.79 25.05 72.36
C TYR G 148 15.05 24.89 73.18
N TYR G 149 15.26 23.68 73.71
CA TYR G 149 16.47 23.33 74.42
C TYR G 149 16.86 21.90 74.10
N ASP G 150 18.15 21.72 73.84
CA ASP G 150 18.80 20.43 73.88
C ASP G 150 18.94 20.03 75.35
N ILE G 151 18.35 18.88 75.71
CA ILE G 151 18.48 18.41 77.09
C ILE G 151 18.95 16.94 77.14
N SER G 152 19.41 16.54 78.33
CA SER G 152 19.72 15.15 78.63
C SER G 152 19.47 14.86 80.10
N ALA G 153 18.50 13.97 80.37
CA ALA G 153 18.16 13.58 81.73
C ALA G 153 19.31 12.77 82.34
N LYS G 154 20.07 12.09 81.47
CA LYS G 154 21.16 11.24 81.93
C LYS G 154 22.39 12.09 82.23
N SER G 155 22.63 13.12 81.40
CA SER G 155 23.86 13.89 81.41
C SER G 155 23.73 15.17 82.22
N ASN G 156 22.50 15.48 82.65
CA ASN G 156 22.21 16.73 83.36
C ASN G 156 22.52 17.92 82.45
N TYR G 157 22.21 17.79 81.15
CA TYR G 157 22.61 18.77 80.17
C TYR G 157 21.44 19.71 79.89
N ASN G 158 21.67 21.02 80.10
CA ASN G 158 20.64 22.04 80.03
C ASN G 158 19.44 21.62 80.89
N PHE G 159 19.73 21.08 82.08
CA PHE G 159 18.75 20.35 82.85
C PHE G 159 17.62 21.26 83.34
N GLU G 160 18.00 22.47 83.77
CA GLU G 160 17.12 23.39 84.48
C GLU G 160 16.54 24.44 83.56
N LYS G 161 17.04 24.47 82.31
CA LYS G 161 16.75 25.57 81.39
C LYS G 161 15.28 25.63 80.98
N PRO G 162 14.61 24.50 80.66
CA PRO G 162 13.17 24.53 80.35
C PRO G 162 12.37 25.22 81.45
N PHE G 163 12.55 24.75 82.68
CA PHE G 163 11.83 25.31 83.83
C PHE G 163 12.24 26.74 84.10
N LEU G 164 13.51 27.07 83.84
CA LEU G 164 13.97 28.43 84.08
C LEU G 164 13.24 29.39 83.14
N TRP G 165 13.13 28.97 81.87
CA TRP G 165 12.47 29.78 80.86
C TRP G 165 10.98 29.94 81.20
N LEU G 166 10.33 28.82 81.53
CA LEU G 166 8.90 28.87 81.83
C LEU G 166 8.63 29.74 83.05
N ALA G 167 9.52 29.66 84.05
CA ALA G 167 9.36 30.44 85.27
C ALA G 167 9.52 31.93 84.97
N ARG G 168 10.50 32.28 84.12
CA ARG G 168 10.76 33.66 83.75
C ARG G 168 9.55 34.22 82.99
N LYS G 169 8.97 33.41 82.11
CA LYS G 169 7.82 33.83 81.32
C LYS G 169 6.63 34.05 82.25
N LEU G 170 6.31 33.05 83.07
CA LEU G 170 5.09 33.09 83.87
C LEU G 170 5.17 34.16 84.94
N ALA G 171 6.38 34.46 85.41
CA ALA G 171 6.55 35.45 86.45
C ALA G 171 6.74 36.83 85.83
N GLY G 172 7.06 36.86 84.54
CA GLY G 172 7.28 38.10 83.81
C GLY G 172 8.57 38.78 84.23
N ASN G 173 9.51 37.99 84.76
CA ASN G 173 10.76 38.48 85.32
C ASN G 173 11.92 37.81 84.62
N PRO G 174 12.63 38.48 83.67
CA PRO G 174 13.80 37.90 83.01
C PRO G 174 15.01 37.73 83.93
N GLN G 175 14.99 38.42 85.08
CA GLN G 175 16.06 38.42 86.08
C GLN G 175 15.95 37.22 87.03
N LEU G 176 14.83 36.48 86.96
CA LEU G 176 14.63 35.32 87.81
C LEU G 176 15.74 34.29 87.56
N GLU G 177 16.43 33.88 88.64
CA GLU G 177 17.52 32.92 88.56
C GLU G 177 17.28 31.81 89.59
N PHE G 178 17.72 30.58 89.26
CA PHE G 178 17.54 29.45 90.16
C PHE G 178 18.68 29.42 91.19
N VAL G 179 18.36 29.13 92.46
CA VAL G 179 19.34 29.07 93.54
C VAL G 179 19.11 27.84 94.42
N LEU H 6 -17.51 5.74 92.56
CA LEU H 6 -17.19 4.50 91.80
C LEU H 6 -18.37 4.21 90.88
N ASP H 7 -18.48 4.94 89.76
CA ASP H 7 -19.66 4.89 88.91
C ASP H 7 -19.49 3.91 87.74
N PHE H 8 -20.35 2.87 87.74
CA PHE H 8 -20.40 1.83 86.74
C PHE H 8 -21.74 1.94 86.00
N SER H 9 -22.15 0.88 85.29
CA SER H 9 -23.40 0.88 84.55
C SER H 9 -24.56 0.37 85.40
N ASN H 10 -25.68 0.08 84.73
CA ASN H 10 -26.95 -0.30 85.33
C ASN H 10 -27.72 0.94 85.82
N ASP H 11 -27.05 2.09 85.82
CA ASP H 11 -27.54 3.34 86.37
C ASP H 11 -26.68 4.47 85.81
N LEU H 12 -27.08 5.73 86.05
CA LEU H 12 -26.43 6.89 85.44
C LEU H 12 -26.10 7.93 86.52
N ASP H 13 -25.50 9.07 86.15
CA ASP H 13 -25.25 10.19 87.06
C ASP H 13 -24.78 11.42 86.29
N ILE H 14 -25.07 12.64 86.79
CA ILE H 14 -24.54 13.86 86.19
C ILE H 14 -23.73 14.68 87.19
N ALA H 15 -24.42 15.27 88.16
CA ALA H 15 -23.85 16.19 89.13
C ALA H 15 -22.70 15.52 89.88
N LEU H 16 -22.79 14.22 90.15
CA LEU H 16 -21.67 13.46 90.69
C LEU H 16 -20.50 13.44 89.71
N LEU H 17 -20.80 13.31 88.41
CA LEU H 17 -19.75 13.34 87.40
C LEU H 17 -19.00 14.67 87.47
N ASP H 18 -19.77 15.75 87.60
CA ASP H 18 -19.26 17.10 87.82
C ASP H 18 -18.36 17.13 89.06
N GLN H 19 -18.76 16.39 90.10
CA GLN H 19 -18.01 16.36 91.35
C GLN H 19 -16.66 15.70 91.09
N VAL H 20 -16.72 14.54 90.42
CA VAL H 20 -15.50 13.79 90.15
C VAL H 20 -14.57 14.63 89.30
N VAL H 21 -15.12 15.27 88.27
CA VAL H 21 -14.33 16.12 87.37
C VAL H 21 -13.71 17.29 88.16
N SER H 22 -14.49 17.92 89.03
CA SER H 22 -14.02 19.03 89.85
C SER H 22 -12.93 18.59 90.81
N THR H 23 -13.09 17.37 91.36
CA THR H 23 -12.07 16.77 92.23
C THR H 23 -10.77 16.58 91.44
N PHE H 24 -10.88 16.11 90.20
CA PHE H 24 -9.70 15.83 89.39
C PHE H 24 -8.98 17.10 88.96
N TYR H 25 -9.74 18.15 88.63
CA TYR H 25 -9.16 19.33 88.00
C TYR H 25 -8.65 20.33 89.04
N GLN H 26 -9.38 20.46 90.16
CA GLN H 26 -8.96 21.37 91.23
C GLN H 26 -8.46 20.60 92.45
N GLY H 27 -8.84 19.32 92.57
CA GLY H 27 -8.46 18.50 93.71
C GLY H 27 -7.02 18.04 93.62
N SER H 28 -6.19 18.44 94.59
CA SER H 28 -4.76 18.14 94.51
C SER H 28 -4.46 16.85 95.26
N GLY H 29 -3.53 16.08 94.70
CA GLY H 29 -3.14 14.79 95.24
C GLY H 29 -4.17 13.70 94.96
N VAL H 30 -4.39 12.84 95.96
CA VAL H 30 -5.20 11.63 95.84
C VAL H 30 -6.61 11.95 95.36
N GLN H 31 -7.11 13.14 95.73
CA GLN H 31 -8.34 13.72 95.23
C GLN H 31 -8.42 13.63 93.69
N GLN H 32 -7.47 14.26 93.01
CA GLN H 32 -7.44 14.17 91.56
C GLN H 32 -6.90 12.81 91.14
N LYS H 33 -6.23 12.05 92.01
CA LYS H 33 -5.53 10.83 91.60
C LYS H 33 -6.58 9.75 91.30
N GLN H 34 -7.32 9.38 92.34
CA GLN H 34 -8.39 8.39 92.15
C GLN H 34 -9.45 8.97 91.23
N ALA H 35 -9.74 10.27 91.34
CA ALA H 35 -10.65 10.92 90.41
C ALA H 35 -10.17 10.70 88.96
N GLN H 36 -8.86 10.77 88.75
CA GLN H 36 -8.28 10.60 87.43
C GLN H 36 -8.51 9.17 86.93
N GLU H 37 -8.28 8.17 87.80
CA GLU H 37 -8.43 6.78 87.41
C GLU H 37 -9.88 6.47 87.09
N ILE H 38 -10.79 7.02 87.92
CA ILE H 38 -12.22 6.86 87.72
C ILE H 38 -12.60 7.41 86.34
N LEU H 39 -12.28 8.69 86.11
CA LEU H 39 -12.66 9.37 84.87
C LEU H 39 -12.10 8.61 83.68
N THR H 40 -10.89 8.06 83.81
CA THR H 40 -10.27 7.29 82.74
C THR H 40 -11.07 6.01 82.47
N LYS H 41 -11.55 5.36 83.55
CA LYS H 41 -12.27 4.11 83.43
C LYS H 41 -13.63 4.35 82.78
N PHE H 42 -14.28 5.45 83.19
CA PHE H 42 -15.58 5.84 82.67
C PHE H 42 -15.45 6.19 81.18
N GLN H 43 -14.41 6.95 80.85
CA GLN H 43 -14.17 7.42 79.50
C GLN H 43 -13.89 6.24 78.56
N ASP H 44 -13.48 5.09 79.12
CA ASP H 44 -13.11 3.94 78.32
C ASP H 44 -14.26 2.94 78.14
N ASN H 45 -15.41 3.25 78.74
CA ASN H 45 -16.59 2.40 78.61
C ASN H 45 -17.10 2.44 77.16
N PRO H 46 -17.24 1.30 76.47
CA PRO H 46 -17.78 1.28 75.10
C PRO H 46 -19.12 1.99 74.94
N ASP H 47 -19.90 2.06 76.05
CA ASP H 47 -21.25 2.62 76.02
C ASP H 47 -21.29 4.03 76.59
N ALA H 48 -20.11 4.59 76.88
CA ALA H 48 -20.03 5.86 77.59
C ALA H 48 -20.64 6.99 76.75
N TRP H 49 -20.46 6.88 75.42
CA TRP H 49 -20.94 7.89 74.51
C TRP H 49 -22.44 8.12 74.68
N GLN H 50 -23.18 7.05 74.97
CA GLN H 50 -24.62 7.13 75.14
C GLN H 50 -24.99 8.15 76.21
N LYS H 51 -24.03 8.47 77.08
CA LYS H 51 -24.32 9.34 78.20
C LYS H 51 -23.85 10.76 77.92
N ALA H 52 -23.04 10.91 76.88
CA ALA H 52 -22.38 12.18 76.56
C ALA H 52 -23.41 13.29 76.40
N ASP H 53 -24.43 13.02 75.57
CA ASP H 53 -25.48 13.99 75.28
C ASP H 53 -26.13 14.51 76.56
N GLN H 54 -26.45 13.59 77.47
CA GLN H 54 -27.06 13.95 78.74
C GLN H 54 -26.16 14.93 79.48
N ILE H 55 -24.87 14.58 79.56
CA ILE H 55 -23.87 15.43 80.20
C ILE H 55 -23.89 16.80 79.55
N LEU H 56 -23.81 16.83 78.21
CA LEU H 56 -23.72 18.06 77.45
C LEU H 56 -24.90 18.99 77.73
N GLN H 57 -26.02 18.43 78.22
CA GLN H 57 -27.23 19.21 78.44
C GLN H 57 -27.40 19.56 79.92
N PHE H 58 -26.82 18.76 80.82
CA PHE H 58 -27.16 18.88 82.23
C PHE H 58 -25.97 19.32 83.08
N SER H 59 -24.75 19.04 82.62
CA SER H 59 -23.56 19.36 83.40
C SER H 59 -23.40 20.86 83.61
N THR H 60 -23.06 21.25 84.84
CA THR H 60 -22.79 22.62 85.23
C THR H 60 -21.27 22.85 85.24
N ASN H 61 -20.52 21.86 84.75
CA ASN H 61 -19.07 21.93 84.70
C ASN H 61 -18.64 21.91 83.22
N PRO H 62 -18.00 22.98 82.70
CA PRO H 62 -17.48 22.97 81.32
C PRO H 62 -16.52 21.83 81.03
N GLN H 63 -15.75 21.41 82.05
CA GLN H 63 -14.78 20.33 81.90
C GLN H 63 -15.49 18.99 81.75
N SER H 64 -16.61 18.80 82.47
CA SER H 64 -17.39 17.58 82.30
C SER H 64 -17.85 17.43 80.86
N LYS H 65 -18.31 18.56 80.28
CA LYS H 65 -18.75 18.59 78.89
C LYS H 65 -17.56 18.29 77.97
N PHE H 66 -16.38 18.79 78.33
CA PHE H 66 -15.17 18.54 77.57
C PHE H 66 -14.90 17.04 77.52
N ILE H 67 -15.07 16.35 78.65
CA ILE H 67 -14.76 14.93 78.72
C ILE H 67 -15.81 14.15 77.92
N ALA H 68 -17.05 14.64 77.95
CA ALA H 68 -18.12 14.03 77.18
C ALA H 68 -17.79 14.13 75.69
N LEU H 69 -17.31 15.31 75.27
CA LEU H 69 -16.92 15.52 73.88
C LEU H 69 -15.75 14.61 73.50
N SER H 70 -14.90 14.29 74.48
CA SER H 70 -13.76 13.42 74.22
C SER H 70 -14.26 12.01 73.92
N ILE H 71 -15.26 11.57 74.69
CA ILE H 71 -15.84 10.25 74.52
C ILE H 71 -16.52 10.18 73.16
N LEU H 72 -17.23 11.27 72.81
CA LEU H 72 -17.90 11.37 71.53
C LEU H 72 -16.85 11.31 70.42
N ASP H 73 -15.72 12.00 70.62
CA ASP H 73 -14.64 12.01 69.63
C ASP H 73 -14.19 10.57 69.36
N LYS H 74 -14.06 9.77 70.43
CA LYS H 74 -13.67 8.38 70.32
C LYS H 74 -14.68 7.61 69.48
N LEU H 75 -15.97 7.79 69.79
CA LEU H 75 -17.02 7.10 69.08
C LEU H 75 -16.99 7.44 67.59
N ILE H 76 -16.84 8.74 67.28
CA ILE H 76 -16.88 9.26 65.91
C ILE H 76 -15.71 8.70 65.12
N THR H 77 -14.53 8.66 65.75
CA THR H 77 -13.29 8.29 65.08
C THR H 77 -13.26 6.77 64.84
N ARG H 78 -13.88 6.00 65.74
CA ARG H 78 -13.64 4.55 65.71
C ARG H 78 -14.87 3.75 65.29
N LYS H 79 -16.05 4.09 65.84
CA LYS H 79 -17.19 3.21 65.58
C LYS H 79 -18.38 3.99 65.04
N TRP H 80 -18.12 4.99 64.20
CA TRP H 80 -19.16 5.87 63.72
C TRP H 80 -20.16 5.11 62.85
N LYS H 81 -19.67 4.20 62.00
CA LYS H 81 -20.53 3.61 60.98
C LYS H 81 -21.21 2.35 61.50
N LEU H 82 -20.95 1.98 62.76
CA LEU H 82 -21.71 0.91 63.38
C LEU H 82 -23.08 1.42 63.81
N LEU H 83 -23.15 2.71 64.12
CA LEU H 83 -24.37 3.35 64.58
C LEU H 83 -25.37 3.42 63.43
N PRO H 84 -26.68 3.25 63.72
CA PRO H 84 -27.73 3.48 62.73
C PRO H 84 -27.67 4.93 62.24
N ASN H 85 -28.18 5.13 61.02
CA ASN H 85 -28.16 6.44 60.42
C ASN H 85 -28.95 7.44 61.26
N ASP H 86 -30.01 6.94 61.90
CA ASP H 86 -30.88 7.69 62.81
C ASP H 86 -30.06 8.30 63.94
N HIS H 87 -29.28 7.44 64.64
CA HIS H 87 -28.39 7.86 65.72
C HIS H 87 -27.37 8.87 65.21
N ARG H 88 -26.82 8.60 64.03
CA ARG H 88 -25.82 9.46 63.43
C ARG H 88 -26.35 10.89 63.35
N ILE H 89 -27.52 11.02 62.67
CA ILE H 89 -28.19 12.29 62.49
C ILE H 89 -28.42 12.93 63.86
N GLY H 90 -28.89 12.08 64.81
CA GLY H 90 -29.21 12.51 66.16
C GLY H 90 -28.03 13.21 66.84
N ILE H 91 -26.88 12.53 66.84
CA ILE H 91 -25.67 13.04 67.45
C ILE H 91 -25.23 14.29 66.71
N ARG H 92 -25.29 14.26 65.37
CA ARG H 92 -24.84 15.38 64.57
C ARG H 92 -25.60 16.64 64.95
N ASN H 93 -26.95 16.53 64.97
CA ASN H 93 -27.76 17.70 65.28
C ASN H 93 -27.72 18.01 66.77
N PHE H 94 -27.36 17.01 67.55
CA PHE H 94 -27.23 17.13 68.98
C PHE H 94 -26.08 18.10 69.30
N VAL H 95 -24.98 18.02 68.53
CA VAL H 95 -23.81 18.82 68.84
C VAL H 95 -23.92 20.19 68.16
N VAL H 96 -24.47 20.21 66.94
CA VAL H 96 -24.63 21.48 66.22
C VAL H 96 -25.57 22.38 67.01
N GLY H 97 -26.65 21.80 67.55
CA GLY H 97 -27.60 22.51 68.38
C GLY H 97 -26.95 23.09 69.64
N MET H 98 -26.11 22.29 70.30
CA MET H 98 -25.39 22.72 71.48
C MET H 98 -24.44 23.87 71.10
N ILE H 99 -23.71 23.69 69.99
CA ILE H 99 -22.79 24.72 69.50
C ILE H 99 -23.53 26.04 69.33
N ILE H 100 -24.69 26.00 68.65
CA ILE H 100 -25.53 27.16 68.39
C ILE H 100 -25.92 27.81 69.72
N SER H 101 -26.42 26.98 70.66
CA SER H 101 -26.91 27.44 71.95
C SER H 101 -25.82 28.22 72.67
N MET H 102 -24.60 27.64 72.67
CA MET H 102 -23.48 28.22 73.37
C MET H 102 -23.12 29.57 72.73
N CYS H 103 -23.19 29.61 71.38
CA CYS H 103 -22.82 30.80 70.66
C CYS H 103 -23.81 31.94 70.93
N GLN H 104 -25.10 31.59 71.04
CA GLN H 104 -26.13 32.60 71.26
C GLN H 104 -26.01 33.21 72.65
N ASP H 105 -25.33 32.50 73.56
CA ASP H 105 -25.12 32.93 74.94
C ASP H 105 -23.80 33.68 75.03
N ASP H 106 -23.87 35.00 75.20
CA ASP H 106 -22.69 35.87 75.24
C ASP H 106 -21.71 35.48 76.35
N GLU H 107 -22.23 35.27 77.56
CA GLU H 107 -21.38 34.93 78.69
C GLU H 107 -20.64 33.64 78.35
N VAL H 108 -21.40 32.60 77.98
CA VAL H 108 -20.84 31.29 77.68
C VAL H 108 -19.83 31.41 76.55
N PHE H 109 -20.15 32.23 75.54
CA PHE H 109 -19.30 32.40 74.37
C PHE H 109 -17.95 32.99 74.77
N LYS H 110 -17.95 33.90 75.76
CA LYS H 110 -16.74 34.64 76.07
C LYS H 110 -15.97 33.96 77.21
N THR H 111 -16.69 33.24 78.07
CA THR H 111 -16.12 32.72 79.31
C THR H 111 -15.82 31.21 79.20
N GLN H 112 -16.32 30.56 78.14
CA GLN H 112 -16.15 29.12 78.01
C GLN H 112 -15.60 28.80 76.63
N LYS H 113 -14.46 29.41 76.27
CA LYS H 113 -13.85 29.20 74.96
C LYS H 113 -13.52 27.72 74.77
N ASN H 114 -13.04 27.09 75.85
CA ASN H 114 -12.59 25.71 75.82
C ASN H 114 -13.75 24.79 75.44
N LEU H 115 -14.88 25.01 76.10
CA LEU H 115 -16.06 24.20 75.91
C LEU H 115 -16.62 24.37 74.49
N ILE H 116 -16.12 25.36 73.75
CA ILE H 116 -16.61 25.67 72.42
C ILE H 116 -15.63 25.10 71.40
N ASN H 117 -14.33 25.26 71.67
CA ASN H 117 -13.30 24.78 70.75
C ASN H 117 -13.36 23.25 70.64
N LYS H 118 -13.68 22.60 71.77
CA LYS H 118 -13.74 21.15 71.77
C LYS H 118 -14.96 20.72 70.95
N SER H 119 -16.07 21.44 71.15
CA SER H 119 -17.29 21.18 70.42
C SER H 119 -17.02 21.29 68.92
N ASP H 120 -16.34 22.36 68.52
CA ASP H 120 -16.04 22.61 67.12
C ASP H 120 -15.25 21.44 66.52
N LEU H 121 -14.25 20.96 67.27
CA LEU H 121 -13.39 19.87 66.82
C LEU H 121 -14.22 18.60 66.67
N THR H 122 -15.13 18.39 67.64
CA THR H 122 -16.02 17.25 67.60
C THR H 122 -16.86 17.31 66.33
N LEU H 123 -17.36 18.51 66.00
CA LEU H 123 -18.13 18.72 64.80
C LEU H 123 -17.29 18.37 63.58
N VAL H 124 -16.05 18.88 63.56
CA VAL H 124 -15.17 18.63 62.43
C VAL H 124 -14.96 17.13 62.26
N GLN H 125 -14.91 16.39 63.38
CA GLN H 125 -14.79 14.94 63.31
C GLN H 125 -16.01 14.34 62.63
N ILE H 126 -17.19 14.87 62.96
CA ILE H 126 -18.42 14.41 62.34
C ILE H 126 -18.38 14.76 60.86
N LEU H 127 -17.76 15.90 60.52
CA LEU H 127 -17.66 16.33 59.14
C LEU H 127 -16.84 15.33 58.33
N LYS H 128 -15.67 14.97 58.85
CA LYS H 128 -14.80 14.00 58.20
C LYS H 128 -15.57 12.71 57.91
N GLN H 129 -16.40 12.28 58.88
CA GLN H 129 -17.10 11.01 58.78
C GLN H 129 -18.31 11.10 57.86
N GLU H 130 -18.88 12.30 57.69
CA GLU H 130 -20.23 12.39 57.14
C GLU H 130 -20.29 13.31 55.93
N TRP H 131 -19.57 14.43 56.00
CA TRP H 131 -19.59 15.49 54.99
C TRP H 131 -18.64 15.14 53.84
N PRO H 132 -18.96 15.49 52.57
CA PRO H 132 -20.27 16.01 52.18
C PRO H 132 -21.32 15.00 51.71
N GLN H 133 -20.95 13.72 51.63
CA GLN H 133 -21.84 12.70 51.11
C GLN H 133 -23.16 12.66 51.88
N ASN H 134 -23.13 12.87 53.20
CA ASN H 134 -24.36 12.82 54.00
C ASN H 134 -24.74 14.19 54.54
N TRP H 135 -23.90 15.20 54.27
CA TRP H 135 -24.18 16.53 54.74
C TRP H 135 -23.82 17.54 53.66
N PRO H 136 -24.57 17.57 52.54
CA PRO H 136 -24.15 18.33 51.37
C PRO H 136 -24.44 19.82 51.58
N GLU H 137 -25.29 20.10 52.56
CA GLU H 137 -25.80 21.45 52.80
C GLU H 137 -25.00 22.17 53.89
N PHE H 138 -23.86 21.59 54.29
CA PHE H 138 -23.19 22.04 55.50
C PHE H 138 -22.60 23.44 55.33
N ILE H 139 -21.91 23.66 54.21
CA ILE H 139 -21.22 24.92 53.99
C ILE H 139 -22.24 26.04 53.77
N PRO H 140 -23.28 25.85 52.91
CA PRO H 140 -24.33 26.87 52.79
C PRO H 140 -24.92 27.24 54.15
N GLU H 141 -25.27 26.23 54.97
CA GLU H 141 -25.92 26.46 56.25
C GLU H 141 -25.00 27.24 57.18
N LEU H 142 -23.72 26.90 57.13
CA LEU H 142 -22.72 27.53 57.97
C LEU H 142 -22.62 29.01 57.61
N ILE H 143 -22.48 29.31 56.31
CA ILE H 143 -22.41 30.69 55.84
C ILE H 143 -23.68 31.46 56.20
N GLY H 144 -24.85 30.82 56.03
CA GLY H 144 -26.11 31.43 56.39
C GLY H 144 -26.15 31.82 57.86
N SER H 145 -25.70 30.91 58.73
CA SER H 145 -25.76 31.15 60.16
C SER H 145 -24.76 32.23 60.58
N SER H 146 -23.69 32.41 59.80
CA SER H 146 -22.67 33.40 60.12
C SER H 146 -23.26 34.79 60.14
N SER H 147 -24.23 35.04 59.26
CA SER H 147 -24.83 36.37 59.27
C SER H 147 -25.83 36.53 60.42
N SER H 148 -26.28 35.41 61.00
CA SER H 148 -27.33 35.42 62.02
C SER H 148 -26.81 36.00 63.34
N SER H 149 -25.53 35.77 63.64
CA SER H 149 -24.93 36.27 64.87
C SER H 149 -23.44 36.50 64.66
N VAL H 150 -22.90 37.52 65.33
CA VAL H 150 -21.47 37.78 65.25
C VAL H 150 -20.70 36.65 65.94
N ASN H 151 -21.25 36.16 67.05
CA ASN H 151 -20.69 35.05 67.79
C ASN H 151 -20.68 33.80 66.91
N VAL H 152 -21.79 33.56 66.21
CA VAL H 152 -21.87 32.37 65.36
C VAL H 152 -20.87 32.49 64.20
N CYS H 153 -20.68 33.73 63.72
CA CYS H 153 -19.75 33.98 62.64
C CYS H 153 -18.34 33.64 63.09
N GLU H 154 -17.97 34.08 64.30
CA GLU H 154 -16.66 33.81 64.85
C GLU H 154 -16.41 32.31 64.98
N ASN H 155 -17.39 31.62 65.56
CA ASN H 155 -17.26 30.19 65.81
C ASN H 155 -17.16 29.42 64.49
N ASN H 156 -17.85 29.95 63.47
CA ASN H 156 -17.80 29.37 62.13
C ASN H 156 -16.38 29.44 61.58
N MET H 157 -15.67 30.54 61.92
CA MET H 157 -14.31 30.73 61.47
C MET H 157 -13.39 29.75 62.18
N ILE H 158 -13.72 29.47 63.44
CA ILE H 158 -12.96 28.49 64.22
C ILE H 158 -13.18 27.10 63.61
N VAL H 159 -14.44 26.76 63.32
CA VAL H 159 -14.80 25.46 62.75
C VAL H 159 -14.10 25.26 61.41
N LEU H 160 -14.05 26.33 60.60
CA LEU H 160 -13.46 26.23 59.27
C LEU H 160 -11.94 26.08 59.39
N LYS H 161 -11.35 26.78 60.37
CA LYS H 161 -9.92 26.67 60.63
C LYS H 161 -9.59 25.23 60.99
N LEU H 162 -10.40 24.66 61.89
CA LEU H 162 -10.18 23.30 62.36
C LEU H 162 -10.33 22.33 61.20
N LEU H 163 -11.33 22.57 60.33
CA LEU H 163 -11.57 21.66 59.22
C LEU H 163 -10.39 21.71 58.24
N SER H 164 -9.82 22.91 58.04
CA SER H 164 -8.69 23.07 57.15
C SER H 164 -7.47 22.34 57.70
N GLU H 165 -7.27 22.44 59.02
CA GLU H 165 -6.18 21.75 59.70
C GLU H 165 -6.33 20.24 59.47
N GLU H 166 -7.52 19.71 59.75
CA GLU H 166 -7.74 18.27 59.71
C GLU H 166 -7.63 17.72 58.30
N VAL H 167 -7.94 18.55 57.30
CA VAL H 167 -8.02 18.06 55.93
C VAL H 167 -6.67 18.25 55.21
N PHE H 168 -5.95 19.33 55.54
CA PHE H 168 -4.77 19.69 54.78
C PHE H 168 -3.49 19.58 55.62
N ASP H 169 -3.60 19.75 56.95
CA ASP H 169 -2.41 19.86 57.78
C ASP H 169 -2.06 18.52 58.44
N PHE H 170 -3.09 17.71 58.74
CA PHE H 170 -2.92 16.53 59.56
C PHE H 170 -3.62 15.32 58.95
N SER H 171 -3.92 15.41 57.64
CA SER H 171 -4.72 14.38 57.01
C SER H 171 -3.89 13.14 56.68
N ALA H 172 -2.63 13.37 56.26
CA ALA H 172 -1.74 12.26 55.94
C ALA H 172 -1.49 11.44 57.21
N GLU H 173 -1.57 10.12 57.08
CA GLU H 173 -1.36 9.17 58.16
C GLU H 173 -2.55 9.14 59.13
N GLN H 174 -3.59 9.92 58.84
CA GLN H 174 -4.76 9.89 59.70
C GLN H 174 -5.99 9.43 58.92
N MET H 175 -5.97 9.66 57.61
CA MET H 175 -7.00 9.11 56.75
C MET H 175 -6.34 8.42 55.55
N THR H 176 -7.11 7.51 54.94
CA THR H 176 -6.67 6.85 53.72
C THR H 176 -6.39 7.89 52.64
N GLN H 177 -5.44 7.57 51.76
CA GLN H 177 -5.08 8.49 50.69
C GLN H 177 -6.33 8.91 49.92
N ALA H 178 -7.23 7.94 49.70
CA ALA H 178 -8.47 8.16 48.97
C ALA H 178 -9.35 9.16 49.71
N LYS H 179 -9.51 8.95 51.02
CA LYS H 179 -10.40 9.80 51.79
C LYS H 179 -9.77 11.17 51.99
N ALA H 180 -8.44 11.22 52.13
CA ALA H 180 -7.77 12.50 52.25
C ALA H 180 -8.01 13.34 50.99
N LEU H 181 -7.91 12.70 49.82
CA LEU H 181 -8.10 13.37 48.54
C LEU H 181 -9.54 13.85 48.43
N HIS H 182 -10.47 12.96 48.80
CA HIS H 182 -11.89 13.23 48.76
C HIS H 182 -12.21 14.48 49.57
N LEU H 183 -11.69 14.56 50.80
CA LEU H 183 -11.95 15.70 51.67
C LEU H 183 -11.27 16.96 51.14
N LYS H 184 -10.04 16.82 50.61
CA LYS H 184 -9.35 17.99 50.07
C LYS H 184 -10.12 18.55 48.88
N ASN H 185 -10.57 17.66 47.99
CA ASN H 185 -11.32 18.06 46.81
C ASN H 185 -12.66 18.65 47.24
N SER H 186 -13.30 18.07 48.25
CA SER H 186 -14.59 18.53 48.72
C SER H 186 -14.47 19.94 49.27
N MET H 187 -13.37 20.20 49.98
CA MET H 187 -13.20 21.48 50.63
C MET H 187 -12.75 22.53 49.60
N SER H 188 -12.04 22.07 48.56
CA SER H 188 -11.59 22.99 47.52
C SER H 188 -12.74 23.40 46.61
N LYS H 189 -13.70 22.48 46.40
CA LYS H 189 -14.87 22.71 45.57
C LYS H 189 -15.70 23.86 46.14
N GLU H 190 -15.87 23.89 47.45
CA GLU H 190 -16.75 24.88 48.08
C GLU H 190 -15.94 26.03 48.67
N PHE H 191 -14.75 26.33 48.16
CA PHE H 191 -13.93 27.33 48.82
C PHE H 191 -14.26 28.73 48.32
N GLU H 192 -14.82 28.85 47.11
CA GLU H 192 -15.18 30.17 46.62
C GLU H 192 -16.10 30.84 47.65
N GLN H 193 -17.13 30.11 48.07
CA GLN H 193 -18.09 30.53 49.07
C GLN H 193 -17.38 30.89 50.38
N ILE H 194 -16.53 29.97 50.86
CA ILE H 194 -15.83 30.15 52.12
C ILE H 194 -14.94 31.39 52.04
N PHE H 195 -14.26 31.57 50.91
CA PHE H 195 -13.48 32.78 50.76
C PHE H 195 -14.37 34.02 50.72
N LYS H 196 -15.56 33.93 50.11
CA LYS H 196 -16.46 35.08 50.07
C LYS H 196 -16.74 35.53 51.50
N LEU H 197 -17.22 34.59 52.33
CA LEU H 197 -17.58 34.90 53.71
C LEU H 197 -16.38 35.54 54.39
N CYS H 198 -15.20 35.00 54.10
CA CYS H 198 -13.98 35.46 54.72
C CYS H 198 -13.73 36.91 54.33
N PHE H 199 -13.76 37.19 53.01
CA PHE H 199 -13.45 38.52 52.52
C PHE H 199 -14.48 39.53 53.01
N GLN H 200 -15.76 39.14 53.01
CA GLN H 200 -16.83 40.02 53.46
C GLN H 200 -16.58 40.43 54.92
N VAL H 201 -16.16 39.46 55.75
CA VAL H 201 -15.90 39.69 57.16
C VAL H 201 -14.69 40.61 57.32
N LEU H 202 -13.65 40.39 56.51
CA LEU H 202 -12.45 41.22 56.59
C LEU H 202 -12.73 42.64 56.10
N GLU H 203 -13.53 42.76 55.04
CA GLU H 203 -13.76 44.04 54.39
C GLU H 203 -14.72 44.89 55.22
N GLN H 204 -15.80 44.28 55.73
CA GLN H 204 -16.94 45.00 56.30
C GLN H 204 -17.10 44.78 57.82
N GLY H 205 -16.50 43.72 58.37
CA GLY H 205 -16.67 43.36 59.77
C GLY H 205 -16.00 44.34 60.72
N SER H 206 -16.54 44.44 61.94
CA SER H 206 -16.11 45.43 62.91
C SER H 206 -15.47 44.78 64.14
N SER H 207 -16.14 43.74 64.69
CA SER H 207 -15.68 43.01 65.86
C SER H 207 -14.21 42.63 65.72
N SER H 208 -13.39 43.04 66.71
CA SER H 208 -11.96 42.77 66.73
C SER H 208 -11.68 41.28 66.80
N SER H 209 -12.29 40.61 67.78
CA SER H 209 -12.12 39.16 67.97
C SER H 209 -12.53 38.37 66.72
N LEU H 210 -13.61 38.80 66.04
CA LEU H 210 -14.11 38.13 64.85
C LEU H 210 -13.10 38.23 63.71
N ILE H 211 -12.51 39.42 63.58
CA ILE H 211 -11.51 39.65 62.55
C ILE H 211 -10.31 38.73 62.82
N VAL H 212 -9.89 38.63 64.09
CA VAL H 212 -8.72 37.85 64.42
C VAL H 212 -8.99 36.38 64.15
N ALA H 213 -10.18 35.90 64.52
CA ALA H 213 -10.55 34.51 64.26
C ALA H 213 -10.54 34.22 62.76
N THR H 214 -11.00 35.20 61.96
CA THR H 214 -11.04 35.11 60.51
C THR H 214 -9.62 34.99 59.99
N LEU H 215 -8.70 35.78 60.53
CA LEU H 215 -7.32 35.74 60.10
C LEU H 215 -6.66 34.43 60.53
N GLU H 216 -7.08 33.89 61.69
CA GLU H 216 -6.59 32.59 62.15
C GLU H 216 -6.91 31.53 61.09
N SER H 217 -8.17 31.55 60.61
CA SER H 217 -8.63 30.62 59.60
C SER H 217 -7.85 30.83 58.31
N LEU H 218 -7.54 32.09 57.99
CA LEU H 218 -6.88 32.42 56.74
C LEU H 218 -5.47 31.87 56.74
N LEU H 219 -4.83 31.89 57.92
CA LEU H 219 -3.48 31.34 58.09
C LEU H 219 -3.46 29.89 57.64
N ARG H 220 -4.48 29.12 58.06
CA ARG H 220 -4.54 27.71 57.74
C ARG H 220 -4.92 27.47 56.28
N TYR H 221 -5.74 28.38 55.72
CA TYR H 221 -6.16 28.28 54.33
C TYR H 221 -4.95 28.49 53.41
N LEU H 222 -4.05 29.39 53.82
CA LEU H 222 -2.95 29.81 52.98
C LEU H 222 -2.01 28.66 52.65
N HIS H 223 -2.12 27.53 53.39
CA HIS H 223 -1.26 26.38 53.12
C HIS H 223 -1.60 25.75 51.77
N TRP H 224 -2.82 25.97 51.25
CA TRP H 224 -3.32 25.14 50.17
C TRP H 224 -4.10 25.92 49.12
N ILE H 225 -4.69 27.05 49.51
CA ILE H 225 -5.58 27.74 48.58
C ILE H 225 -4.77 28.29 47.40
N PRO H 226 -5.37 28.37 46.18
CA PRO H 226 -4.73 29.04 45.04
C PRO H 226 -4.43 30.52 45.30
N TYR H 227 -3.35 31.03 44.67
CA TYR H 227 -2.82 32.36 44.93
C TYR H 227 -3.81 33.44 44.54
N ARG H 228 -4.73 33.07 43.62
CA ARG H 228 -5.65 34.02 43.01
C ARG H 228 -6.53 34.64 44.08
N TYR H 229 -6.82 33.87 45.14
CA TYR H 229 -7.66 34.38 46.20
C TYR H 229 -6.90 35.45 46.98
N ILE H 230 -5.60 35.59 46.77
CA ILE H 230 -4.81 36.51 47.57
C ILE H 230 -4.44 37.74 46.74
N TYR H 231 -3.98 37.52 45.52
CA TYR H 231 -3.46 38.63 44.72
C TYR H 231 -4.48 39.19 43.74
N GLU H 232 -5.46 38.37 43.33
CA GLU H 232 -6.45 38.81 42.37
C GLU H 232 -7.69 39.38 43.08
N THR H 233 -7.63 39.44 44.42
CA THR H 233 -8.58 40.15 45.25
C THR H 233 -7.89 41.28 45.98
N ASN H 234 -8.63 41.99 46.85
CA ASN H 234 -8.10 43.18 47.52
C ASN H 234 -7.50 42.81 48.89
N ILE H 235 -7.33 41.49 49.15
CA ILE H 235 -6.99 41.01 50.48
C ILE H 235 -5.55 41.39 50.82
N LEU H 236 -4.67 41.41 49.81
CA LEU H 236 -3.30 41.85 50.01
C LEU H 236 -3.24 43.25 50.58
N GLU H 237 -4.00 44.18 49.99
CA GLU H 237 -4.03 45.55 50.48
C GLU H 237 -4.52 45.56 51.92
N LEU H 238 -5.53 44.75 52.22
CA LEU H 238 -6.15 44.72 53.54
C LEU H 238 -5.13 44.25 54.58
N LEU H 239 -4.44 43.14 54.29
CA LEU H 239 -3.49 42.57 55.22
C LEU H 239 -2.34 43.55 55.43
N SER H 240 -1.74 44.00 54.32
CA SER H 240 -0.49 44.75 54.38
C SER H 240 -0.68 46.16 54.96
N THR H 241 -1.91 46.68 54.99
CA THR H 241 -2.14 48.06 55.42
C THR H 241 -3.06 48.12 56.64
N LYS H 242 -4.30 47.65 56.45
CA LYS H 242 -5.34 47.80 57.46
C LYS H 242 -4.99 47.01 58.70
N PHE H 243 -4.72 45.71 58.52
CA PHE H 243 -4.59 44.86 59.68
C PHE H 243 -3.19 44.95 60.30
N MET H 244 -2.29 45.69 59.65
CA MET H 244 -0.99 45.96 60.25
C MET H 244 -1.03 47.21 61.13
N THR H 245 -1.98 48.10 60.84
CA THR H 245 -2.09 49.34 61.59
C THR H 245 -2.78 49.03 62.92
N SER H 246 -3.80 48.16 62.87
CA SER H 246 -4.56 47.82 64.05
C SER H 246 -3.75 46.89 64.98
N PRO H 247 -3.51 47.32 66.23
CA PRO H 247 -2.71 46.53 67.18
C PRO H 247 -3.24 45.11 67.36
N ASP H 248 -4.57 44.97 67.38
CA ASP H 248 -5.21 43.72 67.75
C ASP H 248 -4.97 42.63 66.71
N THR H 249 -4.47 43.01 65.52
CA THR H 249 -4.38 42.05 64.42
C THR H 249 -2.95 41.95 63.87
N ARG H 250 -2.01 42.70 64.44
CA ARG H 250 -0.68 42.83 63.86
C ARG H 250 0.01 41.47 63.70
N ALA H 251 0.01 40.69 64.79
CA ALA H 251 0.82 39.48 64.84
C ALA H 251 0.25 38.44 63.89
N ILE H 252 -1.08 38.26 63.92
CA ILE H 252 -1.66 37.22 63.10
C ILE H 252 -1.58 37.61 61.63
N THR H 253 -1.64 38.92 61.36
CA THR H 253 -1.51 39.41 59.99
C THR H 253 -0.11 39.13 59.46
N LEU H 254 0.90 39.32 60.33
CA LEU H 254 2.28 39.02 59.97
C LEU H 254 2.38 37.54 59.61
N LYS H 255 1.76 36.70 60.43
CA LYS H 255 1.83 35.27 60.20
C LYS H 255 1.24 34.97 58.83
N CYS H 256 0.10 35.63 58.53
CA CYS H 256 -0.59 35.44 57.27
C CYS H 256 0.27 35.89 56.11
N LEU H 257 0.95 37.02 56.30
CA LEU H 257 1.80 37.57 55.26
C LEU H 257 3.05 36.71 55.09
N THR H 258 3.49 36.06 56.18
CA THR H 258 4.58 35.11 56.10
C THR H 258 4.21 33.99 55.12
N GLU H 259 2.98 33.47 55.27
CA GLU H 259 2.51 32.37 54.43
C GLU H 259 2.21 32.86 53.02
N VAL H 260 1.74 34.11 52.91
CA VAL H 260 1.52 34.73 51.61
C VAL H 260 2.84 34.74 50.85
N SER H 261 3.93 34.99 51.57
CA SER H 261 5.24 35.13 50.94
C SER H 261 5.65 33.80 50.34
N ASN H 262 4.99 32.72 50.78
CA ASN H 262 5.38 31.35 50.46
C ASN H 262 4.39 30.70 49.50
N LEU H 263 3.45 31.47 48.95
CA LEU H 263 2.43 30.92 48.06
C LEU H 263 3.05 30.49 46.74
N LYS H 264 2.40 29.55 46.06
CA LYS H 264 2.79 29.18 44.70
C LYS H 264 2.24 30.22 43.72
N ILE H 265 3.14 31.07 43.19
CA ILE H 265 2.77 32.19 42.34
C ILE H 265 3.49 32.07 41.00
N PRO H 266 2.92 32.61 39.89
CA PRO H 266 3.61 32.64 38.60
C PRO H 266 4.91 33.44 38.65
N GLN H 267 5.92 32.98 37.90
CA GLN H 267 7.28 33.49 38.03
C GLN H 267 7.59 34.52 36.94
N ASP H 268 6.68 34.65 35.97
CA ASP H 268 6.93 35.51 34.82
C ASP H 268 5.76 36.46 34.62
N ASN H 269 5.23 36.97 35.73
CA ASN H 269 4.14 37.92 35.69
C ASN H 269 4.60 39.20 36.40
N ASP H 270 4.77 40.26 35.61
CA ASP H 270 5.33 41.51 36.10
C ASP H 270 4.36 42.20 37.06
N LEU H 271 3.05 42.05 36.81
CA LEU H 271 2.05 42.63 37.69
C LEU H 271 2.10 41.96 39.07
N ILE H 272 2.28 40.62 39.09
CA ILE H 272 2.33 39.88 40.33
C ILE H 272 3.60 40.26 41.10
N LYS H 273 4.70 40.51 40.37
CA LYS H 273 5.97 40.90 40.97
C LYS H 273 5.82 42.21 41.73
N ARG H 274 5.19 43.21 41.14
CA ARG H 274 5.12 44.51 41.80
C ARG H 274 4.01 44.48 42.84
N GLN H 275 3.08 43.52 42.75
CA GLN H 275 2.12 43.32 43.83
C GLN H 275 2.83 42.71 45.04
N THR H 276 3.76 41.80 44.74
CA THR H 276 4.61 41.18 45.73
C THR H 276 5.43 42.25 46.43
N VAL H 277 6.02 43.14 45.64
CA VAL H 277 6.82 44.23 46.18
C VAL H 277 5.92 45.11 47.03
N LEU H 278 4.68 45.32 46.56
CA LEU H 278 3.83 46.35 47.10
C LEU H 278 3.36 45.97 48.50
N PHE H 279 2.85 44.74 48.65
CA PHE H 279 2.34 44.35 49.95
C PHE H 279 3.48 44.37 50.97
N PHE H 280 4.68 43.99 50.55
CA PHE H 280 5.84 44.00 51.43
C PHE H 280 6.18 45.43 51.83
N GLN H 281 6.18 46.33 50.86
CA GLN H 281 6.43 47.75 51.13
C GLN H 281 5.36 48.32 52.08
N ASN H 282 4.12 47.86 51.92
CA ASN H 282 3.04 48.33 52.75
C ASN H 282 3.23 47.84 54.19
N THR H 283 3.56 46.55 54.31
CA THR H 283 3.73 45.92 55.61
C THR H 283 4.86 46.59 56.37
N LEU H 284 5.96 46.88 55.66
CA LEU H 284 7.11 47.52 56.25
C LEU H 284 6.76 48.92 56.74
N GLN H 285 6.15 49.75 55.86
CA GLN H 285 5.81 51.11 56.24
C GLN H 285 4.80 51.10 57.37
N GLN H 286 3.93 50.07 57.40
CA GLN H 286 2.92 49.96 58.46
C GLN H 286 3.60 49.74 59.81
N ILE H 287 4.62 48.88 59.79
CA ILE H 287 5.37 48.61 61.00
C ILE H 287 6.17 49.84 61.38
N ALA H 288 6.78 50.50 60.39
CA ALA H 288 7.60 51.68 60.60
C ALA H 288 6.81 52.80 61.23
N THR H 289 5.59 53.05 60.71
CA THR H 289 4.75 54.16 61.14
C THR H 289 4.10 53.81 62.49
N SER H 290 3.66 52.55 62.65
CA SER H 290 2.72 52.25 63.72
C SER H 290 3.35 51.48 64.88
N VAL H 291 4.36 50.65 64.57
CA VAL H 291 4.88 49.71 65.54
C VAL H 291 6.19 50.26 66.11
N MET H 292 7.23 50.34 65.27
CA MET H 292 8.47 51.00 65.68
C MET H 292 9.41 51.13 64.46
N PRO H 293 10.35 52.10 64.48
CA PRO H 293 11.25 52.33 63.35
C PRO H 293 12.44 51.38 63.25
N VAL H 294 13.20 51.50 62.15
CA VAL H 294 14.42 50.74 61.90
C VAL H 294 15.45 51.07 62.99
N THR H 295 15.29 52.23 63.64
CA THR H 295 16.26 52.73 64.60
C THR H 295 15.95 52.18 65.99
N ALA H 296 14.77 51.55 66.15
CA ALA H 296 14.33 50.99 67.42
C ALA H 296 15.32 49.94 67.91
N ASP H 297 15.63 50.02 69.21
CA ASP H 297 16.51 49.07 69.86
C ASP H 297 15.69 47.83 70.23
N LEU H 298 15.71 46.84 69.33
CA LEU H 298 14.89 45.66 69.49
C LEU H 298 15.46 44.74 70.58
N LYS H 299 16.77 44.87 70.86
CA LYS H 299 17.39 44.09 71.92
C LYS H 299 16.72 44.44 73.25
N ALA H 300 16.77 45.72 73.61
CA ALA H 300 16.18 46.20 74.85
C ALA H 300 14.69 45.88 74.87
N THR H 301 14.01 46.07 73.73
CA THR H 301 12.57 45.88 73.66
C THR H 301 12.23 44.43 73.97
N TYR H 302 12.91 43.51 73.27
CA TYR H 302 12.63 42.08 73.43
C TYR H 302 12.91 41.68 74.87
N ALA H 303 13.98 42.25 75.45
CA ALA H 303 14.32 42.01 76.84
C ALA H 303 13.22 42.53 77.77
N ASN H 304 12.93 43.83 77.67
CA ASN H 304 12.00 44.43 78.62
C ASN H 304 10.59 43.93 78.31
N ALA H 305 10.32 43.71 77.02
CA ALA H 305 9.02 43.22 76.62
C ALA H 305 8.93 41.72 76.89
N ASN H 306 7.71 41.27 77.15
CA ASN H 306 7.41 39.86 77.27
C ASN H 306 6.06 39.64 76.59
N GLY H 307 5.46 38.47 76.83
CA GLY H 307 4.18 38.12 76.23
C GLY H 307 4.27 38.08 74.72
N ASN H 308 3.09 38.02 74.09
CA ASN H 308 2.98 38.03 72.65
C ASN H 308 3.85 39.11 72.04
N ASP H 309 4.05 40.23 72.74
CA ASP H 309 4.97 41.24 72.22
C ASP H 309 6.23 40.57 71.63
N GLN H 310 6.82 39.61 72.36
CA GLN H 310 7.98 38.88 71.89
C GLN H 310 7.71 38.05 70.63
N SER H 311 6.71 37.16 70.76
CA SER H 311 6.32 36.26 69.67
C SER H 311 6.20 37.05 68.38
N PHE H 312 5.78 38.32 68.50
CA PHE H 312 5.69 39.19 67.34
C PHE H 312 7.05 39.46 66.74
N LEU H 313 7.99 40.02 67.50
CA LEU H 313 9.35 40.18 67.04
C LEU H 313 9.88 38.89 66.42
N GLN H 314 9.50 37.74 66.99
CA GLN H 314 9.90 36.49 66.35
C GLN H 314 9.24 36.37 64.98
N ASP H 315 7.92 36.59 64.95
CA ASP H 315 7.13 36.49 63.73
C ASP H 315 7.65 37.50 62.70
N LEU H 316 8.12 38.65 63.17
CA LEU H 316 8.65 39.67 62.28
C LEU H 316 9.86 39.13 61.53
N ALA H 317 10.78 38.52 62.29
CA ALA H 317 11.99 37.92 61.72
C ALA H 317 11.60 36.82 60.75
N MET H 318 10.63 35.98 61.15
CA MET H 318 10.15 34.92 60.29
C MET H 318 9.60 35.51 58.98
N PHE H 319 8.87 36.63 59.10
CA PHE H 319 8.31 37.30 57.93
C PHE H 319 9.45 37.79 57.03
N LEU H 320 10.32 38.65 57.54
CA LEU H 320 11.40 39.19 56.73
C LEU H 320 12.25 38.06 56.13
N THR H 321 12.69 37.11 56.98
CA THR H 321 13.59 36.06 56.52
C THR H 321 12.93 35.25 55.42
N THR H 322 11.60 35.06 55.52
CA THR H 322 10.91 34.29 54.50
C THR H 322 10.86 35.08 53.21
N TYR H 323 10.32 36.31 53.28
CA TYR H 323 10.07 37.14 52.11
C TYR H 323 11.39 37.42 51.39
N LEU H 324 12.43 37.82 52.13
CA LEU H 324 13.68 38.18 51.50
C LEU H 324 14.31 36.94 50.83
N ALA H 325 14.26 35.80 51.52
CA ALA H 325 14.84 34.57 50.99
C ALA H 325 14.15 34.20 49.67
N ARG H 326 12.90 34.63 49.49
CA ARG H 326 12.16 34.32 48.28
C ARG H 326 12.32 35.45 47.26
N ASN H 327 12.30 36.72 47.70
CA ASN H 327 12.02 37.83 46.79
C ASN H 327 13.07 38.93 46.85
N ARG H 328 14.28 38.60 47.31
CA ARG H 328 15.35 39.60 47.42
C ARG H 328 15.65 40.16 46.02
N ALA H 329 15.62 39.27 45.02
CA ALA H 329 15.86 39.60 43.63
C ALA H 329 14.86 40.66 43.16
N LEU H 330 13.60 40.50 43.58
CA LEU H 330 12.55 41.44 43.22
C LEU H 330 12.90 42.83 43.73
N LEU H 331 13.42 42.92 44.95
CA LEU H 331 13.76 44.22 45.52
C LEU H 331 15.01 44.83 44.87
N GLU H 332 15.77 44.01 44.15
CA GLU H 332 17.08 44.40 43.64
C GLU H 332 16.98 44.97 42.22
N SER H 333 15.99 44.51 41.45
CA SER H 333 15.85 44.87 40.05
C SER H 333 15.57 46.37 39.84
N ASP H 334 14.83 46.98 40.77
CA ASP H 334 14.40 48.36 40.60
C ASP H 334 15.06 49.24 41.66
N GLU H 335 15.85 50.22 41.22
CA GLU H 335 16.72 51.00 42.09
C GLU H 335 15.93 51.91 43.05
N SER H 336 14.66 52.17 42.77
CA SER H 336 13.89 52.99 43.71
C SER H 336 13.59 52.17 44.97
N LEU H 337 13.57 50.83 44.81
CA LEU H 337 13.24 49.92 45.88
C LEU H 337 14.44 49.68 46.81
N ARG H 338 15.59 50.26 46.46
CA ARG H 338 16.80 50.23 47.27
C ARG H 338 16.50 50.64 48.71
N GLU H 339 15.91 51.82 48.90
CA GLU H 339 15.64 52.31 50.24
C GLU H 339 14.80 51.30 51.03
N LEU H 340 13.86 50.62 50.37
CA LEU H 340 13.04 49.62 51.04
C LEU H 340 13.88 48.41 51.44
N LEU H 341 14.65 47.90 50.47
CA LEU H 341 15.50 46.73 50.65
C LEU H 341 16.33 46.88 51.92
N LEU H 342 17.23 47.88 51.94
CA LEU H 342 18.10 48.19 53.07
C LEU H 342 17.28 48.26 54.38
N ASN H 343 16.16 49.00 54.34
CA ASN H 343 15.32 49.15 55.52
C ASN H 343 14.92 47.80 56.09
N ALA H 344 14.49 46.87 55.23
CA ALA H 344 14.07 45.55 55.67
C ALA H 344 15.24 44.80 56.32
N HIS H 345 16.37 44.79 55.61
CA HIS H 345 17.58 44.18 56.15
C HIS H 345 17.95 44.83 57.47
N GLN H 346 17.85 46.16 57.56
CA GLN H 346 18.15 46.87 58.80
C GLN H 346 17.33 46.28 59.95
N TYR H 347 16.05 45.96 59.69
CA TYR H 347 15.22 45.39 60.72
C TYR H 347 15.82 44.08 61.20
N LEU H 348 16.21 43.20 60.25
CA LEU H 348 16.86 41.95 60.64
C LEU H 348 18.09 42.24 61.49
N ILE H 349 18.91 43.21 61.08
CA ILE H 349 20.08 43.57 61.86
C ILE H 349 19.66 43.85 63.30
N GLN H 350 18.59 44.64 63.46
CA GLN H 350 18.11 44.97 64.79
C GLN H 350 17.55 43.72 65.46
N LEU H 351 16.87 42.88 64.70
CA LEU H 351 16.34 41.61 65.20
C LEU H 351 17.49 40.64 65.53
N SER H 352 18.60 40.78 64.81
CA SER H 352 19.74 39.90 65.02
C SER H 352 20.45 40.26 66.33
N LYS H 353 20.19 41.48 66.84
CA LYS H 353 20.82 41.93 68.06
C LYS H 353 20.04 41.45 69.28
N ILE H 354 18.90 40.80 69.04
CA ILE H 354 18.05 40.34 70.13
C ILE H 354 18.69 39.10 70.75
N GLU H 355 18.84 39.13 72.07
CA GLU H 355 19.37 38.01 72.84
C GLU H 355 18.26 36.96 72.99
N GLU H 356 18.16 36.09 71.99
CA GLU H 356 17.29 34.93 72.02
C GLU H 356 17.81 33.96 70.96
N ARG H 357 18.32 32.82 71.42
CA ARG H 357 19.16 32.02 70.54
C ARG H 357 18.40 31.58 69.30
N GLU H 358 17.16 31.09 69.49
CA GLU H 358 16.38 30.50 68.42
C GLU H 358 16.03 31.54 67.35
N LEU H 359 15.69 32.76 67.80
CA LEU H 359 15.42 33.90 66.93
C LEU H 359 16.68 34.24 66.15
N PHE H 360 17.83 34.19 66.84
CA PHE H 360 19.10 34.54 66.22
C PHE H 360 19.44 33.52 65.14
N LYS H 361 19.11 32.25 65.39
CA LYS H 361 19.40 31.18 64.45
C LYS H 361 18.55 31.35 63.20
N THR H 362 17.28 31.76 63.42
CA THR H 362 16.34 32.02 62.34
C THR H 362 16.90 33.11 61.44
N THR H 363 17.38 34.20 62.05
CA THR H 363 18.00 35.29 61.31
C THR H 363 19.30 34.83 60.66
N LEU H 364 20.04 33.97 61.35
CA LEU H 364 21.36 33.59 60.87
C LEU H 364 21.28 32.73 59.61
N ASP H 365 20.26 31.86 59.52
CA ASP H 365 20.07 31.07 58.31
C ASP H 365 19.98 32.00 57.10
N TYR H 366 19.13 33.04 57.22
CA TYR H 366 18.94 34.01 56.17
C TYR H 366 20.25 34.75 55.92
N TRP H 367 20.92 35.18 56.99
CA TRP H 367 22.17 35.88 56.85
C TRP H 367 23.13 35.06 55.99
N HIS H 368 23.16 33.75 56.24
CA HIS H 368 24.06 32.85 55.53
C HIS H 368 23.71 32.85 54.04
N ASN H 369 22.41 32.71 53.75
CA ASN H 369 21.88 32.82 52.41
C ASN H 369 22.36 34.10 51.72
N LEU H 370 22.25 35.23 52.40
CA LEU H 370 22.56 36.53 51.78
C LEU H 370 24.05 36.65 51.50
N VAL H 371 24.89 36.25 52.46
CA VAL H 371 26.34 36.39 52.34
C VAL H 371 26.90 35.39 51.32
N ALA H 372 26.29 34.20 51.21
CA ALA H 372 26.62 33.24 50.15
C ALA H 372 26.35 33.84 48.77
N ASP H 373 25.17 34.45 48.63
CA ASP H 373 24.76 35.06 47.38
C ASP H 373 25.74 36.17 47.00
N LEU H 374 26.11 37.00 47.99
CA LEU H 374 27.01 38.12 47.78
C LEU H 374 28.40 37.62 47.39
N PHE H 375 28.84 36.53 48.04
CA PHE H 375 30.15 35.96 47.78
C PHE H 375 30.25 35.49 46.33
N TYR H 376 29.18 34.87 45.80
CA TYR H 376 29.16 34.32 44.46
C TYR H 376 28.65 35.32 43.41
N GLU H 377 28.12 36.47 43.84
CA GLU H 377 27.65 37.45 42.87
C GLU H 377 28.09 38.85 43.26
N PRO H 378 29.35 39.27 42.89
CA PRO H 378 30.00 40.47 43.44
C PRO H 378 29.31 41.79 43.09
N LEU H 379 28.39 41.70 42.12
CA LEU H 379 27.82 42.90 41.53
C LEU H 379 26.88 43.58 42.52
N LYS H 380 26.13 42.78 43.31
CA LYS H 380 25.16 43.29 44.26
C LYS H 380 25.85 43.65 45.58
N LYS H 381 27.11 43.24 45.73
CA LYS H 381 27.82 43.29 47.00
C LYS H 381 27.69 44.69 47.63
N HIS H 382 27.99 45.71 46.82
CA HIS H 382 28.11 47.07 47.31
C HIS H 382 26.79 47.53 47.95
N ILE H 383 25.67 47.03 47.44
CA ILE H 383 24.34 47.39 47.89
C ILE H 383 24.21 47.11 49.39
N TYR H 384 24.81 45.99 49.83
CA TYR H 384 24.63 45.56 51.21
C TYR H 384 25.88 45.83 52.06
N GLU H 385 26.80 46.65 51.56
CA GLU H 385 28.09 46.84 52.22
C GLU H 385 28.00 47.51 53.60
N GLU H 386 26.91 48.23 53.89
CA GLU H 386 26.70 48.79 55.21
C GLU H 386 26.08 47.73 56.10
N ILE H 387 25.11 46.97 55.54
CA ILE H 387 24.43 45.91 56.26
C ILE H 387 25.45 44.86 56.70
N CYS H 388 26.33 44.48 55.77
CA CYS H 388 27.36 43.49 56.03
C CYS H 388 28.26 43.94 57.18
N SER H 389 28.70 45.20 57.14
CA SER H 389 29.57 45.74 58.17
C SER H 389 28.96 45.52 59.55
N GLN H 390 27.68 45.87 59.69
CA GLN H 390 27.03 45.73 60.99
C GLN H 390 26.86 44.25 61.34
N LEU H 391 26.58 43.42 60.34
CA LEU H 391 26.37 41.98 60.56
C LEU H 391 27.64 41.39 61.13
N ARG H 392 28.78 41.81 60.56
CA ARG H 392 30.10 41.39 61.02
C ARG H 392 30.19 41.60 62.52
N LEU H 393 30.00 42.84 62.97
CA LEU H 393 30.06 43.15 64.39
C LEU H 393 29.11 42.24 65.17
N VAL H 394 27.87 42.08 64.69
CA VAL H 394 26.91 41.26 65.39
C VAL H 394 27.48 39.86 65.66
N ILE H 395 27.99 39.21 64.60
CA ILE H 395 28.49 37.84 64.64
C ILE H 395 29.72 37.75 65.55
N ILE H 396 30.68 38.66 65.35
CA ILE H 396 31.86 38.75 66.19
C ILE H 396 31.47 38.90 67.66
N GLU H 397 30.37 39.60 67.94
CA GLU H 397 29.98 39.85 69.33
C GLU H 397 29.19 38.66 69.89
N ASN H 398 28.78 37.73 69.03
CA ASN H 398 27.85 36.69 69.47
C ASN H 398 28.38 35.31 69.10
N MET H 399 29.71 35.20 68.90
CA MET H 399 30.33 33.90 68.69
C MET H 399 30.14 33.04 69.93
N VAL H 400 29.73 31.79 69.71
CA VAL H 400 29.51 30.87 70.80
C VAL H 400 30.72 29.96 70.91
N ARG H 401 30.78 29.17 72.00
CA ARG H 401 31.92 28.30 72.25
C ARG H 401 32.04 27.27 71.13
N PRO H 402 33.21 27.22 70.44
CA PRO H 402 33.43 26.29 69.32
C PRO H 402 33.41 24.80 69.63
N GLU H 403 33.93 24.45 70.80
CA GLU H 403 34.02 23.08 71.30
C GLU H 403 33.35 23.04 72.67
N GLU H 404 32.61 21.95 72.88
CA GLU H 404 31.91 21.73 74.14
C GLU H 404 32.36 20.40 74.74
N VAL H 405 32.56 20.40 76.06
CA VAL H 405 33.09 19.23 76.72
C VAL H 405 32.23 18.92 77.93
N LEU H 406 31.90 17.63 78.11
CA LEU H 406 31.09 17.17 79.22
C LEU H 406 31.91 16.28 80.14
N VAL H 407 31.60 16.36 81.44
CA VAL H 407 32.14 15.48 82.45
C VAL H 407 31.02 14.50 82.85
N VAL H 408 31.19 13.23 82.43
CA VAL H 408 30.18 12.20 82.64
C VAL H 408 30.75 11.15 83.60
N GLU H 409 29.86 10.43 84.27
CA GLU H 409 30.24 9.28 85.05
C GLU H 409 29.80 8.02 84.31
N ASN H 410 30.72 7.09 84.03
CA ASN H 410 30.37 5.84 83.37
C ASN H 410 29.84 4.83 84.39
N ASP H 411 29.52 3.62 83.93
CA ASP H 411 28.94 2.58 84.76
C ASP H 411 29.95 2.04 85.76
N GLU H 412 31.22 2.45 85.62
CA GLU H 412 32.26 1.99 86.52
C GLU H 412 32.55 3.06 87.58
N GLY H 413 31.90 4.22 87.45
CA GLY H 413 32.03 5.30 88.41
C GLY H 413 33.20 6.24 88.10
N GLU H 414 33.85 6.05 86.95
CA GLU H 414 34.93 6.94 86.52
C GLU H 414 34.34 8.28 86.04
N ILE H 415 35.04 9.37 86.34
CA ILE H 415 34.69 10.69 85.84
C ILE H 415 35.49 10.93 84.56
N VAL H 416 34.79 10.86 83.42
CA VAL H 416 35.44 10.91 82.10
C VAL H 416 35.06 12.21 81.40
N ARG H 417 36.08 12.89 80.88
CA ARG H 417 35.92 14.13 80.13
C ARG H 417 35.78 13.77 78.65
N GLU H 418 34.62 14.05 78.08
CA GLU H 418 34.35 13.69 76.70
C GLU H 418 34.01 14.96 75.93
N PHE H 419 34.63 15.13 74.74
CA PHE H 419 34.25 16.21 73.85
C PHE H 419 32.95 15.86 73.12
N VAL H 420 31.96 16.74 73.25
CA VAL H 420 30.65 16.57 72.62
C VAL H 420 30.86 16.91 71.15
N LYS H 421 30.19 16.16 70.27
CA LYS H 421 30.09 16.52 68.87
C LYS H 421 28.63 16.72 68.47
N GLU H 422 28.40 17.75 67.64
CA GLU H 422 27.10 18.03 67.05
C GLU H 422 26.08 18.40 68.12
N SER H 423 26.51 19.20 69.12
CA SER H 423 25.57 19.85 70.01
C SER H 423 24.95 21.06 69.31
N ASP H 424 23.90 21.61 69.95
CA ASP H 424 23.25 22.81 69.44
C ASP H 424 24.31 23.91 69.34
N THR H 425 25.08 24.10 70.43
CA THR H 425 26.02 25.20 70.45
C THR H 425 27.06 25.03 69.35
N ILE H 426 27.42 23.77 69.05
CA ILE H 426 28.46 23.52 68.06
C ILE H 426 27.92 23.87 66.67
N GLN H 427 26.69 23.44 66.39
CA GLN H 427 26.07 23.78 65.10
C GLN H 427 25.92 25.30 64.97
N LEU H 428 25.59 25.97 66.08
CA LEU H 428 25.48 27.42 66.03
C LEU H 428 26.84 28.04 65.69
N TYR H 429 27.91 27.52 66.33
CA TYR H 429 29.25 28.00 66.06
C TYR H 429 29.57 27.83 64.57
N LYS H 430 29.22 26.65 64.01
CA LYS H 430 29.58 26.32 62.65
C LYS H 430 28.84 27.25 61.68
N SER H 431 27.57 27.52 61.98
CA SER H 431 26.76 28.41 61.18
C SER H 431 27.37 29.81 61.19
N GLU H 432 27.70 30.29 62.39
CA GLU H 432 28.27 31.61 62.58
C GLU H 432 29.61 31.70 61.85
N ARG H 433 30.37 30.61 61.90
CA ARG H 433 31.68 30.57 61.27
C ARG H 433 31.51 30.77 59.77
N GLU H 434 30.55 30.05 59.18
CA GLU H 434 30.34 30.12 57.74
C GLU H 434 29.94 31.53 57.34
N VAL H 435 29.07 32.13 58.16
CA VAL H 435 28.59 33.47 57.90
C VAL H 435 29.75 34.46 57.99
N LEU H 436 30.60 34.29 59.01
CA LEU H 436 31.63 35.27 59.24
C LEU H 436 32.78 35.06 58.26
N VAL H 437 32.92 33.84 57.74
CA VAL H 437 33.97 33.59 56.77
C VAL H 437 33.59 34.25 55.46
N TYR H 438 32.33 34.05 55.05
CA TYR H 438 31.77 34.75 53.91
C TYR H 438 32.01 36.26 54.06
N LEU H 439 31.62 36.81 55.23
CA LEU H 439 31.75 38.24 55.50
C LEU H 439 33.20 38.68 55.41
N THR H 440 34.14 37.85 55.87
CA THR H 440 35.55 38.18 55.79
C THR H 440 36.02 38.18 54.34
N HIS H 441 35.59 37.17 53.58
CA HIS H 441 35.91 37.14 52.17
C HIS H 441 35.39 38.41 51.49
N LEU H 442 34.17 38.85 51.86
CA LEU H 442 33.54 39.99 51.22
C LEU H 442 34.34 41.28 51.45
N ASN H 443 34.79 41.47 52.69
CA ASN H 443 35.64 42.60 53.01
C ASN H 443 36.59 42.21 54.15
N VAL H 444 37.82 41.83 53.77
CA VAL H 444 38.81 41.43 54.76
C VAL H 444 39.19 42.64 55.59
N ILE H 445 39.24 43.81 54.95
CA ILE H 445 39.78 45.01 55.60
C ILE H 445 38.88 45.40 56.76
N ASP H 446 37.56 45.28 56.53
CA ASP H 446 36.56 45.68 57.51
C ASP H 446 36.55 44.72 58.70
N THR H 447 36.61 43.41 58.39
CA THR H 447 36.64 42.37 59.42
C THR H 447 37.86 42.56 60.32
N GLU H 448 39.03 42.76 59.71
CA GLU H 448 40.25 42.93 60.47
C GLU H 448 40.14 44.17 61.36
N GLU H 449 39.65 45.28 60.78
CA GLU H 449 39.57 46.53 61.51
C GLU H 449 38.66 46.36 62.73
N ILE H 450 37.54 45.67 62.54
CA ILE H 450 36.56 45.48 63.60
C ILE H 450 37.18 44.64 64.71
N MET H 451 37.87 43.57 64.31
CA MET H 451 38.41 42.65 65.29
C MET H 451 39.54 43.32 66.07
N ILE H 452 40.37 44.10 65.38
CA ILE H 452 41.46 44.81 66.05
C ILE H 452 40.87 45.87 66.97
N SER H 453 39.73 46.44 66.59
CA SER H 453 39.10 47.44 67.44
C SER H 453 38.56 46.81 68.72
N LYS H 454 37.83 45.70 68.59
CA LYS H 454 37.33 44.99 69.77
C LYS H 454 38.50 44.64 70.68
N LEU H 455 39.61 44.20 70.07
CA LEU H 455 40.80 43.83 70.81
C LEU H 455 41.40 45.04 71.54
N ALA H 456 41.48 46.18 70.85
CA ALA H 456 42.04 47.38 71.47
C ALA H 456 41.15 47.81 72.64
N ARG H 457 39.83 47.60 72.50
CA ARG H 457 38.86 47.90 73.55
C ARG H 457 38.97 46.87 74.68
N GLN H 458 39.55 45.70 74.38
CA GLN H 458 39.89 44.73 75.41
C GLN H 458 41.14 45.17 76.17
N ILE H 459 42.11 45.75 75.45
CA ILE H 459 43.40 46.14 76.00
C ILE H 459 43.25 47.31 76.99
N ASP H 460 42.50 48.35 76.61
CA ASP H 460 42.32 49.53 77.45
C ASP H 460 41.36 49.23 78.61
N GLY H 461 40.65 48.10 78.54
CA GLY H 461 39.80 47.63 79.63
C GLY H 461 38.36 48.14 79.55
N SER H 462 38.05 48.89 78.48
CA SER H 462 36.74 49.50 78.30
C SER H 462 35.66 48.44 78.08
N GLU H 463 36.00 47.38 77.34
CA GLU H 463 35.06 46.31 77.05
C GLU H 463 35.56 44.99 77.65
N TRP H 464 36.44 45.08 78.64
CA TRP H 464 37.06 43.90 79.22
C TRP H 464 36.06 43.09 80.05
N SER H 465 35.94 41.80 79.72
CA SER H 465 35.28 40.80 80.53
C SER H 465 35.68 39.43 79.99
N TRP H 466 35.61 38.40 80.84
CA TRP H 466 35.99 37.06 80.43
C TRP H 466 35.19 36.66 79.20
N HIS H 467 33.89 36.93 79.23
CA HIS H 467 33.01 36.53 78.14
C HIS H 467 33.37 37.29 76.87
N ASN H 468 33.72 38.57 77.00
CA ASN H 468 34.01 39.38 75.82
C ASN H 468 35.28 38.87 75.15
N ILE H 469 36.32 38.65 75.96
CA ILE H 469 37.61 38.24 75.43
C ILE H 469 37.51 36.83 74.83
N ASN H 470 36.68 35.98 75.44
CA ASN H 470 36.49 34.63 74.94
C ASN H 470 35.79 34.70 73.58
N THR H 471 34.74 35.53 73.51
CA THR H 471 33.95 35.64 72.30
C THR H 471 34.83 36.17 71.18
N LEU H 472 35.59 37.22 71.49
CA LEU H 472 36.44 37.85 70.49
C LEU H 472 37.44 36.83 69.97
N SER H 473 38.01 36.04 70.89
CA SER H 473 39.00 35.05 70.52
C SER H 473 38.38 34.00 69.62
N TRP H 474 37.18 33.54 69.98
CA TRP H 474 36.52 32.51 69.18
C TRP H 474 36.32 33.01 67.75
N ALA H 475 35.91 34.29 67.67
CA ALA H 475 35.68 35.00 66.41
C ALA H 475 36.97 35.07 65.60
N ILE H 476 38.05 35.53 66.25
CA ILE H 476 39.32 35.64 65.56
C ILE H 476 39.72 34.26 65.03
N GLY H 477 39.51 33.22 65.83
CA GLY H 477 39.86 31.87 65.45
C GLY H 477 38.97 31.32 64.33
N SER H 478 37.73 31.82 64.25
CA SER H 478 36.76 31.29 63.32
C SER H 478 37.12 31.63 61.87
N ILE H 479 37.79 32.76 61.65
CA ILE H 479 38.05 33.25 60.30
C ILE H 479 39.42 32.75 59.84
N SER H 480 39.92 31.74 60.52
CA SER H 480 41.20 31.20 60.12
C SER H 480 41.10 30.66 58.71
N GLY H 481 42.10 30.98 57.89
CA GLY H 481 42.26 30.37 56.58
C GLY H 481 41.47 31.12 55.51
N THR H 482 41.09 32.37 55.82
CA THR H 482 40.31 33.18 54.91
C THR H 482 41.19 34.27 54.33
N MET H 483 42.09 34.82 55.15
CA MET H 483 42.99 35.87 54.70
C MET H 483 44.12 35.25 53.88
N SER H 484 44.87 36.09 53.16
CA SER H 484 46.08 35.63 52.49
C SER H 484 47.13 35.33 53.55
N GLU H 485 48.08 34.44 53.25
CA GLU H 485 49.01 34.02 54.27
C GLU H 485 49.77 35.22 54.83
N ASP H 486 50.08 36.20 53.96
CA ASP H 486 50.81 37.38 54.41
C ASP H 486 49.96 38.22 55.35
N THR H 487 48.70 38.45 54.97
CA THR H 487 47.78 39.22 55.78
C THR H 487 47.50 38.46 57.08
N GLU H 488 47.34 37.14 56.96
CA GLU H 488 47.09 36.29 58.10
C GLU H 488 48.27 36.37 59.06
N LYS H 489 49.48 36.36 58.49
CA LYS H 489 50.70 36.43 59.28
C LYS H 489 50.70 37.70 60.13
N ARG H 490 50.45 38.86 59.50
CA ARG H 490 50.50 40.12 60.20
C ARG H 490 49.37 40.20 61.21
N PHE H 491 48.21 39.62 60.88
CA PHE H 491 47.05 39.71 61.74
C PHE H 491 47.32 38.93 63.01
N VAL H 492 47.78 37.69 62.84
CA VAL H 492 47.98 36.77 63.95
C VAL H 492 49.08 37.32 64.85
N VAL H 493 50.16 37.82 64.25
CA VAL H 493 51.27 38.43 64.97
C VAL H 493 50.73 39.53 65.90
N THR H 494 49.89 40.42 65.34
CA THR H 494 49.35 41.54 66.09
C THR H 494 48.50 41.01 67.24
N VAL H 495 47.61 40.07 66.91
CA VAL H 495 46.64 39.61 67.89
C VAL H 495 47.38 38.93 69.05
N ILE H 496 48.33 38.06 68.72
CA ILE H 496 49.02 37.30 69.76
C ILE H 496 49.86 38.24 70.61
N LYS H 497 50.58 39.17 69.95
CA LYS H 497 51.44 40.11 70.66
C LYS H 497 50.61 40.95 71.64
N ASP H 498 49.47 41.45 71.17
CA ASP H 498 48.62 42.30 72.00
C ASP H 498 48.12 41.50 73.19
N LEU H 499 47.69 40.25 72.94
CA LEU H 499 47.14 39.40 73.98
C LEU H 499 48.20 39.05 75.02
N LEU H 500 49.45 38.86 74.58
CA LEU H 500 50.54 38.62 75.52
C LEU H 500 50.78 39.85 76.38
N ASP H 501 50.79 41.04 75.78
CA ASP H 501 50.98 42.28 76.52
C ASP H 501 49.83 42.46 77.50
N LEU H 502 48.62 42.11 77.07
CA LEU H 502 47.44 42.18 77.92
C LEU H 502 47.63 41.27 79.13
N THR H 503 48.14 40.05 78.90
CA THR H 503 48.35 39.10 79.99
C THR H 503 49.31 39.69 81.02
N VAL H 504 50.36 40.36 80.54
CA VAL H 504 51.34 40.97 81.43
C VAL H 504 50.66 42.07 82.24
N LYS H 505 49.78 42.84 81.58
CA LYS H 505 49.11 43.99 82.15
C LYS H 505 48.03 43.55 83.16
N LYS H 506 47.30 42.48 82.83
CA LYS H 506 46.26 41.98 83.73
C LYS H 506 46.90 41.46 85.02
N ARG H 507 46.23 41.75 86.14
CA ARG H 507 46.64 41.29 87.45
C ARG H 507 45.71 40.16 87.87
N GLY H 508 46.26 39.22 88.65
CA GLY H 508 45.49 38.10 89.18
C GLY H 508 45.65 36.85 88.30
N LYS H 509 45.67 35.69 88.96
CA LYS H 509 45.91 34.43 88.26
C LYS H 509 44.70 34.10 87.38
N ASP H 510 43.51 34.46 87.85
CA ASP H 510 42.26 34.21 87.14
C ASP H 510 42.30 34.83 85.75
N ASN H 511 42.52 36.15 85.72
CA ASN H 511 42.50 36.93 84.50
C ASN H 511 43.58 36.45 83.55
N LYS H 512 44.79 36.24 84.08
CA LYS H 512 45.90 35.82 83.27
C LYS H 512 45.58 34.48 82.62
N ALA H 513 44.98 33.56 83.39
CA ALA H 513 44.63 32.24 82.90
C ALA H 513 43.64 32.35 81.74
N VAL H 514 42.65 33.23 81.90
CA VAL H 514 41.62 33.42 80.89
C VAL H 514 42.28 33.86 79.58
N VAL H 515 43.12 34.89 79.67
CA VAL H 515 43.76 35.49 78.50
C VAL H 515 44.73 34.49 77.89
N ALA H 516 45.48 33.79 78.75
CA ALA H 516 46.42 32.80 78.23
C ALA H 516 45.65 31.73 77.46
N SER H 517 44.56 31.21 78.05
CA SER H 517 43.80 30.14 77.40
C SER H 517 43.31 30.62 76.04
N ASP H 518 42.94 31.92 75.96
CA ASP H 518 42.49 32.54 74.72
C ASP H 518 43.63 32.57 73.71
N ILE H 519 44.84 32.93 74.17
CA ILE H 519 46.03 32.96 73.34
C ILE H 519 46.25 31.58 72.73
N MET H 520 46.13 30.54 73.56
CA MET H 520 46.38 29.19 73.07
C MET H 520 45.30 28.80 72.07
N TYR H 521 44.05 29.17 72.36
CA TYR H 521 42.97 28.83 71.46
C TYR H 521 43.24 29.46 70.09
N VAL H 522 43.59 30.75 70.09
CA VAL H 522 43.85 31.47 68.85
C VAL H 522 45.00 30.81 68.10
N VAL H 523 46.12 30.55 68.79
CA VAL H 523 47.29 29.96 68.13
C VAL H 523 46.91 28.60 67.53
N GLY H 524 46.12 27.82 68.30
CA GLY H 524 45.71 26.50 67.87
C GLY H 524 44.79 26.57 66.66
N GLN H 525 44.19 27.74 66.48
CA GLN H 525 43.22 27.92 65.41
C GLN H 525 43.92 28.34 64.12
N TYR H 526 45.20 28.72 64.20
CA TYR H 526 45.95 29.17 63.03
C TYR H 526 47.11 28.22 62.72
N PRO H 527 46.83 26.99 62.22
CA PRO H 527 47.89 26.02 61.98
C PRO H 527 48.85 26.46 60.89
N ARG H 528 48.36 27.30 59.95
CA ARG H 528 49.22 27.68 58.84
C ARG H 528 50.40 28.50 59.36
N PHE H 529 50.13 29.32 60.39
CA PHE H 529 51.17 30.18 60.93
C PHE H 529 52.20 29.34 61.66
N LEU H 530 51.73 28.28 62.33
CA LEU H 530 52.60 27.38 63.07
C LEU H 530 53.50 26.63 62.10
N LYS H 531 52.93 26.17 60.97
CA LYS H 531 53.67 25.38 60.02
C LYS H 531 54.76 26.20 59.33
N ALA H 532 54.49 27.50 59.14
CA ALA H 532 55.38 28.36 58.40
C ALA H 532 56.53 28.86 59.30
N HIS H 533 56.39 28.67 60.61
CA HIS H 533 57.36 29.21 61.56
C HIS H 533 57.57 28.20 62.69
N TRP H 534 58.61 27.37 62.55
CA TRP H 534 58.90 26.29 63.48
C TRP H 534 59.18 26.80 64.90
N ASN H 535 60.04 27.83 64.97
CA ASN H 535 60.39 28.50 66.21
C ASN H 535 59.14 28.72 67.06
N PHE H 536 58.09 29.32 66.48
CA PHE H 536 56.86 29.64 67.19
C PHE H 536 56.19 28.36 67.67
N LEU H 537 56.12 27.36 66.79
CA LEU H 537 55.50 26.09 67.12
C LEU H 537 56.18 25.48 68.33
N ARG H 538 57.52 25.49 68.32
CA ARG H 538 58.29 24.93 69.42
C ARG H 538 57.92 25.68 70.71
N THR H 539 57.98 27.02 70.63
CA THR H 539 57.82 27.84 71.82
C THR H 539 56.45 27.60 72.42
N VAL H 540 55.44 27.46 71.56
CA VAL H 540 54.07 27.20 71.98
C VAL H 540 54.00 25.83 72.65
N ILE H 541 54.51 24.79 71.98
CA ILE H 541 54.38 23.44 72.49
C ILE H 541 55.10 23.38 73.84
N LEU H 542 56.26 24.02 73.94
CA LEU H 542 57.01 24.07 75.19
C LEU H 542 56.18 24.79 76.25
N LYS H 543 55.65 25.97 75.91
CA LYS H 543 54.88 26.76 76.86
C LYS H 543 53.67 25.95 77.33
N LEU H 544 53.11 25.12 76.44
CA LEU H 544 52.02 24.24 76.82
C LEU H 544 52.56 23.21 77.81
N PHE H 545 53.73 22.65 77.53
CA PHE H 545 54.34 21.72 78.48
C PHE H 545 54.44 22.39 79.84
N GLU H 546 54.91 23.63 79.84
CA GLU H 546 55.09 24.37 81.08
C GLU H 546 53.74 24.52 81.78
N PHE H 547 52.68 24.73 80.99
CA PHE H 547 51.35 24.93 81.53
C PHE H 547 50.84 23.63 82.12
N MET H 548 51.39 22.51 81.64
CA MET H 548 50.90 21.20 82.04
C MET H 548 51.24 20.94 83.51
N HIS H 549 52.01 21.83 84.14
CA HIS H 549 52.31 21.71 85.57
C HIS H 549 51.50 22.70 86.40
N GLU H 550 50.59 23.45 85.76
CA GLU H 550 49.82 24.48 86.46
C GLU H 550 48.54 23.89 87.04
N THR H 551 48.33 24.11 88.34
CA THR H 551 47.22 23.45 89.02
C THR H 551 45.94 24.26 88.87
N HIS H 552 46.06 25.50 88.38
CA HIS H 552 44.92 26.41 88.24
C HIS H 552 43.82 25.73 87.43
N GLU H 553 42.58 25.82 87.94
CA GLU H 553 41.45 25.05 87.45
C GLU H 553 41.26 25.31 85.95
N GLY H 554 41.43 24.25 85.16
CA GLY H 554 41.15 24.30 83.73
C GLY H 554 42.40 24.43 82.88
N VAL H 555 43.48 24.97 83.46
CA VAL H 555 44.69 25.29 82.69
C VAL H 555 45.32 24.03 82.11
N GLN H 556 45.38 22.95 82.90
CA GLN H 556 46.03 21.74 82.42
C GLN H 556 45.26 21.13 81.26
N ASP H 557 43.94 21.08 81.42
CA ASP H 557 43.08 20.57 80.36
C ASP H 557 43.25 21.43 79.10
N MET H 558 43.42 22.74 79.29
CA MET H 558 43.54 23.67 78.18
C MET H 558 44.84 23.36 77.43
N ALA H 559 45.91 23.15 78.20
CA ALA H 559 47.22 22.89 77.62
C ALA H 559 47.20 21.56 76.87
N CYS H 560 46.54 20.55 77.44
CA CYS H 560 46.53 19.26 76.78
C CYS H 560 45.71 19.33 75.50
N ASP H 561 44.55 19.99 75.59
CA ASP H 561 43.64 20.13 74.46
C ASP H 561 44.34 20.84 73.31
N THR H 562 45.04 21.94 73.64
CA THR H 562 45.76 22.74 72.66
C THR H 562 46.86 21.90 72.02
N PHE H 563 47.61 21.16 72.86
CA PHE H 563 48.73 20.35 72.42
C PHE H 563 48.24 19.33 71.38
N ILE H 564 47.20 18.58 71.73
CA ILE H 564 46.76 17.50 70.86
C ILE H 564 46.13 18.11 69.60
N LYS H 565 45.43 19.24 69.79
CA LYS H 565 44.85 19.94 68.66
C LYS H 565 45.95 20.41 67.72
N ILE H 566 47.01 21.00 68.27
CA ILE H 566 48.08 21.52 67.42
C ILE H 566 48.76 20.37 66.68
N VAL H 567 48.93 19.22 67.34
CA VAL H 567 49.66 18.15 66.68
C VAL H 567 48.80 17.52 65.59
N GLN H 568 47.47 17.49 65.81
CA GLN H 568 46.57 16.89 64.84
C GLN H 568 46.79 17.54 63.47
N LYS H 569 47.10 18.84 63.50
CA LYS H 569 47.19 19.62 62.28
C LYS H 569 48.65 19.75 61.82
N CYS H 570 49.61 19.70 62.76
CA CYS H 570 50.97 20.08 62.47
C CYS H 570 51.93 18.90 62.66
N LYS H 571 51.41 17.67 62.56
CA LYS H 571 52.15 16.47 62.96
C LYS H 571 53.48 16.37 62.23
N TYR H 572 53.49 16.74 60.95
CA TYR H 572 54.67 16.51 60.12
C TYR H 572 55.86 17.30 60.67
N HIS H 573 55.60 18.41 61.37
CA HIS H 573 56.71 19.26 61.77
C HIS H 573 57.38 18.71 63.02
N PHE H 574 56.80 17.65 63.59
CA PHE H 574 57.38 17.07 64.79
C PHE H 574 58.27 15.88 64.45
N VAL H 575 57.98 15.19 63.34
CA VAL H 575 58.71 13.98 62.99
C VAL H 575 59.95 14.29 62.15
N ILE H 576 60.00 15.46 61.52
CA ILE H 576 61.16 15.76 60.70
C ILE H 576 62.15 16.56 61.52
N GLN H 577 63.43 16.50 61.12
CA GLN H 577 64.43 17.29 61.79
C GLN H 577 64.39 18.68 61.21
N GLN H 578 63.89 19.62 62.01
CA GLN H 578 63.83 21.00 61.58
C GLN H 578 65.24 21.58 61.56
N PRO H 579 65.55 22.45 60.57
CA PRO H 579 66.87 23.09 60.52
C PRO H 579 67.05 23.89 61.81
N ARG H 580 68.26 23.85 62.38
CA ARG H 580 68.61 24.52 63.63
C ARG H 580 68.21 23.63 64.80
N GLU H 581 67.71 22.42 64.48
CA GLU H 581 67.28 21.48 65.51
C GLU H 581 68.13 20.21 65.43
N SER H 582 68.55 19.71 66.60
CA SER H 582 69.47 18.60 66.70
C SER H 582 68.80 17.26 66.40
N GLU H 583 67.47 17.21 66.48
CA GLU H 583 66.70 15.98 66.33
C GLU H 583 65.24 16.32 66.03
N PRO H 584 64.43 15.40 65.45
CA PRO H 584 62.98 15.58 65.42
C PRO H 584 62.42 15.87 66.80
N PHE H 585 61.43 16.77 66.88
CA PHE H 585 60.95 17.24 68.17
C PHE H 585 60.19 16.14 68.90
N ILE H 586 59.74 15.12 68.16
CA ILE H 586 59.06 13.99 68.79
C ILE H 586 60.01 13.29 69.76
N GLN H 587 61.29 13.20 69.39
CA GLN H 587 62.27 12.60 70.27
C GLN H 587 62.42 13.43 71.54
N THR H 588 62.39 14.76 71.38
CA THR H 588 62.53 15.67 72.52
C THR H 588 61.34 15.51 73.46
N ILE H 589 60.14 15.35 72.88
CA ILE H 589 58.92 15.21 73.64
C ILE H 589 58.96 13.88 74.40
N ILE H 590 59.38 12.81 73.71
CA ILE H 590 59.38 11.49 74.30
C ILE H 590 60.43 11.40 75.40
N ARG H 591 61.58 12.06 75.20
CA ARG H 591 62.63 12.08 76.21
C ARG H 591 62.06 12.55 77.53
N ASP H 592 61.38 13.70 77.54
CA ASP H 592 61.08 14.33 78.82
C ASP H 592 59.67 14.01 79.27
N ILE H 593 59.04 12.99 78.67
CA ILE H 593 57.62 12.74 78.84
C ILE H 593 57.27 12.54 80.32
N GLN H 594 58.22 11.98 81.09
CA GLN H 594 57.97 11.73 82.50
C GLN H 594 57.76 13.05 83.21
N LYS H 595 58.69 13.99 82.93
CA LYS H 595 58.76 15.25 83.64
C LYS H 595 57.59 16.11 83.22
N THR H 596 57.34 16.13 81.91
CA THR H 596 56.27 16.89 81.28
C THR H 596 54.91 16.49 81.86
N THR H 597 54.66 15.19 81.96
CA THR H 597 53.32 14.71 82.27
C THR H 597 53.18 14.37 83.75
N ALA H 598 54.16 14.75 84.55
CA ALA H 598 54.25 14.33 85.94
C ALA H 598 53.02 14.80 86.72
N ASP H 599 52.57 16.03 86.44
CA ASP H 599 51.55 16.69 87.24
C ASP H 599 50.15 16.49 86.65
N LEU H 600 50.09 15.92 85.45
CA LEU H 600 48.83 15.77 84.76
C LEU H 600 47.97 14.72 85.46
N GLN H 601 46.65 14.87 85.30
CA GLN H 601 45.67 13.85 85.66
C GLN H 601 45.87 12.64 84.73
N PRO H 602 45.42 11.43 85.14
CA PRO H 602 45.55 10.25 84.29
C PRO H 602 45.04 10.48 82.87
N GLN H 603 43.85 11.10 82.77
CA GLN H 603 43.20 11.25 81.48
C GLN H 603 43.98 12.22 80.59
N GLN H 604 44.55 13.26 81.23
CA GLN H 604 45.40 14.20 80.53
C GLN H 604 46.65 13.50 80.04
N VAL H 605 47.17 12.57 80.84
CA VAL H 605 48.35 11.83 80.41
C VAL H 605 47.97 11.05 79.17
N HIS H 606 46.83 10.36 79.21
CA HIS H 606 46.39 9.57 78.08
C HIS H 606 46.30 10.44 76.83
N THR H 607 45.79 11.66 76.98
CA THR H 607 45.66 12.58 75.85
C THR H 607 47.05 12.94 75.31
N PHE H 608 48.00 13.14 76.23
CA PHE H 608 49.36 13.47 75.85
C PHE H 608 49.96 12.30 75.05
N TYR H 609 49.71 11.07 75.50
CA TYR H 609 50.25 9.93 74.77
C TYR H 609 49.57 9.84 73.40
N LYS H 610 48.26 10.10 73.36
CA LYS H 610 47.49 10.07 72.13
C LYS H 610 48.13 11.06 71.16
N ALA H 611 48.51 12.23 71.68
CA ALA H 611 49.15 13.24 70.86
C ALA H 611 50.44 12.70 70.27
N CYS H 612 51.23 12.07 71.15
CA CYS H 612 52.54 11.59 70.75
C CYS H 612 52.39 10.51 69.69
N GLY H 613 51.33 9.70 69.83
CA GLY H 613 51.01 8.67 68.85
C GLY H 613 50.67 9.27 67.49
N ILE H 614 49.85 10.34 67.50
CA ILE H 614 49.53 11.04 66.26
C ILE H 614 50.83 11.39 65.55
N ILE H 615 51.78 11.94 66.33
CA ILE H 615 53.04 12.42 65.79
C ILE H 615 53.82 11.24 65.25
N ILE H 616 53.92 10.16 66.06
CA ILE H 616 54.76 9.03 65.71
C ILE H 616 54.29 8.41 64.40
N SER H 617 52.98 8.32 64.18
CA SER H 617 52.46 7.65 62.99
C SER H 617 52.86 8.39 61.71
N GLU H 618 53.45 9.58 61.88
CA GLU H 618 53.89 10.38 60.74
C GLU H 618 55.24 9.88 60.24
N GLU H 619 56.08 9.34 61.15
CA GLU H 619 57.33 8.70 60.77
C GLU H 619 57.05 7.44 59.97
N ARG H 620 57.58 7.41 58.74
CA ARG H 620 57.21 6.39 57.77
C ARG H 620 58.18 5.21 57.80
N SER H 621 59.41 5.43 58.29
CA SER H 621 60.37 4.35 58.44
C SER H 621 59.92 3.46 59.59
N VAL H 622 59.72 2.17 59.29
CA VAL H 622 59.10 1.28 60.26
C VAL H 622 60.02 1.18 61.47
N ALA H 623 61.33 1.14 61.21
CA ALA H 623 62.30 0.97 62.28
C ALA H 623 62.21 2.13 63.24
N GLU H 624 62.29 3.36 62.70
CA GLU H 624 62.37 4.53 63.54
C GLU H 624 61.01 4.74 64.22
N ARG H 625 59.93 4.33 63.55
CA ARG H 625 58.62 4.56 64.09
C ARG H 625 58.42 3.62 65.29
N ASN H 626 58.78 2.35 65.08
CA ASN H 626 58.69 1.34 66.12
C ASN H 626 59.50 1.77 67.33
N ARG H 627 60.69 2.35 67.10
CA ARG H 627 61.53 2.78 68.19
C ARG H 627 60.84 3.89 68.97
N LEU H 628 60.31 4.90 68.24
CA LEU H 628 59.62 6.02 68.84
C LEU H 628 58.45 5.50 69.68
N LEU H 629 57.66 4.58 69.11
CA LEU H 629 56.53 4.00 69.80
C LEU H 629 56.99 3.28 71.07
N SER H 630 58.05 2.46 70.96
CA SER H 630 58.61 1.74 72.09
C SER H 630 59.07 2.73 73.17
N ASP H 631 59.84 3.75 72.76
CA ASP H 631 60.34 4.73 73.71
C ASP H 631 59.20 5.40 74.46
N LEU H 632 58.15 5.77 73.71
CA LEU H 632 56.97 6.43 74.24
C LEU H 632 56.29 5.52 75.26
N MET H 633 56.14 4.24 74.90
CA MET H 633 55.38 3.31 75.72
C MET H 633 56.22 2.74 76.86
N GLN H 634 57.48 3.19 77.01
CA GLN H 634 58.38 2.61 78.00
C GLN H 634 57.78 2.63 79.40
N LEU H 635 57.36 3.80 79.91
CA LEU H 635 56.87 3.85 81.28
C LEU H 635 55.72 2.85 81.50
N PRO H 636 54.60 2.91 80.74
CA PRO H 636 53.52 1.94 80.92
C PRO H 636 53.99 0.52 80.65
N ASN H 637 54.92 0.35 79.70
CA ASN H 637 55.46 -0.96 79.40
C ASN H 637 56.15 -1.56 80.62
N MET H 638 56.91 -0.72 81.33
CA MET H 638 57.70 -1.15 82.46
C MET H 638 56.77 -1.50 83.61
N ALA H 639 55.78 -0.64 83.89
CA ALA H 639 54.86 -0.95 84.97
C ALA H 639 54.06 -2.20 84.61
N TRP H 640 53.84 -2.41 83.29
CA TRP H 640 53.09 -3.56 82.82
C TRP H 640 53.89 -4.85 83.03
N ASP H 641 55.20 -4.79 82.76
CA ASP H 641 56.10 -5.92 82.97
C ASP H 641 56.07 -6.34 84.43
N THR H 642 56.28 -5.38 85.34
CA THR H 642 56.35 -5.71 86.75
C THR H 642 54.99 -6.25 87.22
N ILE H 643 53.91 -5.91 86.50
CA ILE H 643 52.58 -6.27 86.95
C ILE H 643 52.22 -7.66 86.43
N VAL H 644 52.67 -7.97 85.22
CA VAL H 644 52.34 -9.23 84.59
C VAL H 644 53.07 -10.32 85.35
N GLU H 645 54.27 -9.99 85.84
CA GLU H 645 55.03 -10.97 86.60
C GLU H 645 54.23 -11.38 87.82
N GLN H 646 53.72 -10.37 88.55
CA GLN H 646 53.06 -10.65 89.81
C GLN H 646 51.70 -11.30 89.58
N SER H 647 51.02 -10.85 88.53
CA SER H 647 49.68 -11.33 88.21
C SER H 647 49.71 -12.79 87.80
N THR H 648 50.64 -13.16 86.92
CA THR H 648 50.74 -14.52 86.44
C THR H 648 50.78 -15.45 87.63
N ALA H 649 51.66 -15.10 88.59
CA ALA H 649 51.89 -15.96 89.75
C ALA H 649 50.78 -15.77 90.79
N ASN H 650 50.46 -14.51 91.11
CA ASN H 650 49.73 -14.22 92.33
C ASN H 650 48.30 -13.86 91.95
N PRO H 651 47.27 -14.69 92.29
CA PRO H 651 45.88 -14.30 92.04
C PRO H 651 45.50 -13.06 92.84
N THR H 652 46.09 -12.97 94.03
CA THR H 652 45.83 -11.93 95.00
C THR H 652 46.27 -10.56 94.50
N LEU H 653 47.09 -10.48 93.44
CA LEU H 653 47.49 -9.17 92.96
C LEU H 653 46.26 -8.33 92.58
N LEU H 654 45.27 -9.03 92.01
CA LEU H 654 44.10 -8.30 91.54
C LEU H 654 43.19 -7.91 92.70
N LEU H 655 43.62 -8.17 93.93
CA LEU H 655 42.85 -7.73 95.07
C LEU H 655 43.31 -6.34 95.47
N ASP H 656 44.50 -5.90 95.00
CA ASP H 656 45.01 -4.60 95.42
C ASP H 656 44.36 -3.51 94.56
N SER H 657 43.58 -2.61 95.17
CA SER H 657 42.83 -1.67 94.35
C SER H 657 43.79 -0.67 93.72
N GLU H 658 44.94 -0.41 94.35
CA GLU H 658 45.91 0.50 93.79
C GLU H 658 46.53 -0.09 92.52
N THR H 659 46.65 -1.42 92.48
CA THR H 659 47.22 -2.07 91.32
C THR H 659 46.19 -2.07 90.20
N VAL H 660 44.94 -2.30 90.56
CA VAL H 660 43.85 -2.29 89.60
C VAL H 660 43.81 -0.93 88.89
N LYS H 661 43.98 0.14 89.68
CA LYS H 661 44.09 1.48 89.14
C LYS H 661 45.22 1.52 88.11
N ILE H 662 46.43 1.14 88.53
CA ILE H 662 47.60 1.19 87.68
C ILE H 662 47.35 0.41 86.38
N ILE H 663 46.71 -0.77 86.50
CA ILE H 663 46.45 -1.62 85.34
C ILE H 663 45.50 -0.91 84.38
N ALA H 664 44.40 -0.37 84.94
CA ALA H 664 43.47 0.41 84.15
C ALA H 664 44.23 1.49 83.37
N ASN H 665 45.07 2.27 84.06
CA ASN H 665 45.79 3.37 83.43
C ASN H 665 46.72 2.86 82.33
N ILE H 666 47.29 1.67 82.53
CA ILE H 666 48.21 1.14 81.54
C ILE H 666 47.45 0.85 80.26
N ILE H 667 46.32 0.14 80.40
CA ILE H 667 45.54 -0.26 79.25
C ILE H 667 44.93 0.98 78.60
N LYS H 668 44.54 1.96 79.42
CA LYS H 668 43.99 3.20 78.90
C LYS H 668 45.02 3.92 78.02
N THR H 669 46.29 3.94 78.48
CA THR H 669 47.36 4.54 77.72
C THR H 669 47.52 3.80 76.39
N ASN H 670 47.34 2.48 76.43
CA ASN H 670 47.50 1.70 75.21
C ASN H 670 46.37 2.05 74.26
N VAL H 671 45.15 2.18 74.82
CA VAL H 671 43.97 2.54 74.05
C VAL H 671 44.21 3.89 73.36
N ALA H 672 44.72 4.88 74.12
CA ALA H 672 44.95 6.20 73.57
C ALA H 672 45.90 6.14 72.38
N VAL H 673 47.05 5.48 72.58
CA VAL H 673 48.09 5.44 71.55
C VAL H 673 47.59 4.64 70.36
N CYS H 674 46.79 3.59 70.63
CA CYS H 674 46.28 2.77 69.55
C CYS H 674 45.29 3.57 68.71
N THR H 675 44.48 4.39 69.39
CA THR H 675 43.57 5.28 68.70
C THR H 675 44.32 6.12 67.66
N SER H 676 45.40 6.79 68.08
CA SER H 676 46.15 7.70 67.22
C SER H 676 46.89 6.94 66.12
N MET H 677 47.32 5.70 66.40
CA MET H 677 48.36 5.06 65.61
C MET H 677 47.83 3.94 64.73
N GLY H 678 46.67 3.38 65.10
CA GLY H 678 45.96 2.51 64.18
C GLY H 678 46.78 1.27 63.88
N ALA H 679 46.94 0.93 62.59
CA ALA H 679 47.62 -0.31 62.23
C ALA H 679 49.05 -0.25 62.73
N ASP H 680 49.62 0.96 62.79
CA ASP H 680 51.00 1.17 63.20
C ASP H 680 51.24 0.77 64.65
N PHE H 681 50.16 0.53 65.40
CA PHE H 681 50.31 0.26 66.82
C PHE H 681 50.64 -1.21 67.08
N TYR H 682 50.62 -2.03 66.03
CA TYR H 682 50.65 -3.47 66.18
C TYR H 682 51.82 -3.95 67.02
N PRO H 683 53.07 -3.48 66.79
CA PRO H 683 54.19 -3.82 67.68
C PRO H 683 53.88 -3.72 69.17
N GLN H 684 53.33 -2.57 69.59
CA GLN H 684 52.97 -2.39 70.99
C GLN H 684 51.92 -3.42 71.39
N LEU H 685 50.90 -3.60 70.55
CA LEU H 685 49.87 -4.55 70.91
C LEU H 685 50.51 -5.92 71.12
N GLY H 686 51.41 -6.31 70.22
CA GLY H 686 52.08 -7.60 70.30
C GLY H 686 52.93 -7.71 71.56
N HIS H 687 53.46 -6.56 72.00
CA HIS H 687 54.26 -6.48 73.20
C HIS H 687 53.45 -6.84 74.45
N ILE H 688 52.15 -6.55 74.47
CA ILE H 688 51.37 -6.73 75.68
C ILE H 688 50.20 -7.69 75.48
N TYR H 689 50.07 -8.32 74.31
CA TYR H 689 48.78 -8.88 73.91
C TYR H 689 48.39 -10.11 74.74
N TYR H 690 49.23 -11.17 74.64
CA TYR H 690 48.88 -12.45 75.24
C TYR H 690 48.75 -12.33 76.75
N ASN H 691 49.64 -11.52 77.35
CA ASN H 691 49.62 -11.27 78.77
C ASN H 691 48.35 -10.53 79.16
N MET H 692 47.96 -9.55 78.33
CA MET H 692 46.78 -8.78 78.58
C MET H 692 45.57 -9.69 78.56
N LEU H 693 45.50 -10.59 77.57
CA LEU H 693 44.36 -11.49 77.51
C LEU H 693 44.31 -12.38 78.74
N GLN H 694 45.48 -12.83 79.23
CA GLN H 694 45.51 -13.65 80.43
C GLN H 694 44.98 -12.84 81.62
N LEU H 695 45.43 -11.59 81.77
CA LEU H 695 44.96 -10.73 82.84
C LEU H 695 43.45 -10.52 82.73
N TYR H 696 42.95 -10.40 81.49
CA TYR H 696 41.52 -10.38 81.24
C TYR H 696 40.85 -11.61 81.86
N ARG H 697 41.34 -12.81 81.55
CA ARG H 697 40.76 -14.05 82.06
C ARG H 697 40.70 -14.03 83.58
N ALA H 698 41.73 -13.43 84.20
CA ALA H 698 41.83 -13.40 85.65
C ALA H 698 40.76 -12.46 86.20
N VAL H 699 40.72 -11.24 85.65
CA VAL H 699 39.82 -10.23 86.19
C VAL H 699 38.38 -10.65 85.94
N SER H 700 38.14 -11.28 84.78
CA SER H 700 36.81 -11.79 84.48
C SER H 700 36.39 -12.87 85.48
N SER H 701 37.30 -13.82 85.76
CA SER H 701 37.00 -14.91 86.69
C SER H 701 36.66 -14.36 88.05
N MET H 702 37.44 -13.36 88.49
CA MET H 702 37.24 -12.74 89.78
C MET H 702 35.89 -12.03 89.82
N ILE H 703 35.57 -11.25 88.79
CA ILE H 703 34.29 -10.56 88.76
C ILE H 703 33.16 -11.58 88.87
N SER H 704 33.21 -12.61 88.01
CA SER H 704 32.17 -13.63 87.96
C SER H 704 32.01 -14.36 89.30
N ALA H 705 33.14 -14.74 89.90
CA ALA H 705 33.10 -15.42 91.19
C ALA H 705 32.39 -14.55 92.22
N GLN H 706 32.79 -13.27 92.31
CA GLN H 706 32.30 -12.40 93.38
C GLN H 706 30.82 -12.12 93.19
N VAL H 707 30.41 -11.96 91.93
CA VAL H 707 29.03 -11.70 91.58
C VAL H 707 28.18 -12.95 91.86
N ALA H 708 28.72 -14.13 91.54
CA ALA H 708 28.00 -15.36 91.83
C ALA H 708 27.79 -15.47 93.34
N ALA H 709 28.82 -15.08 94.10
CA ALA H 709 28.81 -15.29 95.54
C ALA H 709 27.90 -14.26 96.20
N GLU H 710 27.93 -13.01 95.72
CA GLU H 710 27.33 -11.94 96.48
C GLU H 710 26.01 -11.48 95.88
N GLY H 711 25.82 -11.71 94.58
CA GLY H 711 24.64 -11.22 93.89
C GLY H 711 24.93 -9.97 93.08
N LEU H 712 23.86 -9.33 92.57
CA LEU H 712 23.98 -8.20 91.67
C LEU H 712 24.67 -7.03 92.37
N ILE H 713 24.45 -6.89 93.69
CA ILE H 713 24.95 -5.76 94.45
C ILE H 713 26.47 -5.63 94.27
N ALA H 714 27.14 -6.79 94.14
CA ALA H 714 28.58 -6.89 93.98
C ALA H 714 29.05 -6.05 92.78
N THR H 715 28.21 -5.95 91.74
CA THR H 715 28.56 -5.26 90.51
C THR H 715 28.71 -3.75 90.77
N LYS H 716 28.23 -3.29 91.93
CA LYS H 716 28.25 -1.86 92.23
C LYS H 716 29.43 -1.53 93.14
N THR H 717 30.08 -2.55 93.70
CA THR H 717 31.16 -2.35 94.66
C THR H 717 32.38 -1.75 93.95
N PRO H 718 33.12 -0.81 94.60
CA PRO H 718 34.29 -0.19 93.99
C PRO H 718 35.29 -1.18 93.38
N LYS H 719 35.51 -2.30 94.07
CA LYS H 719 36.41 -3.37 93.66
C LYS H 719 36.00 -3.94 92.30
N VAL H 720 34.74 -4.37 92.17
CA VAL H 720 34.23 -4.93 90.93
C VAL H 720 34.17 -3.84 89.87
N ARG H 721 33.88 -2.60 90.26
CA ARG H 721 33.86 -1.50 89.31
C ARG H 721 35.23 -1.35 88.66
N GLY H 722 36.29 -1.33 89.49
CA GLY H 722 37.66 -1.21 89.02
C GLY H 722 38.05 -2.37 88.11
N LEU H 723 37.62 -3.58 88.48
CA LEU H 723 37.96 -4.77 87.72
C LEU H 723 37.28 -4.71 86.35
N ARG H 724 36.02 -4.25 86.35
CA ARG H 724 35.25 -4.15 85.12
C ARG H 724 35.89 -3.12 84.20
N THR H 725 36.41 -2.03 84.78
CA THR H 725 37.15 -1.04 84.01
C THR H 725 38.27 -1.72 83.23
N ILE H 726 39.05 -2.56 83.92
CA ILE H 726 40.19 -3.25 83.30
C ILE H 726 39.69 -4.12 82.16
N LYS H 727 38.65 -4.90 82.45
CA LYS H 727 38.02 -5.76 81.46
C LYS H 727 37.62 -4.93 80.23
N LYS H 728 36.91 -3.82 80.45
CA LYS H 728 36.38 -3.03 79.34
C LYS H 728 37.50 -2.38 78.54
N GLU H 729 38.52 -1.87 79.24
CA GLU H 729 39.65 -1.24 78.57
C GLU H 729 40.38 -2.24 77.67
N ILE H 730 40.57 -3.47 78.17
CA ILE H 730 41.22 -4.51 77.39
C ILE H 730 40.43 -4.76 76.12
N LEU H 731 39.10 -4.93 76.27
CA LEU H 731 38.23 -5.17 75.13
C LEU H 731 38.29 -3.99 74.17
N LYS H 732 38.38 -2.78 74.75
CA LYS H 732 38.42 -1.55 73.97
C LYS H 732 39.71 -1.49 73.15
N LEU H 733 40.83 -1.89 73.76
CA LEU H 733 42.08 -1.88 73.03
C LEU H 733 41.99 -2.84 71.84
N VAL H 734 41.44 -4.02 72.08
CA VAL H 734 41.45 -5.03 71.03
C VAL H 734 40.60 -4.54 69.87
N GLU H 735 39.40 -4.06 70.20
CA GLU H 735 38.46 -3.54 69.22
C GLU H 735 39.12 -2.40 68.44
N THR H 736 39.75 -1.48 69.17
CA THR H 736 40.42 -0.34 68.57
C THR H 736 41.45 -0.82 67.54
N TYR H 737 42.36 -1.71 67.93
CA TYR H 737 43.37 -2.14 66.99
C TYR H 737 42.72 -2.86 65.80
N ILE H 738 41.84 -3.82 66.07
CA ILE H 738 41.33 -4.63 64.98
C ILE H 738 40.52 -3.76 64.02
N SER H 739 39.79 -2.78 64.55
CA SER H 739 39.01 -1.94 63.66
C SER H 739 39.93 -1.18 62.69
N LYS H 740 41.08 -0.70 63.19
CA LYS H 740 41.99 0.14 62.40
C LYS H 740 43.06 -0.69 61.69
N ALA H 741 43.00 -2.02 61.82
CA ALA H 741 44.13 -2.84 61.40
C ALA H 741 44.21 -2.85 59.88
N ARG H 742 45.45 -2.92 59.36
CA ARG H 742 45.71 -2.99 57.93
C ARG H 742 46.11 -4.42 57.53
N ASN H 743 47.03 -5.01 58.32
CA ASN H 743 47.52 -6.36 58.12
C ASN H 743 46.53 -7.36 58.71
N LEU H 744 45.67 -7.92 57.85
CA LEU H 744 44.56 -8.72 58.33
C LEU H 744 45.01 -10.16 58.56
N ASP H 745 46.07 -10.57 57.85
CA ASP H 745 46.62 -11.90 58.10
C ASP H 745 47.00 -12.02 59.56
N ASP H 746 47.75 -11.03 60.05
CA ASP H 746 48.28 -11.07 61.41
C ASP H 746 47.11 -11.11 62.38
N VAL H 747 46.02 -10.41 62.04
CA VAL H 747 44.85 -10.40 62.92
C VAL H 747 44.31 -11.83 63.02
N VAL H 748 44.14 -12.46 61.86
CA VAL H 748 43.49 -13.77 61.80
C VAL H 748 44.36 -14.83 62.48
N LYS H 749 45.67 -14.77 62.22
CA LYS H 749 46.59 -15.86 62.56
C LYS H 749 47.25 -15.66 63.93
N VAL H 750 47.23 -14.42 64.45
CA VAL H 750 47.93 -14.10 65.68
C VAL H 750 46.94 -13.65 66.77
N LEU H 751 45.96 -12.82 66.40
CA LEU H 751 45.16 -12.10 67.39
C LEU H 751 43.82 -12.78 67.66
N VAL H 752 43.24 -13.41 66.62
CA VAL H 752 41.87 -13.87 66.69
C VAL H 752 41.76 -15.01 67.68
N GLU H 753 42.65 -16.01 67.56
CA GLU H 753 42.50 -17.25 68.30
C GLU H 753 42.67 -17.05 69.80
N PRO H 754 43.74 -16.34 70.25
CA PRO H 754 43.91 -16.02 71.67
C PRO H 754 42.69 -15.29 72.20
N LEU H 755 42.21 -14.29 71.43
CA LEU H 755 41.13 -13.43 71.88
C LEU H 755 39.87 -14.28 72.08
N LEU H 756 39.55 -15.10 71.08
CA LEU H 756 38.34 -15.91 71.13
C LEU H 756 38.40 -16.86 72.33
N ASN H 757 39.57 -17.49 72.50
CA ASN H 757 39.74 -18.42 73.60
C ASN H 757 39.52 -17.69 74.93
N ALA H 758 40.11 -16.50 75.05
CA ALA H 758 40.05 -15.75 76.28
C ALA H 758 38.62 -15.36 76.62
N VAL H 759 37.86 -14.80 75.66
CA VAL H 759 36.65 -14.08 76.00
C VAL H 759 35.39 -14.93 75.82
N LEU H 760 35.37 -15.82 74.82
CA LEU H 760 34.17 -16.57 74.46
C LEU H 760 33.78 -17.53 75.57
N GLU H 761 34.74 -18.39 75.97
CA GLU H 761 34.44 -19.42 76.95
C GLU H 761 34.15 -18.77 78.30
N ASP H 762 34.92 -17.72 78.62
CA ASP H 762 34.70 -16.96 79.83
C ASP H 762 33.28 -16.39 79.85
N TYR H 763 32.84 -15.80 78.72
CA TYR H 763 31.51 -15.24 78.61
C TYR H 763 30.45 -16.32 78.79
N MET H 764 30.62 -17.47 78.15
CA MET H 764 29.67 -18.55 78.36
C MET H 764 29.56 -18.88 79.84
N ASN H 765 30.71 -18.94 80.52
CA ASN H 765 30.78 -19.51 81.86
C ASN H 765 30.48 -18.45 82.91
N ASN H 766 30.55 -17.16 82.52
CA ASN H 766 30.21 -16.11 83.45
C ASN H 766 28.75 -16.27 83.86
N VAL H 767 28.45 -15.82 85.08
CA VAL H 767 27.06 -15.71 85.48
C VAL H 767 26.46 -14.54 84.71
N PRO H 768 25.14 -14.54 84.43
CA PRO H 768 24.56 -13.46 83.61
C PRO H 768 24.96 -12.07 84.12
N ASP H 769 24.94 -11.87 85.44
CA ASP H 769 25.15 -10.54 85.99
C ASP H 769 26.61 -10.11 85.90
N ALA H 770 27.46 -10.96 85.32
CA ALA H 770 28.88 -10.66 85.22
C ALA H 770 29.32 -10.55 83.77
N ARG H 771 28.47 -11.05 82.85
CA ARG H 771 28.76 -10.97 81.43
C ARG H 771 28.79 -9.51 81.00
N ASP H 772 29.82 -9.12 80.23
CA ASP H 772 29.93 -7.76 79.74
C ASP H 772 29.54 -7.75 78.28
N ALA H 773 28.67 -6.82 77.90
CA ALA H 773 28.22 -6.79 76.53
C ALA H 773 29.38 -6.34 75.64
N GLU H 774 30.38 -5.66 76.22
CA GLU H 774 31.48 -5.20 75.39
C GLU H 774 32.11 -6.39 74.70
N VAL H 775 31.94 -7.59 75.28
CA VAL H 775 32.44 -8.80 74.65
C VAL H 775 31.75 -8.97 73.30
N LEU H 776 30.42 -8.84 73.29
CA LEU H 776 29.64 -8.96 72.07
C LEU H 776 30.07 -7.87 71.10
N ASN H 777 30.35 -6.67 71.63
CA ASN H 777 30.75 -5.56 70.77
C ASN H 777 32.08 -5.87 70.11
N CYS H 778 33.03 -6.35 70.92
CA CYS H 778 34.34 -6.73 70.42
C CYS H 778 34.17 -7.79 69.32
N MET H 779 33.30 -8.77 69.58
CA MET H 779 33.07 -9.82 68.60
C MET H 779 32.45 -9.24 67.34
N THR H 780 31.54 -8.27 67.49
CA THR H 780 30.95 -7.59 66.34
C THR H 780 32.06 -6.98 65.49
N THR H 781 32.99 -6.25 66.12
CA THR H 781 34.08 -5.62 65.38
C THR H 781 34.97 -6.68 64.74
N VAL H 782 35.24 -7.78 65.43
CA VAL H 782 36.08 -8.82 64.86
C VAL H 782 35.42 -9.39 63.61
N VAL H 783 34.11 -9.70 63.72
CA VAL H 783 33.36 -10.26 62.61
C VAL H 783 33.32 -9.27 61.46
N GLU H 784 33.11 -7.99 61.76
CA GLU H 784 33.02 -6.97 60.72
C GLU H 784 34.32 -6.96 59.92
N LYS H 785 35.44 -7.02 60.64
CA LYS H 785 36.76 -6.80 60.06
C LYS H 785 37.27 -8.02 59.30
N VAL H 786 37.15 -9.20 59.91
CA VAL H 786 37.83 -10.36 59.33
C VAL H 786 36.92 -11.59 59.33
N GLY H 787 35.64 -11.41 59.58
CA GLY H 787 34.71 -12.53 59.64
C GLY H 787 34.65 -13.33 58.34
N HIS H 788 35.00 -12.69 57.22
CA HIS H 788 34.98 -13.39 55.95
C HIS H 788 36.12 -14.41 55.91
N MET H 789 37.08 -14.24 56.82
CA MET H 789 38.31 -15.01 56.82
C MET H 789 38.31 -16.08 57.91
N ILE H 790 37.36 -15.99 58.86
CA ILE H 790 37.39 -16.88 60.02
C ILE H 790 36.03 -17.56 60.17
N PRO H 791 35.62 -18.45 59.24
CA PRO H 791 34.31 -19.11 59.33
C PRO H 791 34.18 -19.87 60.64
N GLN H 792 35.24 -20.60 61.03
CA GLN H 792 35.21 -21.44 62.22
C GLN H 792 35.20 -20.57 63.46
N GLY H 793 35.91 -19.42 63.39
CA GLY H 793 35.88 -18.45 64.48
C GLY H 793 34.48 -17.92 64.70
N VAL H 794 33.80 -17.57 63.59
CA VAL H 794 32.44 -17.05 63.67
C VAL H 794 31.54 -18.10 64.30
N ILE H 795 31.69 -19.35 63.84
CA ILE H 795 30.86 -20.43 64.36
C ILE H 795 31.08 -20.55 65.87
N LEU H 796 32.33 -20.35 66.30
CA LEU H 796 32.65 -20.46 67.72
C LEU H 796 32.03 -19.31 68.49
N ILE H 797 31.98 -18.13 67.86
CA ILE H 797 31.37 -16.97 68.48
C ILE H 797 29.89 -17.26 68.72
N LEU H 798 29.20 -17.78 67.70
CA LEU H 798 27.80 -18.13 67.85
C LEU H 798 27.63 -19.14 68.97
N GLN H 799 28.41 -20.23 68.90
CA GLN H 799 28.29 -21.31 69.88
C GLN H 799 28.53 -20.79 71.29
N SER H 800 29.28 -19.71 71.43
CA SER H 800 29.63 -19.23 72.77
C SER H 800 28.59 -18.24 73.30
N VAL H 801 28.03 -17.40 72.43
CA VAL H 801 27.28 -16.24 72.91
C VAL H 801 25.78 -16.37 72.64
N PHE H 802 25.40 -17.11 71.59
CA PHE H 802 24.06 -17.02 71.05
C PHE H 802 23.03 -17.46 72.09
N GLU H 803 23.06 -18.74 72.45
CA GLU H 803 22.02 -19.32 73.29
C GLU H 803 21.95 -18.64 74.66
N CYS H 804 23.12 -18.33 75.24
CA CYS H 804 23.14 -17.81 76.61
C CYS H 804 22.70 -16.35 76.65
N THR H 805 23.09 -15.55 75.64
CA THR H 805 22.66 -14.16 75.61
C THR H 805 21.15 -14.09 75.34
N LEU H 806 20.69 -14.91 74.39
CA LEU H 806 19.27 -15.01 74.08
C LEU H 806 18.49 -15.28 75.37
N ASP H 807 18.93 -16.32 76.10
CA ASP H 807 18.24 -16.75 77.31
C ASP H 807 18.28 -15.67 78.39
N MET H 808 19.26 -14.76 78.31
CA MET H 808 19.32 -13.62 79.21
C MET H 808 18.19 -12.64 78.89
N ILE H 809 17.94 -12.40 77.59
CA ILE H 809 17.17 -11.24 77.15
C ILE H 809 15.80 -11.66 76.63
N ASN H 810 15.42 -12.93 76.77
CA ASN H 810 14.17 -13.37 76.18
C ASN H 810 13.10 -13.53 77.27
N LYS H 811 13.32 -12.92 78.44
CA LYS H 811 12.36 -12.99 79.52
C LYS H 811 11.40 -11.80 79.46
N ASP H 812 11.92 -10.66 79.00
CA ASP H 812 11.13 -9.43 78.87
C ASP H 812 11.85 -8.50 77.91
N PHE H 813 11.51 -7.21 77.93
CA PHE H 813 12.12 -6.26 76.99
C PHE H 813 13.04 -5.29 77.71
N THR H 814 13.23 -5.51 79.02
CA THR H 814 13.81 -4.51 79.90
C THR H 814 15.19 -4.93 80.42
N GLU H 815 15.34 -6.21 80.79
CA GLU H 815 16.54 -6.71 81.43
C GLU H 815 17.71 -6.80 80.45
N TYR H 816 18.91 -6.45 80.93
CA TYR H 816 20.15 -6.52 80.17
C TYR H 816 20.02 -5.77 78.86
N PRO H 817 19.86 -4.43 78.89
CA PRO H 817 19.61 -3.67 77.67
C PRO H 817 20.84 -3.65 76.75
N GLU H 818 22.03 -3.48 77.34
CA GLU H 818 23.27 -3.38 76.58
C GLU H 818 23.45 -4.70 75.83
N HIS H 819 23.09 -5.79 76.51
CA HIS H 819 23.20 -7.13 75.94
C HIS H 819 22.31 -7.27 74.73
N ARG H 820 21.07 -6.79 74.82
CA ARG H 820 20.12 -6.80 73.72
C ARG H 820 20.70 -6.07 72.51
N VAL H 821 21.21 -4.85 72.74
CA VAL H 821 21.71 -4.02 71.66
C VAL H 821 22.84 -4.75 70.94
N GLU H 822 23.81 -5.24 71.72
CA GLU H 822 25.05 -5.78 71.18
C GLU H 822 24.83 -7.15 70.58
N PHE H 823 23.89 -7.90 71.17
CA PHE H 823 23.52 -9.22 70.69
C PHE H 823 23.03 -9.14 69.25
N TYR H 824 22.12 -8.20 68.98
CA TYR H 824 21.49 -8.06 67.68
C TYR H 824 22.47 -7.42 66.69
N LYS H 825 23.35 -6.53 67.18
CA LYS H 825 24.39 -6.00 66.32
C LYS H 825 25.25 -7.15 65.82
N LEU H 826 25.61 -8.08 66.72
CA LEU H 826 26.51 -9.17 66.38
C LEU H 826 25.81 -10.17 65.47
N LEU H 827 24.57 -10.52 65.82
CA LEU H 827 23.78 -11.38 64.96
C LEU H 827 23.77 -10.80 63.55
N LYS H 828 23.55 -9.48 63.44
CA LYS H 828 23.43 -8.81 62.16
C LYS H 828 24.72 -8.96 61.35
N VAL H 829 25.84 -8.59 61.97
CA VAL H 829 27.09 -8.59 61.26
C VAL H 829 27.49 -10.01 60.87
N ILE H 830 27.16 -10.99 61.73
CA ILE H 830 27.49 -12.36 61.41
C ILE H 830 26.68 -12.76 60.19
N ASN H 831 25.40 -12.36 60.17
CA ASN H 831 24.49 -12.72 59.11
C ASN H 831 24.95 -12.08 57.79
N GLU H 832 25.59 -10.91 57.86
CA GLU H 832 26.12 -10.26 56.68
C GLU H 832 27.40 -10.97 56.22
N LYS H 833 28.35 -11.16 57.15
CA LYS H 833 29.70 -11.48 56.76
C LYS H 833 29.90 -13.00 56.67
N SER H 834 29.26 -13.76 57.56
CA SER H 834 29.54 -15.18 57.64
C SER H 834 28.24 -15.95 57.83
N PHE H 835 27.29 -15.76 56.89
CA PHE H 835 25.96 -16.34 57.02
C PHE H 835 26.06 -17.87 57.06
N ALA H 836 27.14 -18.39 56.45
CA ALA H 836 27.43 -19.81 56.45
C ALA H 836 27.32 -20.39 57.86
N ALA H 837 27.66 -19.58 58.88
CA ALA H 837 27.63 -20.02 60.27
C ALA H 837 26.23 -20.46 60.67
N PHE H 838 25.22 -19.67 60.26
CA PHE H 838 23.83 -20.00 60.55
C PHE H 838 23.43 -21.31 59.87
N LEU H 839 24.05 -21.65 58.75
CA LEU H 839 23.78 -22.91 58.07
C LEU H 839 24.12 -24.09 58.97
N GLU H 840 25.22 -23.98 59.73
CA GLU H 840 25.75 -25.12 60.47
C GLU H 840 25.09 -25.29 61.83
N LEU H 841 24.23 -24.35 62.24
CA LEU H 841 23.49 -24.55 63.48
C LEU H 841 22.57 -25.76 63.34
N PRO H 842 22.34 -26.54 64.43
CA PRO H 842 21.32 -27.60 64.40
C PRO H 842 19.94 -26.97 64.12
N PRO H 843 18.98 -27.76 63.59
CA PRO H 843 17.61 -27.27 63.33
C PRO H 843 16.99 -26.47 64.48
N ALA H 844 17.21 -26.95 65.71
CA ALA H 844 16.71 -26.33 66.93
C ALA H 844 17.34 -24.94 67.11
N ALA H 845 18.62 -24.82 66.78
CA ALA H 845 19.33 -23.56 66.95
C ALA H 845 18.87 -22.54 65.93
N PHE H 846 18.56 -23.00 64.71
CA PHE H 846 18.08 -22.11 63.66
C PHE H 846 16.69 -21.60 64.01
N LYS H 847 15.84 -22.48 64.55
CA LYS H 847 14.54 -22.09 65.08
C LYS H 847 14.72 -20.96 66.09
N LEU H 848 15.67 -21.14 67.03
CA LEU H 848 15.94 -20.15 68.06
C LEU H 848 16.39 -18.84 67.44
N PHE H 849 17.11 -18.94 66.31
CA PHE H 849 17.59 -17.76 65.61
C PHE H 849 16.39 -16.96 65.11
N VAL H 850 15.45 -17.65 64.49
CA VAL H 850 14.29 -16.99 63.92
C VAL H 850 13.46 -16.39 65.04
N ASP H 851 13.30 -17.13 66.14
CA ASP H 851 12.60 -16.63 67.31
C ASP H 851 13.27 -15.38 67.83
N ALA H 852 14.60 -15.29 67.67
CA ALA H 852 15.35 -14.18 68.23
C ALA H 852 15.15 -12.95 67.37
N ILE H 853 15.04 -13.18 66.05
CA ILE H 853 14.76 -12.11 65.11
C ILE H 853 13.37 -11.53 65.38
N CYS H 854 12.37 -12.40 65.49
CA CYS H 854 11.00 -11.99 65.74
C CYS H 854 10.87 -11.37 67.13
N TRP H 855 11.75 -11.78 68.05
CA TRP H 855 11.78 -11.19 69.36
C TRP H 855 12.22 -9.73 69.25
N ALA H 856 13.18 -9.48 68.36
CA ALA H 856 13.70 -8.13 68.17
C ALA H 856 12.62 -7.28 67.52
N PHE H 857 11.75 -7.92 66.73
CA PHE H 857 10.64 -7.22 66.11
C PHE H 857 9.79 -6.55 67.18
N LYS H 858 9.48 -7.31 68.23
CA LYS H 858 8.45 -6.93 69.19
C LYS H 858 9.00 -5.91 70.18
N HIS H 859 10.31 -5.60 70.08
CA HIS H 859 10.99 -4.74 71.03
C HIS H 859 10.53 -3.30 70.90
N ASN H 860 10.21 -2.72 72.06
CA ASN H 860 9.81 -1.33 72.18
C ASN H 860 11.07 -0.50 72.35
N ASN H 861 12.05 -0.77 71.49
CA ASN H 861 13.33 -0.08 71.50
C ASN H 861 13.80 -0.03 70.04
N ARG H 862 14.00 1.19 69.53
CA ARG H 862 14.34 1.42 68.13
C ARG H 862 15.65 0.74 67.77
N ASP H 863 16.65 0.79 68.67
CA ASP H 863 17.96 0.20 68.47
C ASP H 863 17.85 -1.28 68.14
N VAL H 864 17.06 -2.00 68.95
CA VAL H 864 16.89 -3.43 68.76
C VAL H 864 16.00 -3.71 67.56
N GLU H 865 14.94 -2.91 67.42
CA GLU H 865 13.90 -3.15 66.42
C GLU H 865 14.48 -3.06 65.01
N VAL H 866 15.28 -2.01 64.76
CA VAL H 866 15.82 -1.74 63.44
C VAL H 866 16.74 -2.89 63.05
N ASN H 867 17.54 -3.34 64.01
CA ASN H 867 18.49 -4.41 63.79
C ASN H 867 17.75 -5.72 63.55
N GLY H 868 16.65 -5.93 64.28
CA GLY H 868 15.87 -7.14 64.12
C GLY H 868 15.28 -7.23 62.72
N LEU H 869 14.72 -6.11 62.25
CA LEU H 869 14.12 -6.04 60.93
C LEU H 869 15.19 -6.24 59.87
N GLN H 870 16.35 -5.58 60.05
CA GLN H 870 17.46 -5.71 59.12
C GLN H 870 17.91 -7.17 59.04
N ILE H 871 17.99 -7.84 60.20
CA ILE H 871 18.41 -9.23 60.23
C ILE H 871 17.41 -10.06 59.42
N ALA H 872 16.12 -9.82 59.63
CA ALA H 872 15.09 -10.57 58.92
C ALA H 872 15.25 -10.36 57.41
N LEU H 873 15.43 -9.10 56.99
CA LEU H 873 15.58 -8.79 55.57
C LEU H 873 16.79 -9.54 55.01
N ASP H 874 17.92 -9.38 55.71
CA ASP H 874 19.19 -9.92 55.25
C ASP H 874 19.10 -11.43 55.22
N LEU H 875 18.42 -12.04 56.20
CA LEU H 875 18.30 -13.49 56.27
C LEU H 875 17.54 -13.97 55.04
N VAL H 876 16.47 -13.25 54.71
CA VAL H 876 15.64 -13.65 53.59
C VAL H 876 16.42 -13.47 52.29
N LYS H 877 17.22 -12.39 52.20
CA LYS H 877 18.09 -12.15 51.06
C LYS H 877 19.11 -13.27 50.93
N ASN H 878 19.68 -13.69 52.07
CA ASN H 878 20.70 -14.71 52.12
C ASN H 878 20.14 -16.03 51.62
N ILE H 879 18.93 -16.36 52.05
CA ILE H 879 18.33 -17.62 51.67
C ILE H 879 17.87 -17.58 50.22
N GLU H 880 17.52 -16.38 49.74
CA GLU H 880 17.20 -16.16 48.35
C GLU H 880 18.44 -16.46 47.48
N ARG H 881 19.62 -16.07 47.97
CA ARG H 881 20.88 -16.25 47.26
C ARG H 881 21.17 -17.73 47.02
N MET H 882 20.79 -18.58 47.98
CA MET H 882 20.84 -20.02 47.79
C MET H 882 19.68 -20.41 46.87
N GLY H 883 19.97 -21.26 45.89
CA GLY H 883 18.99 -21.52 44.85
C GLY H 883 17.90 -22.49 45.32
N ASN H 884 17.55 -23.40 44.41
CA ASN H 884 16.58 -24.43 44.69
C ASN H 884 17.25 -25.52 45.52
N VAL H 885 17.63 -25.16 46.74
CA VAL H 885 18.39 -26.03 47.62
C VAL H 885 17.46 -26.49 48.75
N PRO H 886 17.58 -27.75 49.22
CA PRO H 886 16.77 -28.23 50.36
C PRO H 886 16.73 -27.28 51.55
N PHE H 887 17.85 -26.62 51.84
CA PHE H 887 17.87 -25.75 53.00
C PHE H 887 16.91 -24.58 52.83
N ALA H 888 16.96 -23.94 51.65
CA ALA H 888 16.10 -22.81 51.33
C ALA H 888 14.63 -23.24 51.39
N ASN H 889 14.33 -24.34 50.70
CA ASN H 889 12.97 -24.89 50.66
C ASN H 889 12.47 -25.12 52.08
N GLU H 890 13.29 -25.79 52.91
CA GLU H 890 12.90 -26.12 54.27
C GLU H 890 12.67 -24.82 55.05
N PHE H 891 13.54 -23.82 54.81
CA PHE H 891 13.44 -22.58 55.55
C PHE H 891 12.11 -21.90 55.26
N HIS H 892 11.76 -21.86 53.96
CA HIS H 892 10.49 -21.27 53.55
C HIS H 892 9.35 -22.02 54.23
N LYS H 893 9.32 -23.36 54.06
CA LYS H 893 8.26 -24.17 54.60
C LYS H 893 8.11 -23.90 56.10
N ASN H 894 9.24 -23.60 56.76
CA ASN H 894 9.21 -23.55 58.20
C ASN H 894 8.97 -22.14 58.71
N TYR H 895 9.38 -21.11 57.96
CA TYR H 895 9.47 -19.81 58.59
C TYR H 895 8.85 -18.69 57.76
N PHE H 896 8.48 -18.99 56.51
CA PHE H 896 8.01 -17.92 55.64
C PHE H 896 6.78 -17.25 56.26
N PHE H 897 5.82 -18.09 56.69
CA PHE H 897 4.58 -17.58 57.26
C PHE H 897 4.81 -16.96 58.63
N ILE H 898 5.81 -17.48 59.35
CA ILE H 898 6.16 -16.91 60.64
C ILE H 898 6.59 -15.46 60.43
N PHE H 899 7.41 -15.25 59.39
CA PHE H 899 7.95 -13.93 59.12
C PHE H 899 6.85 -12.98 58.65
N VAL H 900 5.96 -13.50 57.80
CA VAL H 900 4.88 -12.69 57.28
C VAL H 900 3.99 -12.25 58.43
N SER H 901 3.61 -13.20 59.28
CA SER H 901 2.68 -12.92 60.37
C SER H 901 3.30 -11.97 61.41
N GLU H 902 4.61 -12.16 61.70
CA GLU H 902 5.30 -11.36 62.69
C GLU H 902 5.41 -9.91 62.19
N THR H 903 5.71 -9.76 60.90
CA THR H 903 5.80 -8.45 60.29
C THR H 903 4.44 -7.76 60.36
N PHE H 904 3.37 -8.48 60.04
CA PHE H 904 2.04 -7.88 60.09
C PHE H 904 1.72 -7.49 61.52
N PHE H 905 2.10 -8.35 62.47
CA PHE H 905 1.77 -8.08 63.85
C PHE H 905 2.41 -6.76 64.29
N VAL H 906 3.65 -6.50 63.85
CA VAL H 906 4.33 -5.30 64.30
C VAL H 906 3.92 -4.10 63.44
N LEU H 907 3.45 -4.35 62.22
CA LEU H 907 2.96 -3.26 61.40
C LEU H 907 1.70 -2.69 62.01
N THR H 908 0.77 -3.59 62.37
CA THR H 908 -0.57 -3.27 62.83
C THR H 908 -0.61 -2.99 64.33
N ASP H 909 0.51 -3.24 65.02
CA ASP H 909 0.64 -2.86 66.42
C ASP H 909 0.68 -1.33 66.51
N SER H 910 0.10 -0.81 67.60
CA SER H 910 -0.03 0.62 67.80
C SER H 910 1.33 1.31 67.90
N ASP H 911 2.33 0.59 68.43
CA ASP H 911 3.54 1.22 68.96
C ASP H 911 4.79 0.58 68.37
N HIS H 912 4.81 0.39 67.04
CA HIS H 912 6.01 -0.09 66.37
C HIS H 912 6.23 0.68 65.09
N LYS H 913 5.90 1.98 65.13
CA LYS H 913 5.84 2.77 63.93
C LYS H 913 7.25 3.06 63.40
N SER H 914 8.24 3.04 64.30
CA SER H 914 9.60 3.36 63.92
C SER H 914 10.10 2.40 62.84
N GLY H 915 9.63 1.15 62.94
CA GLY H 915 10.12 0.11 62.05
C GLY H 915 9.33 0.04 60.76
N PHE H 916 8.28 0.88 60.63
CA PHE H 916 7.38 0.84 59.49
C PHE H 916 8.17 0.75 58.20
N SER H 917 9.07 1.71 57.99
CA SER H 917 9.79 1.80 56.73
C SER H 917 10.43 0.46 56.38
N LYS H 918 11.07 -0.16 57.39
CA LYS H 918 11.74 -1.45 57.25
C LYS H 918 10.73 -2.59 57.14
N GLN H 919 9.70 -2.58 58.01
CA GLN H 919 8.65 -3.59 58.01
C GLN H 919 8.08 -3.77 56.61
N ALA H 920 7.74 -2.64 55.96
CA ALA H 920 7.15 -2.64 54.63
C ALA H 920 8.08 -3.37 53.66
N LEU H 921 9.35 -2.98 53.64
CA LEU H 921 10.36 -3.61 52.81
C LEU H 921 10.31 -5.13 52.95
N LEU H 922 10.37 -5.60 54.19
CA LEU H 922 10.39 -7.03 54.47
C LEU H 922 9.13 -7.68 53.90
N LEU H 923 7.98 -7.05 54.15
CA LEU H 923 6.70 -7.53 53.67
C LEU H 923 6.71 -7.62 52.14
N MET H 924 7.18 -6.55 51.49
CA MET H 924 7.32 -6.55 50.03
C MET H 924 8.13 -7.77 49.60
N LYS H 925 9.34 -7.92 50.16
CA LYS H 925 10.24 -9.02 49.80
C LYS H 925 9.53 -10.35 49.92
N LEU H 926 8.87 -10.59 51.07
CA LEU H 926 8.18 -11.85 51.30
C LEU H 926 7.13 -12.07 50.20
N ILE H 927 6.30 -11.05 49.96
CA ILE H 927 5.28 -11.15 48.93
C ILE H 927 5.94 -11.41 47.58
N SER H 928 7.02 -10.66 47.29
CA SER H 928 7.76 -10.85 46.06
C SER H 928 8.13 -12.32 45.88
N LEU H 929 8.66 -12.94 46.94
CA LEU H 929 9.12 -14.32 46.85
C LEU H 929 8.00 -15.23 46.33
N VAL H 930 6.74 -14.89 46.62
CA VAL H 930 5.64 -15.74 46.18
C VAL H 930 5.12 -15.26 44.84
N TYR H 931 5.01 -13.94 44.64
CA TYR H 931 4.35 -13.40 43.47
C TYR H 931 5.31 -13.22 42.30
N ASP H 932 6.61 -13.45 42.54
CA ASP H 932 7.59 -13.48 41.46
C ASP H 932 7.92 -14.94 41.12
N ASN H 933 7.24 -15.87 41.80
CA ASN H 933 7.48 -17.31 41.69
C ASN H 933 8.95 -17.66 41.93
N LYS H 934 9.51 -17.18 43.04
CA LYS H 934 10.90 -17.44 43.36
C LYS H 934 10.99 -18.56 44.39
N ILE H 935 9.84 -19.04 44.89
CA ILE H 935 9.82 -20.18 45.80
C ILE H 935 9.29 -21.39 45.04
N SER H 936 10.10 -22.43 44.92
CA SER H 936 9.87 -23.50 43.97
C SER H 936 9.08 -24.66 44.60
N VAL H 937 8.70 -24.49 45.87
CA VAL H 937 8.09 -25.58 46.61
C VAL H 937 6.82 -25.04 47.26
N PRO H 938 5.71 -25.83 47.29
CA PRO H 938 4.48 -25.40 47.96
C PRO H 938 4.71 -25.06 49.43
N LEU H 939 4.12 -23.95 49.88
CA LEU H 939 4.28 -23.43 51.23
C LEU H 939 3.17 -23.96 52.13
N TYR H 940 2.21 -24.70 51.57
CA TYR H 940 1.10 -25.24 52.33
C TYR H 940 1.40 -26.66 52.78
N GLN H 941 0.55 -27.20 53.67
CA GLN H 941 0.75 -28.54 54.18
C GLN H 941 0.05 -29.59 53.31
N GLU H 942 0.04 -29.32 52.00
CA GLU H 942 -0.36 -30.25 50.96
C GLU H 942 -1.87 -30.45 51.00
N ALA H 943 -2.37 -30.96 52.13
CA ALA H 943 -3.78 -31.30 52.23
C ALA H 943 -4.63 -30.05 52.40
N GLU H 944 -4.05 -29.01 52.99
CA GLU H 944 -4.79 -27.81 53.40
C GLU H 944 -5.60 -27.23 52.24
N VAL H 945 -4.98 -27.19 51.05
CA VAL H 945 -5.55 -26.61 49.85
C VAL H 945 -5.46 -27.70 48.77
N PRO H 946 -6.23 -27.65 47.65
CA PRO H 946 -6.09 -28.63 46.56
C PRO H 946 -4.64 -28.86 46.16
N GLN H 947 -4.29 -30.10 45.81
CA GLN H 947 -2.93 -30.38 45.35
C GLN H 947 -2.62 -29.50 44.13
N GLY H 948 -1.46 -28.82 44.15
CA GLY H 948 -1.05 -27.98 43.04
C GLY H 948 -1.70 -26.60 43.06
N THR H 949 -2.40 -26.27 44.16
CA THR H 949 -2.86 -24.91 44.39
C THR H 949 -1.67 -23.96 44.39
N SER H 950 -1.79 -22.82 43.70
CA SER H 950 -0.68 -21.89 43.55
C SER H 950 -0.34 -21.27 44.90
N ASN H 951 0.95 -20.98 45.13
CA ASN H 951 1.35 -20.41 46.40
C ASN H 951 0.82 -18.99 46.54
N GLN H 952 0.57 -18.32 45.40
CA GLN H 952 -0.06 -17.01 45.40
C GLN H 952 -1.43 -17.07 46.07
N VAL H 953 -2.27 -18.00 45.61
CA VAL H 953 -3.64 -18.10 46.09
C VAL H 953 -3.64 -18.54 47.55
N TYR H 954 -2.66 -19.37 47.92
CA TYR H 954 -2.56 -19.87 49.29
C TYR H 954 -2.09 -18.76 50.23
N LEU H 955 -1.13 -17.94 49.77
CA LEU H 955 -0.70 -16.80 50.56
C LEU H 955 -1.88 -15.86 50.77
N SER H 956 -2.70 -15.67 49.73
CA SER H 956 -3.85 -14.79 49.80
C SER H 956 -4.85 -15.30 50.82
N GLN H 957 -5.12 -16.62 50.77
CA GLN H 957 -6.02 -17.27 51.72
C GLN H 957 -5.52 -17.10 53.15
N TYR H 958 -4.21 -17.33 53.36
CA TYR H 958 -3.61 -17.27 54.68
C TYR H 958 -3.75 -15.85 55.23
N LEU H 959 -3.49 -14.87 54.38
CA LEU H 959 -3.48 -13.46 54.77
C LEU H 959 -4.91 -12.99 55.08
N ALA H 960 -5.87 -13.42 54.25
CA ALA H 960 -7.27 -13.08 54.45
C ALA H 960 -7.76 -13.61 55.79
N ASN H 961 -7.45 -14.89 56.07
CA ASN H 961 -7.82 -15.55 57.30
C ASN H 961 -7.17 -14.84 58.49
N MET H 962 -5.87 -14.56 58.38
CA MET H 962 -5.11 -13.98 59.49
C MET H 962 -5.64 -12.58 59.81
N LEU H 963 -5.94 -11.80 58.78
CA LEU H 963 -6.41 -10.43 58.96
C LEU H 963 -7.85 -10.40 59.46
N SER H 964 -8.66 -11.38 59.02
CA SER H 964 -10.02 -11.52 59.53
C SER H 964 -9.99 -11.87 61.02
N ASN H 965 -9.05 -12.72 61.42
CA ASN H 965 -8.87 -13.11 62.81
C ASN H 965 -8.41 -11.91 63.65
N ALA H 966 -7.41 -11.18 63.14
CA ALA H 966 -6.82 -10.06 63.85
C ALA H 966 -7.80 -8.88 63.92
N PHE H 967 -8.57 -8.69 62.84
CA PHE H 967 -9.42 -7.50 62.69
C PHE H 967 -10.79 -7.92 62.20
N PRO H 968 -11.64 -8.51 63.07
CA PRO H 968 -12.94 -9.02 62.62
C PRO H 968 -13.89 -7.89 62.18
N HIS H 969 -13.54 -6.66 62.53
CA HIS H 969 -14.35 -5.48 62.23
C HIS H 969 -14.24 -5.08 60.75
N LEU H 970 -13.21 -5.57 60.05
CA LEU H 970 -13.05 -5.28 58.63
C LEU H 970 -13.97 -6.21 57.87
N THR H 971 -14.51 -5.75 56.74
CA THR H 971 -15.39 -6.57 55.94
C THR H 971 -14.56 -7.48 55.04
N SER H 972 -15.20 -8.48 54.44
CA SER H 972 -14.57 -9.32 53.45
C SER H 972 -14.01 -8.46 52.33
N GLU H 973 -14.80 -7.45 51.92
CA GLU H 973 -14.46 -6.58 50.79
C GLU H 973 -13.23 -5.74 51.10
N GLN H 974 -13.16 -5.24 52.35
CA GLN H 974 -12.02 -4.46 52.80
C GLN H 974 -10.74 -5.27 52.68
N ILE H 975 -10.75 -6.48 53.25
CA ILE H 975 -9.60 -7.36 53.30
C ILE H 975 -9.21 -7.77 51.89
N ALA H 976 -10.21 -8.21 51.11
CA ALA H 976 -9.94 -8.67 49.76
C ALA H 976 -9.25 -7.58 48.95
N SER H 977 -9.79 -6.35 49.04
CA SER H 977 -9.29 -5.24 48.25
C SER H 977 -7.87 -4.86 48.69
N PHE H 978 -7.65 -4.86 50.00
CA PHE H 978 -6.34 -4.50 50.54
C PHE H 978 -5.29 -5.49 50.07
N LEU H 979 -5.62 -6.78 50.12
CA LEU H 979 -4.68 -7.82 49.72
C LEU H 979 -4.43 -7.79 48.22
N SER H 980 -5.48 -7.52 47.44
CA SER H 980 -5.33 -7.35 46.01
C SER H 980 -4.36 -6.20 45.71
N ALA H 981 -4.52 -5.08 46.42
CA ALA H 981 -3.66 -3.92 46.25
C ALA H 981 -2.22 -4.24 46.62
N LEU H 982 -2.03 -4.94 47.74
CA LEU H 982 -0.70 -5.30 48.19
C LEU H 982 -0.03 -6.18 47.14
N THR H 983 -0.77 -7.17 46.63
CA THR H 983 -0.19 -8.14 45.72
C THR H 983 0.07 -7.54 44.34
N LYS H 984 -0.50 -6.34 44.08
CA LYS H 984 -0.30 -5.70 42.81
C LYS H 984 0.75 -4.60 42.92
N GLN H 985 1.23 -4.32 44.14
CA GLN H 985 2.05 -3.13 44.37
C GLN H 985 3.35 -3.45 45.10
N TYR H 986 3.83 -4.69 44.99
CA TYR H 986 4.96 -5.12 45.80
C TYR H 986 6.29 -4.68 45.18
N LYS H 987 6.25 -4.06 43.99
CA LYS H 987 7.46 -3.60 43.31
C LYS H 987 7.59 -2.09 43.44
N ASP H 988 6.54 -1.42 43.93
CA ASP H 988 6.58 0.01 44.16
C ASP H 988 6.62 0.26 45.66
N LEU H 989 7.72 0.82 46.16
CA LEU H 989 7.88 1.05 47.59
C LEU H 989 6.90 2.11 48.10
N VAL H 990 6.78 3.26 47.41
CA VAL H 990 5.98 4.36 47.93
C VAL H 990 4.50 4.00 47.89
N VAL H 991 4.08 3.29 46.85
CA VAL H 991 2.69 2.92 46.70
C VAL H 991 2.35 1.83 47.72
N PHE H 992 3.27 0.89 47.91
CA PHE H 992 3.12 -0.17 48.90
C PHE H 992 2.97 0.43 50.28
N LYS H 993 3.84 1.40 50.61
CA LYS H 993 3.78 2.07 51.91
C LYS H 993 2.45 2.79 52.04
N GLY H 994 2.01 3.43 50.95
CA GLY H 994 0.71 4.08 50.95
C GLY H 994 -0.40 3.10 51.29
N THR H 995 -0.40 1.94 50.62
CA THR H 995 -1.43 0.93 50.81
C THR H 995 -1.41 0.44 52.26
N LEU H 996 -0.22 0.28 52.82
CA LEU H 996 -0.10 -0.16 54.20
C LEU H 996 -0.66 0.91 55.13
N ARG H 997 -0.34 2.18 54.87
CA ARG H 997 -0.81 3.26 55.71
C ARG H 997 -2.33 3.35 55.65
N ASP H 998 -2.90 3.10 54.46
CA ASP H 998 -4.34 3.10 54.26
C ASP H 998 -4.95 2.00 55.12
N PHE H 999 -4.32 0.82 55.11
CA PHE H 999 -4.77 -0.31 55.90
C PHE H 999 -4.70 0.00 57.39
N LEU H 1000 -3.62 0.68 57.81
CA LEU H 1000 -3.39 1.02 59.20
C LEU H 1000 -4.42 2.04 59.69
N VAL H 1001 -4.91 2.87 58.76
CA VAL H 1001 -5.94 3.84 59.09
C VAL H 1001 -7.28 3.11 59.22
N GLN H 1002 -7.49 2.15 58.33
CA GLN H 1002 -8.77 1.46 58.23
C GLN H 1002 -8.98 0.48 59.39
N ILE H 1003 -7.90 -0.03 59.97
CA ILE H 1003 -8.04 -0.98 61.07
C ILE H 1003 -8.41 -0.25 62.36
N LYS H 1004 -8.18 1.06 62.41
CA LYS H 1004 -8.51 1.85 63.59
C LYS H 1004 -9.98 2.25 63.61
N GLU H 1005 -10.67 2.10 62.47
CA GLU H 1005 -12.06 2.53 62.35
C GLU H 1005 -12.92 1.40 61.77
N VAL H 1006 -14.26 1.57 61.86
CA VAL H 1006 -15.17 0.55 61.36
C VAL H 1006 -15.97 1.12 60.19
N GLY H 1007 -16.06 0.34 59.10
CA GLY H 1007 -16.78 0.74 57.90
C GLY H 1007 -15.92 1.58 56.97
N GLY H 1008 -14.65 1.19 56.82
CA GLY H 1008 -13.78 1.82 55.85
C GLY H 1008 -14.19 1.44 54.43
N ASP H 1009 -13.77 2.25 53.46
CA ASP H 1009 -14.17 2.05 52.07
C ASP H 1009 -13.18 1.11 51.39
N PRO H 1010 -13.61 -0.10 50.95
CA PRO H 1010 -12.73 -1.01 50.22
C PRO H 1010 -12.15 -0.42 48.93
N THR H 1011 -12.81 0.59 48.36
CA THR H 1011 -12.34 1.18 47.12
C THR H 1011 -11.01 1.90 47.35
N ASP H 1012 -10.72 2.29 48.60
CA ASP H 1012 -9.61 3.18 48.90
C ASP H 1012 -8.30 2.59 48.42
N TYR H 1013 -8.24 1.25 48.38
CA TYR H 1013 -7.04 0.52 48.02
C TYR H 1013 -6.79 0.58 46.51
N LEU H 1014 -7.76 1.13 45.78
CA LEU H 1014 -7.58 1.33 44.35
C LEU H 1014 -7.03 2.74 44.08
N PHE H 1015 -6.73 3.48 45.15
CA PHE H 1015 -6.31 4.88 45.06
C PHE H 1015 -5.20 5.06 44.02
N ALA H 1016 -4.12 4.28 44.15
CA ALA H 1016 -3.00 4.32 43.23
C ALA H 1016 -3.43 4.00 41.81
N GLU H 1017 -4.32 3.00 41.68
CA GLU H 1017 -4.82 2.58 40.37
C GLU H 1017 -5.70 3.67 39.77
N ASP H 1018 -6.26 4.53 40.63
CA ASP H 1018 -7.25 5.52 40.22
C ASP H 1018 -6.55 6.84 39.92
N LYS H 1019 -5.22 6.83 39.74
CA LYS H 1019 -4.54 8.03 39.23
C LYS H 1019 -4.30 7.89 37.73
N GLU H 1020 -5.28 7.29 37.05
CA GLU H 1020 -5.38 7.13 35.60
C GLU H 1020 -6.72 6.49 35.27
N GLY I 1 -17.79 -59.87 -69.65
CA GLY I 1 -16.74 -59.96 -70.68
C GLY I 1 -16.01 -58.63 -70.89
N GLU I 2 -16.75 -57.53 -71.03
CA GLU I 2 -16.20 -56.31 -71.60
C GLU I 2 -15.25 -55.61 -70.61
N VAL I 3 -15.63 -55.64 -69.33
CA VAL I 3 -14.78 -55.13 -68.27
C VAL I 3 -13.53 -56.00 -68.19
N ASP I 4 -13.72 -57.32 -68.16
CA ASP I 4 -12.63 -58.28 -68.10
C ASP I 4 -11.65 -58.07 -69.26
N ASP I 5 -12.17 -57.85 -70.48
CA ASP I 5 -11.34 -57.60 -71.65
C ASP I 5 -10.59 -56.29 -71.47
N LEU I 6 -11.24 -55.29 -70.86
CA LEU I 6 -10.59 -54.03 -70.55
C LEU I 6 -9.42 -54.27 -69.60
N CYS I 7 -9.66 -55.11 -68.58
CA CYS I 7 -8.62 -55.47 -67.63
C CYS I 7 -7.42 -56.04 -68.37
N GLU I 8 -7.66 -56.94 -69.33
CA GLU I 8 -6.59 -57.61 -70.06
C GLU I 8 -5.78 -56.57 -70.82
N LEU I 9 -6.48 -55.65 -71.50
CA LEU I 9 -5.85 -54.62 -72.30
C LEU I 9 -5.05 -53.68 -71.38
N MET I 10 -5.66 -53.33 -70.24
CA MET I 10 -5.01 -52.45 -69.27
C MET I 10 -3.70 -53.09 -68.81
N ALA I 11 -3.75 -54.40 -68.51
CA ALA I 11 -2.61 -55.14 -68.02
C ALA I 11 -1.48 -55.12 -69.05
N GLN I 12 -1.83 -55.07 -70.33
CA GLN I 12 -0.83 -55.16 -71.38
C GLN I 12 -0.21 -53.80 -71.66
N LEU I 13 -0.71 -52.74 -70.99
CA LEU I 13 -0.28 -51.37 -71.24
C LEU I 13 1.23 -51.25 -71.04
N SER I 14 1.92 -50.82 -72.11
CA SER I 14 3.37 -50.71 -72.08
C SER I 14 3.81 -49.37 -72.65
N ILE I 15 4.99 -48.93 -72.19
CA ILE I 15 5.59 -47.68 -72.64
C ILE I 15 6.77 -48.01 -73.57
N ASN I 16 6.84 -49.26 -74.05
CA ASN I 16 7.90 -49.65 -74.96
C ASN I 16 7.31 -50.43 -76.14
N GLY J 1 -41.21 27.12 -0.96
CA GLY J 1 -40.19 27.64 -1.89
C GLY J 1 -39.78 26.59 -2.93
N GLU J 2 -39.43 25.39 -2.45
CA GLU J 2 -38.75 24.39 -3.26
C GLU J 2 -39.69 23.81 -4.32
N VAL J 3 -40.96 23.58 -3.93
CA VAL J 3 -41.97 23.11 -4.86
C VAL J 3 -42.20 24.18 -5.93
N ASP J 4 -42.40 25.43 -5.47
CA ASP J 4 -42.65 26.56 -6.35
C ASP J 4 -41.51 26.71 -7.35
N ASP J 5 -40.26 26.59 -6.87
CA ASP J 5 -39.08 26.68 -7.72
C ASP J 5 -39.07 25.54 -8.72
N LEU J 6 -39.51 24.36 -8.27
CA LEU J 6 -39.62 23.22 -9.18
C LEU J 6 -40.61 23.54 -10.30
N CYS J 7 -41.74 24.14 -9.91
CA CYS J 7 -42.75 24.54 -10.87
C CYS J 7 -42.14 25.46 -11.93
N GLU J 8 -41.31 26.43 -11.48
CA GLU J 8 -40.70 27.40 -12.37
C GLU J 8 -39.81 26.69 -13.37
N LEU J 9 -38.98 25.77 -12.86
CA LEU J 9 -38.05 25.02 -13.69
C LEU J 9 -38.82 24.14 -14.67
N MET J 10 -39.88 23.50 -14.17
CA MET J 10 -40.70 22.63 -14.99
C MET J 10 -41.27 23.43 -16.16
N ALA J 11 -41.78 24.63 -15.84
CA ALA J 11 -42.41 25.50 -16.82
C ALA J 11 -41.42 25.87 -17.93
N GLN J 12 -40.13 25.95 -17.57
CA GLN J 12 -39.14 26.42 -18.53
C GLN J 12 -38.67 25.28 -19.43
N LEU J 13 -39.12 24.05 -19.15
CA LEU J 13 -38.60 22.86 -19.82
C LEU J 13 -38.83 22.95 -21.32
N SER J 14 -37.73 22.90 -22.08
CA SER J 14 -37.79 22.98 -23.54
C SER J 14 -36.90 21.90 -24.14
N ILE J 15 -37.27 21.46 -25.37
CA ILE J 15 -36.46 20.47 -26.07
C ILE J 15 -35.70 21.16 -27.21
N ASN J 16 -35.67 22.49 -27.20
CA ASN J 16 -34.90 23.24 -28.17
C ASN J 16 -34.09 24.28 -27.39
N GLY K 1 40.67 2.72 -39.20
CA GLY K 1 40.52 1.27 -38.99
C GLY K 1 40.10 1.02 -37.56
N GLU K 2 41.07 0.77 -36.67
CA GLU K 2 40.79 0.33 -35.31
C GLU K 2 40.03 1.42 -34.53
N VAL K 3 40.62 2.63 -34.57
CA VAL K 3 40.02 3.79 -33.92
C VAL K 3 38.74 4.15 -34.66
N ASP K 4 38.82 4.22 -36.00
CA ASP K 4 37.68 4.54 -36.85
C ASP K 4 36.52 3.59 -36.59
N ASP K 5 36.82 2.28 -36.50
CA ASP K 5 35.80 1.27 -36.24
C ASP K 5 35.21 1.49 -34.85
N LEU K 6 36.06 1.90 -33.89
CA LEU K 6 35.58 2.21 -32.55
C LEU K 6 34.60 3.38 -32.63
N CYS K 7 34.95 4.40 -33.42
CA CYS K 7 34.08 5.55 -33.61
C CYS K 7 32.72 5.10 -34.10
N GLU K 8 32.70 4.18 -35.09
CA GLU K 8 31.46 3.71 -35.69
C GLU K 8 30.60 3.03 -34.62
N LEU K 9 31.24 2.17 -33.83
CA LEU K 9 30.55 1.42 -32.79
C LEU K 9 30.04 2.36 -31.72
N MET K 10 30.88 3.34 -31.35
CA MET K 10 30.51 4.32 -30.34
C MET K 10 29.26 5.07 -30.80
N ALA K 11 29.25 5.47 -32.09
CA ALA K 11 28.15 6.23 -32.67
C ALA K 11 26.86 5.42 -32.58
N GLN K 12 26.96 4.10 -32.67
CA GLN K 12 25.76 3.27 -32.72
C GLN K 12 25.23 2.99 -31.32
N LEU K 13 25.94 3.44 -30.29
CA LEU K 13 25.62 3.11 -28.90
C LEU K 13 24.20 3.55 -28.56
N SER K 14 23.37 2.59 -28.14
CA SER K 14 21.96 2.85 -27.85
C SER K 14 21.54 2.18 -26.54
N ILE K 15 20.49 2.72 -25.92
CA ILE K 15 19.96 2.18 -24.68
C ILE K 15 18.65 1.42 -24.97
N ASN K 16 18.32 1.25 -26.26
CA ASN K 16 17.03 0.64 -26.56
C ASN K 16 17.21 -0.66 -27.36
N GLY L 1 61.31 38.51 62.35
CA GLY L 1 61.85 39.58 63.22
C GLY L 1 60.85 39.94 64.33
N GLU L 2 59.68 40.41 63.88
CA GLU L 2 58.49 40.44 64.72
C GLU L 2 58.07 39.01 65.07
N VAL L 3 58.34 38.02 64.21
CA VAL L 3 58.12 36.62 64.55
C VAL L 3 59.00 36.24 65.74
N ASP L 4 60.32 36.50 65.62
CA ASP L 4 61.29 36.20 66.65
C ASP L 4 60.91 36.88 67.95
N ASP L 5 60.52 38.16 67.86
CA ASP L 5 60.11 38.94 69.03
C ASP L 5 58.87 38.31 69.65
N LEU L 6 57.96 37.83 68.78
CA LEU L 6 56.75 37.18 69.23
C LEU L 6 57.12 35.93 70.00
N CYS L 7 58.08 35.17 69.47
CA CYS L 7 58.57 33.97 70.14
C CYS L 7 59.03 34.30 71.55
N GLU L 8 59.80 35.40 71.67
CA GLU L 8 60.36 35.80 72.96
C GLU L 8 59.24 36.08 73.95
N LEU L 9 58.24 36.86 73.48
CA LEU L 9 57.12 37.25 74.31
C LEU L 9 56.31 36.03 74.70
N MET L 10 56.08 35.13 73.72
CA MET L 10 55.31 33.92 73.95
C MET L 10 55.99 33.12 75.05
N ALA L 11 57.32 32.98 74.95
CA ALA L 11 58.11 32.19 75.89
C ALA L 11 57.96 32.75 77.30
N GLN L 12 57.78 34.07 77.40
CA GLN L 12 57.76 34.71 78.71
C GLN L 12 56.37 34.65 79.34
N LEU L 13 55.40 34.12 78.59
CA LEU L 13 54.00 34.08 79.03
C LEU L 13 53.89 33.32 80.34
N SER L 14 53.34 33.99 81.36
CA SER L 14 53.25 33.42 82.70
C SER L 14 51.83 33.61 83.27
N ILE L 15 51.47 32.74 84.22
CA ILE L 15 50.18 32.83 84.89
C ILE L 15 50.38 33.38 86.31
N ASN L 16 51.58 33.89 86.60
CA ASN L 16 51.87 34.36 87.94
C ASN L 16 52.41 35.79 87.87
PG GTP M . 9.47 -2.44 -49.68
O1G GTP M . 10.97 -2.50 -49.97
O2G GTP M . 9.18 -1.96 -48.27
O3G GTP M . 8.74 -1.63 -50.72
O3B GTP M . 8.80 -3.93 -49.87
PB GTP M . 9.21 -5.07 -50.93
O1B GTP M . 10.10 -4.36 -51.90
O2B GTP M . 8.11 -5.94 -51.46
O3A GTP M . 10.09 -5.98 -49.94
PA GTP M . 10.98 -7.32 -50.01
O1A GTP M . 10.68 -8.08 -51.27
O2A GTP M . 12.37 -6.83 -49.76
O5' GTP M . 10.46 -8.19 -48.76
C5' GTP M . 9.23 -8.98 -48.85
C4' GTP M . 9.25 -10.04 -47.77
O4' GTP M . 8.39 -11.17 -48.08
C3' GTP M . 10.63 -10.63 -47.49
O3' GTP M . 10.73 -10.64 -46.07
C2' GTP M . 10.60 -11.97 -48.24
O2' GTP M . 11.42 -12.96 -47.67
C1' GTP M . 9.13 -12.37 -48.22
N9 GTP M . 8.80 -12.97 -49.51
C8 GTP M . 9.26 -12.49 -50.70
N7 GTP M . 8.86 -13.17 -51.73
C5 GTP M . 8.11 -14.21 -51.19
C6 GTP M . 7.45 -15.28 -51.85
O6 GTP M . 7.42 -15.53 -53.07
N1 GTP M . 6.81 -16.12 -50.93
C2 GTP M . 6.81 -15.94 -49.57
N2 GTP M . 6.13 -16.83 -48.85
N3 GTP M . 7.44 -14.93 -48.95
C4 GTP M . 8.07 -14.11 -49.82
MG MG N . 11.54 -2.96 -51.86
C ACT O . -0.58 4.02 -52.63
O ACT O . -1.39 3.40 -51.90
OXT ACT O . 0.28 4.82 -52.21
CH3 ACT O . -0.64 3.80 -54.13
PG GTP P . -50.33 -26.84 -39.12
O1G GTP P . -50.50 -26.29 -40.52
O2G GTP P . -51.51 -27.69 -38.73
O3G GTP P . -49.02 -27.55 -38.93
O3B GTP P . -50.23 -25.54 -38.14
PB GTP P . -49.52 -24.11 -38.37
O1B GTP P . -48.70 -24.16 -39.63
O2B GTP P . -48.94 -23.54 -37.13
O3A GTP P . -50.79 -23.18 -38.63
PA GTP P . -51.03 -22.06 -39.74
O1A GTP P . -49.84 -21.15 -39.80
O2A GTP P . -51.47 -22.85 -40.95
O5' GTP P . -52.27 -21.27 -39.12
C5' GTP P . -52.05 -20.30 -38.06
C4' GTP P . -53.39 -19.69 -37.72
O4' GTP P . -53.33 -18.88 -36.53
C3' GTP P . -54.06 -18.83 -38.78
O3' GTP P . -55.43 -19.24 -38.78
C2' GTP P . -53.81 -17.40 -38.32
O2' GTP P . -54.87 -16.52 -38.63
C1' GTP P . -53.59 -17.52 -36.81
N9 GTP P . -52.42 -16.78 -36.37
C8 GTP P . -51.12 -17.02 -36.73
N7 GTP P . -50.26 -16.20 -36.19
C5 GTP P . -51.04 -15.36 -35.41
C6 GTP P . -50.65 -14.25 -34.61
O6 GTP P . -49.51 -13.82 -34.42
N1 GTP P . -51.77 -13.65 -34.01
C2 GTP P . -53.07 -14.05 -34.16
N2 GTP P . -53.99 -13.34 -33.50
N3 GTP P . -53.44 -15.09 -34.92
C4 GTP P . -52.38 -15.69 -35.52
MG MG Q . -48.92 -25.32 -41.26
C ACT R . -45.71 -34.82 -30.53
O ACT R . -46.32 -34.65 -29.46
OXT ACT R . -46.12 -35.53 -31.46
CH3 ACT R . -44.38 -34.11 -30.74
PG GTP S . 23.29 19.79 22.45
O1G GTP S . 21.92 19.18 22.71
O2G GTP S . 23.39 21.21 22.97
O3G GTP S . 24.41 18.92 22.97
O3B GTP S . 23.41 19.80 20.81
PB GTP S . 23.24 18.56 19.80
O1B GTP S . 22.79 17.41 20.68
O2B GTP S . 24.41 18.50 18.88
O3A GTP S . 21.97 18.85 18.86
PA GTP S . 21.01 20.11 18.75
O1A GTP S . 19.77 19.70 18.03
O2A GTP S . 20.83 20.73 20.11
O5' GTP S . 21.92 21.05 17.81
C5' GTP S . 21.97 20.73 16.41
C4' GTP S . 22.43 21.94 15.63
O4' GTP S . 23.42 21.53 14.67
C3' GTP S . 21.35 22.70 14.85
O3' GTP S . 21.11 23.96 15.45
C2' GTP S . 21.90 22.91 13.44
O2' GTP S . 22.36 24.22 13.20
C1' GTP S . 23.12 22.01 13.37
N9 GTP S . 22.98 20.87 12.46
C8 GTP S . 22.36 19.67 12.72
N7 GTP S . 22.42 18.83 11.72
C5 GTP S . 23.12 19.52 10.74
C6 GTP S . 23.50 19.11 9.43
O6 GTP S . 23.28 18.02 8.88
N1 GTP S . 24.20 20.12 8.76
C2 GTP S . 24.51 21.35 9.29
N2 GTP S . 25.19 22.19 8.49
N3 GTP S . 24.16 21.74 10.52
C4 GTP S . 23.47 20.79 11.18
MG MG T . 21.19 17.45 22.01
C ACT U . 33.54 15.40 27.75
O ACT U . 34.20 15.54 26.71
OXT ACT U . 33.15 16.34 28.46
CH3 ACT U . 33.16 13.98 28.20
PG GTP V . 6.25 7.35 78.27
O1G GTP V . 5.94 7.39 79.77
O2G GTP V . 6.03 6.00 77.64
O3G GTP V . 5.54 8.43 77.48
O3B GTP V . 7.85 7.70 78.21
PB GTP V . 8.49 9.05 78.79
O1B GTP V . 7.40 9.63 79.66
O2B GTP V . 9.09 9.83 77.68
O3A GTP V . 9.70 8.58 79.74
PA GTP V . 9.98 7.22 80.54
O1A GTP V . 10.58 7.59 81.86
O2A GTP V . 8.73 6.40 80.55
O5' GTP V . 11.08 6.53 79.61
C5' GTP V . 12.35 7.21 79.43
C4' GTP V . 13.42 6.24 79.00
O4' GTP V . 14.32 6.89 78.06
C3' GTP V . 14.31 5.66 80.11
O3' GTP V . 13.89 4.33 80.38
C2' GTP V . 15.73 5.67 79.55
O2' GTP V . 16.16 4.44 78.98
C1' GTP V . 15.67 6.70 78.44
N9 GTP V . 16.26 7.99 78.80
C8 GTP V . 15.72 8.93 79.66
N7 GTP V . 16.48 9.99 79.80
C5 GTP V . 17.59 9.73 79.00
C6 GTP V . 18.75 10.51 78.77
O6 GTP V . 19.02 11.64 79.22
N1 GTP V . 19.64 9.87 77.90
C2 GTP V . 19.43 8.63 77.34
N2 GTP V . 20.39 8.19 76.53
N3 GTP V . 18.35 7.88 77.56
C4 GTP V . 17.47 8.50 78.39
MG MG W . 6.06 8.95 81.04
C ACT X . -0.41 12.57 69.19
O ACT X . 0.04 11.84 68.29
OXT ACT X . -1.40 12.28 69.90
CH3 ACT X . 0.29 13.88 69.45
#